data_1HFB
#
_entry.id   1HFB
#
_cell.length_a   82.000
_cell.length_b   93.800
_cell.length_c   104.500
_cell.angle_alpha   65.60
_cell.angle_beta   85.60
_cell.angle_gamma   75.40
#
_symmetry.space_group_name_H-M   'P 1'
#
loop_
_entity.id
_entity.type
_entity.pdbx_description
1 polymer 'TYROSINE-REGULATED 3-DEOXY-D-ARABINO-HEPTULOSONATE-7-PHOSPHATE SYNTHASE'
2 non-polymer PHOSPHOENOLPYRUVATE
3 water water
#
_entity_poly.entity_id   1
_entity_poly.type   'polypeptide(L)'
_entity_poly.pdbx_seq_one_letter_code
;MSESPMFAANGMPKVNQGAEEDVRILGYDPLASPALLQVQIPATPTSLETAKRGRREAIDIITGKDDRVLVIVGPCSIHD
LEAAQEYALRLKKLSDELKGDLSIIMRAYLEKPRTTVGWKGLINDPDVNNTFNINKGLQSARQLFVNLTNIGLPIGSEML
DTISPQYLADLVSFGAIGARTTESQLHRELASGLSFPVGFKNGTDGTLNVAVDACQAAAHSHHFMGVTKHGVAAITTTKG
NEHCFVILRGGKKGTNYDAKSVAEAKAQLPAGSNGLMIDYSHGNSNKDFRNQPKVNDVVCEQIANGENAITGVMIESNIN
EGNQGIPAEGKAGLKYGVSITDACIGWETTEDVLRKLAAAVRQRREVNKK
;
_entity_poly.pdbx_strand_id   A,B,C,D,E,F,G,H
#
loop_
_chem_comp.id
_chem_comp.type
_chem_comp.name
_chem_comp.formula
PEP non-polymer PHOSPHOENOLPYRUVATE 'C3 H5 O6 P'
#
# COMPACT_ATOMS: atom_id res chain seq x y z
N VAL A 23 -6.62 -5.07 -30.75
CA VAL A 23 -6.50 -3.96 -31.73
C VAL A 23 -5.46 -4.30 -32.79
N ARG A 24 -4.27 -4.70 -32.36
CA ARG A 24 -3.23 -5.07 -33.30
C ARG A 24 -3.25 -6.60 -33.48
N ILE A 25 -4.25 -7.24 -32.89
CA ILE A 25 -4.43 -8.69 -33.02
C ILE A 25 -5.63 -8.91 -33.94
N LEU A 26 -5.37 -9.34 -35.17
CA LEU A 26 -6.43 -9.58 -36.13
C LEU A 26 -7.37 -10.71 -35.72
N GLY A 27 -6.82 -11.72 -35.05
CA GLY A 27 -7.63 -12.84 -34.60
C GLY A 27 -6.82 -14.08 -34.29
N TYR A 28 -7.48 -15.15 -33.85
CA TYR A 28 -6.81 -16.42 -33.56
C TYR A 28 -7.52 -17.56 -34.26
N ASP A 29 -6.77 -18.60 -34.58
CA ASP A 29 -7.32 -19.79 -35.24
C ASP A 29 -7.03 -21.00 -34.38
N PRO A 30 -7.94 -21.99 -34.35
CA PRO A 30 -7.70 -23.17 -33.52
C PRO A 30 -6.40 -23.88 -33.86
N LEU A 31 -5.75 -24.42 -32.85
CA LEU A 31 -4.48 -25.10 -33.01
C LEU A 31 -4.54 -26.47 -32.34
N ALA A 32 -4.24 -27.52 -33.09
CA ALA A 32 -4.25 -28.88 -32.53
C ALA A 32 -3.14 -29.02 -31.49
N SER A 33 -3.43 -29.67 -30.37
CA SER A 33 -2.43 -29.83 -29.32
C SER A 33 -1.29 -30.78 -29.70
N PRO A 34 -0.16 -30.69 -28.99
CA PRO A 34 0.98 -31.56 -29.30
C PRO A 34 0.54 -33.01 -29.13
N ALA A 35 -0.21 -33.26 -28.05
CA ALA A 35 -0.72 -34.59 -27.74
C ALA A 35 -1.54 -35.17 -28.90
N LEU A 36 -2.48 -34.37 -29.40
CA LEU A 36 -3.31 -34.81 -30.51
C LEU A 36 -2.44 -35.12 -31.74
N LEU A 37 -1.57 -34.18 -32.07
CA LEU A 37 -0.68 -34.34 -33.20
C LEU A 37 0.20 -35.58 -33.04
N GLN A 38 0.60 -35.88 -31.80
CA GLN A 38 1.47 -37.05 -31.55
C GLN A 38 0.77 -38.39 -31.74
N VAL A 39 -0.55 -38.38 -31.63
CA VAL A 39 -1.34 -39.59 -31.82
C VAL A 39 -1.55 -39.72 -33.33
N GLN A 40 -1.84 -38.60 -33.98
CA GLN A 40 -2.08 -38.58 -35.41
C GLN A 40 -0.86 -39.05 -36.20
N ILE A 41 0.32 -38.57 -35.81
CA ILE A 41 1.55 -38.95 -36.49
C ILE A 41 2.47 -39.60 -35.46
N PRO A 42 2.24 -40.89 -35.19
CA PRO A 42 3.04 -41.66 -34.22
C PRO A 42 4.49 -41.88 -34.63
N ALA A 43 5.37 -42.00 -33.64
CA ALA A 43 6.77 -42.22 -33.92
C ALA A 43 7.04 -43.73 -33.88
N THR A 44 7.78 -44.23 -34.88
CA THR A 44 8.10 -45.65 -34.94
C THR A 44 9.17 -45.98 -33.89
N PRO A 45 9.22 -47.23 -33.42
CA PRO A 45 10.22 -47.60 -32.41
C PRO A 45 11.61 -47.23 -32.92
N THR A 46 11.79 -47.32 -34.23
CA THR A 46 13.05 -46.99 -34.88
C THR A 46 13.29 -45.48 -34.77
N SER A 47 12.22 -44.71 -34.94
CA SER A 47 12.31 -43.25 -34.85
C SER A 47 12.71 -42.87 -33.43
N LEU A 48 12.12 -43.55 -32.45
CA LEU A 48 12.43 -43.28 -31.05
C LEU A 48 13.84 -43.73 -30.69
N GLU A 49 14.25 -44.89 -31.19
CA GLU A 49 15.58 -45.39 -30.89
C GLU A 49 16.66 -44.48 -31.50
N THR A 50 16.47 -44.12 -32.76
CA THR A 50 17.42 -43.25 -33.46
C THR A 50 17.67 -41.96 -32.68
N ALA A 51 16.59 -41.34 -32.20
CA ALA A 51 16.69 -40.10 -31.45
C ALA A 51 17.59 -40.30 -30.23
N LYS A 52 17.25 -41.32 -29.43
CA LYS A 52 17.99 -41.64 -28.22
C LYS A 52 19.46 -41.94 -28.51
N ARG A 53 19.73 -42.69 -29.57
CA ARG A 53 21.10 -43.01 -29.94
C ARG A 53 21.80 -41.69 -30.20
N GLY A 54 21.18 -40.89 -31.06
CA GLY A 54 21.72 -39.60 -31.43
C GLY A 54 22.18 -38.79 -30.23
N ARG A 55 21.32 -38.68 -29.23
CA ARG A 55 21.65 -37.91 -28.05
C ARG A 55 22.83 -38.49 -27.28
N ARG A 56 22.82 -39.80 -27.03
CA ARG A 56 23.93 -40.41 -26.30
C ARG A 56 25.25 -40.10 -26.97
N GLU A 57 25.31 -40.33 -28.28
CA GLU A 57 26.53 -40.09 -29.02
C GLU A 57 27.01 -38.66 -28.95
N ALA A 58 26.11 -37.71 -29.18
CA ALA A 58 26.45 -36.30 -29.12
C ALA A 58 26.99 -35.99 -27.72
N ILE A 59 26.31 -36.51 -26.72
CA ILE A 59 26.70 -36.31 -25.33
C ILE A 59 28.12 -36.81 -25.06
N ASP A 60 28.39 -38.06 -25.41
CA ASP A 60 29.70 -38.66 -25.19
C ASP A 60 30.80 -37.86 -25.86
N ILE A 61 30.49 -37.27 -27.01
CA ILE A 61 31.47 -36.50 -27.73
C ILE A 61 31.75 -35.14 -27.09
N ILE A 62 30.70 -34.38 -26.77
CA ILE A 62 30.92 -33.06 -26.19
C ILE A 62 31.45 -33.09 -24.77
N THR A 63 31.29 -34.22 -24.09
CA THR A 63 31.78 -34.35 -22.72
C THR A 63 33.12 -35.09 -22.69
N GLY A 64 33.76 -35.18 -23.85
CA GLY A 64 35.06 -35.81 -23.96
C GLY A 64 35.18 -37.30 -23.75
N LYS A 65 34.07 -38.05 -23.79
CA LYS A 65 34.16 -39.49 -23.59
C LYS A 65 34.51 -40.22 -24.89
N ASP A 66 34.12 -39.64 -26.01
CA ASP A 66 34.39 -40.24 -27.31
C ASP A 66 35.23 -39.25 -28.11
N ASP A 67 36.16 -39.76 -28.91
CA ASP A 67 37.03 -38.88 -29.67
C ASP A 67 36.58 -38.65 -31.12
N ARG A 68 35.33 -38.98 -31.40
CA ARG A 68 34.78 -38.73 -32.73
C ARG A 68 34.30 -37.29 -32.73
N VAL A 69 34.05 -36.76 -33.92
CA VAL A 69 33.56 -35.39 -34.03
C VAL A 69 32.07 -35.41 -34.32
N LEU A 70 31.34 -34.54 -33.63
CA LEU A 70 29.91 -34.43 -33.82
C LEU A 70 29.67 -33.51 -35.01
N VAL A 71 28.92 -34.00 -35.98
CA VAL A 71 28.63 -33.23 -37.19
C VAL A 71 27.14 -32.99 -37.42
N ILE A 72 26.76 -31.73 -37.51
CA ILE A 72 25.37 -31.37 -37.77
C ILE A 72 25.38 -30.90 -39.23
N VAL A 73 24.98 -31.79 -40.14
CA VAL A 73 24.98 -31.52 -41.58
C VAL A 73 23.62 -31.58 -42.25
N GLY A 74 23.33 -30.60 -43.10
CA GLY A 74 22.06 -30.60 -43.79
C GLY A 74 21.64 -29.24 -44.33
N PRO A 75 20.49 -29.18 -45.02
CA PRO A 75 20.00 -27.93 -45.59
C PRO A 75 19.93 -26.76 -44.61
N CYS A 76 19.86 -25.56 -45.18
CA CYS A 76 19.71 -24.33 -44.40
C CYS A 76 18.31 -24.44 -43.81
N SER A 77 17.41 -25.02 -44.60
CA SER A 77 16.03 -25.22 -44.22
C SER A 77 15.44 -26.31 -45.08
N ILE A 78 14.39 -26.94 -44.56
CA ILE A 78 13.70 -27.98 -45.29
C ILE A 78 12.36 -27.41 -45.73
N HIS A 79 12.06 -27.54 -47.01
CA HIS A 79 10.79 -27.05 -47.53
C HIS A 79 10.20 -28.18 -48.37
N ASP A 80 11.00 -29.20 -48.60
CA ASP A 80 10.60 -30.34 -49.41
C ASP A 80 10.90 -31.63 -48.67
N LEU A 81 9.88 -32.39 -48.30
CA LEU A 81 10.09 -33.65 -47.58
C LEU A 81 10.68 -34.76 -48.46
N GLU A 82 10.32 -34.75 -49.74
CA GLU A 82 10.81 -35.76 -50.68
C GLU A 82 12.29 -35.58 -50.94
N ALA A 83 12.69 -34.33 -51.17
CA ALA A 83 14.08 -34.00 -51.43
C ALA A 83 14.91 -34.17 -50.16
N ALA A 84 14.29 -33.91 -49.01
CA ALA A 84 14.98 -34.05 -47.72
C ALA A 84 15.20 -35.53 -47.45
N GLN A 85 14.24 -36.34 -47.87
CA GLN A 85 14.33 -37.77 -47.67
C GLN A 85 15.47 -38.36 -48.50
N GLU A 86 15.63 -37.86 -49.73
CA GLU A 86 16.70 -38.37 -50.59
C GLU A 86 18.08 -37.96 -50.06
N TYR A 87 18.17 -36.72 -49.59
CA TYR A 87 19.41 -36.22 -49.01
C TYR A 87 19.72 -37.12 -47.82
N ALA A 88 18.68 -37.37 -47.02
CA ALA A 88 18.81 -38.22 -45.83
C ALA A 88 19.36 -39.60 -46.18
N LEU A 89 18.82 -40.22 -47.22
CA LEU A 89 19.30 -41.54 -47.61
C LEU A 89 20.78 -41.49 -47.95
N ARG A 90 21.19 -40.46 -48.69
CA ARG A 90 22.59 -40.31 -49.05
C ARG A 90 23.43 -40.15 -47.79
N LEU A 91 23.07 -39.18 -46.95
CA LEU A 91 23.80 -38.93 -45.72
C LEU A 91 23.90 -40.14 -44.81
N LYS A 92 22.80 -40.89 -44.69
CA LYS A 92 22.79 -42.06 -43.82
C LYS A 92 23.80 -43.15 -44.20
N LYS A 93 24.10 -43.34 -45.48
CA LYS A 93 25.07 -44.37 -45.85
C LYS A 93 26.49 -43.85 -45.70
N LEU A 94 26.70 -42.60 -46.10
CA LEU A 94 28.03 -42.01 -45.97
C LEU A 94 28.32 -41.98 -44.49
N SER A 95 27.26 -42.00 -43.68
CA SER A 95 27.39 -41.97 -42.24
C SER A 95 27.76 -43.34 -41.70
N ASP A 96 27.09 -44.38 -42.19
CA ASP A 96 27.38 -45.72 -41.74
C ASP A 96 28.83 -46.06 -41.99
N GLU A 97 29.35 -45.55 -43.09
CA GLU A 97 30.74 -45.80 -43.46
C GLU A 97 31.72 -45.00 -42.60
N LEU A 98 31.43 -43.72 -42.41
CA LEU A 98 32.32 -42.87 -41.61
C LEU A 98 31.94 -42.89 -40.13
N LYS A 99 31.03 -43.78 -39.75
CA LYS A 99 30.57 -43.87 -38.37
C LYS A 99 31.65 -44.17 -37.32
N GLY A 100 32.86 -44.49 -37.77
CA GLY A 100 33.93 -44.80 -36.84
C GLY A 100 34.69 -43.55 -36.43
N ASP A 101 34.57 -42.50 -37.23
CA ASP A 101 35.26 -41.24 -36.96
C ASP A 101 34.32 -40.06 -36.71
N LEU A 102 33.07 -40.17 -37.18
CA LEU A 102 32.12 -39.08 -37.03
C LEU A 102 30.73 -39.52 -36.62
N SER A 103 30.11 -38.72 -35.76
CA SER A 103 28.74 -38.96 -35.33
C SER A 103 27.97 -37.86 -36.07
N ILE A 104 27.16 -38.28 -37.04
CA ILE A 104 26.43 -37.34 -37.86
C ILE A 104 24.95 -37.21 -37.53
N ILE A 105 24.50 -35.95 -37.46
CA ILE A 105 23.11 -35.60 -37.20
C ILE A 105 22.72 -34.66 -38.34
N MET A 106 21.60 -34.93 -38.97
CA MET A 106 21.16 -34.11 -40.08
C MET A 106 20.42 -32.85 -39.67
N ARG A 107 20.78 -31.75 -40.31
CA ARG A 107 20.12 -30.47 -40.07
C ARG A 107 18.76 -30.56 -40.75
N ALA A 108 17.69 -30.55 -39.95
CA ALA A 108 16.32 -30.58 -40.47
C ALA A 108 15.65 -29.37 -39.84
N TYR A 109 16.02 -28.19 -40.31
CA TYR A 109 15.49 -26.95 -39.78
C TYR A 109 14.12 -26.57 -40.33
N LEU A 110 13.18 -26.30 -39.41
CA LEU A 110 11.81 -25.94 -39.76
C LEU A 110 11.48 -24.50 -39.40
N GLU A 111 12.43 -23.80 -38.78
CA GLU A 111 12.21 -22.42 -38.36
C GLU A 111 13.44 -21.58 -38.65
N LYS A 112 13.24 -20.46 -39.34
CA LYS A 112 14.34 -19.59 -39.71
C LYS A 112 14.19 -18.17 -39.21
N PRO A 113 15.22 -17.65 -38.53
CA PRO A 113 15.17 -16.27 -38.01
C PRO A 113 15.56 -15.30 -39.14
N ARG A 114 14.68 -14.37 -39.45
CA ARG A 114 14.95 -13.40 -40.52
C ARG A 114 15.51 -12.13 -39.93
N THR A 115 16.23 -11.37 -40.74
CA THR A 115 16.82 -10.11 -40.28
C THR A 115 15.68 -9.12 -40.06
N THR A 116 14.62 -9.28 -40.85
CA THR A 116 13.42 -8.47 -40.74
C THR A 116 12.23 -9.32 -41.17
N VAL A 117 12.15 -9.62 -42.48
CA VAL A 117 11.04 -10.43 -43.01
C VAL A 117 11.44 -11.47 -44.07
N GLY A 118 10.55 -12.42 -44.32
CA GLY A 118 10.78 -13.48 -45.28
C GLY A 118 10.19 -14.81 -44.82
N TRP A 119 10.34 -15.86 -45.63
CA TRP A 119 9.81 -17.19 -45.30
C TRP A 119 10.42 -17.69 -43.99
N LYS A 120 9.57 -17.96 -43.00
CA LYS A 120 10.03 -18.41 -41.69
C LYS A 120 10.23 -19.92 -41.54
N GLY A 121 9.92 -20.70 -42.57
CA GLY A 121 10.12 -22.13 -42.48
C GLY A 121 8.89 -22.98 -42.78
N LEU A 122 9.07 -24.28 -42.67
CA LEU A 122 8.02 -25.27 -42.93
C LEU A 122 6.79 -25.20 -42.05
N ILE A 123 7.01 -25.08 -40.74
CA ILE A 123 5.90 -25.02 -39.80
C ILE A 123 5.03 -23.80 -40.02
N ASN A 124 5.67 -22.64 -40.08
CA ASN A 124 4.98 -21.39 -40.25
C ASN A 124 4.25 -21.18 -41.57
N ASP A 125 4.80 -21.69 -42.66
CA ASP A 125 4.16 -21.53 -43.97
C ASP A 125 4.61 -22.67 -44.88
N PRO A 126 4.11 -23.88 -44.63
CA PRO A 126 4.46 -25.08 -45.42
C PRO A 126 4.24 -24.96 -46.92
N ASP A 127 3.19 -24.28 -47.32
CA ASP A 127 2.89 -24.10 -48.74
C ASP A 127 3.74 -22.99 -49.34
N VAL A 128 4.57 -22.38 -48.51
CA VAL A 128 5.44 -21.29 -48.94
C VAL A 128 4.70 -20.37 -49.91
N ASN A 129 3.63 -19.74 -49.41
CA ASN A 129 2.82 -18.85 -50.25
C ASN A 129 2.00 -17.87 -49.43
N ASN A 130 2.45 -17.59 -48.21
CA ASN A 130 1.77 -16.66 -47.35
C ASN A 130 0.33 -17.06 -47.00
N THR A 131 0.12 -18.36 -46.77
CA THR A 131 -1.18 -18.87 -46.35
C THR A 131 -1.05 -19.25 -44.88
N PHE A 132 0.21 -19.35 -44.44
CA PHE A 132 0.55 -19.68 -43.05
C PHE A 132 -0.35 -20.72 -42.40
N ASN A 133 -0.43 -21.89 -43.03
CA ASN A 133 -1.25 -22.97 -42.50
C ASN A 133 -0.42 -23.69 -41.42
N ILE A 134 -0.26 -23.04 -40.28
CA ILE A 134 0.54 -23.59 -39.18
C ILE A 134 0.17 -25.02 -38.77
N ASN A 135 -1.12 -25.34 -38.77
CA ASN A 135 -1.53 -26.70 -38.40
C ASN A 135 -0.95 -27.70 -39.38
N LYS A 136 -1.00 -27.36 -40.67
CA LYS A 136 -0.46 -28.24 -41.69
C LYS A 136 1.07 -28.25 -41.59
N GLY A 137 1.64 -27.14 -41.15
CA GLY A 137 3.08 -27.06 -40.99
C GLY A 137 3.56 -28.06 -39.96
N LEU A 138 2.87 -28.11 -38.83
CA LEU A 138 3.23 -29.03 -37.75
C LEU A 138 3.09 -30.49 -38.16
N GLN A 139 2.11 -30.81 -39.00
CA GLN A 139 1.96 -32.19 -39.45
C GLN A 139 3.14 -32.56 -40.33
N SER A 140 3.50 -31.67 -41.25
CA SER A 140 4.64 -31.91 -42.14
C SER A 140 5.90 -32.01 -41.31
N ALA A 141 6.10 -31.03 -40.44
CA ALA A 141 7.27 -31.02 -39.58
C ALA A 141 7.40 -32.37 -38.86
N ARG A 142 6.30 -32.83 -38.27
CA ARG A 142 6.35 -34.09 -37.54
C ARG A 142 6.46 -35.32 -38.44
N GLN A 143 5.84 -35.26 -39.61
CA GLN A 143 5.92 -36.39 -40.52
C GLN A 143 7.37 -36.48 -41.00
N LEU A 144 7.91 -35.32 -41.36
CA LEU A 144 9.28 -35.23 -41.84
C LEU A 144 10.25 -35.84 -40.82
N PHE A 145 10.10 -35.42 -39.57
CA PHE A 145 10.96 -35.91 -38.51
C PHE A 145 10.90 -37.42 -38.34
N VAL A 146 9.70 -37.99 -38.42
CA VAL A 146 9.59 -39.44 -38.27
C VAL A 146 10.19 -40.12 -39.49
N ASN A 147 10.01 -39.53 -40.66
CA ASN A 147 10.55 -40.12 -41.89
C ASN A 147 12.06 -40.22 -41.80
N LEU A 148 12.68 -39.14 -41.38
CA LEU A 148 14.12 -39.10 -41.29
C LEU A 148 14.68 -40.02 -40.23
N THR A 149 14.19 -39.88 -39.00
CA THR A 149 14.66 -40.70 -37.90
C THR A 149 14.32 -42.17 -38.06
N ASN A 150 13.27 -42.44 -38.82
CA ASN A 150 12.84 -43.81 -39.06
C ASN A 150 13.82 -44.63 -39.87
N ILE A 151 14.73 -43.98 -40.62
CA ILE A 151 15.71 -44.73 -41.40
C ILE A 151 17.04 -44.89 -40.65
N GLY A 152 17.04 -44.51 -39.38
CA GLY A 152 18.24 -44.63 -38.56
C GLY A 152 19.14 -43.41 -38.55
N LEU A 153 18.62 -42.29 -39.05
CA LEU A 153 19.38 -41.04 -39.12
C LEU A 153 18.90 -39.99 -38.10
N PRO A 154 19.76 -39.64 -37.13
CA PRO A 154 19.41 -38.63 -36.12
C PRO A 154 19.23 -37.25 -36.75
N ILE A 155 18.45 -36.40 -36.09
CA ILE A 155 18.20 -35.05 -36.61
C ILE A 155 18.34 -33.93 -35.58
N GLY A 156 18.55 -32.72 -36.08
CA GLY A 156 18.69 -31.57 -35.21
C GLY A 156 17.99 -30.39 -35.87
N SER A 157 17.57 -29.41 -35.07
CA SER A 157 16.87 -28.24 -35.60
C SER A 157 17.09 -27.04 -34.70
N GLU A 158 16.87 -25.83 -35.20
CA GLU A 158 17.04 -24.66 -34.36
C GLU A 158 15.75 -24.50 -33.57
N MET A 159 15.89 -24.35 -32.26
CA MET A 159 14.75 -24.16 -31.40
C MET A 159 14.47 -22.67 -31.37
N LEU A 160 13.75 -22.17 -32.37
CA LEU A 160 13.42 -20.75 -32.41
C LEU A 160 12.11 -20.52 -31.67
N ASP A 161 11.07 -21.25 -32.05
CA ASP A 161 9.78 -21.15 -31.39
C ASP A 161 9.87 -21.87 -30.04
N THR A 162 9.27 -21.31 -29.00
CA THR A 162 9.30 -21.95 -27.69
C THR A 162 8.10 -22.87 -27.49
N ILE A 163 7.21 -22.92 -28.47
CA ILE A 163 6.02 -23.75 -28.40
C ILE A 163 6.08 -24.98 -29.29
N SER A 164 6.64 -24.84 -30.49
CA SER A 164 6.72 -25.96 -31.41
C SER A 164 7.50 -27.17 -30.89
N PRO A 165 8.48 -26.95 -29.98
CA PRO A 165 9.22 -28.11 -29.48
C PRO A 165 8.30 -29.18 -28.86
N GLN A 166 7.26 -28.74 -28.17
CA GLN A 166 6.31 -29.65 -27.55
C GLN A 166 5.78 -30.66 -28.55
N TYR A 167 5.82 -30.29 -29.83
CA TYR A 167 5.31 -31.15 -30.89
C TYR A 167 6.29 -32.15 -31.49
N LEU A 168 7.59 -31.88 -31.36
CA LEU A 168 8.61 -32.71 -32.00
C LEU A 168 9.79 -33.19 -31.16
N ALA A 169 9.87 -32.75 -29.91
CA ALA A 169 10.99 -33.12 -29.04
C ALA A 169 11.38 -34.60 -29.02
N ASP A 170 10.36 -35.46 -28.93
CA ASP A 170 10.58 -36.89 -28.88
C ASP A 170 11.36 -37.44 -30.07
N LEU A 171 11.60 -36.60 -31.07
CA LEU A 171 12.32 -37.04 -32.27
C LEU A 171 13.67 -36.36 -32.52
N VAL A 172 13.95 -35.29 -31.77
CA VAL A 172 15.19 -34.52 -31.94
C VAL A 172 16.36 -35.05 -31.11
N SER A 173 17.57 -34.96 -31.65
CA SER A 173 18.77 -35.40 -30.93
C SER A 173 19.68 -34.22 -30.56
N PHE A 174 19.43 -33.07 -31.18
CA PHE A 174 20.21 -31.86 -30.93
C PHE A 174 19.40 -30.63 -31.24
N GLY A 175 19.57 -29.59 -30.43
CA GLY A 175 18.85 -28.36 -30.65
C GLY A 175 19.81 -27.19 -30.66
N ALA A 176 19.61 -26.28 -31.60
CA ALA A 176 20.46 -25.12 -31.65
C ALA A 176 19.65 -23.87 -31.31
N ILE A 177 20.26 -22.95 -30.59
CA ILE A 177 19.64 -21.66 -30.27
C ILE A 177 20.43 -20.69 -31.16
N GLY A 178 19.73 -19.96 -32.02
CA GLY A 178 20.38 -19.05 -32.94
C GLY A 178 21.17 -17.91 -32.35
N ALA A 179 22.06 -17.36 -33.17
CA ALA A 179 22.87 -16.23 -32.75
C ALA A 179 21.97 -15.05 -32.30
N ARG A 180 20.80 -14.92 -32.92
CA ARG A 180 19.86 -13.85 -32.62
C ARG A 180 18.99 -14.08 -31.38
N THR A 181 19.09 -15.27 -30.80
CA THR A 181 18.29 -15.60 -29.62
C THR A 181 19.11 -16.14 -28.45
N THR A 182 20.41 -16.32 -28.66
CA THR A 182 21.27 -16.83 -27.61
C THR A 182 21.18 -15.98 -26.34
N GLU A 183 21.01 -14.66 -26.53
CA GLU A 183 20.88 -13.73 -25.41
C GLU A 183 19.49 -13.70 -24.78
N SER A 184 18.51 -14.27 -25.47
CA SER A 184 17.14 -14.29 -24.98
C SER A 184 16.96 -15.22 -23.78
N GLN A 185 16.46 -14.66 -22.69
CA GLN A 185 16.23 -15.44 -21.49
C GLN A 185 15.20 -16.54 -21.74
N LEU A 186 14.29 -16.32 -22.67
CA LEU A 186 13.27 -17.31 -22.97
C LEU A 186 13.86 -18.57 -23.58
N HIS A 187 14.91 -18.40 -24.36
CA HIS A 187 15.54 -19.53 -25.00
C HIS A 187 16.51 -20.24 -24.08
N ARG A 188 16.98 -19.51 -23.07
CA ARG A 188 17.88 -20.12 -22.10
C ARG A 188 16.99 -20.97 -21.20
N GLU A 189 15.78 -20.47 -20.93
CA GLU A 189 14.80 -21.18 -20.12
C GLU A 189 14.37 -22.44 -20.89
N LEU A 190 14.15 -22.27 -22.19
CA LEU A 190 13.74 -23.37 -23.04
C LEU A 190 14.80 -24.48 -23.08
N ALA A 191 16.06 -24.09 -23.27
CA ALA A 191 17.17 -25.04 -23.35
C ALA A 191 17.32 -25.85 -22.07
N SER A 192 17.14 -25.20 -20.93
CA SER A 192 17.27 -25.85 -19.62
C SER A 192 16.29 -27.00 -19.40
N GLY A 193 15.28 -27.10 -20.27
CA GLY A 193 14.30 -28.16 -20.12
C GLY A 193 14.22 -29.12 -21.31
N LEU A 194 15.12 -28.95 -22.27
CA LEU A 194 15.11 -29.84 -23.42
C LEU A 194 15.90 -31.10 -23.07
N SER A 195 15.42 -32.25 -23.53
CA SER A 195 16.07 -33.52 -23.22
C SER A 195 17.13 -34.02 -24.20
N PHE A 196 17.98 -33.11 -24.66
CA PHE A 196 19.07 -33.42 -25.60
C PHE A 196 20.07 -32.27 -25.60
N PRO A 197 21.28 -32.48 -26.11
CA PRO A 197 22.24 -31.37 -26.09
C PRO A 197 21.75 -30.17 -26.91
N VAL A 198 22.13 -28.98 -26.44
CA VAL A 198 21.76 -27.74 -27.09
C VAL A 198 23.02 -26.93 -27.40
N GLY A 199 23.11 -26.38 -28.61
CA GLY A 199 24.26 -25.60 -28.96
C GLY A 199 23.86 -24.15 -29.14
N PHE A 200 24.50 -23.25 -28.40
CA PHE A 200 24.22 -21.81 -28.50
C PHE A 200 25.23 -21.19 -29.45
N LYS A 201 24.75 -20.53 -30.51
CA LYS A 201 25.65 -19.87 -31.46
C LYS A 201 26.15 -18.63 -30.75
N ASN A 202 27.34 -18.15 -31.10
CA ASN A 202 27.84 -16.92 -30.48
C ASN A 202 27.01 -15.75 -31.01
N GLY A 203 27.16 -14.57 -30.42
CA GLY A 203 26.39 -13.42 -30.87
C GLY A 203 26.66 -13.04 -32.31
N THR A 204 25.74 -12.31 -32.93
CA THR A 204 25.93 -11.91 -34.33
C THR A 204 27.05 -10.88 -34.47
N ASP A 205 27.62 -10.44 -33.35
CA ASP A 205 28.71 -9.49 -33.39
C ASP A 205 30.07 -10.23 -33.38
N GLY A 206 30.01 -11.56 -33.39
CA GLY A 206 31.23 -12.37 -33.41
C GLY A 206 31.90 -12.71 -32.10
N THR A 207 31.31 -12.30 -30.97
CA THR A 207 31.88 -12.61 -29.67
C THR A 207 31.15 -13.76 -28.97
N LEU A 208 31.88 -14.45 -28.11
CA LEU A 208 31.39 -15.64 -27.38
C LEU A 208 30.68 -15.41 -26.06
N ASN A 209 30.93 -14.26 -25.44
CA ASN A 209 30.34 -13.94 -24.15
C ASN A 209 28.88 -14.36 -23.96
N VAL A 210 27.99 -13.94 -24.84
CA VAL A 210 26.59 -14.30 -24.69
C VAL A 210 26.34 -15.81 -24.76
N ALA A 211 27.15 -16.52 -25.56
CA ALA A 211 27.01 -17.96 -25.69
C ALA A 211 27.46 -18.67 -24.41
N VAL A 212 28.52 -18.13 -23.79
CA VAL A 212 29.02 -18.70 -22.55
C VAL A 212 27.99 -18.44 -21.44
N ASP A 213 27.45 -17.23 -21.39
CA ASP A 213 26.44 -16.90 -20.39
C ASP A 213 25.20 -17.80 -20.61
N ALA A 214 24.86 -18.03 -21.88
CA ALA A 214 23.70 -18.86 -22.20
C ALA A 214 23.84 -20.30 -21.70
N CYS A 215 25.04 -20.87 -21.83
CA CYS A 215 25.29 -22.24 -21.37
C CYS A 215 25.23 -22.27 -19.85
N GLN A 216 25.79 -21.25 -19.22
CA GLN A 216 25.78 -21.14 -17.77
C GLN A 216 24.34 -21.10 -17.29
N ALA A 217 23.56 -20.22 -17.92
CA ALA A 217 22.16 -20.04 -17.57
C ALA A 217 21.29 -21.27 -17.82
N ALA A 218 21.47 -21.91 -18.97
CA ALA A 218 20.67 -23.08 -19.32
C ALA A 218 21.01 -24.28 -18.45
N ALA A 219 22.10 -24.18 -17.71
CA ALA A 219 22.54 -25.25 -16.83
C ALA A 219 21.74 -25.27 -15.54
N HIS A 220 21.05 -24.17 -15.26
CA HIS A 220 20.26 -24.04 -14.06
C HIS A 220 18.80 -24.42 -14.23
N SER A 221 18.10 -24.54 -13.11
CA SER A 221 16.69 -24.86 -13.13
C SER A 221 15.98 -23.52 -13.32
N HIS A 222 14.87 -23.53 -14.05
CA HIS A 222 14.11 -22.31 -14.28
C HIS A 222 12.61 -22.55 -14.09
N HIS A 223 11.90 -21.54 -13.62
CA HIS A 223 10.46 -21.63 -13.44
C HIS A 223 9.87 -20.59 -14.38
N PHE A 224 8.92 -20.98 -15.20
CA PHE A 224 8.34 -20.03 -16.14
C PHE A 224 7.10 -20.60 -16.80
N MET A 225 6.29 -19.73 -17.38
CA MET A 225 5.06 -20.14 -18.05
C MET A 225 5.39 -20.72 -19.42
N GLY A 226 4.74 -21.84 -19.74
CA GLY A 226 4.97 -22.51 -21.01
C GLY A 226 3.77 -23.38 -21.39
N VAL A 227 3.70 -23.78 -22.65
CA VAL A 227 2.58 -24.60 -23.11
C VAL A 227 2.88 -26.09 -22.97
N THR A 228 1.90 -26.84 -22.47
CA THR A 228 2.04 -28.28 -22.28
C THR A 228 1.61 -29.04 -23.52
N LYS A 229 1.73 -30.37 -23.46
CA LYS A 229 1.33 -31.21 -24.59
C LYS A 229 -0.17 -31.21 -24.79
N HIS A 230 -0.87 -30.62 -23.84
CA HIS A 230 -2.33 -30.53 -23.91
C HIS A 230 -2.73 -29.23 -24.59
N GLY A 231 -1.75 -28.41 -24.91
CA GLY A 231 -2.04 -27.15 -25.57
C GLY A 231 -2.52 -26.04 -24.64
N VAL A 232 -2.15 -26.11 -23.37
CA VAL A 232 -2.56 -25.10 -22.43
C VAL A 232 -1.35 -24.56 -21.67
N ALA A 233 -1.45 -23.31 -21.22
CA ALA A 233 -0.36 -22.69 -20.49
C ALA A 233 -0.32 -23.19 -19.04
N ALA A 234 0.89 -23.45 -18.57
CA ALA A 234 1.12 -23.94 -17.21
C ALA A 234 2.46 -23.39 -16.72
N ILE A 235 2.76 -23.61 -15.45
CA ILE A 235 4.03 -23.14 -14.87
C ILE A 235 5.03 -24.29 -14.92
N THR A 236 6.04 -24.15 -15.78
CA THR A 236 7.06 -25.17 -15.94
C THR A 236 8.26 -25.01 -15.01
N THR A 237 8.81 -26.14 -14.59
CA THR A 237 10.00 -26.17 -13.76
C THR A 237 10.94 -27.12 -14.45
N THR A 238 12.08 -26.62 -14.90
CA THR A 238 13.06 -27.44 -15.59
C THR A 238 14.14 -27.85 -14.61
N LYS A 239 14.99 -28.80 -14.97
CA LYS A 239 16.03 -29.21 -14.06
C LYS A 239 17.42 -28.64 -14.38
N GLY A 240 17.59 -28.14 -15.61
CA GLY A 240 18.88 -27.60 -16.00
C GLY A 240 19.48 -28.54 -17.03
N ASN A 241 20.18 -27.99 -18.03
CA ASN A 241 20.78 -28.80 -19.09
C ASN A 241 22.31 -28.72 -19.08
N GLU A 242 22.96 -29.75 -18.55
CA GLU A 242 24.41 -29.79 -18.47
C GLU A 242 25.07 -30.14 -19.78
N HIS A 243 24.26 -30.24 -20.83
CA HIS A 243 24.78 -30.60 -22.14
C HIS A 243 24.70 -29.50 -23.18
N CYS A 244 24.99 -28.26 -22.75
CA CYS A 244 24.98 -27.12 -23.64
C CYS A 244 26.42 -26.83 -23.99
N PHE A 245 26.65 -26.36 -25.22
CA PHE A 245 27.99 -26.02 -25.68
C PHE A 245 27.92 -24.83 -26.62
N VAL A 246 29.07 -24.19 -26.84
CA VAL A 246 29.15 -23.01 -27.71
C VAL A 246 29.45 -23.41 -29.14
N ILE A 247 28.81 -22.70 -30.08
CA ILE A 247 29.03 -22.93 -31.49
C ILE A 247 29.63 -21.66 -32.10
N LEU A 248 30.82 -21.78 -32.67
CA LEU A 248 31.49 -20.63 -33.28
C LEU A 248 30.97 -20.46 -34.70
N ARG A 249 30.32 -19.33 -34.95
CA ARG A 249 29.73 -19.06 -36.25
C ARG A 249 30.08 -17.70 -36.86
N GLY A 250 31.15 -17.07 -36.36
CA GLY A 250 31.56 -15.78 -36.90
C GLY A 250 30.70 -14.61 -36.48
N GLY A 251 30.81 -13.51 -37.23
CA GLY A 251 30.03 -12.32 -36.93
C GLY A 251 30.76 -11.06 -37.33
N LYS A 252 30.32 -9.93 -36.77
CA LYS A 252 30.92 -8.63 -37.08
C LYS A 252 32.43 -8.56 -36.79
N LYS A 253 32.84 -9.01 -35.61
CA LYS A 253 34.25 -8.95 -35.28
C LYS A 253 35.12 -9.91 -36.10
N GLY A 254 34.49 -10.66 -37.01
CA GLY A 254 35.25 -11.56 -37.86
C GLY A 254 34.97 -13.04 -37.71
N THR A 255 35.56 -13.84 -38.59
CA THR A 255 35.38 -15.29 -38.55
C THR A 255 36.14 -15.85 -37.34
N ASN A 256 35.70 -16.98 -36.83
CA ASN A 256 36.37 -17.57 -35.67
C ASN A 256 36.54 -19.08 -35.71
N TYR A 257 37.02 -19.60 -36.83
CA TYR A 257 37.24 -21.02 -36.96
C TYR A 257 38.75 -21.34 -37.00
N ASP A 258 39.56 -20.28 -36.98
CA ASP A 258 41.01 -20.42 -37.00
C ASP A 258 41.57 -20.79 -35.65
N ALA A 259 42.84 -21.18 -35.62
CA ALA A 259 43.51 -21.57 -34.39
C ALA A 259 43.54 -20.47 -33.32
N LYS A 260 43.81 -19.22 -33.72
CA LYS A 260 43.85 -18.12 -32.76
C LYS A 260 42.48 -17.87 -32.14
N SER A 261 41.44 -17.92 -32.97
CA SER A 261 40.09 -17.71 -32.46
C SER A 261 39.70 -18.82 -31.51
N VAL A 262 40.04 -20.05 -31.88
CA VAL A 262 39.74 -21.22 -31.07
C VAL A 262 40.50 -21.12 -29.74
N ALA A 263 41.73 -20.63 -29.79
CA ALA A 263 42.54 -20.49 -28.59
C ALA A 263 41.89 -19.52 -27.62
N GLU A 264 41.38 -18.44 -28.16
CA GLU A 264 40.72 -17.41 -27.36
C GLU A 264 39.42 -17.94 -26.77
N ALA A 265 38.74 -18.80 -27.53
CA ALA A 265 37.48 -19.37 -27.09
C ALA A 265 37.72 -20.26 -25.87
N LYS A 266 38.68 -21.17 -26.01
CA LYS A 266 39.01 -22.08 -24.92
C LYS A 266 39.36 -21.26 -23.70
N ALA A 267 40.14 -20.21 -23.93
CA ALA A 267 40.58 -19.33 -22.87
C ALA A 267 39.43 -18.80 -22.02
N GLN A 268 38.29 -18.52 -22.64
CA GLN A 268 37.20 -17.96 -21.86
C GLN A 268 36.07 -18.91 -21.50
N LEU A 269 36.30 -20.20 -21.71
CA LEU A 269 35.28 -21.20 -21.37
C LEU A 269 35.47 -21.58 -19.90
N PRO A 270 34.44 -21.39 -19.07
CA PRO A 270 34.51 -21.72 -17.65
C PRO A 270 34.74 -23.21 -17.38
N ALA A 271 35.00 -23.53 -16.11
CA ALA A 271 35.22 -24.91 -15.72
C ALA A 271 33.96 -25.74 -16.00
N GLY A 272 34.14 -27.01 -16.34
CA GLY A 272 33.00 -27.86 -16.61
C GLY A 272 32.34 -27.64 -17.95
N SER A 273 33.03 -26.91 -18.83
CA SER A 273 32.49 -26.62 -20.16
C SER A 273 32.62 -27.82 -21.08
N ASN A 274 31.68 -27.94 -22.00
CA ASN A 274 31.68 -29.02 -22.98
C ASN A 274 32.48 -28.55 -24.18
N GLY A 275 32.78 -29.45 -25.10
CA GLY A 275 33.56 -29.07 -26.26
C GLY A 275 32.92 -28.06 -27.21
N LEU A 276 33.77 -27.34 -27.93
CA LEU A 276 33.35 -26.34 -28.89
C LEU A 276 32.86 -26.93 -30.22
N MET A 277 31.94 -26.22 -30.87
CA MET A 277 31.45 -26.65 -32.18
C MET A 277 31.72 -25.51 -33.14
N ILE A 278 32.22 -25.86 -34.33
CA ILE A 278 32.51 -24.84 -35.32
C ILE A 278 31.60 -24.93 -36.54
N ASP A 279 30.85 -23.85 -36.73
CA ASP A 279 29.92 -23.73 -37.85
C ASP A 279 30.74 -23.24 -39.04
N TYR A 280 30.77 -24.03 -40.11
CA TYR A 280 31.50 -23.65 -41.32
C TYR A 280 30.78 -22.57 -42.11
N SER A 281 29.49 -22.42 -41.87
CA SER A 281 28.70 -21.45 -42.60
C SER A 281 28.41 -20.18 -41.83
N HIS A 282 27.39 -19.46 -42.29
CA HIS A 282 26.99 -18.21 -41.68
C HIS A 282 28.19 -17.27 -41.56
N GLY A 283 28.39 -16.67 -40.39
CA GLY A 283 29.51 -15.76 -40.24
C GLY A 283 30.85 -16.28 -40.72
N ASN A 284 31.08 -17.57 -40.59
CA ASN A 284 32.35 -18.16 -40.99
C ASN A 284 32.53 -18.49 -42.47
N SER A 285 31.45 -18.56 -43.23
CA SER A 285 31.57 -18.83 -44.67
C SER A 285 31.71 -17.43 -45.29
N ASN A 286 31.49 -16.43 -44.44
CA ASN A 286 31.59 -15.03 -44.79
C ASN A 286 31.02 -14.65 -46.15
N LYS A 287 29.69 -14.64 -46.21
CA LYS A 287 28.97 -14.24 -47.42
C LYS A 287 29.00 -15.23 -48.59
N ASP A 288 30.07 -16.01 -48.71
CA ASP A 288 30.19 -16.97 -49.80
C ASP A 288 30.13 -18.39 -49.29
N PHE A 289 29.09 -19.12 -49.70
CA PHE A 289 28.91 -20.50 -49.25
C PHE A 289 30.02 -21.42 -49.73
N ARG A 290 30.78 -20.95 -50.71
CA ARG A 290 31.87 -21.72 -51.27
C ARG A 290 33.08 -21.80 -50.33
N ASN A 291 33.05 -20.98 -49.28
CA ASN A 291 34.14 -20.96 -48.31
C ASN A 291 34.01 -22.04 -47.25
N GLN A 292 32.90 -22.78 -47.27
CA GLN A 292 32.70 -23.83 -46.28
C GLN A 292 33.78 -24.90 -46.33
N PRO A 293 34.07 -25.45 -47.53
CA PRO A 293 35.11 -26.47 -47.60
C PRO A 293 36.46 -25.92 -47.20
N LYS A 294 36.65 -24.63 -47.38
CA LYS A 294 37.92 -24.02 -47.02
C LYS A 294 38.01 -23.90 -45.51
N VAL A 295 36.87 -23.66 -44.88
CA VAL A 295 36.83 -23.58 -43.43
C VAL A 295 37.18 -24.96 -42.92
N ASN A 296 36.65 -25.99 -43.59
CA ASN A 296 36.91 -27.36 -43.20
C ASN A 296 38.41 -27.61 -43.17
N ASP A 297 39.11 -27.23 -44.24
CA ASP A 297 40.56 -27.41 -44.32
C ASP A 297 41.25 -26.86 -43.09
N VAL A 298 40.91 -25.62 -42.75
CA VAL A 298 41.50 -24.95 -41.60
C VAL A 298 41.17 -25.62 -40.29
N VAL A 299 39.98 -26.20 -40.18
CA VAL A 299 39.60 -26.88 -38.94
C VAL A 299 40.22 -28.28 -38.91
N CYS A 300 40.16 -28.99 -40.04
CA CYS A 300 40.76 -30.32 -40.11
C CYS A 300 42.23 -30.20 -39.73
N GLU A 301 42.83 -29.08 -40.12
CA GLU A 301 44.22 -28.77 -39.83
C GLU A 301 44.45 -28.85 -38.32
N GLN A 302 43.64 -28.10 -37.57
CA GLN A 302 43.74 -28.07 -36.12
C GLN A 302 43.45 -29.43 -35.49
N ILE A 303 42.39 -30.06 -35.96
CA ILE A 303 41.99 -31.39 -35.45
C ILE A 303 43.11 -32.42 -35.65
N ALA A 304 43.60 -32.53 -36.88
CA ALA A 304 44.66 -33.47 -37.21
C ALA A 304 45.92 -33.25 -36.36
N ASN A 305 46.17 -32.02 -35.95
CA ASN A 305 47.34 -31.70 -35.14
C ASN A 305 47.16 -31.84 -33.65
N GLY A 306 46.03 -32.38 -33.22
CA GLY A 306 45.82 -32.56 -31.79
C GLY A 306 44.86 -31.64 -31.07
N GLU A 307 44.05 -30.87 -31.81
CA GLU A 307 43.09 -29.98 -31.16
C GLU A 307 41.93 -30.81 -30.66
N ASN A 308 41.85 -31.01 -29.35
CA ASN A 308 40.78 -31.82 -28.77
C ASN A 308 39.60 -31.00 -28.29
N ALA A 309 39.73 -29.67 -28.29
CA ALA A 309 38.65 -28.81 -27.84
C ALA A 309 37.60 -28.64 -28.93
N ILE A 310 37.94 -29.00 -30.16
CA ILE A 310 36.97 -28.89 -31.24
C ILE A 310 36.30 -30.25 -31.31
N THR A 311 35.11 -30.33 -30.72
CA THR A 311 34.36 -31.59 -30.68
C THR A 311 33.25 -31.69 -31.71
N GLY A 312 32.84 -30.57 -32.29
CA GLY A 312 31.78 -30.62 -33.27
C GLY A 312 31.88 -29.56 -34.35
N VAL A 313 31.18 -29.78 -35.46
CA VAL A 313 31.18 -28.82 -36.55
C VAL A 313 29.78 -28.79 -37.16
N MET A 314 29.45 -27.69 -37.81
CA MET A 314 28.13 -27.55 -38.43
C MET A 314 28.31 -27.19 -39.90
N ILE A 315 27.56 -27.88 -40.74
CA ILE A 315 27.67 -27.69 -42.18
C ILE A 315 26.34 -27.54 -42.90
N GLU A 316 26.19 -26.45 -43.65
CA GLU A 316 24.97 -26.24 -44.41
C GLU A 316 25.16 -26.90 -45.77
N SER A 317 24.51 -28.05 -45.93
CA SER A 317 24.62 -28.85 -47.13
C SER A 317 23.27 -29.29 -47.69
N ASN A 318 23.15 -29.30 -49.01
CA ASN A 318 21.92 -29.74 -49.67
C ASN A 318 22.30 -30.72 -50.80
N ILE A 319 21.32 -31.18 -51.56
CA ILE A 319 21.59 -32.10 -52.67
C ILE A 319 22.37 -31.36 -53.75
N ASN A 320 22.00 -30.12 -53.99
CA ASN A 320 22.68 -29.30 -54.98
C ASN A 320 23.06 -27.98 -54.34
N GLU A 321 24.18 -27.42 -54.77
CA GLU A 321 24.67 -26.18 -54.22
C GLU A 321 23.86 -24.95 -54.55
N GLY A 322 24.20 -23.84 -53.88
CA GLY A 322 23.54 -22.58 -54.10
C GLY A 322 22.18 -22.48 -53.45
N ASN A 323 21.36 -21.56 -53.97
CA ASN A 323 20.01 -21.35 -53.47
C ASN A 323 19.15 -20.79 -54.61
N GLN A 324 17.93 -20.38 -54.31
CA GLN A 324 17.02 -19.85 -55.33
C GLN A 324 15.88 -19.06 -54.72
N GLY A 325 15.17 -18.31 -55.56
CA GLY A 325 14.05 -17.51 -55.09
C GLY A 325 12.73 -18.24 -55.14
N ILE A 326 11.67 -17.55 -54.71
CA ILE A 326 10.31 -18.10 -54.69
C ILE A 326 9.35 -17.24 -55.50
N LYS A 335 13.12 -25.49 -58.50
CA LYS A 335 14.34 -26.30 -58.57
C LYS A 335 14.45 -27.30 -57.41
N TYR A 336 14.67 -28.57 -57.76
CA TYR A 336 14.74 -29.66 -56.80
C TYR A 336 15.66 -29.52 -55.57
N GLY A 337 16.76 -30.27 -55.56
CA GLY A 337 17.67 -30.25 -54.42
C GLY A 337 18.34 -28.91 -54.12
N VAL A 338 17.62 -27.82 -54.31
CA VAL A 338 18.18 -26.48 -54.06
C VAL A 338 17.44 -25.68 -52.99
N SER A 339 18.23 -25.07 -52.11
CA SER A 339 17.71 -24.27 -50.99
C SER A 339 16.89 -23.06 -51.42
N ILE A 340 15.88 -22.72 -50.62
CA ILE A 340 15.06 -21.54 -50.91
C ILE A 340 15.35 -20.44 -49.89
N THR A 341 16.31 -20.69 -49.01
CA THR A 341 16.72 -19.71 -48.01
C THR A 341 18.21 -19.44 -48.28
N ASP A 342 19.12 -19.77 -47.36
CA ASP A 342 20.54 -19.54 -47.62
C ASP A 342 21.15 -20.54 -48.60
N ALA A 343 22.35 -20.25 -49.07
CA ALA A 343 23.07 -21.10 -50.00
C ALA A 343 23.85 -22.20 -49.28
N CYS A 344 23.78 -23.43 -49.80
CA CYS A 344 24.46 -24.59 -49.22
C CYS A 344 25.41 -25.21 -50.24
N ILE A 345 26.37 -26.01 -49.76
CA ILE A 345 27.28 -26.69 -50.66
C ILE A 345 26.49 -27.89 -51.17
N GLY A 346 26.82 -28.36 -52.36
CA GLY A 346 26.10 -29.50 -52.92
C GLY A 346 26.46 -30.79 -52.23
N TRP A 347 25.84 -31.89 -52.63
CA TRP A 347 26.14 -33.17 -52.00
C TRP A 347 27.56 -33.65 -52.28
N GLU A 348 27.97 -33.53 -53.54
CA GLU A 348 29.29 -33.95 -53.95
C GLU A 348 30.42 -33.34 -53.12
N THR A 349 30.39 -32.02 -52.92
CA THR A 349 31.45 -31.37 -52.12
C THR A 349 31.28 -31.63 -50.62
N THR A 350 30.07 -31.98 -50.22
CA THR A 350 29.81 -32.28 -48.82
C THR A 350 30.50 -33.59 -48.43
N GLU A 351 30.36 -34.61 -49.29
CA GLU A 351 30.99 -35.90 -49.04
C GLU A 351 32.51 -35.76 -49.02
N ASP A 352 32.99 -34.75 -49.75
CA ASP A 352 34.41 -34.46 -49.82
C ASP A 352 34.84 -33.96 -48.44
N VAL A 353 34.09 -32.98 -47.93
CA VAL A 353 34.37 -32.39 -46.62
C VAL A 353 34.37 -33.41 -45.49
N LEU A 354 33.33 -34.23 -45.44
CA LEU A 354 33.18 -35.22 -44.39
C LEU A 354 34.28 -36.27 -44.43
N ARG A 355 34.67 -36.66 -45.63
CA ARG A 355 35.74 -37.65 -45.76
C ARG A 355 37.06 -37.03 -45.28
N LYS A 356 37.27 -35.75 -45.58
CA LYS A 356 38.48 -35.05 -45.13
C LYS A 356 38.45 -34.91 -43.62
N LEU A 357 37.29 -34.51 -43.09
CA LEU A 357 37.11 -34.33 -41.65
C LEU A 357 37.39 -35.64 -40.92
N ALA A 358 36.84 -36.72 -41.44
CA ALA A 358 37.02 -38.04 -40.84
C ALA A 358 38.51 -38.40 -40.82
N ALA A 359 39.22 -38.05 -41.88
CA ALA A 359 40.64 -38.32 -41.97
C ALA A 359 41.36 -37.53 -40.89
N ALA A 360 40.93 -36.28 -40.72
CA ALA A 360 41.52 -35.39 -39.71
C ALA A 360 41.35 -35.99 -38.31
N VAL A 361 40.20 -36.63 -38.09
CA VAL A 361 39.86 -37.26 -36.81
C VAL A 361 40.77 -38.45 -36.50
N ARG A 362 41.03 -39.27 -37.51
CA ARG A 362 41.91 -40.44 -37.34
C ARG A 362 43.29 -39.91 -36.94
N GLN A 363 43.71 -38.85 -37.63
CA GLN A 363 44.98 -38.19 -37.41
C GLN A 363 45.11 -37.69 -35.97
N ARG A 364 43.99 -37.27 -35.39
CA ARG A 364 44.03 -36.77 -34.03
C ARG A 364 44.23 -37.94 -33.07
N ARG A 365 43.53 -39.05 -33.33
CA ARG A 365 43.67 -40.23 -32.48
C ARG A 365 45.14 -40.56 -32.36
N GLU A 366 45.83 -40.52 -33.49
CA GLU A 366 47.25 -40.81 -33.53
C GLU A 366 48.04 -39.89 -32.61
N VAL A 367 47.91 -38.59 -32.82
CA VAL A 367 48.60 -37.61 -32.02
C VAL A 367 48.38 -37.85 -30.53
N ASN A 368 47.14 -38.13 -30.17
CA ASN A 368 46.80 -38.37 -28.77
C ASN A 368 47.35 -39.66 -28.18
N LYS A 369 48.16 -40.39 -28.93
CA LYS A 369 48.71 -41.64 -28.42
C LYS A 369 50.20 -41.53 -28.06
N VAL B 23 12.43 -35.50 -19.33
CA VAL B 23 13.61 -35.79 -18.46
C VAL B 23 14.16 -34.53 -17.79
N ARG B 24 14.17 -33.41 -18.50
CA ARG B 24 14.67 -32.16 -17.92
C ARG B 24 13.53 -31.23 -17.51
N ILE B 25 12.34 -31.80 -17.46
CA ILE B 25 11.15 -31.08 -17.06
C ILE B 25 10.68 -31.67 -15.72
N LEU B 26 11.04 -30.99 -14.64
CA LEU B 26 10.69 -31.42 -13.31
C LEU B 26 9.18 -31.54 -13.15
N GLY B 27 8.44 -30.79 -13.97
CA GLY B 27 6.99 -30.84 -13.88
C GLY B 27 6.28 -29.51 -14.16
N TYR B 28 4.96 -29.55 -14.10
CA TYR B 28 4.13 -28.37 -14.35
C TYR B 28 3.15 -28.11 -13.20
N ASP B 29 2.75 -26.86 -13.04
CA ASP B 29 1.78 -26.50 -12.00
C ASP B 29 0.66 -25.68 -12.65
N PRO B 30 -0.58 -25.91 -12.22
CA PRO B 30 -1.72 -25.17 -12.78
C PRO B 30 -1.51 -23.67 -12.79
N LEU B 31 -1.95 -23.03 -13.87
CA LEU B 31 -1.82 -21.59 -14.04
C LEU B 31 -3.18 -20.96 -14.37
N ALA B 32 -3.56 -19.93 -13.61
CA ALA B 32 -4.82 -19.24 -13.87
C ALA B 32 -4.70 -18.51 -15.21
N SER B 33 -5.76 -18.55 -16.00
CA SER B 33 -5.75 -17.89 -17.30
C SER B 33 -5.82 -16.37 -17.17
N PRO B 34 -5.45 -15.65 -18.24
CA PRO B 34 -5.50 -14.19 -18.20
C PRO B 34 -6.95 -13.76 -17.90
N ALA B 35 -7.88 -14.44 -18.55
CA ALA B 35 -9.31 -14.17 -18.40
C ALA B 35 -9.75 -14.29 -16.94
N LEU B 36 -9.31 -15.36 -16.28
CA LEU B 36 -9.70 -15.55 -14.89
C LEU B 36 -9.14 -14.42 -14.02
N LEU B 37 -7.86 -14.11 -14.20
CA LEU B 37 -7.22 -13.05 -13.41
C LEU B 37 -7.87 -11.69 -13.65
N GLN B 38 -8.34 -11.46 -14.87
CA GLN B 38 -8.99 -10.20 -15.22
C GLN B 38 -10.31 -10.02 -14.49
N VAL B 39 -10.99 -11.13 -14.22
CA VAL B 39 -12.25 -11.10 -13.50
C VAL B 39 -11.93 -10.92 -12.01
N GLN B 40 -10.87 -11.56 -11.55
CA GLN B 40 -10.49 -11.46 -10.15
C GLN B 40 -9.97 -10.06 -9.80
N ILE B 41 -9.20 -9.48 -10.73
CA ILE B 41 -8.64 -8.15 -10.52
C ILE B 41 -9.00 -7.28 -11.71
N PRO B 42 -10.25 -6.78 -11.74
CA PRO B 42 -10.73 -5.94 -12.83
C PRO B 42 -10.10 -4.54 -12.81
N ALA B 43 -9.91 -3.97 -14.00
CA ALA B 43 -9.34 -2.64 -14.09
C ALA B 43 -10.43 -1.59 -13.98
N THR B 44 -10.24 -0.62 -13.09
CA THR B 44 -11.22 0.44 -12.90
C THR B 44 -11.30 1.27 -14.18
N PRO B 45 -12.43 1.96 -14.40
CA PRO B 45 -12.54 2.78 -15.62
C PRO B 45 -11.40 3.81 -15.69
N THR B 46 -11.02 4.33 -14.54
CA THR B 46 -9.93 5.30 -14.48
C THR B 46 -8.66 4.65 -14.99
N SER B 47 -8.43 3.40 -14.56
CA SER B 47 -7.25 2.68 -14.99
C SER B 47 -7.24 2.55 -16.51
N LEU B 48 -8.37 2.14 -17.08
CA LEU B 48 -8.43 1.98 -18.53
C LEU B 48 -8.29 3.31 -19.26
N GLU B 49 -8.95 4.34 -18.76
CA GLU B 49 -8.84 5.65 -19.40
C GLU B 49 -7.41 6.13 -19.35
N THR B 50 -6.76 5.92 -18.20
CA THR B 50 -5.37 6.33 -18.02
C THR B 50 -4.44 5.66 -19.02
N ALA B 51 -4.62 4.36 -19.23
CA ALA B 51 -3.79 3.62 -20.19
C ALA B 51 -3.98 4.18 -21.61
N LYS B 52 -5.24 4.43 -21.96
CA LYS B 52 -5.63 4.99 -23.26
C LYS B 52 -4.86 6.29 -23.52
N ARG B 53 -5.05 7.23 -22.61
CA ARG B 53 -4.43 8.54 -22.69
C ARG B 53 -2.91 8.40 -22.82
N GLY B 54 -2.32 7.56 -21.97
CA GLY B 54 -0.89 7.38 -22.03
C GLY B 54 -0.41 6.98 -23.42
N ARG B 55 -1.17 6.11 -24.08
CA ARG B 55 -0.80 5.66 -25.41
C ARG B 55 -0.95 6.74 -26.46
N ARG B 56 -2.04 7.51 -26.38
CA ARG B 56 -2.26 8.58 -27.34
C ARG B 56 -1.18 9.64 -27.22
N GLU B 57 -0.89 10.07 -26.01
CA GLU B 57 0.15 11.06 -25.81
C GLU B 57 1.48 10.57 -26.36
N ALA B 58 1.82 9.32 -26.03
CA ALA B 58 3.06 8.71 -26.49
C ALA B 58 3.16 8.74 -28.02
N ILE B 59 2.07 8.35 -28.66
CA ILE B 59 2.04 8.32 -30.12
C ILE B 59 2.26 9.70 -30.74
N ASP B 60 1.56 10.72 -30.23
CA ASP B 60 1.71 12.07 -30.78
C ASP B 60 3.14 12.55 -30.69
N ILE B 61 3.79 12.24 -29.57
CA ILE B 61 5.17 12.64 -29.36
C ILE B 61 6.17 11.90 -30.25
N ILE B 62 6.09 10.57 -30.31
CA ILE B 62 7.05 9.82 -31.12
C ILE B 62 6.84 10.00 -32.61
N THR B 63 5.65 10.47 -33.00
CA THR B 63 5.36 10.72 -34.42
C THR B 63 5.61 12.19 -34.74
N GLY B 64 6.13 12.93 -33.77
CA GLY B 64 6.44 14.33 -34.00
C GLY B 64 5.28 15.30 -34.02
N LYS B 65 4.08 14.83 -33.66
CA LYS B 65 2.92 15.71 -33.66
C LYS B 65 3.01 16.66 -32.47
N ASP B 66 3.35 16.13 -31.29
CA ASP B 66 3.47 16.97 -30.11
C ASP B 66 4.96 17.25 -29.86
N ASP B 67 5.27 18.44 -29.35
CA ASP B 67 6.66 18.81 -29.11
C ASP B 67 7.16 18.54 -27.69
N ARG B 68 6.35 17.84 -26.90
CA ARG B 68 6.78 17.51 -25.55
C ARG B 68 7.67 16.27 -25.64
N VAL B 69 8.34 15.95 -24.55
CA VAL B 69 9.19 14.78 -24.54
C VAL B 69 8.51 13.67 -23.74
N LEU B 70 8.61 12.45 -24.26
CA LEU B 70 8.04 11.27 -23.63
C LEU B 70 9.04 10.76 -22.60
N VAL B 71 8.61 10.70 -21.34
CA VAL B 71 9.47 10.25 -20.25
C VAL B 71 9.02 8.93 -19.60
N ILE B 72 9.86 7.90 -19.68
CA ILE B 72 9.54 6.62 -19.04
C ILE B 72 10.47 6.64 -17.85
N VAL B 73 9.93 7.00 -16.69
CA VAL B 73 10.73 7.09 -15.48
C VAL B 73 10.13 6.27 -14.33
N GLY B 74 10.97 5.50 -13.66
CA GLY B 74 10.51 4.67 -12.56
C GLY B 74 11.56 3.69 -12.10
N PRO B 75 11.28 2.91 -11.04
CA PRO B 75 12.25 1.94 -10.53
C PRO B 75 12.78 0.93 -11.54
N CYS B 76 13.99 0.43 -11.30
CA CYS B 76 14.60 -0.56 -12.18
C CYS B 76 13.66 -1.77 -12.22
N SER B 77 13.04 -2.06 -11.07
CA SER B 77 12.11 -3.17 -10.95
C SER B 77 11.22 -2.87 -9.76
N ILE B 78 10.04 -3.47 -9.72
CA ILE B 78 9.12 -3.27 -8.60
C ILE B 78 9.05 -4.58 -7.81
N HIS B 79 9.31 -4.49 -6.50
CA HIS B 79 9.27 -5.66 -5.63
C HIS B 79 8.47 -5.30 -4.39
N ASP B 80 8.14 -4.01 -4.29
CA ASP B 80 7.38 -3.49 -3.16
C ASP B 80 6.23 -2.67 -3.71
N LEU B 81 5.01 -3.13 -3.49
CA LEU B 81 3.82 -2.42 -3.98
C LEU B 81 3.49 -1.17 -3.17
N GLU B 82 3.82 -1.17 -1.89
CA GLU B 82 3.55 0.01 -1.07
C GLU B 82 4.52 1.11 -1.47
N ALA B 83 5.80 0.74 -1.57
CA ALA B 83 6.85 1.67 -1.97
C ALA B 83 6.51 2.21 -3.36
N ALA B 84 6.11 1.30 -4.25
CA ALA B 84 5.77 1.66 -5.62
C ALA B 84 4.59 2.62 -5.65
N GLN B 85 3.71 2.54 -4.67
CA GLN B 85 2.55 3.42 -4.66
C GLN B 85 2.94 4.82 -4.23
N GLU B 86 3.80 4.91 -3.22
CA GLU B 86 4.24 6.20 -2.72
C GLU B 86 4.93 6.97 -3.84
N TYR B 87 5.81 6.28 -4.54
CA TYR B 87 6.56 6.87 -5.65
C TYR B 87 5.58 7.30 -6.74
N ALA B 88 4.56 6.50 -6.96
CA ALA B 88 3.58 6.84 -7.98
C ALA B 88 2.91 8.17 -7.62
N LEU B 89 2.56 8.35 -6.35
CA LEU B 89 1.93 9.60 -5.93
C LEU B 89 2.86 10.77 -6.16
N ARG B 90 4.12 10.63 -5.78
CA ARG B 90 5.08 11.70 -5.99
C ARG B 90 5.27 12.01 -7.48
N LEU B 91 5.40 10.98 -8.31
CA LEU B 91 5.60 11.19 -9.75
C LEU B 91 4.36 11.76 -10.41
N LYS B 92 3.19 11.43 -9.89
CA LYS B 92 1.96 11.95 -10.46
C LYS B 92 1.85 13.45 -10.19
N LYS B 93 2.28 13.90 -9.02
CA LYS B 93 2.20 15.33 -8.72
C LYS B 93 3.16 16.08 -9.64
N LEU B 94 4.43 15.67 -9.65
CA LEU B 94 5.43 16.31 -10.50
C LEU B 94 4.95 16.33 -11.94
N SER B 95 4.43 15.20 -12.41
CA SER B 95 3.93 15.08 -13.76
C SER B 95 2.87 16.16 -13.99
N ASP B 96 2.03 16.38 -12.98
CA ASP B 96 0.96 17.37 -13.05
C ASP B 96 1.53 18.77 -13.25
N GLU B 97 2.63 19.05 -12.58
CA GLU B 97 3.28 20.35 -12.65
C GLU B 97 4.02 20.59 -13.96
N LEU B 98 4.57 19.52 -14.55
CA LEU B 98 5.33 19.62 -15.79
C LEU B 98 4.62 19.09 -17.03
N LYS B 99 3.33 18.79 -16.90
CA LYS B 99 2.57 18.24 -18.02
C LYS B 99 2.65 19.07 -19.30
N GLY B 100 3.04 20.33 -19.19
CA GLY B 100 3.12 21.17 -20.37
C GLY B 100 4.32 20.88 -21.27
N ASP B 101 5.36 20.28 -20.71
CA ASP B 101 6.57 19.97 -21.47
C ASP B 101 6.87 18.48 -21.54
N LEU B 102 6.41 17.75 -20.52
CA LEU B 102 6.68 16.33 -20.42
C LEU B 102 5.46 15.44 -20.34
N SER B 103 5.55 14.27 -20.96
CA SER B 103 4.48 13.29 -20.90
C SER B 103 5.12 12.14 -20.17
N ILE B 104 4.80 12.02 -18.88
CA ILE B 104 5.39 10.99 -18.05
C ILE B 104 4.65 9.67 -17.89
N ILE B 105 5.41 8.59 -18.05
CA ILE B 105 4.91 7.24 -17.90
C ILE B 105 5.83 6.59 -16.88
N MET B 106 5.24 5.95 -15.89
CA MET B 106 6.04 5.30 -14.87
C MET B 106 6.52 3.92 -15.27
N ARG B 107 7.79 3.66 -14.97
CA ARG B 107 8.39 2.37 -15.23
C ARG B 107 7.84 1.47 -14.12
N ALA B 108 7.11 0.42 -14.51
CA ALA B 108 6.55 -0.54 -13.55
C ALA B 108 7.01 -1.90 -14.07
N TYR B 109 8.32 -2.13 -14.03
CA TYR B 109 8.87 -3.37 -14.56
C TYR B 109 8.68 -4.60 -13.68
N LEU B 110 8.05 -5.61 -14.26
CA LEU B 110 7.72 -6.88 -13.61
C LEU B 110 8.65 -8.03 -13.97
N GLU B 111 9.41 -7.85 -15.04
CA GLU B 111 10.32 -8.89 -15.52
C GLU B 111 11.71 -8.31 -15.81
N LYS B 112 12.76 -8.98 -15.30
CA LYS B 112 14.15 -8.55 -15.48
C LYS B 112 15.03 -9.60 -16.16
N PRO B 113 15.62 -9.26 -17.32
CA PRO B 113 16.49 -10.18 -18.06
C PRO B 113 17.85 -10.28 -17.36
N ARG B 114 18.28 -11.51 -17.11
CA ARG B 114 19.54 -11.79 -16.44
C ARG B 114 20.67 -12.06 -17.43
N THR B 115 21.90 -11.75 -17.03
CA THR B 115 23.05 -12.02 -17.90
C THR B 115 23.25 -13.53 -17.84
N THR B 116 22.94 -14.10 -16.68
CA THR B 116 22.99 -15.55 -16.44
C THR B 116 21.82 -15.96 -15.54
N VAL B 117 21.95 -15.80 -14.22
CA VAL B 117 20.87 -16.16 -13.28
C VAL B 117 20.65 -15.11 -12.18
N GLY B 118 19.44 -15.08 -11.64
CA GLY B 118 19.09 -14.13 -10.58
C GLY B 118 17.60 -13.86 -10.60
N TRP B 119 17.12 -13.06 -9.64
CA TRP B 119 15.70 -12.70 -9.54
C TRP B 119 15.21 -12.11 -10.87
N LYS B 120 14.16 -12.70 -11.44
CA LYS B 120 13.64 -12.23 -12.72
C LYS B 120 12.47 -11.25 -12.59
N GLY B 121 12.08 -10.91 -11.36
CA GLY B 121 10.98 -9.97 -11.19
C GLY B 121 9.85 -10.37 -10.26
N LEU B 122 8.84 -9.52 -10.18
CA LEU B 122 7.67 -9.71 -9.32
C LEU B 122 6.79 -10.90 -9.72
N ILE B 123 6.60 -11.10 -11.02
CA ILE B 123 5.76 -12.18 -11.50
C ILE B 123 6.36 -13.54 -11.19
N ASN B 124 7.60 -13.73 -11.62
CA ASN B 124 8.31 -14.99 -11.45
C ASN B 124 8.50 -15.42 -10.01
N ASP B 125 8.80 -14.47 -9.12
CA ASP B 125 9.06 -14.80 -7.73
C ASP B 125 8.68 -13.64 -6.82
N PRO B 126 7.36 -13.37 -6.70
CA PRO B 126 6.82 -12.29 -5.87
C PRO B 126 7.34 -12.21 -4.44
N ASP B 127 7.64 -13.38 -3.87
CA ASP B 127 8.15 -13.44 -2.51
C ASP B 127 9.66 -13.25 -2.50
N VAL B 128 10.23 -13.13 -3.69
CA VAL B 128 11.66 -12.93 -3.88
C VAL B 128 12.50 -13.83 -2.96
N ASN B 129 12.02 -15.05 -2.74
CA ASN B 129 12.71 -16.00 -1.88
C ASN B 129 12.87 -17.36 -2.53
N ASN B 130 12.87 -17.39 -3.85
CA ASN B 130 13.01 -18.64 -4.59
C ASN B 130 11.87 -19.63 -4.39
N THR B 131 10.66 -19.12 -4.19
CA THR B 131 9.50 -19.97 -4.03
C THR B 131 8.76 -20.01 -5.37
N PHE B 132 9.00 -18.99 -6.19
CA PHE B 132 8.41 -18.91 -7.52
C PHE B 132 6.90 -19.05 -7.64
N ASN B 133 6.16 -18.33 -6.80
CA ASN B 133 4.72 -18.40 -6.88
C ASN B 133 4.24 -17.46 -8.02
N ILE B 134 4.30 -17.98 -9.24
CA ILE B 134 3.91 -17.21 -10.42
C ILE B 134 2.43 -16.78 -10.46
N ASN B 135 1.53 -17.61 -9.94
CA ASN B 135 0.12 -17.25 -9.92
C ASN B 135 -0.04 -16.03 -9.03
N LYS B 136 0.68 -16.04 -7.92
CA LYS B 136 0.63 -14.93 -6.97
C LYS B 136 1.38 -13.74 -7.57
N GLY B 137 2.42 -14.05 -8.35
CA GLY B 137 3.22 -13.01 -8.98
C GLY B 137 2.37 -12.22 -9.95
N LEU B 138 1.54 -12.93 -10.70
CA LEU B 138 0.65 -12.30 -11.67
C LEU B 138 -0.47 -11.49 -11.02
N GLN B 139 -0.95 -11.93 -9.86
CA GLN B 139 -2.01 -11.19 -9.17
C GLN B 139 -1.41 -9.89 -8.62
N SER B 140 -0.21 -10.00 -8.06
CA SER B 140 0.47 -8.83 -7.51
C SER B 140 0.75 -7.85 -8.62
N ALA B 141 1.21 -8.36 -9.75
CA ALA B 141 1.53 -7.52 -10.90
C ALA B 141 0.31 -6.75 -11.38
N ARG B 142 -0.76 -7.46 -11.68
CA ARG B 142 -1.97 -6.82 -12.16
C ARG B 142 -2.54 -5.87 -11.12
N GLN B 143 -2.51 -6.26 -9.85
CA GLN B 143 -3.03 -5.40 -8.81
C GLN B 143 -2.20 -4.12 -8.79
N LEU B 144 -0.90 -4.29 -8.99
CA LEU B 144 0.03 -3.17 -9.03
C LEU B 144 -0.38 -2.24 -10.19
N PHE B 145 -0.50 -2.82 -11.37
CA PHE B 145 -0.87 -2.06 -12.57
C PHE B 145 -2.19 -1.34 -12.43
N VAL B 146 -3.12 -1.93 -11.69
CA VAL B 146 -4.41 -1.29 -11.47
C VAL B 146 -4.20 -0.16 -10.49
N ASN B 147 -3.53 -0.46 -9.39
CA ASN B 147 -3.25 0.55 -8.37
C ASN B 147 -2.68 1.85 -8.96
N LEU B 148 -1.65 1.70 -9.80
CA LEU B 148 -0.96 2.83 -10.44
C LEU B 148 -1.82 3.60 -11.44
N THR B 149 -2.32 2.90 -12.45
CA THR B 149 -3.13 3.54 -13.48
C THR B 149 -4.40 4.13 -12.90
N ASN B 150 -4.84 3.59 -11.78
CA ASN B 150 -6.07 4.08 -11.14
C ASN B 150 -5.92 5.48 -10.56
N ILE B 151 -4.69 5.91 -10.31
CA ILE B 151 -4.48 7.25 -9.79
C ILE B 151 -4.21 8.19 -10.95
N GLY B 152 -4.44 7.72 -12.17
CA GLY B 152 -4.22 8.54 -13.34
C GLY B 152 -2.80 8.58 -13.87
N LEU B 153 -1.96 7.63 -13.46
CA LEU B 153 -0.59 7.60 -13.94
C LEU B 153 -0.34 6.43 -14.90
N PRO B 154 -0.07 6.72 -16.19
CA PRO B 154 0.20 5.67 -17.19
C PRO B 154 1.48 4.93 -16.83
N ILE B 155 1.57 3.67 -17.26
CA ILE B 155 2.72 2.87 -16.95
C ILE B 155 3.31 2.13 -18.14
N GLY B 156 4.53 1.66 -17.96
CA GLY B 156 5.22 0.91 -18.99
C GLY B 156 6.02 -0.19 -18.32
N SER B 157 6.31 -1.26 -19.06
CA SER B 157 7.07 -2.38 -18.50
C SER B 157 7.83 -3.03 -19.64
N GLU B 158 8.81 -3.88 -19.32
CA GLU B 158 9.54 -4.57 -20.37
C GLU B 158 8.72 -5.79 -20.76
N MET B 159 8.46 -5.95 -22.05
CA MET B 159 7.71 -7.08 -22.53
C MET B 159 8.75 -8.19 -22.71
N LEU B 160 9.12 -8.85 -21.62
CA LEU B 160 10.12 -9.92 -21.71
C LEU B 160 9.45 -11.26 -22.00
N ASP B 161 8.36 -11.51 -21.31
CA ASP B 161 7.62 -12.75 -21.46
C ASP B 161 6.63 -12.60 -22.62
N THR B 162 6.50 -13.62 -23.46
CA THR B 162 5.54 -13.53 -24.56
C THR B 162 4.14 -13.94 -24.08
N ILE B 163 4.06 -14.40 -22.84
CA ILE B 163 2.79 -14.85 -22.26
C ILE B 163 2.18 -13.87 -21.25
N SER B 164 2.97 -13.37 -20.32
CA SER B 164 2.46 -12.44 -19.31
C SER B 164 1.70 -11.21 -19.86
N PRO B 165 2.03 -10.73 -21.07
CA PRO B 165 1.29 -9.57 -21.57
C PRO B 165 -0.21 -9.81 -21.62
N GLN B 166 -0.60 -11.07 -21.85
CA GLN B 166 -2.00 -11.45 -21.90
C GLN B 166 -2.70 -11.09 -20.60
N TYR B 167 -1.94 -11.06 -19.51
CA TYR B 167 -2.51 -10.75 -18.21
C TYR B 167 -2.51 -9.29 -17.85
N LEU B 168 -1.69 -8.49 -18.52
CA LEU B 168 -1.53 -7.09 -18.16
C LEU B 168 -1.67 -6.01 -19.22
N ALA B 169 -1.52 -6.40 -20.49
CA ALA B 169 -1.58 -5.46 -21.62
C ALA B 169 -2.61 -4.34 -21.55
N ASP B 170 -3.80 -4.63 -21.05
CA ASP B 170 -4.85 -3.62 -20.99
C ASP B 170 -4.58 -2.42 -20.10
N LEU B 171 -3.55 -2.52 -19.25
CA LEU B 171 -3.21 -1.45 -18.32
C LEU B 171 -1.91 -0.74 -18.71
N VAL B 172 -1.28 -1.22 -19.77
CA VAL B 172 0.00 -0.71 -20.26
C VAL B 172 -0.08 0.34 -21.38
N SER B 173 0.69 1.41 -21.23
CA SER B 173 0.74 2.47 -22.25
C SER B 173 2.02 2.40 -23.08
N PHE B 174 3.04 1.75 -22.54
CA PHE B 174 4.32 1.61 -23.22
C PHE B 174 4.99 0.27 -22.94
N GLY B 175 5.48 -0.35 -24.02
CA GLY B 175 6.15 -1.62 -23.90
C GLY B 175 7.58 -1.49 -24.37
N ALA B 176 8.52 -2.02 -23.59
CA ALA B 176 9.93 -1.95 -23.95
C ALA B 176 10.46 -3.34 -24.25
N ILE B 177 11.21 -3.47 -25.33
CA ILE B 177 11.82 -4.74 -25.67
C ILE B 177 13.31 -4.59 -25.34
N GLY B 178 13.80 -5.44 -24.44
CA GLY B 178 15.19 -5.36 -24.01
C GLY B 178 16.28 -5.60 -25.03
N ALA B 179 17.46 -5.06 -24.71
CA ALA B 179 18.64 -5.18 -25.56
C ALA B 179 18.96 -6.63 -25.89
N ARG B 180 18.71 -7.52 -24.94
CA ARG B 180 19.01 -8.93 -25.12
C ARG B 180 17.96 -9.71 -25.89
N THR B 181 16.87 -9.05 -26.25
CA THR B 181 15.78 -9.68 -27.00
C THR B 181 15.33 -8.88 -28.22
N THR B 182 15.94 -7.73 -28.45
CA THR B 182 15.59 -6.94 -29.62
C THR B 182 15.80 -7.75 -30.91
N GLU B 183 16.79 -8.63 -30.90
CA GLU B 183 17.09 -9.47 -32.06
C GLU B 183 16.18 -10.70 -32.20
N SER B 184 15.45 -11.02 -31.15
CA SER B 184 14.56 -12.19 -31.16
C SER B 184 13.35 -12.02 -32.04
N GLN B 185 13.15 -12.97 -32.95
CA GLN B 185 12.01 -12.92 -33.83
C GLN B 185 10.72 -13.06 -33.02
N LEU B 186 10.77 -13.82 -31.92
CA LEU B 186 9.57 -14.02 -31.09
C LEU B 186 9.11 -12.71 -30.49
N HIS B 187 10.07 -11.90 -30.07
CA HIS B 187 9.73 -10.61 -29.50
C HIS B 187 9.30 -9.62 -30.56
N ARG B 188 9.79 -9.80 -31.79
CA ARG B 188 9.40 -8.90 -32.88
C ARG B 188 7.95 -9.23 -33.26
N GLU B 189 7.61 -10.52 -33.22
CA GLU B 189 6.25 -10.95 -33.53
C GLU B 189 5.34 -10.45 -32.42
N LEU B 190 5.80 -10.61 -31.17
CA LEU B 190 5.04 -10.15 -30.03
C LEU B 190 4.68 -8.68 -30.22
N ALA B 191 5.70 -7.87 -30.52
CA ALA B 191 5.54 -6.44 -30.72
C ALA B 191 4.52 -6.07 -31.79
N SER B 192 4.55 -6.79 -32.91
CA SER B 192 3.64 -6.52 -34.01
C SER B 192 2.18 -6.61 -33.57
N GLY B 193 1.94 -7.27 -32.44
CA GLY B 193 0.57 -7.41 -31.98
C GLY B 193 0.20 -6.60 -30.77
N LEU B 194 1.11 -5.81 -30.22
CA LEU B 194 0.79 -5.02 -29.03
C LEU B 194 0.06 -3.73 -29.38
N SER B 195 -0.98 -3.43 -28.59
CA SER B 195 -1.83 -2.26 -28.78
C SER B 195 -1.31 -0.97 -28.16
N PHE B 196 0.01 -0.76 -28.22
CA PHE B 196 0.61 0.45 -27.67
C PHE B 196 2.01 0.59 -28.22
N PRO B 197 2.61 1.79 -28.07
CA PRO B 197 3.97 2.01 -28.57
C PRO B 197 5.00 1.05 -27.98
N VAL B 198 5.92 0.58 -28.82
CA VAL B 198 6.97 -0.32 -28.38
C VAL B 198 8.36 0.25 -28.66
N GLY B 199 9.21 0.28 -27.63
CA GLY B 199 10.55 0.77 -27.82
C GLY B 199 11.55 -0.37 -27.82
N PHE B 200 12.35 -0.47 -28.87
CA PHE B 200 13.37 -1.49 -29.00
C PHE B 200 14.74 -0.95 -28.57
N LYS B 201 15.33 -1.55 -27.54
CA LYS B 201 16.64 -1.13 -27.07
C LYS B 201 17.69 -1.57 -28.11
N ASN B 202 18.74 -0.78 -28.32
CA ASN B 202 19.77 -1.21 -29.27
C ASN B 202 20.49 -2.44 -28.70
N GLY B 203 21.28 -3.11 -29.54
CA GLY B 203 21.98 -4.30 -29.09
C GLY B 203 22.93 -4.07 -27.92
N THR B 204 23.25 -5.15 -27.21
CA THR B 204 24.17 -5.04 -26.07
C THR B 204 25.59 -4.71 -26.53
N ASP B 205 25.87 -4.86 -27.82
CA ASP B 205 27.18 -4.55 -28.36
C ASP B 205 27.25 -3.06 -28.68
N GLY B 206 26.23 -2.33 -28.24
CA GLY B 206 26.19 -0.89 -28.45
C GLY B 206 25.83 -0.40 -29.84
N THR B 207 25.46 -1.31 -30.74
CA THR B 207 25.07 -0.91 -32.10
C THR B 207 23.54 -0.83 -32.26
N LEU B 208 23.11 -0.05 -33.25
CA LEU B 208 21.69 0.21 -33.52
C LEU B 208 20.94 -0.69 -34.51
N ASN B 209 21.67 -1.23 -35.47
CA ASN B 209 21.10 -2.09 -36.52
C ASN B 209 19.93 -3.00 -36.15
N VAL B 210 20.11 -3.83 -35.13
CA VAL B 210 19.06 -4.77 -34.73
C VAL B 210 17.77 -4.10 -34.28
N ALA B 211 17.90 -2.92 -33.68
CA ALA B 211 16.73 -2.18 -33.20
C ALA B 211 16.01 -1.58 -34.39
N VAL B 212 16.79 -1.20 -35.41
CA VAL B 212 16.20 -0.63 -36.62
C VAL B 212 15.50 -1.75 -37.38
N ASP B 213 16.15 -2.91 -37.52
CA ASP B 213 15.53 -4.03 -38.22
C ASP B 213 14.27 -4.46 -37.47
N ALA B 214 14.35 -4.45 -36.16
CA ALA B 214 13.25 -4.85 -35.30
C ALA B 214 12.02 -3.98 -35.54
N CYS B 215 12.21 -2.67 -35.59
CA CYS B 215 11.08 -1.78 -35.82
C CYS B 215 10.41 -2.10 -37.16
N GLN B 216 11.21 -2.51 -38.14
CA GLN B 216 10.69 -2.84 -39.45
C GLN B 216 9.90 -4.14 -39.36
N ALA B 217 10.49 -5.16 -38.75
CA ALA B 217 9.83 -6.44 -38.62
C ALA B 217 8.51 -6.28 -37.88
N ALA B 218 8.56 -5.59 -36.75
CA ALA B 218 7.39 -5.35 -35.91
C ALA B 218 6.29 -4.62 -36.66
N ALA B 219 6.67 -3.82 -37.66
CA ALA B 219 5.69 -3.06 -38.45
C ALA B 219 4.81 -3.96 -39.32
N HIS B 220 5.25 -5.19 -39.56
CA HIS B 220 4.51 -6.13 -40.39
C HIS B 220 3.57 -7.05 -39.63
N SER B 221 2.66 -7.67 -40.37
CA SER B 221 1.71 -8.61 -39.79
C SER B 221 2.48 -9.92 -39.64
N HIS B 222 2.17 -10.67 -38.57
CA HIS B 222 2.83 -11.94 -38.32
C HIS B 222 1.83 -13.04 -37.94
N HIS B 223 2.27 -14.27 -38.17
CA HIS B 223 1.48 -15.46 -37.86
C HIS B 223 2.34 -16.33 -36.96
N PHE B 224 1.84 -16.65 -35.78
CA PHE B 224 2.59 -17.48 -34.84
C PHE B 224 1.70 -18.06 -33.75
N MET B 225 2.17 -19.12 -33.10
CA MET B 225 1.42 -19.72 -32.02
C MET B 225 1.65 -18.89 -30.75
N GLY B 226 0.55 -18.61 -30.06
CA GLY B 226 0.62 -17.84 -28.84
C GLY B 226 -0.48 -18.30 -27.89
N VAL B 227 -0.44 -17.83 -26.65
CA VAL B 227 -1.45 -18.22 -25.69
C VAL B 227 -2.56 -17.16 -25.68
N THR B 228 -3.80 -17.62 -25.66
CA THR B 228 -4.95 -16.74 -25.67
C THR B 228 -5.40 -16.36 -24.27
N LYS B 229 -6.43 -15.51 -24.18
CA LYS B 229 -6.98 -15.09 -22.89
C LYS B 229 -7.49 -16.31 -22.11
N HIS B 230 -7.77 -17.39 -22.83
CA HIS B 230 -8.29 -18.61 -22.20
C HIS B 230 -7.21 -19.55 -21.67
N GLY B 231 -5.96 -19.22 -21.92
CA GLY B 231 -4.87 -20.05 -21.42
C GLY B 231 -4.53 -21.21 -22.31
N VAL B 232 -5.03 -21.20 -23.55
CA VAL B 232 -4.74 -22.26 -24.49
C VAL B 232 -4.02 -21.68 -25.69
N ALA B 233 -3.20 -22.48 -26.34
CA ALA B 233 -2.44 -22.03 -27.49
C ALA B 233 -3.29 -22.03 -28.77
N ALA B 234 -3.17 -20.96 -29.54
CA ALA B 234 -3.88 -20.82 -30.80
C ALA B 234 -2.95 -20.13 -31.79
N ILE B 235 -3.37 -20.07 -33.05
CA ILE B 235 -2.57 -19.43 -34.07
C ILE B 235 -2.98 -17.97 -34.11
N THR B 236 -2.01 -17.10 -33.83
CA THR B 236 -2.26 -15.67 -33.80
C THR B 236 -1.87 -14.98 -35.11
N THR B 237 -2.66 -14.00 -35.51
CA THR B 237 -2.35 -13.21 -36.69
C THR B 237 -2.36 -11.77 -36.21
N THR B 238 -1.21 -11.09 -36.31
CA THR B 238 -1.14 -9.70 -35.85
C THR B 238 -1.34 -8.73 -37.02
N LYS B 239 -1.53 -7.46 -36.68
CA LYS B 239 -1.75 -6.42 -37.69
C LYS B 239 -0.47 -5.72 -38.15
N GLY B 240 0.44 -5.47 -37.20
CA GLY B 240 1.67 -4.78 -37.51
C GLY B 240 1.67 -3.57 -36.60
N ASN B 241 2.82 -3.17 -36.08
CA ASN B 241 2.85 -2.01 -35.18
C ASN B 241 3.68 -0.89 -35.78
N GLU B 242 3.04 0.22 -36.14
CA GLU B 242 3.73 1.36 -36.73
C GLU B 242 4.26 2.31 -35.66
N HIS B 243 4.07 1.97 -34.40
CA HIS B 243 4.51 2.83 -33.31
C HIS B 243 5.72 2.30 -32.54
N CYS B 244 6.66 1.69 -33.25
CA CYS B 244 7.87 1.16 -32.66
C CYS B 244 9.00 2.14 -32.90
N PHE B 245 9.82 2.36 -31.87
CA PHE B 245 10.95 3.27 -31.99
C PHE B 245 12.21 2.67 -31.36
N VAL B 246 13.34 3.29 -31.63
CA VAL B 246 14.62 2.83 -31.12
C VAL B 246 15.00 3.53 -29.82
N ILE B 247 15.58 2.78 -28.89
CA ILE B 247 16.00 3.36 -27.62
C ILE B 247 17.51 3.21 -27.51
N LEU B 248 18.19 4.33 -27.33
CA LEU B 248 19.65 4.36 -27.20
C LEU B 248 20.06 4.07 -25.74
N ARG B 249 20.72 2.94 -25.53
CA ARG B 249 21.13 2.53 -24.19
C ARG B 249 22.59 2.12 -24.07
N GLY B 250 23.43 2.64 -24.96
CA GLY B 250 24.84 2.31 -24.91
C GLY B 250 25.12 0.83 -25.09
N GLY B 251 26.34 0.43 -24.74
CA GLY B 251 26.73 -0.97 -24.89
C GLY B 251 28.24 -1.12 -25.01
N LYS B 252 28.68 -2.27 -25.48
CA LYS B 252 30.10 -2.56 -25.63
C LYS B 252 30.88 -1.51 -26.41
N LYS B 253 30.32 -1.03 -27.51
CA LYS B 253 31.03 -0.02 -28.30
C LYS B 253 31.09 1.35 -27.60
N GLY B 254 30.35 1.50 -26.49
CA GLY B 254 30.36 2.76 -25.77
C GLY B 254 29.00 3.40 -25.58
N THR B 255 28.96 4.51 -24.84
CA THR B 255 27.71 5.23 -24.61
C THR B 255 27.33 5.87 -25.94
N ASN B 256 26.04 6.10 -26.17
CA ASN B 256 25.63 6.67 -27.43
C ASN B 256 24.56 7.76 -27.29
N TYR B 257 24.71 8.61 -26.29
CA TYR B 257 23.76 9.68 -26.06
C TYR B 257 24.34 11.05 -26.39
N ASP B 258 25.50 11.06 -27.03
CA ASP B 258 26.15 12.32 -27.41
C ASP B 258 25.69 12.70 -28.82
N ALA B 259 25.84 13.99 -29.16
CA ALA B 259 25.42 14.48 -30.47
C ALA B 259 25.96 13.64 -31.61
N LYS B 260 27.23 13.28 -31.54
CA LYS B 260 27.86 12.47 -32.57
C LYS B 260 27.07 11.15 -32.73
N SER B 261 26.89 10.44 -31.61
CA SER B 261 26.18 9.17 -31.60
C SER B 261 24.73 9.33 -32.03
N VAL B 262 24.12 10.44 -31.63
CA VAL B 262 22.74 10.71 -32.03
C VAL B 262 22.67 10.98 -33.53
N ALA B 263 23.66 11.68 -34.06
CA ALA B 263 23.72 11.98 -35.48
C ALA B 263 23.84 10.67 -36.28
N GLU B 264 24.68 9.75 -35.81
CA GLU B 264 24.85 8.47 -36.49
C GLU B 264 23.56 7.64 -36.41
N ALA B 265 22.88 7.71 -35.26
CA ALA B 265 21.64 6.97 -35.09
C ALA B 265 20.62 7.49 -36.09
N LYS B 266 20.47 8.81 -36.14
CA LYS B 266 19.52 9.42 -37.06
C LYS B 266 19.79 8.99 -38.50
N ALA B 267 21.06 8.89 -38.86
CA ALA B 267 21.42 8.51 -40.22
C ALA B 267 20.99 7.09 -40.53
N GLN B 268 20.88 6.26 -39.50
CA GLN B 268 20.50 4.86 -39.69
C GLN B 268 19.00 4.65 -39.81
N LEU B 269 18.22 5.62 -39.37
CA LEU B 269 16.76 5.49 -39.42
C LEU B 269 16.18 5.78 -40.80
N PRO B 270 15.38 4.84 -41.32
CA PRO B 270 14.77 5.07 -42.64
C PRO B 270 13.70 6.15 -42.51
N ALA B 271 13.38 6.79 -43.63
CA ALA B 271 12.38 7.86 -43.63
C ALA B 271 11.08 7.39 -42.97
N GLY B 272 10.43 8.31 -42.27
CA GLY B 272 9.18 7.99 -41.62
C GLY B 272 9.35 7.35 -40.25
N SER B 273 10.59 7.08 -39.88
CA SER B 273 10.88 6.47 -38.58
C SER B 273 10.39 7.35 -37.45
N ASN B 274 10.06 6.71 -36.33
CA ASN B 274 9.59 7.42 -35.14
C ASN B 274 10.76 8.01 -34.38
N GLY B 275 10.48 8.98 -33.52
CA GLY B 275 11.53 9.63 -32.75
C GLY B 275 12.33 8.69 -31.87
N LEU B 276 13.56 9.11 -31.58
CA LEU B 276 14.48 8.34 -30.75
C LEU B 276 14.25 8.59 -29.27
N MET B 277 14.53 7.57 -28.46
CA MET B 277 14.41 7.70 -27.02
C MET B 277 15.78 7.39 -26.48
N ILE B 278 16.23 8.16 -25.50
CA ILE B 278 17.54 7.95 -24.91
C ILE B 278 17.43 7.40 -23.50
N ASP B 279 18.02 6.24 -23.27
CA ASP B 279 18.02 5.64 -21.94
C ASP B 279 19.18 6.26 -21.17
N TYR B 280 18.88 6.91 -20.04
CA TYR B 280 19.91 7.55 -19.22
C TYR B 280 20.67 6.52 -18.42
N SER B 281 20.19 5.29 -18.44
CA SER B 281 20.82 4.24 -17.65
C SER B 281 21.45 3.12 -18.44
N HIS B 282 21.66 1.99 -17.75
CA HIS B 282 22.26 0.81 -18.33
C HIS B 282 23.59 1.13 -19.03
N GLY B 283 23.69 0.83 -20.32
CA GLY B 283 24.93 1.10 -21.03
C GLY B 283 25.40 2.55 -20.97
N ASN B 284 24.46 3.49 -21.05
CA ASN B 284 24.80 4.91 -21.02
C ASN B 284 25.12 5.46 -19.64
N SER B 285 24.90 4.64 -18.61
CA SER B 285 25.18 5.03 -17.22
C SER B 285 26.60 4.63 -16.86
N ASN B 286 27.14 3.68 -17.60
CA ASN B 286 28.49 3.19 -17.39
C ASN B 286 28.79 2.67 -15.98
N LYS B 287 27.97 1.74 -15.51
CA LYS B 287 28.15 1.14 -14.19
C LYS B 287 27.96 2.08 -12.99
N ASP B 288 27.63 3.34 -13.23
CA ASP B 288 27.44 4.28 -12.13
C ASP B 288 26.10 5.00 -12.31
N PHE B 289 25.14 4.71 -11.44
CA PHE B 289 23.82 5.32 -11.51
C PHE B 289 23.86 6.84 -11.39
N ARG B 290 24.93 7.35 -10.78
CA ARG B 290 25.09 8.79 -10.59
C ARG B 290 25.32 9.48 -11.94
N ASN B 291 25.60 8.68 -12.97
CA ASN B 291 25.82 9.23 -14.31
C ASN B 291 24.54 9.60 -15.05
N GLN B 292 23.39 9.19 -14.52
CA GLN B 292 22.13 9.50 -15.20
C GLN B 292 21.84 11.00 -15.35
N PRO B 293 22.07 11.80 -14.29
CA PRO B 293 21.81 13.23 -14.45
C PRO B 293 22.83 13.90 -15.39
N LYS B 294 24.01 13.29 -15.52
CA LYS B 294 25.04 13.79 -16.40
C LYS B 294 24.63 13.51 -17.83
N VAL B 295 23.92 12.41 -18.03
CA VAL B 295 23.45 12.06 -19.36
C VAL B 295 22.34 13.08 -19.66
N ASN B 296 21.57 13.42 -18.63
CA ASN B 296 20.49 14.38 -18.77
C ASN B 296 21.01 15.71 -19.30
N ASP B 297 22.08 16.23 -18.69
CA ASP B 297 22.64 17.50 -19.13
C ASP B 297 22.98 17.48 -20.61
N VAL B 298 23.66 16.41 -21.05
CA VAL B 298 24.05 16.23 -22.45
C VAL B 298 22.85 16.15 -23.39
N VAL B 299 21.79 15.48 -22.95
CA VAL B 299 20.60 15.35 -23.77
C VAL B 299 19.82 16.67 -23.78
N CYS B 300 19.80 17.34 -22.63
CA CYS B 300 19.13 18.63 -22.53
C CYS B 300 19.77 19.64 -23.48
N GLU B 301 21.11 19.64 -23.54
CA GLU B 301 21.82 20.55 -24.44
C GLU B 301 21.35 20.39 -25.88
N GLN B 302 21.28 19.14 -26.34
CA GLN B 302 20.85 18.84 -27.69
C GLN B 302 19.40 19.23 -27.96
N ILE B 303 18.51 18.90 -27.03
CA ILE B 303 17.11 19.25 -27.19
C ILE B 303 16.92 20.75 -27.20
N ALA B 304 17.57 21.42 -26.25
CA ALA B 304 17.47 22.88 -26.16
C ALA B 304 18.03 23.56 -27.42
N ASN B 305 19.08 23.00 -28.00
CA ASN B 305 19.66 23.59 -29.20
C ASN B 305 18.82 23.29 -30.44
N GLY B 306 17.74 22.53 -30.26
CA GLY B 306 16.86 22.20 -31.37
C GLY B 306 16.88 20.78 -31.92
N GLU B 307 17.33 19.81 -31.13
CA GLU B 307 17.32 18.43 -31.61
C GLU B 307 15.90 17.89 -31.51
N ASN B 308 15.24 17.73 -32.65
CA ASN B 308 13.86 17.25 -32.65
C ASN B 308 13.71 15.73 -32.80
N ALA B 309 14.82 15.03 -33.04
CA ALA B 309 14.81 13.59 -33.19
C ALA B 309 14.76 12.87 -31.84
N ILE B 310 15.09 13.58 -30.77
CA ILE B 310 15.04 13.01 -29.44
C ILE B 310 13.64 13.30 -28.93
N THR B 311 12.74 12.33 -29.03
CA THR B 311 11.37 12.53 -28.57
C THR B 311 11.11 11.94 -27.19
N GLY B 312 12.03 11.13 -26.70
CA GLY B 312 11.83 10.56 -25.39
C GLY B 312 13.10 10.20 -24.64
N VAL B 313 12.95 10.01 -23.34
CA VAL B 313 14.08 9.61 -22.48
C VAL B 313 13.58 8.53 -21.52
N MET B 314 14.51 7.78 -20.96
CA MET B 314 14.17 6.74 -20.00
C MET B 314 15.10 6.90 -18.80
N ILE B 315 14.51 6.92 -17.60
CA ILE B 315 15.25 7.11 -16.35
C ILE B 315 14.93 6.08 -15.29
N GLU B 316 15.97 5.47 -14.70
CA GLU B 316 15.78 4.51 -13.63
C GLU B 316 15.93 5.26 -12.32
N SER B 317 14.81 5.55 -11.67
CA SER B 317 14.81 6.27 -10.42
C SER B 317 13.89 5.64 -9.38
N ASN B 318 14.18 5.89 -8.12
CA ASN B 318 13.37 5.33 -7.03
C ASN B 318 13.16 6.40 -5.95
N ILE B 319 12.58 6.00 -4.82
CA ILE B 319 12.38 6.92 -3.71
C ILE B 319 13.77 7.28 -3.20
N ASN B 320 14.61 6.26 -3.04
CA ASN B 320 15.98 6.42 -2.56
C ASN B 320 16.94 5.78 -3.56
N GLU B 321 18.13 6.38 -3.70
CA GLU B 321 19.15 5.92 -4.64
C GLU B 321 19.84 4.61 -4.28
N GLY B 322 20.65 4.12 -5.22
CA GLY B 322 21.38 2.88 -5.00
C GLY B 322 20.53 1.64 -5.15
N ASN B 323 21.02 0.52 -4.61
CA ASN B 323 20.30 -0.75 -4.67
C ASN B 323 20.60 -1.67 -3.49
N LYS B 335 15.64 -2.69 3.10
CA LYS B 335 15.67 -1.23 3.19
C LYS B 335 14.59 -0.63 2.27
N TYR B 336 13.70 0.16 2.84
CA TYR B 336 12.59 0.76 2.11
C TYR B 336 12.96 1.80 1.04
N GLY B 337 12.22 1.80 -0.05
CA GLY B 337 12.45 2.76 -1.12
C GLY B 337 13.74 2.61 -1.92
N VAL B 338 14.36 1.44 -1.83
CA VAL B 338 15.59 1.22 -2.59
C VAL B 338 15.53 -0.08 -3.39
N SER B 339 15.99 0.01 -4.63
CA SER B 339 16.02 -1.09 -5.58
C SER B 339 16.78 -2.34 -5.12
N ILE B 340 16.25 -3.51 -5.46
CA ILE B 340 16.88 -4.78 -5.12
C ILE B 340 17.56 -5.38 -6.36
N THR B 341 17.53 -4.62 -7.46
CA THR B 341 18.16 -5.03 -8.70
C THR B 341 19.24 -3.98 -9.03
N ASP B 342 19.11 -3.28 -10.15
CA ASP B 342 20.09 -2.27 -10.51
C ASP B 342 19.95 -0.98 -9.69
N ALA B 343 21.04 -0.22 -9.58
CA ALA B 343 21.04 1.02 -8.83
C ALA B 343 20.25 2.10 -9.57
N CYS B 344 19.50 2.88 -8.81
CA CYS B 344 18.68 3.95 -9.37
C CYS B 344 19.04 5.26 -8.69
N ILE B 345 18.71 6.39 -9.31
CA ILE B 345 18.95 7.68 -8.68
C ILE B 345 17.75 7.89 -7.76
N GLY B 346 17.88 8.74 -6.75
CA GLY B 346 16.79 8.97 -5.82
C GLY B 346 15.72 9.93 -6.33
N TRP B 347 14.75 10.24 -5.48
CA TRP B 347 13.68 11.14 -5.88
C TRP B 347 14.12 12.58 -6.11
N GLU B 348 14.82 13.17 -5.14
CA GLU B 348 15.28 14.55 -5.28
C GLU B 348 15.98 14.69 -6.62
N THR B 349 16.97 13.83 -6.85
CA THR B 349 17.73 13.85 -8.09
C THR B 349 16.79 13.74 -9.29
N THR B 350 15.80 12.86 -9.18
CA THR B 350 14.83 12.65 -10.24
C THR B 350 14.06 13.93 -10.51
N GLU B 351 13.74 14.63 -9.43
CA GLU B 351 12.99 15.85 -9.55
C GLU B 351 13.81 16.92 -10.27
N ASP B 352 15.09 17.06 -9.91
CA ASP B 352 15.95 18.04 -10.54
C ASP B 352 16.15 17.74 -12.02
N VAL B 353 16.42 16.48 -12.32
CA VAL B 353 16.62 16.03 -13.69
C VAL B 353 15.44 16.35 -14.59
N LEU B 354 14.23 16.11 -14.07
CA LEU B 354 13.02 16.34 -14.84
C LEU B 354 12.69 17.81 -15.05
N ARG B 355 12.87 18.62 -14.00
CA ARG B 355 12.63 20.05 -14.10
C ARG B 355 13.45 20.58 -15.27
N LYS B 356 14.75 20.29 -15.23
CA LYS B 356 15.70 20.70 -16.24
C LYS B 356 15.32 20.18 -17.63
N LEU B 357 14.81 18.95 -17.70
CA LEU B 357 14.42 18.40 -18.99
C LEU B 357 13.25 19.19 -19.56
N ALA B 358 12.30 19.53 -18.71
CA ALA B 358 11.14 20.28 -19.15
C ALA B 358 11.57 21.64 -19.71
N ALA B 359 12.62 22.21 -19.10
CA ALA B 359 13.14 23.49 -19.54
C ALA B 359 13.72 23.41 -20.96
N ALA B 360 14.51 22.37 -21.21
CA ALA B 360 15.11 22.15 -22.51
C ALA B 360 14.00 22.03 -23.55
N VAL B 361 12.92 21.36 -23.18
CA VAL B 361 11.77 21.18 -24.06
C VAL B 361 11.20 22.54 -24.46
N ARG B 362 11.12 23.44 -23.47
CA ARG B 362 10.62 24.77 -23.74
C ARG B 362 11.62 25.49 -24.64
N GLN B 363 12.89 25.53 -24.20
CA GLN B 363 13.93 26.18 -24.99
C GLN B 363 13.86 25.71 -26.43
N ARG B 364 13.77 24.39 -26.63
CA ARG B 364 13.68 23.83 -27.97
C ARG B 364 12.48 24.42 -28.70
N ARG B 365 11.43 24.73 -27.96
CA ARG B 365 10.24 25.30 -28.56
C ARG B 365 10.54 26.68 -29.09
N GLU B 366 11.28 27.46 -28.30
CA GLU B 366 11.63 28.80 -28.73
C GLU B 366 12.49 28.68 -29.98
N VAL B 367 13.50 27.82 -29.91
CA VAL B 367 14.40 27.59 -31.04
C VAL B 367 13.65 27.18 -32.31
N ASN B 368 12.69 26.27 -32.17
CA ASN B 368 11.95 25.81 -33.32
C ASN B 368 11.11 26.91 -33.96
N LYS B 369 10.89 28.00 -33.23
CA LYS B 369 10.11 29.12 -33.76
C LYS B 369 10.87 30.02 -34.73
N VAL C 23 -7.91 -43.94 -10.46
CA VAL C 23 -8.00 -45.36 -10.01
C VAL C 23 -8.97 -46.17 -10.87
N ARG C 24 -10.17 -45.63 -11.07
CA ARG C 24 -11.16 -46.29 -11.91
C ARG C 24 -11.14 -45.65 -13.31
N ILE C 25 -10.16 -44.77 -13.52
CA ILE C 25 -9.96 -44.07 -14.78
C ILE C 25 -8.70 -44.65 -15.44
N LEU C 26 -8.90 -45.58 -16.38
CA LEU C 26 -7.77 -46.20 -17.07
C LEU C 26 -6.90 -45.12 -17.70
N GLY C 27 -7.53 -44.08 -18.23
CA GLY C 27 -6.78 -42.99 -18.84
C GLY C 27 -7.58 -42.06 -19.71
N TYR C 28 -6.90 -41.04 -20.25
CA TYR C 28 -7.54 -40.08 -21.14
C TYR C 28 -6.80 -40.04 -22.47
N ASP C 29 -7.49 -39.67 -23.54
CA ASP C 29 -6.85 -39.57 -24.83
C ASP C 29 -7.15 -38.17 -25.34
N PRO C 30 -6.22 -37.55 -26.08
CA PRO C 30 -6.45 -36.20 -26.59
C PRO C 30 -7.67 -36.09 -27.51
N LEU C 31 -8.41 -35.01 -27.34
CA LEU C 31 -9.62 -34.77 -28.11
C LEU C 31 -9.55 -33.44 -28.86
N ALA C 32 -9.92 -33.45 -30.13
CA ALA C 32 -9.92 -32.24 -30.94
C ALA C 32 -11.06 -31.34 -30.48
N SER C 33 -10.79 -30.05 -30.34
CA SER C 33 -11.82 -29.14 -29.90
C SER C 33 -12.86 -28.93 -31.00
N PRO C 34 -14.06 -28.47 -30.62
CA PRO C 34 -15.14 -28.22 -31.56
C PRO C 34 -14.66 -27.28 -32.67
N ALA C 35 -14.06 -26.18 -32.24
CA ALA C 35 -13.55 -25.16 -33.16
C ALA C 35 -12.64 -25.75 -34.22
N LEU C 36 -11.73 -26.63 -33.79
CA LEU C 36 -10.79 -27.25 -34.70
C LEU C 36 -11.50 -28.10 -35.74
N LEU C 37 -12.48 -28.89 -35.31
CA LEU C 37 -13.24 -29.75 -36.19
C LEU C 37 -14.11 -28.98 -37.17
N GLN C 38 -14.54 -27.78 -36.79
CA GLN C 38 -15.37 -26.98 -37.69
C GLN C 38 -14.54 -26.41 -38.83
N VAL C 39 -13.27 -26.15 -38.56
CA VAL C 39 -12.38 -25.63 -39.59
C VAL C 39 -12.02 -26.77 -40.53
N GLN C 40 -11.83 -27.95 -39.95
CA GLN C 40 -11.50 -29.13 -40.72
C GLN C 40 -12.68 -29.53 -41.61
N ILE C 41 -13.83 -29.77 -40.98
CA ILE C 41 -15.02 -30.14 -41.71
C ILE C 41 -15.99 -28.97 -41.67
N PRO C 42 -15.82 -28.00 -42.58
CA PRO C 42 -16.67 -26.81 -42.64
C PRO C 42 -18.05 -27.03 -43.24
N ALA C 43 -19.01 -26.25 -42.77
CA ALA C 43 -20.38 -26.35 -43.27
C ALA C 43 -20.47 -25.53 -44.54
N THR C 44 -21.17 -26.04 -45.55
CA THR C 44 -21.32 -25.32 -46.80
C THR C 44 -22.42 -24.30 -46.61
N PRO C 45 -22.37 -23.20 -47.36
CA PRO C 45 -23.42 -22.18 -47.22
C PRO C 45 -24.81 -22.79 -47.34
N THR C 46 -24.89 -23.90 -48.05
CA THR C 46 -26.16 -24.60 -48.23
C THR C 46 -26.54 -25.31 -46.93
N SER C 47 -25.55 -25.94 -46.31
CA SER C 47 -25.76 -26.64 -45.05
C SER C 47 -26.32 -25.69 -44.01
N LEU C 48 -25.75 -24.48 -43.91
CA LEU C 48 -26.21 -23.49 -42.94
C LEU C 48 -27.60 -22.93 -43.20
N GLU C 49 -27.95 -22.74 -44.47
CA GLU C 49 -29.27 -22.22 -44.77
C GLU C 49 -30.30 -23.29 -44.41
N THR C 50 -30.01 -24.53 -44.80
CA THR C 50 -30.90 -25.66 -44.51
C THR C 50 -31.28 -25.71 -43.02
N ALA C 51 -30.27 -25.71 -42.17
CA ALA C 51 -30.46 -25.76 -40.73
C ALA C 51 -31.36 -24.65 -40.22
N LYS C 52 -31.06 -23.40 -40.62
CA LYS C 52 -31.85 -22.26 -40.19
C LYS C 52 -33.32 -22.37 -40.63
N ARG C 53 -33.51 -22.81 -41.87
CA ARG C 53 -34.85 -22.97 -42.41
C ARG C 53 -35.56 -24.09 -41.67
N GLY C 54 -34.87 -25.22 -41.53
CA GLY C 54 -35.46 -26.35 -40.82
C GLY C 54 -35.95 -25.96 -39.44
N ARG C 55 -35.27 -25.02 -38.81
CA ARG C 55 -35.66 -24.56 -37.47
C ARG C 55 -36.83 -23.58 -37.54
N ARG C 56 -36.80 -22.69 -38.53
CA ARG C 56 -37.88 -21.73 -38.66
C ARG C 56 -39.17 -22.47 -38.90
N GLU C 57 -39.11 -23.47 -39.78
CA GLU C 57 -40.30 -24.24 -40.09
C GLU C 57 -40.83 -25.00 -38.87
N ALA C 58 -39.91 -25.64 -38.14
CA ALA C 58 -40.28 -26.38 -36.93
C ALA C 58 -40.94 -25.47 -35.90
N ILE C 59 -40.37 -24.28 -35.73
CA ILE C 59 -40.87 -23.30 -34.78
C ILE C 59 -42.26 -22.78 -35.09
N ASP C 60 -42.50 -22.47 -36.36
CA ASP C 60 -43.81 -21.97 -36.77
C ASP C 60 -44.89 -23.04 -36.58
N ILE C 61 -44.51 -24.30 -36.79
CA ILE C 61 -45.43 -25.40 -36.63
C ILE C 61 -45.75 -25.65 -35.16
N ILE C 62 -44.73 -25.84 -34.33
CA ILE C 62 -45.02 -26.12 -32.93
C ILE C 62 -45.68 -24.98 -32.17
N THR C 63 -45.54 -23.76 -32.68
CA THR C 63 -46.15 -22.60 -32.01
C THR C 63 -47.48 -22.14 -32.62
N GLY C 64 -47.99 -22.90 -33.58
CA GLY C 64 -49.28 -22.58 -34.18
C GLY C 64 -49.36 -21.63 -35.36
N LYS C 65 -48.22 -21.24 -35.92
CA LYS C 65 -48.26 -20.33 -37.04
C LYS C 65 -48.51 -21.07 -38.35
N ASP C 66 -48.00 -22.29 -38.42
CA ASP C 66 -48.15 -23.12 -39.60
C ASP C 66 -49.09 -24.27 -39.27
N ASP C 67 -49.94 -24.67 -40.21
CA ASP C 67 -50.84 -25.78 -39.95
C ASP C 67 -50.38 -27.10 -40.55
N ARG C 68 -49.10 -27.18 -40.87
CA ARG C 68 -48.50 -28.40 -41.40
C ARG C 68 -48.09 -29.22 -40.17
N VAL C 69 -47.56 -30.42 -40.39
CA VAL C 69 -47.13 -31.25 -39.27
C VAL C 69 -45.62 -31.48 -39.36
N LEU C 70 -44.93 -31.19 -38.25
CA LEU C 70 -43.49 -31.37 -38.19
C LEU C 70 -43.23 -32.86 -38.09
N VAL C 71 -42.46 -33.39 -39.02
CA VAL C 71 -42.17 -34.81 -39.04
C VAL C 71 -40.68 -35.08 -38.90
N ILE C 72 -40.32 -35.84 -37.88
CA ILE C 72 -38.93 -36.23 -37.66
C ILE C 72 -38.95 -37.69 -38.07
N VAL C 73 -38.37 -38.00 -39.22
CA VAL C 73 -38.37 -39.37 -39.70
C VAL C 73 -37.02 -39.81 -40.28
N GLY C 74 -36.60 -41.00 -39.90
CA GLY C 74 -35.35 -41.53 -40.37
C GLY C 74 -34.96 -42.72 -39.52
N PRO C 75 -33.77 -43.29 -39.76
CA PRO C 75 -33.23 -44.45 -39.04
C PRO C 75 -33.23 -44.36 -37.51
N CYS C 76 -33.09 -45.52 -36.89
CA CYS C 76 -33.02 -45.60 -35.44
C CYS C 76 -31.69 -44.96 -35.09
N SER C 77 -30.69 -45.22 -35.93
CA SER C 77 -29.35 -44.69 -35.73
C SER C 77 -28.57 -44.79 -37.04
N ILE C 78 -27.76 -43.79 -37.36
CA ILE C 78 -26.97 -43.85 -38.58
C ILE C 78 -25.64 -44.50 -38.26
N HIS C 79 -25.31 -45.55 -39.00
CA HIS C 79 -24.06 -46.24 -38.79
C HIS C 79 -23.34 -46.30 -40.14
N ASP C 80 -24.04 -45.95 -41.21
CA ASP C 80 -23.49 -45.95 -42.55
C ASP C 80 -23.79 -44.62 -43.24
N LEU C 81 -22.75 -43.85 -43.52
CA LEU C 81 -22.95 -42.56 -44.16
C LEU C 81 -23.56 -42.61 -45.54
N GLU C 82 -23.25 -43.65 -46.31
CA GLU C 82 -23.79 -43.77 -47.66
C GLU C 82 -25.28 -44.10 -47.69
N ALA C 83 -25.69 -45.14 -46.96
CA ALA C 83 -27.10 -45.51 -46.91
C ALA C 83 -27.88 -44.29 -46.45
N ALA C 84 -27.31 -43.60 -45.46
CA ALA C 84 -27.93 -42.40 -44.91
C ALA C 84 -28.14 -41.37 -46.02
N GLN C 85 -27.19 -41.31 -46.95
CA GLN C 85 -27.26 -40.37 -48.06
C GLN C 85 -28.32 -40.83 -49.06
N GLU C 86 -28.40 -42.14 -49.28
CA GLU C 86 -29.38 -42.67 -50.22
C GLU C 86 -30.77 -42.40 -49.69
N TYR C 87 -30.93 -42.67 -48.40
CA TYR C 87 -32.19 -42.45 -47.70
C TYR C 87 -32.54 -40.97 -47.73
N ALA C 88 -31.54 -40.13 -47.53
CA ALA C 88 -31.71 -38.68 -47.52
C ALA C 88 -32.22 -38.16 -48.84
N LEU C 89 -31.69 -38.69 -49.94
CA LEU C 89 -32.13 -38.27 -51.27
C LEU C 89 -33.60 -38.64 -51.48
N ARG C 90 -33.96 -39.87 -51.11
CA ARG C 90 -35.35 -40.32 -51.23
C ARG C 90 -36.26 -39.43 -50.38
N LEU C 91 -35.88 -39.26 -49.13
CA LEU C 91 -36.67 -38.43 -48.22
C LEU C 91 -36.67 -36.99 -48.68
N LYS C 92 -35.61 -36.60 -49.40
CA LYS C 92 -35.50 -35.24 -49.91
C LYS C 92 -36.54 -35.00 -51.00
N LYS C 93 -36.59 -35.88 -52.00
CA LYS C 93 -37.57 -35.69 -53.07
C LYS C 93 -39.00 -35.85 -52.56
N LEU C 94 -39.23 -36.88 -51.74
CA LEU C 94 -40.58 -37.10 -51.20
C LEU C 94 -41.03 -35.85 -50.49
N SER C 95 -40.08 -35.19 -49.82
CA SER C 95 -40.34 -33.96 -49.09
C SER C 95 -40.80 -32.85 -50.02
N ASP C 96 -40.10 -32.69 -51.15
CA ASP C 96 -40.45 -31.66 -52.12
C ASP C 96 -41.90 -31.83 -52.56
N GLU C 97 -42.34 -33.08 -52.66
CA GLU C 97 -43.69 -33.38 -53.07
C GLU C 97 -44.69 -33.02 -51.98
N LEU C 98 -44.48 -33.58 -50.79
CA LEU C 98 -45.37 -33.36 -49.67
C LEU C 98 -45.07 -32.11 -48.86
N LYS C 99 -44.10 -31.31 -49.29
CA LYS C 99 -43.73 -30.12 -48.55
C LYS C 99 -44.85 -29.14 -48.22
N GLY C 100 -46.01 -29.31 -48.86
CA GLY C 100 -47.11 -28.40 -48.59
C GLY C 100 -47.93 -28.78 -47.38
N ASP C 101 -47.78 -30.02 -46.94
CA ASP C 101 -48.53 -30.53 -45.80
C ASP C 101 -47.62 -30.91 -44.62
N LEU C 102 -46.40 -31.32 -44.95
CA LEU C 102 -45.42 -31.76 -43.95
C LEU C 102 -44.08 -31.06 -44.03
N SER C 103 -43.56 -30.67 -42.86
CA SER C 103 -42.23 -30.08 -42.78
C SER C 103 -41.40 -31.26 -42.29
N ILE C 104 -40.56 -31.78 -43.17
CA ILE C 104 -39.74 -32.92 -42.85
C ILE C 104 -38.33 -32.59 -42.40
N ILE C 105 -37.86 -33.35 -41.40
CA ILE C 105 -36.51 -33.23 -40.87
C ILE C 105 -36.06 -34.68 -40.72
N MET C 106 -34.82 -34.98 -41.11
CA MET C 106 -34.37 -36.35 -41.01
C MET C 106 -33.75 -36.74 -39.68
N ARG C 107 -34.03 -37.98 -39.28
CA ARG C 107 -33.49 -38.55 -38.05
C ARG C 107 -32.08 -39.01 -38.39
N ALA C 108 -31.09 -38.30 -37.85
CA ALA C 108 -29.70 -38.69 -38.07
C ALA C 108 -29.07 -38.84 -36.69
N TYR C 109 -29.59 -39.81 -35.92
CA TYR C 109 -29.15 -40.07 -34.55
C TYR C 109 -27.74 -40.66 -34.40
N LEU C 110 -26.90 -39.94 -33.66
CA LEU C 110 -25.50 -40.31 -33.42
C LEU C 110 -25.22 -40.92 -32.04
N GLU C 111 -26.16 -40.77 -31.12
CA GLU C 111 -25.99 -41.28 -29.76
C GLU C 111 -27.22 -42.05 -29.33
N LYS C 112 -27.02 -43.27 -28.88
CA LYS C 112 -28.12 -44.13 -28.47
C LYS C 112 -28.06 -44.53 -27.00
N PRO C 113 -29.13 -44.25 -26.24
CA PRO C 113 -29.18 -44.60 -24.81
C PRO C 113 -29.46 -46.10 -24.66
N ARG C 114 -28.59 -46.79 -23.93
CA ARG C 114 -28.74 -48.23 -23.73
C ARG C 114 -29.30 -48.58 -22.36
N THR C 115 -30.19 -49.58 -22.32
CA THR C 115 -30.79 -50.02 -21.07
C THR C 115 -29.66 -50.35 -20.09
N THR C 116 -28.68 -51.10 -20.56
CA THR C 116 -27.52 -51.47 -19.77
C THR C 116 -26.24 -51.22 -20.59
N VAL C 117 -26.01 -52.03 -21.62
CA VAL C 117 -24.82 -51.86 -22.46
C VAL C 117 -25.04 -52.21 -23.93
N GLY C 118 -24.13 -51.72 -24.78
CA GLY C 118 -24.20 -51.96 -26.22
C GLY C 118 -23.69 -50.77 -27.01
N TRP C 119 -23.68 -50.89 -28.34
CA TRP C 119 -23.22 -49.81 -29.23
C TRP C 119 -24.00 -48.52 -28.95
N LYS C 120 -23.28 -47.44 -28.68
CA LYS C 120 -23.93 -46.17 -28.36
C LYS C 120 -24.11 -45.22 -29.52
N GLY C 121 -23.60 -45.58 -30.70
CA GLY C 121 -23.75 -44.70 -31.86
C GLY C 121 -22.48 -44.42 -32.66
N LEU C 122 -22.63 -43.60 -33.70
CA LEU C 122 -21.53 -43.24 -34.59
C LEU C 122 -20.36 -42.49 -33.93
N ILE C 123 -20.68 -41.55 -33.05
CA ILE C 123 -19.63 -40.79 -32.38
C ILE C 123 -18.76 -41.65 -31.48
N ASN C 124 -19.41 -42.38 -30.57
CA ASN C 124 -18.71 -43.22 -29.61
C ASN C 124 -17.87 -44.36 -30.17
N ASP C 125 -18.32 -44.95 -31.27
CA ASP C 125 -17.59 -46.07 -31.85
C ASP C 125 -17.92 -46.20 -33.34
N PRO C 126 -17.44 -45.24 -34.15
CA PRO C 126 -17.66 -45.19 -35.60
C PRO C 126 -17.46 -46.50 -36.36
N ASP C 127 -16.54 -47.34 -35.89
CA ASP C 127 -16.26 -48.61 -36.56
C ASP C 127 -17.07 -49.78 -36.00
N VAL C 128 -17.97 -49.49 -35.05
CA VAL C 128 -18.81 -50.51 -34.41
C VAL C 128 -18.04 -51.80 -34.11
N ASN C 129 -16.81 -51.64 -33.64
CA ASN C 129 -15.97 -52.80 -33.33
C ASN C 129 -15.25 -52.56 -32.01
N ASN C 130 -15.93 -51.88 -31.10
CA ASN C 130 -15.39 -51.57 -29.78
C ASN C 130 -13.98 -51.00 -29.82
N THR C 131 -13.72 -50.09 -30.75
CA THR C 131 -12.42 -49.47 -30.83
C THR C 131 -12.52 -48.06 -30.23
N PHE C 132 -13.72 -47.52 -30.20
CA PHE C 132 -14.01 -46.22 -29.60
C PHE C 132 -13.14 -45.06 -30.06
N ASN C 133 -13.04 -44.87 -31.37
CA ASN C 133 -12.27 -43.78 -31.91
C ASN C 133 -13.22 -42.59 -31.91
N ILE C 134 -13.38 -41.95 -30.76
CA ILE C 134 -14.29 -40.83 -30.67
C ILE C 134 -13.92 -39.68 -31.62
N ASN C 135 -12.63 -39.37 -31.74
CA ASN C 135 -12.20 -38.30 -32.63
C ASN C 135 -12.75 -38.53 -34.04
N LYS C 136 -12.51 -39.73 -34.56
CA LYS C 136 -12.99 -40.10 -35.88
C LYS C 136 -14.52 -40.11 -35.89
N GLY C 137 -15.10 -40.55 -34.77
CA GLY C 137 -16.55 -40.60 -34.66
C GLY C 137 -17.10 -39.19 -34.83
N LEU C 138 -16.43 -38.23 -34.20
CA LEU C 138 -16.85 -36.85 -34.29
C LEU C 138 -16.70 -36.38 -35.74
N GLN C 139 -15.62 -36.77 -36.40
CA GLN C 139 -15.37 -36.40 -37.79
C GLN C 139 -16.49 -36.94 -38.70
N SER C 140 -16.80 -38.23 -38.57
CA SER C 140 -17.86 -38.87 -39.35
C SER C 140 -19.19 -38.15 -39.16
N ALA C 141 -19.54 -37.95 -37.90
CA ALA C 141 -20.79 -37.31 -37.55
C ALA C 141 -20.93 -35.96 -38.23
N ARG C 142 -19.91 -35.13 -38.13
CA ARG C 142 -19.97 -33.81 -38.72
C ARG C 142 -20.04 -33.89 -40.23
N GLN C 143 -19.22 -34.74 -40.82
CA GLN C 143 -19.23 -34.91 -42.26
C GLN C 143 -20.62 -35.35 -42.66
N LEU C 144 -21.16 -36.29 -41.89
CA LEU C 144 -22.50 -36.80 -42.15
C LEU C 144 -23.50 -35.66 -42.14
N PHE C 145 -23.43 -34.84 -41.09
CA PHE C 145 -24.32 -33.70 -40.94
C PHE C 145 -24.21 -32.74 -42.10
N VAL C 146 -22.99 -32.44 -42.52
CA VAL C 146 -22.80 -31.52 -43.65
C VAL C 146 -23.36 -32.21 -44.91
N ASN C 147 -22.99 -33.49 -45.10
CA ASN C 147 -23.45 -34.26 -46.27
C ASN C 147 -24.95 -34.24 -46.42
N LEU C 148 -25.65 -34.39 -45.31
CA LEU C 148 -27.11 -34.42 -45.33
C LEU C 148 -27.73 -33.05 -45.59
N THR C 149 -27.38 -32.07 -44.75
CA THR C 149 -27.92 -30.73 -44.87
C THR C 149 -27.46 -30.04 -46.16
N ASN C 150 -26.43 -30.59 -46.79
CA ASN C 150 -25.93 -29.98 -48.02
C ASN C 150 -26.91 -30.17 -49.15
N ILE C 151 -27.80 -31.16 -49.06
CA ILE C 151 -28.78 -31.38 -50.12
C ILE C 151 -30.13 -30.80 -49.76
N GLY C 152 -30.13 -29.84 -48.85
CA GLY C 152 -31.35 -29.17 -48.44
C GLY C 152 -32.27 -29.89 -47.48
N LEU C 153 -31.81 -31.00 -46.89
CA LEU C 153 -32.66 -31.75 -45.94
C LEU C 153 -32.30 -31.49 -44.47
N PRO C 154 -33.20 -30.86 -43.71
CA PRO C 154 -32.90 -30.61 -42.30
C PRO C 154 -32.78 -31.92 -41.53
N ILE C 155 -31.90 -31.94 -40.54
CA ILE C 155 -31.65 -33.14 -39.74
C ILE C 155 -31.86 -32.87 -38.25
N GLY C 156 -32.10 -33.94 -37.51
CA GLY C 156 -32.31 -33.83 -36.08
C GLY C 156 -31.64 -35.00 -35.40
N SER C 157 -31.31 -34.86 -34.12
CA SER C 157 -30.66 -35.95 -33.39
C SER C 157 -31.00 -35.88 -31.90
N GLU C 158 -30.76 -36.97 -31.18
CA GLU C 158 -31.01 -36.96 -29.75
C GLU C 158 -29.78 -36.39 -29.10
N MET C 159 -29.99 -35.43 -28.22
CA MET C 159 -28.90 -34.80 -27.51
C MET C 159 -28.68 -35.59 -26.24
N LEU C 160 -27.89 -36.65 -26.32
CA LEU C 160 -27.62 -37.45 -25.12
C LEU C 160 -26.38 -36.87 -24.43
N ASP C 161 -25.32 -36.71 -25.20
CA ASP C 161 -24.05 -36.16 -24.71
C ASP C 161 -24.22 -34.65 -24.55
N THR C 162 -23.69 -34.07 -23.48
CA THR C 162 -23.80 -32.63 -23.30
C THR C 162 -22.57 -31.92 -23.91
N ILE C 163 -21.65 -32.71 -24.45
CA ILE C 163 -20.44 -32.15 -25.05
C ILE C 163 -20.45 -32.16 -26.59
N SER C 164 -20.91 -33.25 -27.19
CA SER C 164 -20.92 -33.35 -28.64
C SER C 164 -21.74 -32.26 -29.34
N PRO C 165 -22.77 -31.71 -28.69
CA PRO C 165 -23.53 -30.68 -29.40
C PRO C 165 -22.62 -29.55 -29.91
N GLN C 166 -21.59 -29.22 -29.12
CA GLN C 166 -20.64 -28.17 -29.48
C GLN C 166 -20.02 -28.39 -30.84
N TYR C 167 -19.88 -29.64 -31.24
CA TYR C 167 -19.27 -29.96 -32.52
C TYR C 167 -20.25 -30.01 -33.68
N LEU C 168 -21.54 -30.08 -33.39
CA LEU C 168 -22.54 -30.23 -34.44
C LEU C 168 -23.74 -29.29 -34.46
N ALA C 169 -23.95 -28.55 -33.37
CA ALA C 169 -25.09 -27.64 -33.24
C ALA C 169 -25.44 -26.74 -34.44
N ASP C 170 -24.42 -26.28 -35.17
CA ASP C 170 -24.64 -25.41 -36.31
C ASP C 170 -25.24 -26.09 -37.53
N LEU C 171 -25.53 -27.39 -37.40
CA LEU C 171 -26.09 -28.14 -38.51
C LEU C 171 -27.42 -28.82 -38.15
N VAL C 172 -27.78 -28.69 -36.87
CA VAL C 172 -28.99 -29.31 -36.33
C VAL C 172 -30.22 -28.40 -36.33
N SER C 173 -31.36 -28.96 -36.71
CA SER C 173 -32.62 -28.22 -36.74
C SER C 173 -33.59 -28.62 -35.63
N PHE C 174 -33.41 -29.82 -35.08
CA PHE C 174 -34.26 -30.33 -34.00
C PHE C 174 -33.43 -31.15 -33.03
N GLY C 175 -33.81 -31.11 -31.76
CA GLY C 175 -33.09 -31.88 -30.77
C GLY C 175 -34.06 -32.64 -29.89
N ALA C 176 -33.76 -33.90 -29.63
CA ALA C 176 -34.62 -34.70 -28.78
C ALA C 176 -33.88 -35.07 -27.49
N ILE C 177 -34.59 -35.05 -26.36
CA ILE C 177 -33.98 -35.45 -25.08
C ILE C 177 -34.71 -36.75 -24.76
N GLY C 178 -33.94 -37.83 -24.72
CA GLY C 178 -34.51 -39.14 -24.46
C GLY C 178 -35.40 -39.26 -23.25
N ALA C 179 -36.24 -40.27 -23.27
CA ALA C 179 -37.16 -40.54 -22.16
C ALA C 179 -36.35 -40.83 -20.90
N ARG C 180 -35.15 -41.37 -21.10
CA ARG C 180 -34.25 -41.72 -20.01
C ARG C 180 -33.44 -40.56 -19.44
N THR C 181 -33.57 -39.39 -20.06
CA THR C 181 -32.85 -38.20 -19.61
C THR C 181 -33.75 -36.96 -19.49
N THR C 182 -35.03 -37.10 -19.81
CA THR C 182 -35.93 -35.96 -19.72
C THR C 182 -35.93 -35.39 -18.30
N GLU C 183 -35.72 -36.27 -17.32
CA GLU C 183 -35.71 -35.88 -15.90
C GLU C 183 -34.38 -35.31 -15.44
N SER C 184 -33.34 -35.53 -16.24
CA SER C 184 -31.99 -35.07 -15.93
C SER C 184 -31.84 -33.55 -15.98
N GLN C 185 -31.52 -32.95 -14.85
CA GLN C 185 -31.35 -31.52 -14.79
C GLN C 185 -30.27 -31.07 -15.76
N LEU C 186 -29.27 -31.92 -15.98
CA LEU C 186 -28.20 -31.58 -16.92
C LEU C 186 -28.69 -31.46 -18.34
N HIS C 187 -29.69 -32.25 -18.72
CA HIS C 187 -30.20 -32.17 -20.08
C HIS C 187 -31.20 -31.02 -20.17
N ARG C 188 -31.77 -30.64 -19.04
CA ARG C 188 -32.70 -29.52 -19.01
C ARG C 188 -31.90 -28.23 -19.18
N GLU C 189 -30.69 -28.22 -18.62
CA GLU C 189 -29.79 -27.07 -18.72
C GLU C 189 -29.25 -27.02 -20.16
N LEU C 190 -28.92 -28.17 -20.72
CA LEU C 190 -28.44 -28.22 -22.10
C LEU C 190 -29.47 -27.63 -23.07
N ALA C 191 -30.70 -28.12 -22.97
CA ALA C 191 -31.79 -27.67 -23.83
C ALA C 191 -32.07 -26.17 -23.74
N SER C 192 -31.90 -25.62 -22.55
CA SER C 192 -32.14 -24.20 -22.32
C SER C 192 -31.19 -23.32 -23.13
N GLY C 193 -30.10 -23.92 -23.61
CA GLY C 193 -29.12 -23.19 -24.38
C GLY C 193 -28.94 -23.66 -25.82
N LEU C 194 -29.80 -24.57 -26.27
CA LEU C 194 -29.73 -25.08 -27.63
C LEU C 194 -30.49 -24.14 -28.55
N SER C 195 -29.87 -23.80 -29.69
CA SER C 195 -30.47 -22.86 -30.64
C SER C 195 -31.43 -23.45 -31.67
N PHE C 196 -32.30 -24.34 -31.22
CA PHE C 196 -33.31 -24.97 -32.07
C PHE C 196 -34.34 -25.67 -31.21
N PRO C 197 -35.49 -26.04 -31.80
CA PRO C 197 -36.53 -26.72 -31.02
C PRO C 197 -36.06 -28.01 -30.35
N VAL C 198 -36.55 -28.26 -29.14
CA VAL C 198 -36.19 -29.45 -28.38
C VAL C 198 -37.42 -30.24 -27.92
N GLY C 199 -37.45 -31.52 -28.29
CA GLY C 199 -38.56 -32.37 -27.91
C GLY C 199 -38.16 -33.25 -26.73
N PHE C 200 -38.97 -33.22 -25.68
CA PHE C 200 -38.72 -34.01 -24.49
C PHE C 200 -39.64 -35.23 -24.48
N LYS C 201 -39.07 -36.42 -24.53
CA LYS C 201 -39.87 -37.65 -24.51
C LYS C 201 -40.48 -37.83 -23.11
N ASN C 202 -41.68 -38.40 -23.03
CA ASN C 202 -42.28 -38.64 -21.71
C ASN C 202 -41.41 -39.71 -21.04
N GLY C 203 -41.56 -39.90 -19.74
CA GLY C 203 -40.76 -40.89 -19.04
C GLY C 203 -41.01 -42.31 -19.52
N THR C 204 -40.06 -43.19 -19.27
CA THR C 204 -40.21 -44.59 -19.69
C THR C 204 -41.38 -45.28 -18.97
N ASP C 205 -41.82 -44.69 -17.86
CA ASP C 205 -42.93 -45.25 -17.10
C ASP C 205 -44.24 -44.93 -17.83
N GLY C 206 -44.14 -44.09 -18.86
CA GLY C 206 -45.29 -43.75 -19.66
C GLY C 206 -46.08 -42.50 -19.31
N THR C 207 -45.62 -41.72 -18.32
CA THR C 207 -46.32 -40.50 -17.95
C THR C 207 -45.64 -39.24 -18.48
N LEU C 208 -46.43 -38.15 -18.58
CA LEU C 208 -45.98 -36.86 -19.12
C LEU C 208 -45.39 -35.83 -18.17
N ASN C 209 -45.70 -35.93 -16.89
CA ASN C 209 -45.19 -34.98 -15.92
C ASN C 209 -43.73 -34.55 -16.12
N VAL C 210 -42.81 -35.51 -16.18
CA VAL C 210 -41.40 -35.17 -16.34
C VAL C 210 -41.07 -34.38 -17.60
N ALA C 211 -41.76 -34.68 -18.70
CA ALA C 211 -41.53 -33.95 -19.95
C ALA C 211 -42.13 -32.56 -19.81
N VAL C 212 -43.28 -32.50 -19.15
CA VAL C 212 -43.95 -31.22 -18.92
C VAL C 212 -43.01 -30.37 -18.07
N ASP C 213 -42.47 -30.96 -17.02
CA ASP C 213 -41.56 -30.26 -16.13
C ASP C 213 -40.29 -29.81 -16.85
N ALA C 214 -39.76 -30.67 -17.72
CA ALA C 214 -38.55 -30.36 -18.46
C ALA C 214 -38.73 -29.15 -19.37
N CYS C 215 -39.89 -29.06 -20.01
CA CYS C 215 -40.17 -27.94 -20.93
C CYS C 215 -40.17 -26.63 -20.17
N GLN C 216 -40.75 -26.66 -18.98
CA GLN C 216 -40.81 -25.47 -18.17
C GLN C 216 -39.42 -25.15 -17.62
N ALA C 217 -38.70 -26.18 -17.19
CA ALA C 217 -37.37 -26.00 -16.65
C ALA C 217 -36.43 -25.42 -17.70
N ALA C 218 -36.50 -25.96 -18.92
CA ALA C 218 -35.64 -25.52 -20.01
C ALA C 218 -35.98 -24.15 -20.57
N ALA C 219 -37.14 -23.61 -20.22
CA ALA C 219 -37.53 -22.28 -20.71
C ALA C 219 -36.82 -21.19 -19.91
N HIS C 220 -36.14 -21.58 -18.84
CA HIS C 220 -35.44 -20.65 -17.96
C HIS C 220 -33.97 -20.54 -18.30
N SER C 221 -33.33 -19.47 -17.81
CA SER C 221 -31.90 -19.30 -18.03
C SER C 221 -31.24 -20.14 -16.95
N HIS C 222 -30.11 -20.75 -17.30
CA HIS C 222 -29.38 -21.59 -16.38
C HIS C 222 -27.91 -21.20 -16.38
N HIS C 223 -27.24 -21.48 -15.27
CA HIS C 223 -25.81 -21.20 -15.09
C HIS C 223 -25.18 -22.53 -14.75
N PHE C 224 -24.15 -22.93 -15.48
CA PHE C 224 -23.51 -24.22 -15.23
C PHE C 224 -22.22 -24.37 -16.01
N MET C 225 -21.40 -25.33 -15.62
CA MET C 225 -20.13 -25.58 -16.26
C MET C 225 -20.28 -26.42 -17.51
N GLY C 226 -19.68 -25.96 -18.59
CA GLY C 226 -19.80 -26.70 -19.84
C GLY C 226 -18.55 -26.51 -20.68
N VAL C 227 -18.40 -27.36 -21.69
CA VAL C 227 -17.24 -27.26 -22.57
C VAL C 227 -17.51 -26.30 -23.72
N THR C 228 -16.57 -25.38 -23.95
CA THR C 228 -16.70 -24.40 -25.03
C THR C 228 -16.16 -24.96 -26.33
N LYS C 229 -16.20 -24.13 -27.38
CA LYS C 229 -15.72 -24.56 -28.69
C LYS C 229 -14.20 -24.65 -28.70
N HIS C 230 -13.58 -24.15 -27.64
CA HIS C 230 -12.13 -24.19 -27.54
C HIS C 230 -11.72 -25.46 -26.81
N GLY C 231 -12.71 -26.24 -26.39
CA GLY C 231 -12.42 -27.49 -25.72
C GLY C 231 -12.12 -27.35 -24.24
N VAL C 232 -12.37 -26.17 -23.67
CA VAL C 232 -12.13 -25.99 -22.25
C VAL C 232 -13.45 -25.81 -21.52
N ALA C 233 -13.42 -26.03 -20.20
CA ALA C 233 -14.60 -25.88 -19.37
C ALA C 233 -14.70 -24.44 -18.89
N ALA C 234 -15.91 -23.89 -18.99
CA ALA C 234 -16.21 -22.54 -18.57
C ALA C 234 -17.62 -22.53 -17.97
N ILE C 235 -17.99 -21.42 -17.36
CA ILE C 235 -19.30 -21.25 -16.75
C ILE C 235 -20.22 -20.71 -17.83
N THR C 236 -21.20 -21.51 -18.23
CA THR C 236 -22.13 -21.10 -19.26
C THR C 236 -23.38 -20.45 -18.67
N THR C 237 -23.93 -19.48 -19.40
CA THR C 237 -25.17 -18.83 -18.99
C THR C 237 -26.07 -18.91 -20.22
N THR C 238 -27.23 -19.52 -20.07
CA THR C 238 -28.17 -19.66 -21.19
C THR C 238 -29.31 -18.67 -21.02
N LYS C 239 -30.11 -18.48 -22.06
CA LYS C 239 -31.23 -17.55 -21.98
C LYS C 239 -32.54 -18.29 -21.73
N GLY C 240 -32.57 -19.59 -22.07
CA GLY C 240 -33.77 -20.38 -21.91
C GLY C 240 -34.37 -20.67 -23.27
N ASN C 241 -34.96 -21.85 -23.43
CA ASN C 241 -35.54 -22.24 -24.71
C ASN C 241 -37.07 -22.27 -24.60
N GLU C 242 -37.74 -21.44 -25.40
CA GLU C 242 -39.19 -21.39 -25.38
C GLU C 242 -39.79 -22.32 -26.44
N HIS C 243 -38.92 -23.01 -27.18
CA HIS C 243 -39.35 -23.93 -28.23
C HIS C 243 -39.17 -25.40 -27.89
N CYS C 244 -39.55 -25.74 -26.66
CA CYS C 244 -39.48 -27.12 -26.18
C CYS C 244 -40.91 -27.66 -26.16
N PHE C 245 -41.05 -28.90 -26.60
CA PHE C 245 -42.36 -29.53 -26.61
C PHE C 245 -42.26 -30.97 -26.15
N VAL C 246 -43.40 -31.54 -25.80
CA VAL C 246 -43.48 -32.91 -25.32
C VAL C 246 -43.68 -33.88 -26.46
N ILE C 247 -42.99 -35.03 -26.38
CA ILE C 247 -43.13 -36.07 -27.38
C ILE C 247 -43.75 -37.29 -26.69
N LEU C 248 -44.88 -37.75 -27.22
CA LEU C 248 -45.58 -38.90 -26.66
C LEU C 248 -44.95 -40.15 -27.30
N ARG C 249 -44.35 -41.00 -26.45
CA ARG C 249 -43.68 -42.19 -26.94
C ARG C 249 -44.00 -43.46 -26.17
N GLY C 250 -45.14 -43.49 -25.48
CA GLY C 250 -45.50 -44.68 -24.73
C GLY C 250 -44.67 -44.99 -23.50
N GLY C 251 -44.92 -46.14 -22.89
CA GLY C 251 -44.18 -46.51 -21.70
C GLY C 251 -44.88 -47.63 -20.97
N LYS C 252 -44.39 -47.95 -19.78
CA LYS C 252 -44.94 -49.03 -18.98
C LYS C 252 -46.44 -48.95 -18.75
N LYS C 253 -46.96 -47.75 -18.46
CA LYS C 253 -48.39 -47.63 -18.23
C LYS C 253 -49.24 -47.70 -19.50
N GLY C 254 -48.60 -47.81 -20.66
CA GLY C 254 -49.36 -47.92 -21.90
C GLY C 254 -49.04 -46.94 -23.01
N THR C 255 -49.45 -47.28 -24.23
CA THR C 255 -49.24 -46.45 -25.40
C THR C 255 -50.07 -45.18 -25.23
N ASN C 256 -49.61 -44.08 -25.82
CA ASN C 256 -50.34 -42.82 -25.67
C ASN C 256 -50.51 -42.02 -26.96
N TYR C 257 -50.91 -42.70 -28.03
CA TYR C 257 -51.11 -42.02 -29.31
C TYR C 257 -52.59 -41.95 -29.66
N ASP C 258 -53.44 -42.47 -28.77
CA ASP C 258 -54.88 -42.48 -28.98
C ASP C 258 -55.50 -41.16 -28.53
N ALA C 259 -56.71 -40.89 -29.00
CA ALA C 259 -57.38 -39.64 -28.67
C ALA C 259 -57.60 -39.43 -27.19
N LYS C 260 -57.76 -40.51 -26.43
CA LYS C 260 -57.97 -40.34 -25.00
C LYS C 260 -56.67 -39.90 -24.35
N SER C 261 -55.57 -40.58 -24.72
CA SER C 261 -54.26 -40.23 -24.19
C SER C 261 -53.91 -38.80 -24.56
N VAL C 262 -54.11 -38.45 -25.83
CA VAL C 262 -53.82 -37.12 -26.32
C VAL C 262 -54.58 -36.06 -25.52
N ALA C 263 -55.87 -36.32 -25.28
CA ALA C 263 -56.72 -35.39 -24.53
C ALA C 263 -56.20 -35.22 -23.11
N GLU C 264 -55.76 -36.33 -22.50
CA GLU C 264 -55.24 -36.28 -21.15
C GLU C 264 -53.95 -35.46 -21.13
N ALA C 265 -53.15 -35.61 -22.19
CA ALA C 265 -51.89 -34.88 -22.31
C ALA C 265 -52.19 -33.39 -22.36
N LYS C 266 -53.05 -33.00 -23.29
CA LYS C 266 -53.43 -31.60 -23.46
C LYS C 266 -53.93 -31.03 -22.14
N ALA C 267 -54.56 -31.90 -21.35
CA ALA C 267 -55.10 -31.50 -20.05
C ALA C 267 -54.00 -31.02 -19.11
N GLN C 268 -52.81 -31.61 -19.19
CA GLN C 268 -51.74 -31.14 -18.31
C GLN C 268 -50.74 -30.19 -18.93
N LEU C 269 -50.97 -29.82 -20.19
CA LEU C 269 -50.08 -28.86 -20.83
C LEU C 269 -50.51 -27.50 -20.30
N PRO C 270 -49.59 -26.74 -19.71
CA PRO C 270 -49.92 -25.42 -19.16
C PRO C 270 -50.13 -24.31 -20.20
N ALA C 271 -49.88 -23.08 -19.77
CA ALA C 271 -50.02 -21.89 -20.60
C ALA C 271 -48.75 -21.70 -21.43
N GLY C 272 -48.92 -21.27 -22.68
CA GLY C 272 -47.77 -21.06 -23.54
C GLY C 272 -47.18 -22.37 -24.02
N SER C 273 -47.92 -23.46 -23.81
CA SER C 273 -47.45 -24.79 -24.21
C SER C 273 -47.43 -24.96 -25.73
N ASN C 274 -46.30 -25.44 -26.24
CA ASN C 274 -46.14 -25.68 -27.66
C ASN C 274 -46.92 -26.92 -28.07
N GLY C 275 -47.04 -27.13 -29.38
CA GLY C 275 -47.76 -28.29 -29.85
C GLY C 275 -47.06 -29.56 -29.43
N LEU C 276 -47.81 -30.65 -29.32
CA LEU C 276 -47.22 -31.91 -28.92
C LEU C 276 -46.92 -32.80 -30.13
N MET C 277 -45.88 -33.62 -29.99
CA MET C 277 -45.48 -34.52 -31.06
C MET C 277 -45.74 -35.95 -30.62
N ILE C 278 -46.02 -36.82 -31.59
CA ILE C 278 -46.26 -38.21 -31.25
C ILE C 278 -45.29 -39.08 -31.97
N ASP C 279 -44.62 -39.92 -31.19
CA ASP C 279 -43.64 -40.87 -31.70
C ASP C 279 -44.41 -42.14 -32.02
N TYR C 280 -44.26 -42.66 -33.24
CA TYR C 280 -44.96 -43.88 -33.66
C TYR C 280 -44.25 -45.13 -33.18
N SER C 281 -42.98 -44.98 -32.83
CA SER C 281 -42.19 -46.11 -32.40
C SER C 281 -41.96 -46.19 -30.89
N HIS C 282 -40.94 -46.95 -30.51
CA HIS C 282 -40.58 -47.14 -29.11
C HIS C 282 -41.78 -47.59 -28.29
N GLY C 283 -42.11 -46.84 -27.25
CA GLY C 283 -43.23 -47.23 -26.41
C GLY C 283 -44.54 -47.42 -27.15
N ASN C 284 -44.74 -46.70 -28.24
CA ASN C 284 -45.97 -46.78 -28.99
C ASN C 284 -46.02 -47.87 -30.06
N SER C 285 -44.86 -48.37 -30.50
CA SER C 285 -44.83 -49.42 -31.51
C SER C 285 -45.08 -50.72 -30.78
N ASN C 286 -44.86 -50.69 -29.46
CA ASN C 286 -45.11 -51.85 -28.62
C ASN C 286 -44.24 -53.06 -28.97
N LYS C 287 -42.96 -52.83 -29.21
CA LYS C 287 -42.02 -53.91 -29.54
C LYS C 287 -42.11 -54.46 -30.96
N ASP C 288 -43.01 -53.90 -31.76
CA ASP C 288 -43.14 -54.35 -33.15
C ASP C 288 -43.14 -53.11 -34.04
N PHE C 289 -42.15 -53.02 -34.92
CA PHE C 289 -42.04 -51.87 -35.82
C PHE C 289 -43.21 -51.79 -36.79
N ARG C 290 -43.80 -52.95 -37.07
CA ARG C 290 -44.93 -53.05 -37.99
C ARG C 290 -46.13 -52.29 -37.45
N ASN C 291 -46.06 -51.84 -36.20
CA ASN C 291 -47.17 -51.11 -35.61
C ASN C 291 -47.12 -49.61 -35.90
N GLN C 292 -45.97 -49.12 -36.36
CA GLN C 292 -45.85 -47.70 -36.67
C GLN C 292 -46.92 -47.24 -37.65
N PRO C 293 -47.13 -48.01 -38.74
CA PRO C 293 -48.17 -47.60 -39.70
C PRO C 293 -49.56 -47.65 -39.09
N LYS C 294 -49.73 -48.51 -38.09
CA LYS C 294 -51.01 -48.62 -37.42
C LYS C 294 -51.22 -47.42 -36.50
N VAL C 295 -50.14 -46.97 -35.85
CA VAL C 295 -50.22 -45.80 -34.99
C VAL C 295 -50.57 -44.61 -35.87
N ASN C 296 -49.98 -44.58 -37.08
CA ASN C 296 -50.23 -43.49 -38.02
C ASN C 296 -51.72 -43.37 -38.36
N ASP C 297 -52.35 -44.50 -38.70
CA ASP C 297 -53.77 -44.46 -39.03
C ASP C 297 -54.54 -43.84 -37.88
N VAL C 298 -54.24 -44.31 -36.67
CA VAL C 298 -54.88 -43.80 -35.47
C VAL C 298 -54.61 -42.31 -35.27
N VAL C 299 -53.42 -41.88 -35.67
CA VAL C 299 -53.03 -40.48 -35.53
C VAL C 299 -53.72 -39.62 -36.60
N CYS C 300 -53.57 -39.99 -37.86
CA CYS C 300 -54.19 -39.25 -38.96
C CYS C 300 -55.68 -39.06 -38.72
N GLU C 301 -56.30 -40.04 -38.08
CA GLU C 301 -57.71 -39.99 -37.78
C GLU C 301 -58.01 -38.74 -36.97
N GLN C 302 -57.25 -38.52 -35.91
CA GLN C 302 -57.43 -37.36 -35.04
C GLN C 302 -57.10 -36.06 -35.77
N ILE C 303 -56.01 -36.09 -36.53
CA ILE C 303 -55.59 -34.92 -37.28
C ILE C 303 -56.68 -34.49 -38.29
N ALA C 304 -57.14 -35.44 -39.10
CA ALA C 304 -58.17 -35.19 -40.11
C ALA C 304 -59.47 -34.69 -39.49
N ASN C 305 -59.80 -35.21 -38.31
CA ASN C 305 -61.03 -34.80 -37.65
C ASN C 305 -60.87 -33.48 -36.92
N GLY C 306 -59.71 -32.86 -37.06
CA GLY C 306 -59.51 -31.57 -36.43
C GLY C 306 -58.67 -31.48 -35.16
N GLU C 307 -57.73 -32.40 -34.96
CA GLU C 307 -56.89 -32.31 -33.78
C GLU C 307 -55.73 -31.38 -34.10
N ASN C 308 -55.80 -30.17 -33.57
CA ASN C 308 -54.79 -29.15 -33.80
C ASN C 308 -53.66 -29.17 -32.77
N ALA C 309 -53.84 -29.93 -31.71
CA ALA C 309 -52.81 -30.04 -30.67
C ALA C 309 -51.67 -30.91 -31.16
N ILE C 310 -51.98 -31.89 -32.01
CA ILE C 310 -50.96 -32.75 -32.55
C ILE C 310 -50.30 -31.95 -33.67
N THR C 311 -49.07 -31.48 -33.43
CA THR C 311 -48.35 -30.68 -34.42
C THR C 311 -47.15 -31.39 -35.01
N GLY C 312 -46.83 -32.58 -34.50
CA GLY C 312 -45.68 -33.28 -35.03
C GLY C 312 -45.71 -34.78 -34.78
N VAL C 313 -44.88 -35.51 -35.51
CA VAL C 313 -44.80 -36.95 -35.36
C VAL C 313 -43.36 -37.42 -35.56
N MET C 314 -43.04 -38.58 -34.99
CA MET C 314 -41.70 -39.14 -35.12
C MET C 314 -41.81 -40.54 -35.68
N ILE C 315 -40.94 -40.86 -36.63
CA ILE C 315 -40.96 -42.15 -37.30
C ILE C 315 -39.56 -42.76 -37.45
N GLU C 316 -39.41 -44.03 -37.04
CA GLU C 316 -38.13 -44.71 -37.16
C GLU C 316 -38.15 -45.55 -38.44
N SER C 317 -37.51 -45.06 -39.49
CA SER C 317 -37.52 -45.79 -40.75
C SER C 317 -36.19 -45.78 -41.48
N ASN C 318 -35.89 -46.89 -42.13
CA ASN C 318 -34.66 -47.03 -42.90
C ASN C 318 -35.02 -47.39 -44.35
N ILE C 319 -34.01 -47.68 -45.16
CA ILE C 319 -34.26 -48.05 -46.55
C ILE C 319 -34.93 -49.42 -46.58
N ASN C 320 -34.56 -50.28 -45.65
CA ASN C 320 -35.11 -51.61 -45.55
C ASN C 320 -35.54 -51.85 -44.11
N GLU C 321 -36.76 -52.34 -43.93
CA GLU C 321 -37.33 -52.60 -42.62
C GLU C 321 -36.54 -53.59 -41.76
N GLY C 322 -36.88 -53.59 -40.48
CA GLY C 322 -36.23 -54.49 -39.54
C GLY C 322 -34.95 -53.91 -38.99
N ASN C 323 -34.11 -54.81 -38.50
CA ASN C 323 -32.82 -54.45 -37.95
C ASN C 323 -31.94 -55.69 -38.04
N GLN C 324 -30.70 -55.59 -37.59
CA GLN C 324 -29.80 -56.73 -37.68
C GLN C 324 -28.79 -56.74 -36.54
N GLY C 325 -27.97 -57.79 -36.47
CA GLY C 325 -26.96 -57.87 -35.44
C GLY C 325 -25.57 -57.62 -35.98
N ILE C 326 -24.59 -57.46 -35.09
CA ILE C 326 -23.21 -57.24 -35.50
C ILE C 326 -22.49 -58.59 -35.42
N PRO C 327 -21.93 -59.06 -36.55
CA PRO C 327 -21.22 -60.34 -36.67
C PRO C 327 -19.75 -60.40 -36.25
N ALA C 328 -19.09 -61.48 -36.67
CA ALA C 328 -17.68 -61.71 -36.40
C ALA C 328 -16.93 -60.72 -37.27
N GLU C 329 -17.49 -60.48 -38.45
CA GLU C 329 -16.93 -59.51 -39.37
C GLU C 329 -17.20 -58.16 -38.73
N GLY C 330 -16.81 -57.08 -39.42
CA GLY C 330 -17.04 -55.76 -38.86
C GLY C 330 -18.25 -55.15 -39.51
N LYS C 331 -18.22 -53.83 -39.70
CA LYS C 331 -19.33 -53.15 -40.33
C LYS C 331 -19.27 -53.55 -41.80
N ALA C 332 -18.54 -54.62 -42.07
CA ALA C 332 -18.36 -55.13 -43.43
C ALA C 332 -19.39 -56.21 -43.75
N GLY C 333 -19.60 -57.12 -42.81
CA GLY C 333 -20.55 -58.19 -43.05
C GLY C 333 -21.95 -57.93 -42.52
N LEU C 334 -22.67 -56.98 -43.12
CA LEU C 334 -24.03 -56.69 -42.68
C LEU C 334 -24.88 -56.07 -43.77
N LYS C 335 -26.18 -56.33 -43.69
CA LYS C 335 -27.15 -55.83 -44.66
C LYS C 335 -27.13 -54.31 -44.78
N TYR C 336 -27.20 -53.85 -46.02
CA TYR C 336 -27.17 -52.43 -46.36
C TYR C 336 -28.07 -51.51 -45.53
N GLY C 337 -29.24 -51.19 -46.08
CA GLY C 337 -30.16 -50.30 -45.41
C GLY C 337 -30.97 -50.85 -44.24
N VAL C 338 -30.33 -51.56 -43.32
CA VAL C 338 -31.05 -52.07 -42.16
C VAL C 338 -30.32 -51.75 -40.86
N SER C 339 -31.09 -51.20 -39.93
CA SER C 339 -30.60 -50.78 -38.63
C SER C 339 -29.84 -51.86 -37.87
N ILE C 340 -28.80 -51.46 -37.14
CA ILE C 340 -28.05 -52.42 -36.34
C ILE C 340 -28.44 -52.20 -34.88
N THR C 341 -29.46 -51.38 -34.66
CA THR C 341 -29.99 -51.08 -33.34
C THR C 341 -31.47 -51.52 -33.33
N ASP C 342 -32.39 -50.57 -33.15
CA ASP C 342 -33.83 -50.89 -33.15
C ASP C 342 -34.34 -51.07 -34.58
N ALA C 343 -35.40 -51.87 -34.73
CA ALA C 343 -35.98 -52.13 -36.05
C ALA C 343 -36.81 -50.95 -36.58
N CYS C 344 -36.69 -50.71 -37.89
CA CYS C 344 -37.42 -49.62 -38.52
C CYS C 344 -38.34 -50.15 -39.61
N ILE C 345 -39.20 -49.29 -40.16
CA ILE C 345 -40.05 -49.68 -41.25
C ILE C 345 -39.24 -49.39 -42.51
N GLY C 346 -39.49 -50.14 -43.59
CA GLY C 346 -38.75 -49.90 -44.82
C GLY C 346 -39.18 -48.62 -45.51
N TRP C 347 -38.44 -48.19 -46.52
CA TRP C 347 -38.76 -46.95 -47.25
C TRP C 347 -40.17 -46.91 -47.85
N GLU C 348 -40.53 -47.95 -48.58
CA GLU C 348 -41.84 -47.98 -49.19
C GLU C 348 -42.95 -47.79 -48.16
N THR C 349 -42.86 -48.46 -47.02
CA THR C 349 -43.87 -48.32 -45.97
C THR C 349 -43.94 -46.88 -45.49
N THR C 350 -42.77 -46.26 -45.36
CA THR C 350 -42.67 -44.89 -44.90
C THR C 350 -43.40 -43.94 -45.84
N GLU C 351 -43.37 -44.22 -47.14
CA GLU C 351 -44.05 -43.38 -48.12
C GLU C 351 -45.57 -43.36 -47.94
N ASP C 352 -46.17 -44.53 -47.73
CA ASP C 352 -47.61 -44.63 -47.56
C ASP C 352 -48.01 -43.87 -46.30
N VAL C 353 -47.22 -44.05 -45.26
CA VAL C 353 -47.48 -43.38 -44.00
C VAL C 353 -47.47 -41.86 -44.17
N LEU C 354 -46.40 -41.35 -44.77
CA LEU C 354 -46.28 -39.91 -44.98
C LEU C 354 -47.31 -39.41 -45.98
N ARG C 355 -47.63 -40.26 -46.96
CA ARG C 355 -48.62 -39.92 -47.98
C ARG C 355 -49.96 -39.75 -47.27
N LYS C 356 -50.32 -40.74 -46.45
CA LYS C 356 -51.57 -40.72 -45.69
C LYS C 356 -51.54 -39.59 -44.69
N LEU C 357 -50.36 -39.34 -44.13
CA LEU C 357 -50.19 -38.29 -43.14
C LEU C 357 -50.50 -36.93 -43.75
N ALA C 358 -49.86 -36.61 -44.88
CA ALA C 358 -50.08 -35.34 -45.55
C ALA C 358 -51.56 -35.14 -45.88
N ALA C 359 -52.22 -36.23 -46.25
CA ALA C 359 -53.65 -36.20 -46.59
C ALA C 359 -54.49 -35.81 -45.38
N ALA C 360 -54.13 -36.33 -44.21
CA ALA C 360 -54.86 -36.01 -42.98
C ALA C 360 -54.70 -34.50 -42.69
N VAL C 361 -53.52 -33.99 -42.98
CA VAL C 361 -53.23 -32.57 -42.78
C VAL C 361 -54.15 -31.76 -43.68
N ARG C 362 -54.24 -32.18 -44.95
CA ARG C 362 -55.11 -31.54 -45.91
C ARG C 362 -56.53 -31.56 -45.40
N GLN C 363 -56.98 -32.74 -44.99
CA GLN C 363 -58.33 -32.89 -44.48
C GLN C 363 -58.54 -31.99 -43.26
N ARG C 364 -57.54 -31.92 -42.40
CA ARG C 364 -57.65 -31.10 -41.20
C ARG C 364 -57.81 -29.63 -41.57
N ARG C 365 -57.09 -29.21 -42.62
CA ARG C 365 -57.15 -27.82 -43.06
C ARG C 365 -58.57 -27.43 -43.43
N GLU C 366 -59.30 -28.38 -44.00
CA GLU C 366 -60.68 -28.16 -44.40
C GLU C 366 -61.55 -27.93 -43.16
N VAL C 367 -61.44 -28.84 -42.19
CA VAL C 367 -62.21 -28.76 -40.95
C VAL C 367 -62.01 -27.43 -40.22
N ASN C 368 -60.83 -26.87 -40.33
CA ASN C 368 -60.51 -25.63 -39.65
C ASN C 368 -61.23 -24.39 -40.14
N LYS C 369 -61.75 -24.42 -41.36
CA LYS C 369 -62.48 -23.27 -41.89
C LYS C 369 -63.98 -23.51 -41.85
N LYS C 370 -64.53 -23.42 -40.65
CA LYS C 370 -65.96 -23.64 -40.41
C LYS C 370 -66.78 -22.34 -40.39
N VAL D 23 -28.24 -16.88 -30.54
CA VAL D 23 -28.09 -18.18 -29.85
C VAL D 23 -28.78 -18.08 -28.49
N ARG D 24 -28.90 -19.21 -27.82
CA ARG D 24 -29.52 -19.24 -26.50
C ARG D 24 -28.45 -19.20 -25.41
N ILE D 25 -27.21 -18.96 -25.85
CA ILE D 25 -26.08 -18.86 -24.94
C ILE D 25 -25.78 -17.40 -24.66
N LEU D 26 -26.15 -16.94 -23.47
CA LEU D 26 -25.92 -15.55 -23.07
C LEU D 26 -24.43 -15.25 -22.97
N GLY D 27 -23.66 -16.18 -22.43
CA GLY D 27 -22.23 -15.93 -22.31
C GLY D 27 -21.48 -17.00 -21.56
N TYR D 28 -20.16 -16.87 -21.59
CA TYR D 28 -19.23 -17.77 -20.92
C TYR D 28 -18.31 -16.97 -20.00
N ASP D 29 -18.07 -17.49 -18.80
CA ASP D 29 -17.20 -16.86 -17.82
C ASP D 29 -16.04 -17.78 -17.53
N PRO D 30 -14.85 -17.23 -17.23
CA PRO D 30 -13.72 -18.11 -16.95
C PRO D 30 -13.94 -18.98 -15.71
N LEU D 31 -13.46 -20.21 -15.79
CA LEU D 31 -13.58 -21.18 -14.72
C LEU D 31 -12.22 -21.74 -14.30
N ALA D 32 -11.94 -21.73 -13.00
CA ALA D 32 -10.69 -22.27 -12.48
C ALA D 32 -10.69 -23.77 -12.69
N SER D 33 -9.55 -24.32 -13.09
CA SER D 33 -9.45 -25.75 -13.33
C SER D 33 -9.42 -26.52 -12.01
N PRO D 34 -9.79 -27.80 -12.06
CA PRO D 34 -9.77 -28.63 -10.86
C PRO D 34 -8.38 -28.63 -10.23
N ALA D 35 -7.36 -28.76 -11.07
CA ALA D 35 -5.97 -28.77 -10.61
C ALA D 35 -5.64 -27.48 -9.87
N LEU D 36 -6.08 -26.36 -10.41
CA LEU D 36 -5.81 -25.08 -9.79
C LEU D 36 -6.43 -25.00 -8.40
N LEU D 37 -7.70 -25.37 -8.29
CA LEU D 37 -8.40 -25.34 -7.01
C LEU D 37 -7.76 -26.28 -6.00
N GLN D 38 -7.28 -27.43 -6.46
CA GLN D 38 -6.65 -28.41 -5.58
C GLN D 38 -5.35 -27.90 -4.96
N VAL D 39 -4.69 -26.98 -5.66
CA VAL D 39 -3.46 -26.39 -5.18
C VAL D 39 -3.83 -25.31 -4.18
N GLN D 40 -4.89 -24.58 -4.50
CA GLN D 40 -5.37 -23.49 -3.69
C GLN D 40 -5.96 -23.95 -2.37
N ILE D 41 -6.66 -25.09 -2.41
CA ILE D 41 -7.27 -25.66 -1.20
C ILE D 41 -6.79 -27.12 -1.13
N PRO D 42 -5.61 -27.33 -0.56
CA PRO D 42 -5.09 -28.70 -0.46
C PRO D 42 -5.79 -29.53 0.59
N ALA D 43 -5.86 -30.83 0.34
CA ALA D 43 -6.48 -31.74 1.28
C ALA D 43 -5.40 -32.17 2.26
N THR D 44 -5.66 -32.01 3.55
CA THR D 44 -4.68 -32.42 4.56
C THR D 44 -4.51 -33.93 4.53
N PRO D 45 -3.41 -34.43 5.06
CA PRO D 45 -3.22 -35.88 5.05
C PRO D 45 -4.31 -36.57 5.86
N THR D 46 -4.88 -35.87 6.83
CA THR D 46 -5.95 -36.46 7.61
C THR D 46 -7.20 -36.56 6.72
N SER D 47 -7.44 -35.53 5.92
CA SER D 47 -8.59 -35.52 5.02
C SER D 47 -8.49 -36.70 4.06
N LEU D 48 -7.32 -36.89 3.48
CA LEU D 48 -7.14 -37.99 2.54
C LEU D 48 -7.31 -39.34 3.22
N GLU D 49 -6.69 -39.50 4.39
CA GLU D 49 -6.78 -40.75 5.12
C GLU D 49 -8.24 -41.08 5.45
N THR D 50 -9.01 -40.06 5.81
CA THR D 50 -10.42 -40.21 6.15
C THR D 50 -11.25 -40.70 4.95
N ALA D 51 -11.01 -40.11 3.78
CA ALA D 51 -11.74 -40.50 2.57
C ALA D 51 -11.47 -41.98 2.26
N LYS D 52 -10.20 -42.36 2.34
CA LYS D 52 -9.77 -43.73 2.08
C LYS D 52 -10.50 -44.70 3.01
N ARG D 53 -10.46 -44.40 4.30
CA ARG D 53 -11.10 -45.25 5.31
C ARG D 53 -12.59 -45.41 5.01
N GLY D 54 -13.27 -44.28 4.84
CA GLY D 54 -14.70 -44.32 4.53
C GLY D 54 -15.03 -45.26 3.39
N ARG D 55 -14.20 -45.24 2.35
CA ARG D 55 -14.42 -46.10 1.20
C ARG D 55 -14.21 -47.58 1.55
N ARG D 56 -13.12 -47.89 2.24
CA ARG D 56 -12.83 -49.26 2.62
C ARG D 56 -13.94 -49.85 3.48
N GLU D 57 -14.38 -49.09 4.46
CA GLU D 57 -15.44 -49.56 5.34
C GLU D 57 -16.73 -49.79 4.56
N ALA D 58 -17.16 -48.78 3.80
CA ALA D 58 -18.38 -48.87 3.01
C ALA D 58 -18.35 -50.08 2.07
N ILE D 59 -17.17 -50.36 1.52
CA ILE D 59 -17.01 -51.49 0.62
C ILE D 59 -17.22 -52.83 1.32
N ASP D 60 -16.59 -53.01 2.48
CA ASP D 60 -16.75 -54.26 3.21
C ASP D 60 -18.18 -54.44 3.66
N ILE D 61 -18.88 -53.35 3.91
CA ILE D 61 -20.26 -53.43 4.34
C ILE D 61 -21.20 -53.84 3.20
N ILE D 62 -21.19 -53.11 2.09
CA ILE D 62 -22.08 -53.46 0.98
C ILE D 62 -21.77 -54.80 0.33
N THR D 63 -20.56 -55.32 0.56
CA THR D 63 -20.18 -56.63 0.00
C THR D 63 -20.34 -57.76 1.01
N GLY D 64 -20.99 -57.46 2.15
CA GLY D 64 -21.23 -58.48 3.16
C GLY D 64 -20.05 -58.93 4.00
N LYS D 65 -18.90 -58.29 3.86
CA LYS D 65 -17.72 -58.69 4.63
C LYS D 65 -17.74 -58.12 6.06
N ASP D 66 -18.62 -57.13 6.29
CA ASP D 66 -18.76 -56.50 7.60
C ASP D 66 -20.25 -56.42 7.96
N ASP D 67 -20.61 -56.81 9.18
CA ASP D 67 -22.01 -56.81 9.60
C ASP D 67 -22.55 -55.48 10.13
N ARG D 68 -21.77 -54.42 10.02
CA ARG D 68 -22.25 -53.13 10.46
C ARG D 68 -23.07 -52.58 9.31
N VAL D 69 -23.87 -51.55 9.60
CA VAL D 69 -24.68 -50.92 8.59
C VAL D 69 -24.02 -49.61 8.19
N LEU D 70 -23.93 -49.38 6.89
CA LEU D 70 -23.34 -48.16 6.33
C LEU D 70 -24.40 -47.08 6.47
N VAL D 71 -24.05 -45.96 7.08
CA VAL D 71 -25.00 -44.88 7.30
C VAL D 71 -24.61 -43.55 6.65
N ILE D 72 -25.47 -43.05 5.78
CA ILE D 72 -25.23 -41.75 5.14
C ILE D 72 -26.27 -40.82 5.78
N VAL D 73 -25.84 -40.03 6.75
CA VAL D 73 -26.72 -39.13 7.47
C VAL D 73 -26.16 -37.71 7.47
N GLY D 74 -27.05 -36.75 7.22
CA GLY D 74 -26.65 -35.36 7.19
C GLY D 74 -27.73 -34.48 6.58
N PRO D 75 -27.50 -33.16 6.49
CA PRO D 75 -28.47 -32.23 5.93
C PRO D 75 -28.90 -32.54 4.51
N CYS D 76 -30.08 -32.06 4.15
CA CYS D 76 -30.58 -32.26 2.81
C CYS D 76 -29.60 -31.56 1.90
N SER D 77 -29.10 -30.42 2.36
CA SER D 77 -28.14 -29.62 1.61
C SER D 77 -27.30 -28.79 2.55
N ILE D 78 -26.12 -28.42 2.08
CA ILE D 78 -25.21 -27.59 2.86
C ILE D 78 -25.23 -26.20 2.25
N HIS D 79 -25.52 -25.21 3.06
CA HIS D 79 -25.56 -23.84 2.59
C HIS D 79 -24.78 -23.00 3.59
N ASP D 80 -24.46 -23.59 4.74
CA ASP D 80 -23.75 -22.91 5.82
C ASP D 80 -22.59 -23.77 6.30
N LEU D 81 -21.36 -23.32 6.04
CA LEU D 81 -20.17 -24.07 6.43
C LEU D 81 -19.95 -24.20 7.94
N GLU D 82 -20.24 -23.14 8.70
CA GLU D 82 -20.07 -23.21 10.14
C GLU D 82 -21.07 -24.20 10.70
N ALA D 83 -22.34 -23.98 10.38
CA ALA D 83 -23.39 -24.87 10.85
C ALA D 83 -23.01 -26.30 10.48
N ALA D 84 -22.42 -26.48 9.29
CA ALA D 84 -22.02 -27.80 8.84
C ALA D 84 -20.93 -28.37 9.72
N GLN D 85 -20.01 -27.51 10.14
CA GLN D 85 -18.92 -27.96 10.98
C GLN D 85 -19.42 -28.34 12.37
N GLU D 86 -20.36 -27.56 12.90
CA GLU D 86 -20.91 -27.86 14.21
C GLU D 86 -21.63 -29.20 14.17
N TYR D 87 -22.35 -29.46 13.07
CA TYR D 87 -23.07 -30.70 12.92
C TYR D 87 -22.05 -31.84 12.76
N ALA D 88 -21.00 -31.58 12.00
CA ALA D 88 -19.95 -32.58 11.79
C ALA D 88 -19.33 -33.04 13.10
N LEU D 89 -19.04 -32.08 13.99
CA LEU D 89 -18.44 -32.41 15.28
C LEU D 89 -19.35 -33.31 16.10
N ARG D 90 -20.65 -32.99 16.13
CA ARG D 90 -21.61 -33.80 16.87
C ARG D 90 -21.68 -35.21 16.28
N LEU D 91 -21.80 -35.29 14.95
CA LEU D 91 -21.90 -36.60 14.31
C LEU D 91 -20.62 -37.41 14.49
N LYS D 92 -19.50 -36.71 14.51
CA LYS D 92 -18.21 -37.37 14.67
C LYS D 92 -18.08 -38.03 16.03
N LYS D 93 -18.48 -37.33 17.10
CA LYS D 93 -18.41 -37.89 18.44
C LYS D 93 -19.33 -39.08 18.59
N LEU D 94 -20.55 -38.95 18.08
CA LEU D 94 -21.53 -40.02 18.14
C LEU D 94 -20.99 -41.21 17.34
N SER D 95 -20.42 -40.93 16.19
CA SER D 95 -19.87 -41.98 15.36
C SER D 95 -18.82 -42.80 16.11
N ASP D 96 -17.94 -42.10 16.83
CA ASP D 96 -16.89 -42.77 17.59
C ASP D 96 -17.51 -43.77 18.56
N GLU D 97 -18.64 -43.41 19.12
CA GLU D 97 -19.34 -44.26 20.07
C GLU D 97 -19.92 -45.49 19.38
N LEU D 98 -20.65 -45.26 18.30
CA LEU D 98 -21.30 -46.34 17.58
C LEU D 98 -20.46 -47.04 16.51
N LYS D 99 -19.17 -46.71 16.44
CA LYS D 99 -18.30 -47.30 15.43
C LYS D 99 -18.30 -48.83 15.41
N GLY D 100 -18.71 -49.44 16.52
CA GLY D 100 -18.74 -50.89 16.58
C GLY D 100 -19.90 -51.48 15.81
N ASP D 101 -20.95 -50.68 15.60
CA ASP D 101 -22.13 -51.15 14.90
C ASP D 101 -22.44 -50.39 13.63
N LEU D 102 -21.99 -49.13 13.56
CA LEU D 102 -22.27 -48.29 12.40
C LEU D 102 -21.05 -47.66 11.74
N SER D 103 -21.11 -47.57 10.41
CA SER D 103 -20.07 -46.92 9.61
C SER D 103 -20.79 -45.70 9.03
N ILE D 104 -20.57 -44.56 9.69
CA ILE D 104 -21.20 -43.31 9.36
C ILE D 104 -20.46 -42.37 8.40
N ILE D 105 -21.19 -41.93 7.38
CA ILE D 105 -20.69 -41.01 6.37
C ILE D 105 -21.63 -39.82 6.41
N MET D 106 -21.08 -38.62 6.56
CA MET D 106 -21.92 -37.44 6.62
C MET D 106 -22.39 -37.00 5.26
N ARG D 107 -23.67 -36.64 5.17
CA ARG D 107 -24.25 -36.13 3.94
C ARG D 107 -23.75 -34.69 3.79
N ALA D 108 -22.94 -34.44 2.75
CA ALA D 108 -22.43 -33.11 2.45
C ALA D 108 -22.82 -32.85 0.99
N TYR D 109 -24.12 -32.60 0.78
CA TYR D 109 -24.67 -32.37 -0.54
C TYR D 109 -24.55 -30.94 -1.06
N LEU D 110 -23.90 -30.81 -2.21
CA LEU D 110 -23.65 -29.50 -2.84
C LEU D 110 -24.51 -29.23 -4.07
N GLU D 111 -25.17 -30.28 -4.58
CA GLU D 111 -26.01 -30.14 -5.78
C GLU D 111 -27.39 -30.73 -5.55
N LYS D 112 -28.42 -29.95 -5.90
CA LYS D 112 -29.80 -30.38 -5.73
C LYS D 112 -30.60 -30.39 -7.04
N PRO D 113 -31.15 -31.56 -7.42
CA PRO D 113 -31.94 -31.66 -8.64
C PRO D 113 -33.35 -31.12 -8.38
N ARG D 114 -33.77 -30.14 -9.17
CA ARG D 114 -35.11 -29.57 -8.99
C ARG D 114 -36.14 -30.18 -9.94
N THR D 115 -37.41 -30.10 -9.54
CA THR D 115 -38.53 -30.62 -10.33
C THR D 115 -38.62 -29.77 -11.59
N THR D 116 -38.30 -28.49 -11.41
CA THR D 116 -38.26 -27.51 -12.48
C THR D 116 -37.12 -26.56 -12.14
N VAL D 117 -37.41 -25.53 -11.36
CA VAL D 117 -36.38 -24.56 -10.97
C VAL D 117 -36.30 -24.36 -9.47
N GLY D 118 -35.14 -23.90 -9.02
CA GLY D 118 -34.90 -23.65 -7.60
C GLY D 118 -33.42 -23.59 -7.31
N TRP D 119 -33.04 -23.23 -6.09
CA TRP D 119 -31.63 -23.14 -5.69
C TRP D 119 -31.01 -24.52 -5.93
N LYS D 120 -29.94 -24.57 -6.69
CA LYS D 120 -29.32 -25.86 -7.00
C LYS D 120 -28.20 -26.25 -6.04
N GLY D 121 -27.90 -25.37 -5.08
CA GLY D 121 -26.86 -25.72 -4.12
C GLY D 121 -25.76 -24.69 -3.91
N LEU D 122 -24.78 -25.10 -3.12
CA LEU D 122 -23.62 -24.28 -2.76
C LEU D 122 -22.66 -23.96 -3.90
N ILE D 123 -22.48 -24.90 -4.83
CA ILE D 123 -21.58 -24.66 -5.94
C ILE D 123 -22.19 -23.63 -6.88
N ASN D 124 -23.35 -23.98 -7.42
CA ASN D 124 -24.07 -23.15 -8.36
C ASN D 124 -24.34 -21.74 -7.88
N ASP D 125 -24.70 -21.58 -6.61
CA ASP D 125 -25.02 -20.27 -6.08
C ASP D 125 -24.75 -20.19 -4.56
N PRO D 126 -23.47 -20.09 -4.17
CA PRO D 126 -23.10 -20.01 -2.75
C PRO D 126 -23.75 -18.90 -1.93
N ASP D 127 -23.93 -17.72 -2.51
CA ASP D 127 -24.55 -16.60 -1.81
C ASP D 127 -26.08 -16.71 -1.79
N VAL D 128 -26.57 -17.77 -2.43
CA VAL D 128 -28.01 -18.05 -2.52
C VAL D 128 -28.87 -16.84 -2.87
N ASN D 129 -28.32 -15.92 -3.64
CA ASN D 129 -29.05 -14.71 -4.03
C ASN D 129 -29.12 -14.57 -5.56
N ASN D 130 -29.07 -15.70 -6.24
CA ASN D 130 -29.12 -15.71 -7.69
C ASN D 130 -28.00 -14.88 -8.33
N THR D 131 -26.77 -15.11 -7.90
CA THR D 131 -25.60 -14.42 -8.47
C THR D 131 -24.77 -15.45 -9.22
N PHE D 132 -24.95 -16.70 -8.80
CA PHE D 132 -24.27 -17.85 -9.40
C PHE D 132 -22.75 -17.70 -9.56
N ASN D 133 -22.07 -17.40 -8.46
CA ASN D 133 -20.64 -17.27 -8.48
C ASN D 133 -20.09 -18.69 -8.32
N ILE D 134 -20.05 -19.43 -9.42
CA ILE D 134 -19.60 -20.81 -9.39
C ILE D 134 -18.15 -21.04 -8.99
N ASN D 135 -17.26 -20.13 -9.35
CA ASN D 135 -15.86 -20.29 -8.95
C ASN D 135 -15.78 -20.24 -7.42
N LYS D 136 -16.61 -19.39 -6.82
CA LYS D 136 -16.66 -19.23 -5.37
C LYS D 136 -17.39 -20.44 -4.76
N GLY D 137 -18.40 -20.94 -5.48
CA GLY D 137 -19.13 -22.10 -4.99
C GLY D 137 -18.21 -23.30 -4.90
N LEU D 138 -17.33 -23.44 -5.90
CA LEU D 138 -16.39 -24.55 -5.91
C LEU D 138 -15.35 -24.41 -4.80
N GLN D 139 -14.93 -23.18 -4.50
CA GLN D 139 -13.96 -22.96 -3.44
C GLN D 139 -14.60 -23.32 -2.10
N SER D 140 -15.83 -22.90 -1.90
CA SER D 140 -16.55 -23.19 -0.68
C SER D 140 -16.75 -24.69 -0.49
N ALA D 141 -17.14 -25.36 -1.56
CA ALA D 141 -17.39 -26.78 -1.49
C ALA D 141 -16.14 -27.55 -1.14
N ARG D 142 -15.02 -27.21 -1.77
CA ARG D 142 -13.80 -27.95 -1.47
C ARG D 142 -13.35 -27.65 -0.05
N GLN D 143 -13.42 -26.39 0.33
CA GLN D 143 -13.02 -26.00 1.68
C GLN D 143 -13.89 -26.78 2.67
N LEU D 144 -15.20 -26.84 2.40
CA LEU D 144 -16.14 -27.56 3.25
C LEU D 144 -15.74 -29.03 3.35
N PHE D 145 -15.50 -29.67 2.21
CA PHE D 145 -15.11 -31.06 2.18
C PHE D 145 -13.81 -31.29 2.96
N VAL D 146 -12.87 -30.36 2.82
CA VAL D 146 -11.61 -30.47 3.53
C VAL D 146 -11.86 -30.31 5.03
N ASN D 147 -12.67 -29.32 5.40
CA ASN D 147 -12.99 -29.07 6.80
C ASN D 147 -13.61 -30.30 7.44
N LEU D 148 -14.65 -30.81 6.81
CA LEU D 148 -15.36 -31.98 7.31
C LEU D 148 -14.46 -33.20 7.45
N THR D 149 -13.83 -33.63 6.36
CA THR D 149 -12.96 -34.81 6.41
C THR D 149 -11.73 -34.62 7.28
N ASN D 150 -11.35 -33.38 7.48
CA ASN D 150 -10.16 -33.09 8.28
C ASN D 150 -10.32 -33.51 9.74
N ILE D 151 -11.55 -33.52 10.23
CA ILE D 151 -11.77 -33.93 11.61
C ILE D 151 -12.02 -35.44 11.69
N GLY D 152 -11.73 -36.15 10.61
CA GLY D 152 -11.92 -37.59 10.61
C GLY D 152 -13.31 -38.10 10.30
N LEU D 153 -14.16 -37.27 9.69
CA LEU D 153 -15.52 -37.68 9.36
C LEU D 153 -15.71 -37.85 7.84
N PRO D 154 -15.89 -39.09 7.34
CA PRO D 154 -16.08 -39.32 5.91
C PRO D 154 -17.36 -38.65 5.44
N ILE D 155 -17.38 -38.25 4.17
CA ILE D 155 -18.52 -37.56 3.59
C ILE D 155 -18.96 -38.18 2.27
N GLY D 156 -20.19 -37.87 1.87
CA GLY D 156 -20.75 -38.35 0.63
C GLY D 156 -21.58 -37.23 0.02
N SER D 157 -21.79 -37.26 -1.29
CA SER D 157 -22.56 -36.20 -1.93
C SER D 157 -23.23 -36.76 -3.18
N GLU D 158 -24.30 -36.11 -3.64
CA GLU D 158 -24.94 -36.60 -4.86
C GLU D 158 -24.13 -36.11 -6.04
N MET D 159 -23.72 -37.05 -6.88
CA MET D 159 -22.94 -36.73 -8.07
C MET D 159 -23.96 -36.33 -9.14
N LEU D 160 -24.34 -35.06 -9.16
CA LEU D 160 -25.32 -34.62 -10.17
C LEU D 160 -24.62 -34.07 -11.41
N ASP D 161 -23.62 -33.24 -11.18
CA ASP D 161 -22.84 -32.62 -12.24
C ASP D 161 -21.80 -33.66 -12.68
N THR D 162 -21.47 -33.71 -13.96
CA THR D 162 -20.44 -34.66 -14.39
C THR D 162 -19.07 -34.01 -14.40
N ILE D 163 -19.02 -32.71 -14.15
CA ILE D 163 -17.76 -31.97 -14.12
C ILE D 163 -17.26 -31.69 -12.70
N SER D 164 -18.16 -31.22 -11.83
CA SER D 164 -17.77 -30.89 -10.45
C SER D 164 -17.03 -32.00 -9.67
N PRO D 165 -17.29 -33.28 -9.98
CA PRO D 165 -16.58 -34.33 -9.24
C PRO D 165 -15.06 -34.22 -9.37
N GLN D 166 -14.59 -33.69 -10.50
CA GLN D 166 -13.16 -33.49 -10.75
C GLN D 166 -12.53 -32.58 -9.69
N TYR D 167 -13.33 -31.69 -9.14
CA TYR D 167 -12.84 -30.76 -8.13
C TYR D 167 -12.91 -31.28 -6.70
N LEU D 168 -13.69 -32.34 -6.47
CA LEU D 168 -13.92 -32.85 -5.11
C LEU D 168 -13.74 -34.34 -4.82
N ALA D 169 -13.69 -35.16 -5.86
CA ALA D 169 -13.58 -36.61 -5.71
C ALA D 169 -12.54 -37.13 -4.73
N ASP D 170 -11.39 -36.46 -4.67
CA ASP D 170 -10.33 -36.91 -3.77
C ASP D 170 -10.72 -36.90 -2.28
N LEU D 171 -11.81 -36.20 -1.96
CA LEU D 171 -12.27 -36.09 -0.58
C LEU D 171 -13.55 -36.86 -0.27
N VAL D 172 -14.14 -37.46 -1.29
CA VAL D 172 -15.40 -38.19 -1.13
C VAL D 172 -15.29 -39.70 -0.90
N SER D 173 -16.09 -40.20 0.04
CA SER D 173 -16.10 -41.63 0.38
C SER D 173 -17.32 -42.35 -0.19
N PHE D 174 -18.38 -41.60 -0.50
CA PHE D 174 -19.62 -42.16 -1.06
C PHE D 174 -20.27 -41.20 -2.06
N GLY D 175 -20.76 -41.77 -3.16
CA GLY D 175 -21.43 -40.98 -4.17
C GLY D 175 -22.80 -41.52 -4.47
N ALA D 176 -23.78 -40.63 -4.56
CA ALA D 176 -25.14 -41.03 -4.86
C ALA D 176 -25.61 -40.49 -6.20
N ILE D 177 -26.35 -41.32 -6.94
CA ILE D 177 -26.90 -40.89 -8.21
C ILE D 177 -28.38 -40.72 -7.91
N GLY D 178 -28.89 -39.51 -8.05
CA GLY D 178 -30.29 -39.24 -7.75
C GLY D 178 -31.29 -40.04 -8.56
N ALA D 179 -32.52 -40.07 -8.08
CA ALA D 179 -33.59 -40.80 -8.74
C ALA D 179 -33.87 -40.26 -10.14
N ARG D 180 -33.65 -38.96 -10.31
CA ARG D 180 -33.91 -38.35 -11.60
C ARG D 180 -32.78 -38.55 -12.59
N THR D 181 -31.66 -39.07 -12.12
CA THR D 181 -30.52 -39.30 -13.01
C THR D 181 -30.04 -40.76 -13.07
N THR D 182 -30.64 -41.64 -12.26
CA THR D 182 -30.24 -43.05 -12.28
C THR D 182 -30.39 -43.64 -13.66
N GLU D 183 -31.36 -43.12 -14.42
CA GLU D 183 -31.60 -43.62 -15.76
C GLU D 183 -30.64 -43.05 -16.81
N SER D 184 -30.01 -41.94 -16.50
CA SER D 184 -29.08 -41.28 -17.42
C SER D 184 -27.78 -42.05 -17.73
N GLN D 185 -27.54 -42.28 -19.00
CA GLN D 185 -26.34 -42.98 -19.42
C GLN D 185 -25.10 -42.20 -19.00
N LEU D 186 -25.21 -40.88 -18.98
CA LEU D 186 -24.07 -40.03 -18.60
C LEU D 186 -23.66 -40.26 -17.15
N HIS D 187 -24.64 -40.50 -16.28
CA HIS D 187 -24.31 -40.73 -14.88
C HIS D 187 -23.86 -42.15 -14.66
N ARG D 188 -24.29 -43.05 -15.52
CA ARG D 188 -23.86 -44.43 -15.39
C ARG D 188 -22.39 -44.47 -15.85
N GLU D 189 -22.06 -43.70 -16.89
CA GLU D 189 -20.68 -43.63 -17.36
C GLU D 189 -19.82 -42.99 -16.28
N LEU D 190 -20.32 -41.92 -15.66
CA LEU D 190 -19.59 -41.22 -14.60
C LEU D 190 -19.24 -42.15 -13.43
N ALA D 191 -20.25 -42.85 -12.92
CA ALA D 191 -20.07 -43.78 -11.80
C ALA D 191 -19.06 -44.88 -12.07
N SER D 192 -19.04 -45.38 -13.30
CA SER D 192 -18.11 -46.45 -13.67
C SER D 192 -16.66 -46.03 -13.50
N GLY D 193 -16.45 -44.72 -13.37
CA GLY D 193 -15.12 -44.18 -13.23
C GLY D 193 -14.82 -43.52 -11.90
N LEU D 194 -15.75 -43.58 -10.95
CA LEU D 194 -15.52 -42.98 -9.64
C LEU D 194 -14.79 -43.99 -8.75
N SER D 195 -13.82 -43.51 -7.98
CA SER D 195 -13.02 -44.39 -7.12
C SER D 195 -13.61 -44.62 -5.73
N PHE D 196 -14.92 -44.81 -5.68
CA PHE D 196 -15.59 -45.05 -4.41
C PHE D 196 -16.99 -45.65 -4.68
N PRO D 197 -17.64 -46.17 -3.63
CA PRO D 197 -18.97 -46.76 -3.82
C PRO D 197 -20.03 -45.74 -4.27
N VAL D 198 -20.91 -46.19 -5.16
CA VAL D 198 -21.98 -45.35 -5.69
C VAL D 198 -23.33 -46.00 -5.45
N GLY D 199 -24.28 -45.22 -4.94
CA GLY D 199 -25.60 -45.74 -4.71
C GLY D 199 -26.56 -45.11 -5.70
N PHE D 200 -27.27 -45.94 -6.45
CA PHE D 200 -28.24 -45.45 -7.42
C PHE D 200 -29.65 -45.47 -6.84
N LYS D 201 -30.28 -44.29 -6.75
CA LYS D 201 -31.64 -44.19 -6.22
C LYS D 201 -32.58 -44.88 -7.21
N ASN D 202 -33.64 -45.52 -6.71
CA ASN D 202 -34.59 -46.15 -7.61
C ASN D 202 -35.34 -45.00 -8.29
N GLY D 203 -36.06 -45.30 -9.37
CA GLY D 203 -36.78 -44.28 -10.11
C GLY D 203 -37.81 -43.51 -9.31
N THR D 204 -38.13 -42.30 -9.76
CA THR D 204 -39.11 -41.47 -9.09
C THR D 204 -40.49 -42.13 -9.15
N ASP D 205 -40.66 -43.09 -10.05
CA ASP D 205 -41.94 -43.77 -10.15
C ASP D 205 -42.07 -44.86 -9.08
N GLY D 206 -41.04 -45.00 -8.26
CA GLY D 206 -41.08 -45.99 -7.19
C GLY D 206 -40.60 -47.40 -7.51
N THR D 207 -40.11 -47.62 -8.72
CA THR D 207 -39.62 -48.93 -9.11
C THR D 207 -38.10 -48.90 -9.24
N LEU D 208 -37.43 -49.99 -8.86
CA LEU D 208 -35.98 -50.00 -8.91
C LEU D 208 -35.30 -50.69 -10.09
N ASN D 209 -36.02 -50.91 -11.19
CA ASN D 209 -35.43 -51.56 -12.36
C ASN D 209 -34.31 -50.70 -12.97
N VAL D 210 -34.52 -49.39 -13.03
CA VAL D 210 -33.49 -48.52 -13.58
C VAL D 210 -32.24 -48.51 -12.68
N ALA D 211 -32.43 -48.64 -11.37
CA ALA D 211 -31.30 -48.67 -10.45
C ALA D 211 -30.52 -49.99 -10.63
N VAL D 212 -31.23 -51.09 -10.89
CA VAL D 212 -30.58 -52.38 -11.11
C VAL D 212 -29.80 -52.32 -12.44
N ASP D 213 -30.43 -51.74 -13.45
CA ASP D 213 -29.81 -51.58 -14.76
C ASP D 213 -28.59 -50.68 -14.62
N ALA D 214 -28.75 -49.60 -13.86
CA ALA D 214 -27.68 -48.65 -13.63
C ALA D 214 -26.43 -49.31 -13.02
N CYS D 215 -26.63 -50.16 -12.02
CA CYS D 215 -25.50 -50.83 -11.39
C CYS D 215 -24.82 -51.74 -12.39
N GLN D 216 -25.62 -52.35 -13.25
CA GLN D 216 -25.11 -53.25 -14.28
C GLN D 216 -24.23 -52.48 -15.26
N ALA D 217 -24.75 -51.35 -15.71
CA ALA D 217 -24.04 -50.48 -16.65
C ALA D 217 -22.75 -49.92 -16.05
N ALA D 218 -22.86 -49.37 -14.84
CA ALA D 218 -21.71 -48.78 -14.14
C ALA D 218 -20.59 -49.76 -13.87
N ALA D 219 -20.90 -51.05 -13.77
CA ALA D 219 -19.87 -52.07 -13.52
C ALA D 219 -18.98 -52.30 -14.75
N HIS D 220 -19.40 -51.78 -15.91
CA HIS D 220 -18.64 -51.94 -17.14
C HIS D 220 -17.70 -50.78 -17.39
N SER D 221 -16.73 -51.00 -18.28
CA SER D 221 -15.79 -49.98 -18.67
C SER D 221 -16.54 -49.10 -19.65
N HIS D 222 -16.25 -47.80 -19.65
CA HIS D 222 -16.92 -46.88 -20.57
C HIS D 222 -15.93 -45.92 -21.20
N HIS D 223 -16.27 -45.49 -22.41
CA HIS D 223 -15.47 -44.53 -23.17
C HIS D 223 -16.36 -43.32 -23.43
N PHE D 224 -15.90 -42.14 -23.06
CA PHE D 224 -16.70 -40.95 -23.27
C PHE D 224 -15.88 -39.67 -23.08
N MET D 225 -16.40 -38.55 -23.56
CA MET D 225 -15.71 -37.27 -23.44
C MET D 225 -16.00 -36.67 -22.07
N GLY D 226 -14.96 -36.14 -21.42
CA GLY D 226 -15.13 -35.54 -20.12
C GLY D 226 -14.06 -34.51 -19.80
N VAL D 227 -14.32 -33.65 -18.82
CA VAL D 227 -13.37 -32.60 -18.43
C VAL D 227 -12.28 -33.15 -17.51
N THR D 228 -11.03 -32.83 -17.80
CA THR D 228 -9.90 -33.32 -16.99
C THR D 228 -9.56 -32.35 -15.87
N LYS D 229 -8.58 -32.73 -15.06
CA LYS D 229 -8.13 -31.90 -13.94
C LYS D 229 -7.62 -30.57 -14.46
N HIS D 230 -7.32 -30.54 -15.76
CA HIS D 230 -6.80 -29.33 -16.39
C HIS D 230 -7.87 -28.42 -16.95
N GLY D 231 -9.13 -28.80 -16.79
CA GLY D 231 -10.22 -27.98 -17.31
C GLY D 231 -10.39 -28.10 -18.81
N VAL D 232 -9.88 -29.18 -19.39
CA VAL D 232 -9.97 -29.40 -20.82
C VAL D 232 -10.73 -30.70 -21.08
N ALA D 233 -11.43 -30.77 -22.20
CA ALA D 233 -12.18 -31.97 -22.54
C ALA D 233 -11.22 -32.97 -23.17
N ALA D 234 -11.38 -34.24 -22.81
CA ALA D 234 -10.55 -35.32 -23.35
C ALA D 234 -11.39 -36.58 -23.40
N ILE D 235 -10.87 -37.64 -24.01
CA ILE D 235 -11.59 -38.89 -24.11
C ILE D 235 -11.23 -39.77 -22.91
N THR D 236 -12.23 -40.08 -22.08
CA THR D 236 -12.01 -40.90 -20.89
C THR D 236 -12.32 -42.37 -21.07
N THR D 237 -11.51 -43.22 -20.47
CA THR D 237 -11.76 -44.65 -20.51
C THR D 237 -11.81 -45.06 -19.03
N THR D 238 -12.96 -45.49 -18.57
CA THR D 238 -13.13 -45.90 -17.18
C THR D 238 -12.91 -47.41 -17.05
N LYS D 239 -12.74 -47.90 -15.83
CA LYS D 239 -12.52 -49.33 -15.69
C LYS D 239 -13.76 -50.09 -15.22
N GLY D 240 -14.82 -49.37 -14.86
CA GLY D 240 -16.03 -50.03 -14.38
C GLY D 240 -16.03 -50.04 -12.86
N ASN D 241 -17.20 -49.83 -12.26
CA ASN D 241 -17.30 -49.78 -10.80
C ASN D 241 -18.14 -50.95 -10.25
N GLU D 242 -17.49 -51.88 -9.55
CA GLU D 242 -18.19 -53.02 -9.00
C GLU D 242 -18.75 -52.76 -7.61
N HIS D 243 -18.65 -51.52 -7.15
CA HIS D 243 -19.14 -51.15 -5.82
C HIS D 243 -20.35 -50.24 -5.87
N CYS D 244 -21.27 -50.53 -6.79
CA CYS D 244 -22.49 -49.76 -6.92
C CYS D 244 -23.59 -50.59 -6.27
N PHE D 245 -24.57 -49.92 -5.71
CA PHE D 245 -25.68 -50.61 -5.07
C PHE D 245 -26.95 -49.80 -5.23
N VAL D 246 -28.07 -50.42 -4.91
CA VAL D 246 -29.37 -49.77 -5.04
C VAL D 246 -29.85 -49.12 -3.75
N ILE D 247 -30.47 -47.95 -3.88
CA ILE D 247 -31.01 -47.22 -2.74
C ILE D 247 -32.53 -47.12 -2.92
N LEU D 248 -33.27 -47.61 -1.95
CA LEU D 248 -34.74 -47.58 -1.95
C LEU D 248 -35.18 -46.23 -1.42
N ARG D 249 -35.86 -45.43 -2.24
CA ARG D 249 -36.31 -44.10 -1.81
C ARG D 249 -37.76 -43.79 -2.15
N GLY D 250 -38.56 -44.84 -2.26
CA GLY D 250 -39.97 -44.66 -2.56
C GLY D 250 -40.19 -44.08 -3.94
N GLY D 251 -41.44 -43.72 -4.22
CA GLY D 251 -41.77 -43.15 -5.52
C GLY D 251 -43.27 -43.08 -5.65
N LYS D 252 -43.79 -42.75 -6.82
CA LYS D 252 -45.23 -42.67 -6.92
C LYS D 252 -45.91 -44.01 -6.70
N LYS D 253 -45.27 -45.10 -7.13
CA LYS D 253 -45.86 -46.41 -6.93
C LYS D 253 -46.08 -46.63 -5.43
N GLY D 254 -45.29 -45.95 -4.62
CA GLY D 254 -45.42 -46.07 -3.18
C GLY D 254 -44.12 -46.16 -2.40
N THR D 255 -44.27 -46.15 -1.10
CA THR D 255 -43.17 -46.24 -0.14
C THR D 255 -42.56 -47.65 -0.25
N ASN D 256 -41.24 -47.80 -0.10
CA ASN D 256 -40.65 -49.14 -0.23
C ASN D 256 -39.58 -49.56 0.78
N TYR D 257 -39.86 -49.34 2.07
CA TYR D 257 -38.91 -49.69 3.12
C TYR D 257 -39.36 -50.89 3.98
N ASP D 258 -40.60 -51.34 3.78
CA ASP D 258 -41.14 -52.46 4.56
C ASP D 258 -40.60 -53.81 4.09
N ALA D 259 -40.82 -54.83 4.92
CA ALA D 259 -40.35 -56.17 4.62
C ALA D 259 -40.76 -56.70 3.25
N LYS D 260 -41.99 -56.45 2.83
CA LYS D 260 -42.43 -56.94 1.53
C LYS D 260 -41.64 -56.29 0.40
N SER D 261 -41.36 -55.00 0.54
CA SER D 261 -40.61 -54.24 -0.46
C SER D 261 -39.16 -54.72 -0.53
N VAL D 262 -38.56 -55.01 0.64
CA VAL D 262 -37.19 -55.49 0.68
C VAL D 262 -37.09 -56.87 0.01
N ALA D 263 -38.07 -57.73 0.25
CA ALA D 263 -38.09 -59.05 -0.34
C ALA D 263 -38.19 -58.91 -1.85
N GLU D 264 -39.06 -58.00 -2.30
CA GLU D 264 -39.24 -57.76 -3.74
C GLU D 264 -37.96 -57.22 -4.36
N ALA D 265 -37.26 -56.33 -3.66
CA ALA D 265 -36.03 -55.75 -4.18
C ALA D 265 -34.95 -56.82 -4.28
N LYS D 266 -34.77 -57.58 -3.20
CA LYS D 266 -33.77 -58.65 -3.16
C LYS D 266 -34.02 -59.61 -4.32
N ALA D 267 -35.29 -59.93 -4.55
CA ALA D 267 -35.69 -60.84 -5.61
C ALA D 267 -35.16 -60.41 -6.97
N GLN D 268 -35.29 -59.13 -7.31
CA GLN D 268 -34.81 -58.71 -8.62
C GLN D 268 -33.35 -58.25 -8.73
N LEU D 269 -32.59 -58.41 -7.65
CA LEU D 269 -31.17 -58.08 -7.67
C LEU D 269 -30.45 -59.29 -8.27
N PRO D 270 -29.68 -59.07 -9.33
CA PRO D 270 -28.97 -60.18 -9.97
C PRO D 270 -27.88 -60.75 -9.07
N ALA D 271 -27.44 -61.95 -9.39
CA ALA D 271 -26.39 -62.62 -8.62
C ALA D 271 -25.16 -61.74 -8.48
N GLY D 272 -24.55 -61.75 -7.31
CA GLY D 272 -23.35 -60.96 -7.08
C GLY D 272 -23.59 -59.51 -6.67
N SER D 273 -24.85 -59.07 -6.68
CA SER D 273 -25.18 -57.69 -6.30
C SER D 273 -24.66 -57.35 -4.93
N ASN D 274 -24.62 -56.05 -4.63
CA ASN D 274 -24.16 -55.57 -3.34
C ASN D 274 -25.39 -55.36 -2.48
N GLY D 275 -25.17 -55.09 -1.20
CA GLY D 275 -26.29 -54.87 -0.31
C GLY D 275 -27.16 -53.69 -0.68
N LEU D 276 -28.39 -53.71 -0.18
CA LEU D 276 -29.37 -52.66 -0.44
C LEU D 276 -29.25 -51.60 0.61
N MET D 277 -29.62 -50.37 0.24
CA MET D 277 -29.61 -49.26 1.17
C MET D 277 -31.03 -48.69 1.16
N ILE D 278 -31.53 -48.35 2.34
CA ILE D 278 -32.87 -47.79 2.42
C ILE D 278 -32.79 -46.33 2.83
N ASP D 279 -33.41 -45.47 2.04
CA ASP D 279 -33.46 -44.04 2.31
C ASP D 279 -34.71 -43.79 3.15
N TYR D 280 -34.53 -43.24 4.35
CA TYR D 280 -35.64 -42.96 5.26
C TYR D 280 -36.40 -41.72 4.82
N SER D 281 -35.83 -40.98 3.89
CA SER D 281 -36.46 -39.74 3.45
C SER D 281 -37.04 -39.76 2.04
N HIS D 282 -37.25 -38.57 1.50
CA HIS D 282 -37.81 -38.39 0.16
C HIS D 282 -39.11 -39.13 -0.03
N GLY D 283 -39.16 -40.07 -0.96
CA GLY D 283 -40.41 -40.78 -1.20
C GLY D 283 -40.85 -41.68 -0.06
N ASN D 284 -39.90 -42.16 0.74
CA ASN D 284 -40.23 -43.05 1.85
C ASN D 284 -40.75 -42.39 3.11
N SER D 285 -40.72 -41.07 3.16
CA SER D 285 -41.23 -40.39 4.34
C SER D 285 -42.45 -39.57 3.92
N ASN D 286 -42.88 -39.77 2.68
CA ASN D 286 -44.02 -39.02 2.17
C ASN D 286 -43.62 -37.56 2.09
N LYS D 287 -44.54 -36.71 2.52
CA LYS D 287 -44.32 -35.28 2.52
C LYS D 287 -44.07 -34.83 3.95
N ASP D 288 -43.52 -35.73 4.76
CA ASP D 288 -43.28 -35.40 6.16
C ASP D 288 -41.97 -35.95 6.72
N PHE D 289 -41.01 -35.05 6.93
CA PHE D 289 -39.72 -35.44 7.46
C PHE D 289 -39.87 -36.18 8.77
N ARG D 290 -40.92 -35.87 9.51
CA ARG D 290 -41.14 -36.52 10.79
C ARG D 290 -41.46 -38.01 10.66
N ASN D 291 -41.49 -38.51 9.43
CA ASN D 291 -41.75 -39.93 9.21
C ASN D 291 -40.46 -40.73 9.22
N GLN D 292 -39.31 -40.07 9.12
CA GLN D 292 -38.04 -40.79 9.09
C GLN D 292 -37.80 -41.76 10.24
N PRO D 293 -38.09 -41.35 11.48
CA PRO D 293 -37.88 -42.27 12.60
C PRO D 293 -38.88 -43.43 12.60
N LYS D 294 -40.02 -43.23 11.95
CA LYS D 294 -41.02 -44.28 11.87
C LYS D 294 -40.50 -45.30 10.87
N VAL D 295 -39.79 -44.80 9.86
CA VAL D 295 -39.21 -45.67 8.85
C VAL D 295 -38.06 -46.43 9.51
N ASN D 296 -37.36 -45.79 10.44
CA ASN D 296 -36.25 -46.42 11.12
C ASN D 296 -36.74 -47.65 11.92
N ASP D 297 -37.86 -47.49 12.62
CA ASP D 297 -38.41 -48.60 13.40
C ASP D 297 -38.66 -49.82 12.53
N VAL D 298 -39.32 -49.61 11.40
CA VAL D 298 -39.65 -50.68 10.46
C VAL D 298 -38.41 -51.34 9.85
N VAL D 299 -37.40 -50.53 9.58
CA VAL D 299 -36.15 -51.01 9.01
C VAL D 299 -35.36 -51.73 10.10
N CYS D 300 -35.34 -51.16 11.30
CA CYS D 300 -34.62 -51.76 12.40
C CYS D 300 -35.15 -53.15 12.71
N GLU D 301 -36.47 -53.30 12.69
CA GLU D 301 -37.09 -54.58 12.98
C GLU D 301 -36.57 -55.66 12.04
N GLN D 302 -36.54 -55.38 10.75
CA GLN D 302 -36.06 -56.35 9.77
C GLN D 302 -34.62 -56.73 10.05
N ILE D 303 -33.82 -55.73 10.36
CA ILE D 303 -32.42 -55.95 10.65
C ILE D 303 -32.25 -56.83 11.89
N ALA D 304 -32.95 -56.49 12.97
CA ALA D 304 -32.86 -57.26 14.21
C ALA D 304 -33.32 -58.70 13.96
N ASN D 305 -34.26 -58.87 13.04
CA ASN D 305 -34.77 -60.18 12.70
C ASN D 305 -33.82 -60.93 11.77
N GLY D 306 -32.62 -60.40 11.59
CA GLY D 306 -31.63 -61.05 10.75
C GLY D 306 -31.58 -60.71 9.27
N GLU D 307 -32.14 -59.58 8.87
CA GLU D 307 -32.09 -59.20 7.47
C GLU D 307 -30.70 -58.70 7.07
N ASN D 308 -29.93 -59.56 6.40
CA ASN D 308 -28.58 -59.20 5.97
C ASN D 308 -28.50 -58.48 4.62
N ALA D 309 -29.61 -58.39 3.91
CA ALA D 309 -29.59 -57.70 2.62
C ALA D 309 -29.60 -56.19 2.82
N ILE D 310 -30.12 -55.74 3.95
CA ILE D 310 -30.14 -54.31 4.25
C ILE D 310 -28.78 -53.97 4.84
N THR D 311 -27.89 -53.46 4.00
CA THR D 311 -26.57 -53.10 4.49
C THR D 311 -26.40 -51.60 4.68
N GLY D 312 -27.36 -50.81 4.18
CA GLY D 312 -27.23 -49.38 4.31
C GLY D 312 -28.51 -48.60 4.56
N VAL D 313 -28.35 -47.42 5.12
CA VAL D 313 -29.45 -46.53 5.45
C VAL D 313 -29.07 -45.09 5.14
N MET D 314 -30.04 -44.27 4.72
CA MET D 314 -29.79 -42.87 4.44
C MET D 314 -30.78 -42.03 5.25
N ILE D 315 -30.28 -40.98 5.88
CA ILE D 315 -31.08 -40.11 6.73
C ILE D 315 -30.80 -38.63 6.49
N GLU D 316 -31.85 -37.83 6.35
CA GLU D 316 -31.68 -36.40 6.15
C GLU D 316 -31.90 -35.72 7.49
N SER D 317 -30.84 -35.22 8.08
CA SER D 317 -30.99 -34.55 9.36
C SER D 317 -30.07 -33.36 9.48
N ASN D 318 -30.49 -32.41 10.31
CA ASN D 318 -29.73 -31.20 10.54
C ASN D 318 -29.64 -30.96 12.04
N ILE D 319 -29.12 -29.79 12.43
CA ILE D 319 -28.99 -29.44 13.84
C ILE D 319 -30.40 -29.27 14.41
N ASN D 320 -31.25 -28.60 13.64
CA ASN D 320 -32.63 -28.37 14.02
C ASN D 320 -33.53 -28.88 12.93
N GLU D 321 -34.71 -29.36 13.33
CA GLU D 321 -35.67 -29.93 12.40
C GLU D 321 -36.39 -28.92 11.49
N GLY D 322 -36.96 -29.45 10.42
CA GLY D 322 -37.70 -28.65 9.47
C GLY D 322 -36.84 -27.97 8.42
N ASN D 323 -37.42 -26.99 7.74
CA ASN D 323 -36.73 -26.23 6.71
C ASN D 323 -37.28 -24.80 6.73
N GLN D 324 -36.90 -24.01 5.73
CA GLN D 324 -37.35 -22.62 5.65
C GLN D 324 -37.20 -22.07 4.23
N GLY D 325 -37.42 -20.78 4.07
CA GLY D 325 -37.30 -20.17 2.77
C GLY D 325 -36.31 -19.02 2.78
N LYS D 331 -30.52 -13.89 3.20
CA LYS D 331 -29.67 -14.95 3.73
C LYS D 331 -29.08 -14.55 5.07
N ALA D 332 -29.33 -13.30 5.46
CA ALA D 332 -28.83 -12.77 6.73
C ALA D 332 -29.85 -13.03 7.83
N GLY D 333 -31.08 -13.34 7.43
CA GLY D 333 -32.12 -13.60 8.39
C GLY D 333 -32.53 -15.05 8.50
N LEU D 334 -32.06 -15.90 7.59
CA LEU D 334 -32.41 -17.31 7.64
C LEU D 334 -31.99 -17.92 8.96
N LYS D 335 -32.82 -18.82 9.48
CA LYS D 335 -32.55 -19.44 10.77
C LYS D 335 -31.38 -20.44 10.76
N TYR D 336 -30.63 -20.42 11.86
CA TYR D 336 -29.47 -21.28 12.02
C TYR D 336 -29.81 -22.76 12.18
N GLY D 337 -28.98 -23.61 11.60
CA GLY D 337 -29.18 -25.05 11.70
C GLY D 337 -30.47 -25.56 11.08
N VAL D 338 -31.11 -24.74 10.25
CA VAL D 338 -32.36 -25.14 9.61
C VAL D 338 -32.18 -25.18 8.08
N SER D 339 -32.46 -26.34 7.49
CA SER D 339 -32.33 -26.54 6.05
C SER D 339 -33.12 -25.55 5.20
N ILE D 340 -32.55 -25.11 4.08
CA ILE D 340 -33.28 -24.20 3.22
C ILE D 340 -33.86 -24.96 2.02
N THR D 341 -33.63 -26.26 1.97
CA THR D 341 -34.21 -27.09 0.92
C THR D 341 -35.21 -28.00 1.62
N ASP D 342 -35.14 -29.32 1.45
CA ASP D 342 -36.10 -30.19 2.12
C ASP D 342 -35.99 -30.17 3.66
N ALA D 343 -37.08 -30.51 4.32
CA ALA D 343 -37.12 -30.53 5.78
C ALA D 343 -36.33 -31.73 6.30
N CYS D 344 -35.61 -31.53 7.40
CA CYS D 344 -34.80 -32.58 8.00
C CYS D 344 -35.22 -32.79 9.44
N ILE D 345 -34.83 -33.91 10.03
CA ILE D 345 -35.13 -34.16 11.43
C ILE D 345 -34.00 -33.50 12.21
N GLY D 346 -34.29 -33.10 13.44
CA GLY D 346 -33.30 -32.43 14.27
C GLY D 346 -32.19 -33.35 14.74
N TRP D 347 -31.24 -32.79 15.48
CA TRP D 347 -30.13 -33.60 15.97
C TRP D 347 -30.52 -34.65 16.99
N GLU D 348 -31.27 -34.25 18.00
CA GLU D 348 -31.68 -35.15 19.06
C GLU D 348 -32.39 -36.35 18.46
N THR D 349 -33.28 -36.10 17.51
CA THR D 349 -34.02 -37.17 16.85
C THR D 349 -33.05 -38.11 16.16
N THR D 350 -32.04 -37.52 15.55
CA THR D 350 -31.01 -38.26 14.82
C THR D 350 -30.25 -39.19 15.75
N GLU D 351 -29.87 -38.69 16.94
CA GLU D 351 -29.14 -39.53 17.88
C GLU D 351 -30.00 -40.71 18.33
N ASP D 352 -31.29 -40.48 18.56
CA ASP D 352 -32.18 -41.55 18.97
C ASP D 352 -32.20 -42.57 17.84
N VAL D 353 -32.48 -42.06 16.65
CA VAL D 353 -32.54 -42.90 15.45
C VAL D 353 -31.29 -43.73 15.27
N LEU D 354 -30.12 -43.11 15.40
CA LEU D 354 -28.88 -43.82 15.20
C LEU D 354 -28.61 -44.87 16.28
N ARG D 355 -28.92 -44.52 17.53
CA ARG D 355 -28.70 -45.47 18.60
C ARG D 355 -29.60 -46.70 18.44
N LYS D 356 -30.85 -46.50 17.99
CA LYS D 356 -31.77 -47.63 17.78
C LYS D 356 -31.25 -48.53 16.67
N LEU D 357 -30.66 -47.91 15.64
CA LEU D 357 -30.14 -48.64 14.51
C LEU D 357 -28.95 -49.48 14.96
N ALA D 358 -28.06 -48.86 15.72
CA ALA D 358 -26.88 -49.56 16.23
C ALA D 358 -27.34 -50.77 17.02
N ALA D 359 -28.44 -50.59 17.76
CA ALA D 359 -29.00 -51.67 18.57
C ALA D 359 -29.46 -52.83 17.70
N ALA D 360 -30.19 -52.50 16.62
CA ALA D 360 -30.70 -53.47 15.67
C ALA D 360 -29.52 -54.21 15.01
N VAL D 361 -28.45 -53.48 14.75
CA VAL D 361 -27.28 -54.08 14.15
C VAL D 361 -26.78 -55.14 15.12
N ARG D 362 -26.77 -54.78 16.41
CA ARG D 362 -26.33 -55.70 17.45
C ARG D 362 -27.22 -56.96 17.53
N GLN D 363 -28.54 -56.77 17.48
CA GLN D 363 -29.46 -57.90 17.54
C GLN D 363 -29.25 -58.84 16.35
N ARG D 364 -29.10 -58.26 15.15
CA ARG D 364 -28.89 -59.08 13.96
C ARG D 364 -27.65 -59.96 14.11
N ARG D 365 -26.63 -59.45 14.80
CA ARG D 365 -25.42 -60.23 15.01
C ARG D 365 -25.79 -61.48 15.79
N GLU D 366 -26.64 -61.27 16.78
CA GLU D 366 -27.10 -62.35 17.63
C GLU D 366 -27.77 -63.43 16.78
N VAL D 367 -28.73 -63.04 15.96
CA VAL D 367 -29.44 -64.00 15.13
C VAL D 367 -28.55 -64.73 14.14
N ASN D 368 -27.44 -64.11 13.76
CA ASN D 368 -26.52 -64.73 12.80
C ASN D 368 -25.53 -65.65 13.53
N LYS D 369 -25.28 -65.33 14.80
CA LYS D 369 -24.37 -66.05 15.72
C LYS D 369 -23.61 -67.30 15.26
N VAL E 23 28.59 17.74 24.86
CA VAL E 23 29.90 17.57 25.57
C VAL E 23 30.46 18.88 26.10
N ARG E 24 30.22 19.99 25.40
CA ARG E 24 30.71 21.29 25.87
C ARG E 24 29.58 22.15 26.43
N ILE E 25 28.39 21.56 26.46
CA ILE E 25 27.21 22.22 27.01
C ILE E 25 26.97 21.59 28.38
N LEU E 26 27.10 22.40 29.42
CA LEU E 26 26.89 21.92 30.80
C LEU E 26 25.42 21.63 31.05
N GLY E 27 24.56 22.51 30.55
CA GLY E 27 23.15 22.31 30.74
C GLY E 27 22.32 23.51 30.32
N TYR E 28 21.01 23.35 30.46
CA TYR E 28 20.04 24.39 30.13
C TYR E 28 19.09 24.60 31.30
N ASP E 29 18.68 25.85 31.52
CA ASP E 29 17.75 26.16 32.60
C ASP E 29 16.53 26.83 32.00
N PRO E 30 15.35 26.55 32.56
CA PRO E 30 14.12 27.16 32.03
C PRO E 30 14.22 28.68 31.90
N LEU E 31 13.59 29.20 30.85
CA LEU E 31 13.61 30.63 30.59
C LEU E 31 12.18 31.11 30.37
N ALA E 32 11.84 32.23 31.00
CA ALA E 32 10.51 32.79 30.86
C ALA E 32 10.37 33.42 29.48
N SER E 33 9.28 33.13 28.79
CA SER E 33 9.05 33.69 27.47
C SER E 33 8.89 35.20 27.55
N PRO E 34 9.11 35.90 26.42
CA PRO E 34 8.97 37.35 26.39
C PRO E 34 7.54 37.79 26.70
N ALA E 35 6.56 37.02 26.20
CA ALA E 35 5.16 37.33 26.41
C ALA E 35 4.75 37.25 27.87
N LEU E 36 5.37 36.32 28.59
CA LEU E 36 5.09 36.12 30.01
C LEU E 36 5.67 37.27 30.82
N LEU E 37 6.89 37.67 30.49
CA LEU E 37 7.54 38.76 31.22
C LEU E 37 6.83 40.10 30.98
N GLN E 38 6.17 40.24 29.83
CA GLN E 38 5.46 41.48 29.52
C GLN E 38 4.16 41.56 30.30
N VAL E 39 3.59 40.41 30.61
CA VAL E 39 2.35 40.36 31.37
C VAL E 39 2.76 40.58 32.82
N GLN E 40 3.90 40.02 33.17
CA GLN E 40 4.45 40.12 34.51
C GLN E 40 4.87 41.55 34.82
N ILE E 41 5.67 42.16 33.95
CA ILE E 41 6.11 43.54 34.14
C ILE E 41 5.52 44.37 33.02
N PRO E 42 4.20 44.64 33.09
CA PRO E 42 3.51 45.43 32.07
C PRO E 42 3.99 46.86 31.97
N ALA E 43 4.07 47.36 30.75
CA ALA E 43 4.51 48.72 30.50
C ALA E 43 3.30 49.64 30.70
N THR E 44 3.55 50.82 31.28
CA THR E 44 2.49 51.78 31.51
C THR E 44 2.14 52.47 30.21
N PRO E 45 0.91 52.98 30.10
CA PRO E 45 0.47 53.68 28.89
C PRO E 45 1.36 54.87 28.55
N THR E 46 1.95 55.47 29.57
CA THR E 46 2.83 56.62 29.36
C THR E 46 4.22 56.13 28.93
N SER E 47 4.62 54.97 29.43
CA SER E 47 5.92 54.40 29.04
C SER E 47 5.86 54.17 27.54
N LEU E 48 4.77 53.54 27.10
CA LEU E 48 4.55 53.25 25.68
C LEU E 48 4.55 54.55 24.90
N GLU E 49 3.84 55.55 25.43
CA GLU E 49 3.77 56.83 24.78
C GLU E 49 5.17 57.44 24.71
N THR E 50 5.89 57.35 25.83
CA THR E 50 7.24 57.88 25.92
C THR E 50 8.08 57.31 24.80
N ALA E 51 8.07 55.97 24.73
CA ALA E 51 8.81 55.23 23.73
C ALA E 51 8.48 55.72 22.33
N LYS E 52 7.21 55.59 21.95
CA LYS E 52 6.75 56.02 20.64
C LYS E 52 7.27 57.41 20.28
N ARG E 53 7.18 58.34 21.24
CA ARG E 53 7.63 59.72 21.01
C ARG E 53 9.11 59.82 20.67
N GLY E 54 9.94 59.10 21.43
CA GLY E 54 11.37 59.14 21.19
C GLY E 54 11.72 58.72 19.77
N ARG E 55 11.04 57.70 19.27
CA ARG E 55 11.29 57.21 17.92
C ARG E 55 10.89 58.29 16.92
N ARG E 56 9.71 58.88 17.11
CA ARG E 56 9.24 59.93 16.22
C ARG E 56 10.26 61.05 16.14
N GLU E 57 10.65 61.57 17.29
CA GLU E 57 11.62 62.65 17.32
C GLU E 57 12.97 62.23 16.75
N ALA E 58 13.38 61.01 17.07
CA ALA E 58 14.66 60.49 16.58
C ALA E 58 14.56 60.43 15.06
N ILE E 59 13.45 59.88 14.57
CA ILE E 59 13.24 59.79 13.14
C ILE E 59 13.31 61.19 12.49
N ASP E 60 12.44 62.09 12.94
CA ASP E 60 12.40 63.46 12.42
C ASP E 60 13.78 64.10 12.37
N ILE E 61 14.61 63.82 13.37
CA ILE E 61 15.95 64.39 13.42
C ILE E 61 16.95 63.77 12.45
N ILE E 62 16.98 62.44 12.35
CA ILE E 62 17.96 61.83 11.45
C ILE E 62 17.62 61.93 9.97
N THR E 63 16.35 62.14 9.64
CA THR E 63 15.96 62.27 8.24
C THR E 63 15.89 63.74 7.83
N GLY E 64 16.34 64.61 8.73
CA GLY E 64 16.36 66.04 8.44
C GLY E 64 15.06 66.81 8.48
N LYS E 65 14.04 66.34 9.20
CA LYS E 65 12.78 67.07 9.27
C LYS E 65 12.87 68.11 10.38
N ASP E 66 13.63 67.76 11.41
CA ASP E 66 13.82 68.61 12.58
C ASP E 66 15.30 69.03 12.62
N ASP E 67 15.59 70.23 13.13
CA ASP E 67 16.97 70.67 13.21
C ASP E 67 17.62 70.61 14.60
N ARG E 68 16.97 69.91 15.52
CA ARG E 68 17.54 69.73 16.86
C ARG E 68 18.60 68.64 16.69
N VAL E 69 19.31 68.31 17.77
CA VAL E 69 20.32 67.27 17.71
C VAL E 69 19.90 66.11 18.60
N LEU E 70 19.99 64.90 18.04
CA LEU E 70 19.64 63.69 18.76
C LEU E 70 20.74 63.37 19.75
N VAL E 71 20.37 63.26 21.03
CA VAL E 71 21.34 62.99 22.06
C VAL E 71 21.12 61.71 22.86
N ILE E 72 22.03 60.76 22.69
CA ILE E 72 21.96 59.51 23.44
C ILE E 72 22.99 59.72 24.54
N VAL E 73 22.52 59.93 25.77
CA VAL E 73 23.41 60.18 26.90
C VAL E 73 23.00 59.39 28.15
N GLY E 74 24.01 58.83 28.81
CA GLY E 74 23.75 58.05 30.00
C GLY E 74 24.93 57.17 30.37
N PRO E 75 24.80 56.38 31.44
CA PRO E 75 25.84 55.48 31.94
C PRO E 75 26.43 54.56 30.88
N CYS E 76 27.69 54.17 31.07
CA CYS E 76 28.31 53.24 30.14
C CYS E 76 27.44 51.99 30.15
N SER E 77 26.91 51.67 31.34
CA SER E 77 26.03 50.52 31.52
C SER E 77 25.29 50.68 32.85
N ILE E 78 24.14 50.03 32.97
CA ILE E 78 23.36 50.11 34.20
C ILE E 78 23.46 48.83 35.01
N HIS E 79 23.58 48.98 36.34
CA HIS E 79 23.68 47.85 37.25
C HIS E 79 22.94 48.19 38.55
N ASP E 80 22.66 49.49 38.73
CA ASP E 80 21.95 50.01 39.90
C ASP E 80 20.70 50.76 39.42
N LEU E 81 19.52 50.24 39.74
CA LEU E 81 18.28 50.88 39.31
C LEU E 81 17.96 52.20 39.99
N GLU E 82 18.29 52.31 41.28
CA GLU E 82 18.02 53.52 42.03
C GLU E 82 18.88 54.64 41.50
N ALA E 83 20.19 54.37 41.40
CA ALA E 83 21.13 55.35 40.89
C ALA E 83 20.69 55.75 39.49
N ALA E 84 20.35 54.74 38.68
CA ALA E 84 19.89 54.99 37.31
C ALA E 84 18.65 55.87 37.35
N GLN E 85 17.71 55.52 38.22
CA GLN E 85 16.47 56.26 38.36
C GLN E 85 16.70 57.73 38.71
N GLU E 86 17.64 57.99 39.61
CA GLU E 86 17.96 59.36 40.01
C GLU E 86 18.58 60.11 38.84
N TYR E 87 19.40 59.40 38.08
CA TYR E 87 20.03 59.99 36.93
C TYR E 87 18.93 60.33 35.92
N ALA E 88 17.92 59.47 35.85
CA ALA E 88 16.80 59.66 34.95
C ALA E 88 16.05 60.96 35.28
N LEU E 89 15.74 61.18 36.55
CA LEU E 89 15.04 62.38 36.94
C LEU E 89 15.84 63.64 36.66
N ARG E 90 17.16 63.56 36.84
CA ARG E 90 18.00 64.71 36.57
C ARG E 90 17.99 64.99 35.07
N LEU E 91 18.24 63.94 34.29
CA LEU E 91 18.27 64.08 32.84
C LEU E 91 16.91 64.55 32.32
N LYS E 92 15.84 64.04 32.92
CA LYS E 92 14.49 64.42 32.51
C LYS E 92 14.22 65.91 32.62
N LYS E 93 14.56 66.52 33.75
CA LYS E 93 14.32 67.95 33.90
C LYS E 93 15.22 68.76 32.98
N LEU E 94 16.47 68.33 32.83
CA LEU E 94 17.41 69.04 31.98
C LEU E 94 16.88 68.98 30.55
N SER E 95 16.23 67.87 30.23
CA SER E 95 15.67 67.67 28.90
C SER E 95 14.47 68.58 28.62
N ASP E 96 13.60 68.79 29.62
CA ASP E 96 12.46 69.67 29.42
C ASP E 96 12.96 71.07 29.14
N GLU E 97 14.07 71.42 29.78
CA GLU E 97 14.67 72.74 29.61
C GLU E 97 15.29 72.96 28.23
N LEU E 98 16.12 72.02 27.80
CA LEU E 98 16.80 72.15 26.51
C LEU E 98 16.07 71.47 25.36
N LYS E 99 14.84 71.01 25.61
CA LYS E 99 14.07 70.31 24.58
C LYS E 99 13.79 71.10 23.31
N GLY E 100 14.06 72.40 23.33
CA GLY E 100 13.82 73.18 22.14
C GLY E 100 14.92 73.00 21.11
N ASP E 101 16.10 72.60 21.59
CA ASP E 101 17.25 72.39 20.72
C ASP E 101 17.75 70.94 20.72
N LEU E 102 17.35 70.18 21.74
CA LEU E 102 17.81 68.79 21.86
C LEU E 102 16.73 67.77 22.19
N SER E 103 16.84 66.60 21.55
CA SER E 103 15.92 65.50 21.79
C SER E 103 16.80 64.48 22.51
N ILE E 104 16.56 64.29 23.80
CA ILE E 104 17.39 63.38 24.59
C ILE E 104 16.81 62.00 24.90
N ILE E 105 17.63 60.98 24.67
CA ILE E 105 17.27 59.60 24.94
C ILE E 105 18.33 59.15 25.93
N MET E 106 17.92 58.48 27.00
CA MET E 106 18.86 58.03 28.01
C MET E 106 19.52 56.70 27.72
N ARG E 107 20.84 56.65 27.84
CA ARG E 107 21.58 55.43 27.64
C ARG E 107 21.25 54.48 28.77
N ALA E 108 20.51 53.42 28.47
CA ALA E 108 20.15 52.43 29.46
C ALA E 108 20.67 51.10 28.95
N TYR E 109 21.98 50.99 28.85
CA TYR E 109 22.63 49.78 28.34
C TYR E 109 22.71 48.62 29.33
N LEU E 110 22.14 47.47 28.95
CA LEU E 110 22.12 46.27 29.80
C LEU E 110 23.00 45.16 29.27
N GLU E 111 23.55 45.34 28.07
CA GLU E 111 24.43 44.35 27.45
C GLU E 111 25.73 45.01 27.01
N LYS E 112 26.83 44.55 27.59
CA LYS E 112 28.16 45.10 27.32
C LYS E 112 29.08 44.09 26.65
N PRO E 113 29.63 44.46 25.48
CA PRO E 113 30.55 43.61 24.70
C PRO E 113 31.99 43.70 25.22
N ARG E 114 32.48 42.58 25.76
CA ARG E 114 33.85 42.54 26.26
C ARG E 114 34.80 42.08 25.17
N THR E 115 36.04 42.60 25.21
CA THR E 115 37.04 42.22 24.22
C THR E 115 37.44 40.77 24.46
N THR E 116 37.17 40.28 25.68
CA THR E 116 37.47 38.91 26.09
C THR E 116 36.51 38.43 27.17
N VAL E 117 36.81 38.76 28.43
CA VAL E 117 35.96 38.35 29.56
C VAL E 117 35.71 39.46 30.58
N GLY E 118 34.57 39.33 31.27
CA GLY E 118 34.17 40.29 32.29
C GLY E 118 32.65 40.35 32.40
N TRP E 119 32.14 41.12 33.36
CA TRP E 119 30.69 41.27 33.57
C TRP E 119 30.00 41.72 32.27
N LYS E 120 28.97 40.98 31.86
CA LYS E 120 28.26 41.30 30.62
C LYS E 120 27.07 42.25 30.75
N GLY E 121 26.63 42.52 31.97
CA GLY E 121 25.51 43.44 32.14
C GLY E 121 24.39 42.96 33.05
N LEU E 122 23.45 43.88 33.30
CA LEU E 122 22.31 43.61 34.15
C LEU E 122 21.59 42.31 33.84
N ILE E 123 21.28 42.11 32.56
CA ILE E 123 20.57 40.91 32.16
C ILE E 123 21.31 39.63 32.48
N ASN E 124 22.51 39.50 31.95
CA ASN E 124 23.33 38.32 32.13
C ASN E 124 23.54 37.93 33.59
N ASP E 125 24.04 38.87 34.38
CA ASP E 125 24.33 38.61 35.79
C ASP E 125 23.92 39.84 36.59
N PRO E 126 22.64 39.90 37.00
CA PRO E 126 22.15 41.05 37.77
C PRO E 126 22.81 41.25 39.14
N ASP E 127 23.05 40.15 39.85
CA ASP E 127 23.66 40.24 41.18
C ASP E 127 25.14 40.55 41.07
N VAL E 128 25.63 40.61 39.83
CA VAL E 128 27.04 40.92 39.56
C VAL E 128 27.98 40.08 40.42
N ASN E 129 27.50 38.93 40.89
CA ASN E 129 28.30 38.02 41.70
C ASN E 129 28.60 36.72 40.96
N ASN E 130 28.47 36.75 39.64
CA ASN E 130 28.73 35.59 38.81
C ASN E 130 27.78 34.43 39.08
N THR E 131 26.50 34.74 39.26
CA THR E 131 25.48 33.71 39.50
C THR E 131 24.57 33.62 38.29
N PHE E 132 24.83 34.49 37.33
CA PHE E 132 24.10 34.56 36.07
C PHE E 132 22.63 34.18 36.15
N ASN E 133 21.88 34.93 36.95
CA ASN E 133 20.45 34.70 37.09
C ASN E 133 19.79 35.51 35.97
N ILE E 134 19.77 34.95 34.77
CA ILE E 134 19.20 35.64 33.62
C ILE E 134 17.70 35.94 33.74
N ASN E 135 16.92 35.00 34.26
CA ASN E 135 15.49 35.25 34.41
C ASN E 135 15.27 36.50 35.24
N LYS E 136 16.05 36.64 36.30
CA LYS E 136 15.95 37.80 37.18
C LYS E 136 16.56 39.01 36.46
N GLY E 137 17.62 38.76 35.70
CA GLY E 137 18.27 39.84 34.98
C GLY E 137 17.27 40.46 34.02
N LEU E 138 16.45 39.60 33.42
CA LEU E 138 15.45 40.05 32.48
C LEU E 138 14.37 40.87 33.18
N GLN E 139 13.94 40.43 34.35
CA GLN E 139 12.92 41.16 35.09
C GLN E 139 13.43 42.54 35.47
N SER E 140 14.70 42.60 35.86
CA SER E 140 15.30 43.85 36.25
C SER E 140 15.36 44.78 35.06
N ALA E 141 15.81 44.26 33.93
CA ALA E 141 15.90 45.04 32.70
C ALA E 141 14.54 45.65 32.35
N ARG E 142 13.50 44.83 32.35
CA ARG E 142 12.16 45.30 32.06
C ARG E 142 11.75 46.39 33.04
N GLN E 143 11.80 46.04 34.32
CA GLN E 143 11.41 46.97 35.37
C GLN E 143 12.18 48.27 35.21
N LEU E 144 13.48 48.18 34.95
CA LEU E 144 14.28 49.37 34.76
C LEU E 144 13.71 50.24 33.64
N PHE E 145 13.46 49.62 32.49
CA PHE E 145 12.92 50.32 31.33
C PHE E 145 11.56 50.96 31.55
N VAL E 146 10.67 50.26 32.23
CA VAL E 146 9.35 50.80 32.49
C VAL E 146 9.41 52.00 33.43
N ASN E 147 10.32 51.94 34.41
CA ASN E 147 10.47 53.04 35.35
C ASN E 147 11.03 54.27 34.65
N LEU E 148 12.09 54.07 33.88
CA LEU E 148 12.73 55.16 33.17
C LEU E 148 11.81 55.84 32.15
N THR E 149 11.14 55.05 31.32
CA THR E 149 10.24 55.61 30.31
C THR E 149 8.97 56.16 30.94
N ASN E 150 8.56 55.59 32.07
CA ASN E 150 7.35 56.02 32.77
C ASN E 150 7.41 57.49 33.18
N ILE E 151 8.62 58.02 33.36
CA ILE E 151 8.76 59.42 33.75
C ILE E 151 8.83 60.35 32.55
N GLY E 152 8.52 59.80 31.37
CA GLY E 152 8.53 60.60 30.16
C GLY E 152 9.92 60.75 29.57
N LEU E 153 10.78 59.78 29.85
CA LEU E 153 12.15 59.80 29.33
C LEU E 153 12.44 58.61 28.41
N PRO E 154 12.70 58.87 27.11
CA PRO E 154 13.00 57.81 26.15
C PRO E 154 14.36 57.15 26.48
N ILE E 155 14.44 55.84 26.25
CA ILE E 155 15.67 55.10 26.52
C ILE E 155 16.25 54.47 25.25
N GLY E 156 17.57 54.35 25.23
CA GLY E 156 18.25 53.74 24.10
C GLY E 156 19.16 52.67 24.64
N SER E 157 19.47 51.66 23.84
CA SER E 157 20.33 50.58 24.31
C SER E 157 21.08 49.93 23.18
N GLU E 158 22.14 49.17 23.51
CA GLU E 158 22.87 48.48 22.47
C GLU E 158 22.23 47.12 22.33
N MET E 159 21.81 46.81 21.11
CA MET E 159 21.18 45.53 20.84
C MET E 159 22.35 44.57 20.64
N LEU E 160 22.75 43.86 21.69
CA LEU E 160 23.88 42.93 21.56
C LEU E 160 23.38 41.51 21.37
N ASP E 161 22.39 41.15 22.18
CA ASP E 161 21.79 39.83 22.13
C ASP E 161 20.72 39.88 21.03
N THR E 162 20.50 38.76 20.35
CA THR E 162 19.46 38.75 19.32
C THR E 162 18.14 38.28 19.90
N ILE E 163 18.17 37.71 21.11
CA ILE E 163 16.96 37.23 21.76
C ILE E 163 16.33 38.21 22.73
N SER E 164 17.15 38.89 23.54
CA SER E 164 16.63 39.83 24.52
C SER E 164 15.73 40.95 23.98
N PRO E 165 16.00 41.45 22.76
CA PRO E 165 15.15 42.52 22.23
C PRO E 165 13.65 42.20 22.33
N GLN E 166 13.32 40.92 22.31
CA GLN E 166 11.93 40.49 22.39
C GLN E 166 11.31 40.85 23.73
N TYR E 167 12.15 41.07 24.74
CA TYR E 167 11.64 41.40 26.06
C TYR E 167 11.51 42.89 26.36
N LEU E 168 12.26 43.74 25.65
CA LEU E 168 12.19 45.17 25.94
C LEU E 168 11.91 46.08 24.76
N ALA E 169 11.87 45.53 23.55
CA ALA E 169 11.64 46.33 22.34
C ALA E 169 10.53 47.37 22.44
N ASP E 170 9.44 47.01 23.09
CA ASP E 170 8.30 47.91 23.21
C ASP E 170 8.56 49.15 24.06
N LEU E 171 9.70 49.18 24.74
CA LEU E 171 10.04 50.32 25.60
C LEU E 171 11.22 51.12 25.04
N VAL E 172 11.86 50.60 24.00
CA VAL E 172 13.02 51.25 23.39
C VAL E 172 12.71 52.21 22.24
N SER E 173 13.41 53.33 22.21
CA SER E 173 13.24 54.36 21.17
C SER E 173 14.47 54.42 20.25
N PHE E 174 15.56 53.78 20.69
CA PHE E 174 16.79 53.75 19.92
C PHE E 174 17.57 52.49 20.23
N GLY E 175 18.25 51.97 19.22
CA GLY E 175 19.06 50.79 19.37
C GLY E 175 20.41 51.01 18.73
N ALA E 176 21.46 50.51 19.36
CA ALA E 176 22.79 50.66 18.77
C ALA E 176 23.36 49.28 18.52
N ILE E 177 24.17 49.20 17.47
CA ILE E 177 24.84 47.96 17.13
C ILE E 177 26.32 48.30 17.34
N GLY E 178 26.92 47.63 18.32
CA GLY E 178 28.31 47.90 18.65
C GLY E 178 29.30 47.71 17.54
N ALA E 179 30.48 48.29 17.74
CA ALA E 179 31.56 48.22 16.79
C ALA E 179 32.01 46.79 16.48
N ARG E 180 31.82 45.89 17.44
CA ARG E 180 32.25 44.49 17.28
C ARG E 180 31.20 43.61 16.63
N THR E 181 30.02 44.17 16.35
CA THR E 181 28.95 43.43 15.71
C THR E 181 28.32 44.10 14.47
N THR E 182 28.77 45.30 14.14
CA THR E 182 28.24 46.00 12.96
C THR E 182 28.52 45.19 11.69
N GLU E 183 29.55 44.35 11.70
CA GLU E 183 29.90 43.53 10.53
C GLU E 183 29.10 42.22 10.49
N SER E 184 28.54 41.85 11.64
CA SER E 184 27.77 40.63 11.79
C SER E 184 26.45 40.62 11.03
N GLN E 185 26.27 39.61 10.20
CA GLN E 185 25.05 39.49 9.42
C GLN E 185 23.82 39.28 10.29
N LEU E 186 23.99 38.67 11.46
CA LEU E 186 22.86 38.43 12.35
C LEU E 186 22.33 39.72 12.94
N HIS E 187 23.23 40.67 13.17
CA HIS E 187 22.82 41.94 13.73
C HIS E 187 22.23 42.83 12.68
N ARG E 188 22.67 42.67 11.44
CA ARG E 188 22.10 43.48 10.37
C ARG E 188 20.69 42.94 10.18
N GLU E 189 20.54 41.62 10.21
CA GLU E 189 19.22 41.01 10.09
C GLU E 189 18.36 41.52 11.25
N LEU E 190 18.89 41.44 12.47
CA LEU E 190 18.18 41.91 13.65
C LEU E 190 17.67 43.35 13.48
N ALA E 191 18.56 44.22 13.03
CA ALA E 191 18.22 45.63 12.85
C ALA E 191 17.11 45.87 11.82
N SER E 192 17.09 45.05 10.77
CA SER E 192 16.08 45.18 9.72
C SER E 192 14.66 44.93 10.22
N GLY E 193 14.54 44.40 11.43
CA GLY E 193 13.23 44.12 11.98
C GLY E 193 12.85 44.94 13.20
N LEU E 194 13.75 45.82 13.65
CA LEU E 194 13.46 46.62 14.84
C LEU E 194 12.59 47.83 14.51
N SER E 195 11.61 48.11 15.37
CA SER E 195 10.65 49.19 15.17
C SER E 195 11.13 50.59 15.53
N PHE E 196 12.44 50.80 15.63
CA PHE E 196 12.98 52.10 15.98
C PHE E 196 14.30 52.33 15.26
N PRO E 197 14.78 53.57 15.23
CA PRO E 197 16.05 53.87 14.55
C PRO E 197 17.21 53.05 15.10
N VAL E 198 18.19 52.76 14.25
CA VAL E 198 19.35 51.97 14.66
C VAL E 198 20.64 52.61 14.19
N GLY E 199 21.58 52.75 15.12
CA GLY E 199 22.86 53.33 14.78
C GLY E 199 23.92 52.25 14.78
N PHE E 200 24.71 52.19 13.71
CA PHE E 200 25.77 51.21 13.59
C PHE E 200 27.09 51.92 13.84
N LYS E 201 27.81 51.50 14.88
CA LYS E 201 29.11 52.09 15.20
C LYS E 201 30.04 51.69 14.07
N ASN E 202 30.96 52.56 13.66
CA ASN E 202 31.89 52.18 12.59
C ASN E 202 32.76 51.04 13.14
N GLY E 203 33.59 50.45 12.29
CA GLY E 203 34.44 49.36 12.75
C GLY E 203 35.39 49.74 13.87
N THR E 204 35.84 48.77 14.64
CA THR E 204 36.77 49.06 15.73
C THR E 204 38.10 49.56 15.16
N ASP E 205 38.33 49.30 13.87
CA ASP E 205 39.55 49.72 13.21
C ASP E 205 39.50 51.19 12.81
N GLY E 206 38.37 51.84 13.08
CA GLY E 206 38.22 53.25 12.76
C GLY E 206 37.70 53.63 11.38
N THR E 207 37.30 52.65 10.57
CA THR E 207 36.80 52.97 9.24
C THR E 207 35.27 52.85 9.17
N LEU E 208 34.69 53.56 8.21
CA LEU E 208 33.26 53.64 8.02
C LEU E 208 32.56 52.53 7.24
N ASN E 209 33.24 52.02 6.22
CA ASN E 209 32.70 50.98 5.34
C ASN E 209 31.70 49.98 5.90
N VAL E 210 32.07 49.29 6.97
CA VAL E 210 31.18 48.30 7.56
C VAL E 210 29.86 48.86 8.07
N ALA E 211 29.88 50.11 8.55
CA ALA E 211 28.68 50.75 9.07
C ALA E 211 27.77 51.14 7.93
N VAL E 212 28.38 51.61 6.84
CA VAL E 212 27.61 51.99 5.67
C VAL E 212 26.98 50.72 5.09
N ASP E 213 27.77 49.65 5.00
CA ASP E 213 27.27 48.38 4.49
C ASP E 213 26.17 47.85 5.39
N ALA E 214 26.32 48.07 6.70
CA ALA E 214 25.34 47.61 7.67
C ALA E 214 24.02 48.32 7.46
N CYS E 215 24.07 49.63 7.25
CA CYS E 215 22.85 50.40 7.03
C CYS E 215 22.17 49.90 5.76
N GLN E 216 22.96 49.68 4.72
CA GLN E 216 22.46 49.18 3.45
C GLN E 216 21.77 47.84 3.67
N ALA E 217 22.49 46.90 4.27
CA ALA E 217 21.96 45.57 4.54
C ALA E 217 20.68 45.59 5.38
N ALA E 218 20.66 46.37 6.44
CA ALA E 218 19.49 46.44 7.32
C ALA E 218 18.28 47.12 6.68
N ALA E 219 18.51 47.83 5.58
CA ALA E 219 17.41 48.51 4.89
C ALA E 219 16.59 47.52 4.07
N HIS E 220 17.09 46.30 3.93
CA HIS E 220 16.43 45.26 3.17
C HIS E 220 15.64 44.28 4.02
N SER E 221 14.74 43.57 3.37
CA SER E 221 13.95 42.56 4.06
C SER E 221 14.86 41.35 4.25
N HIS E 222 14.71 40.64 5.37
CA HIS E 222 15.53 39.46 5.66
C HIS E 222 14.67 38.33 6.19
N HIS E 223 15.07 37.09 5.89
CA HIS E 223 14.37 35.90 6.35
C HIS E 223 15.37 35.15 7.23
N PHE E 224 14.97 34.76 8.43
CA PHE E 224 15.89 34.05 9.33
C PHE E 224 15.20 33.45 10.54
N MET E 225 15.88 32.53 11.21
CA MET E 225 15.32 31.90 12.38
C MET E 225 15.50 32.85 13.58
N GLY E 226 14.43 33.02 14.36
CA GLY E 226 14.48 33.88 15.50
C GLY E 226 13.50 33.43 16.56
N VAL E 227 13.68 33.89 17.79
CA VAL E 227 12.79 33.53 18.88
C VAL E 227 11.60 34.49 18.91
N THR E 228 10.40 33.94 19.12
CA THR E 228 9.19 34.76 19.16
C THR E 228 8.81 35.14 20.59
N LYS E 229 7.78 35.96 20.73
CA LYS E 229 7.32 36.36 22.06
C LYS E 229 6.85 35.18 22.88
N HIS E 230 6.66 34.04 22.22
CA HIS E 230 6.22 32.85 22.90
C HIS E 230 7.39 32.00 23.35
N GLY E 231 8.60 32.48 23.08
CA GLY E 231 9.78 31.74 23.49
C GLY E 231 10.14 30.55 22.62
N VAL E 232 9.63 30.54 21.39
CA VAL E 232 9.94 29.45 20.48
C VAL E 232 10.58 30.02 19.22
N ALA E 233 11.37 29.19 18.56
CA ALA E 233 12.03 29.58 17.34
C ALA E 233 11.06 29.48 16.18
N ALA E 234 11.07 30.50 15.33
CA ALA E 234 10.20 30.52 14.16
C ALA E 234 11.00 31.16 13.03
N ILE E 235 10.43 31.21 11.84
CA ILE E 235 11.11 31.82 10.70
C ILE E 235 10.57 33.25 10.61
N THR E 236 11.45 34.22 10.82
CA THR E 236 11.08 35.62 10.79
C THR E 236 11.28 36.25 9.41
N THR E 237 10.39 37.16 9.07
CA THR E 237 10.49 37.90 7.81
C THR E 237 10.37 39.36 8.22
N THR E 238 11.43 40.13 7.98
CA THR E 238 11.46 41.54 8.34
C THR E 238 11.18 42.40 7.10
N LYS E 239 10.81 43.65 7.32
CA LYS E 239 10.51 44.52 6.19
C LYS E 239 11.69 45.42 5.78
N GLY E 240 12.64 45.60 6.69
CA GLY E 240 13.78 46.45 6.39
C GLY E 240 13.64 47.75 7.18
N ASN E 241 14.76 48.27 7.67
CA ASN E 241 14.77 49.49 8.45
C ASN E 241 15.42 50.64 7.68
N GLU E 242 14.62 51.64 7.33
CA GLU E 242 15.12 52.79 6.58
C GLU E 242 15.64 53.84 7.55
N HIS E 243 15.58 53.52 8.84
CA HIS E 243 16.03 54.45 9.85
C HIS E 243 17.32 54.07 10.54
N CYS E 244 18.29 53.62 9.74
CA CYS E 244 19.60 53.25 10.25
C CYS E 244 20.61 54.31 9.85
N PHE E 245 21.56 54.60 10.73
CA PHE E 245 22.58 55.59 10.46
C PHE E 245 23.93 55.16 11.02
N VAL E 246 24.95 55.88 10.62
CA VAL E 246 26.33 55.64 11.04
C VAL E 246 26.69 56.42 12.28
N ILE E 247 27.46 55.80 13.17
CA ILE E 247 27.92 56.45 14.39
C ILE E 247 29.45 56.48 14.37
N LEU E 248 30.02 57.67 14.46
CA LEU E 248 31.47 57.83 14.45
C LEU E 248 31.97 57.66 15.88
N ARG E 249 32.83 56.66 16.09
CA ARG E 249 33.37 56.34 17.41
C ARG E 249 34.88 56.08 17.44
N GLY E 250 35.60 56.61 16.44
CA GLY E 250 37.03 56.40 16.41
C GLY E 250 37.45 54.95 16.17
N GLY E 251 38.68 54.64 16.57
CA GLY E 251 39.21 53.30 16.39
C GLY E 251 40.67 53.31 15.98
N LYS E 252 41.21 52.11 15.73
CA LYS E 252 42.61 51.91 15.36
C LYS E 252 43.26 52.95 14.45
N LYS E 253 42.50 53.54 13.53
CA LYS E 253 43.08 54.53 12.63
C LYS E 253 43.07 55.95 13.20
N GLY E 254 42.29 56.16 14.26
CA GLY E 254 42.24 57.48 14.87
C GLY E 254 40.83 58.00 15.06
N THR E 255 40.72 59.08 15.83
CA THR E 255 39.43 59.70 16.10
C THR E 255 38.79 60.23 14.81
N ASN E 256 37.47 60.31 14.79
CA ASN E 256 36.78 60.80 13.60
C ASN E 256 35.63 61.76 13.87
N TYR E 257 35.81 62.66 14.83
CA TYR E 257 34.78 63.63 15.16
C TYR E 257 35.08 65.02 14.60
N ASP E 258 36.22 65.14 13.93
CA ASP E 258 36.64 66.41 13.36
C ASP E 258 35.85 66.75 12.09
N ALA E 259 36.13 67.92 11.52
CA ALA E 259 35.46 68.37 10.32
C ALA E 259 35.97 67.64 9.08
N LYS E 260 37.22 67.21 9.14
CA LYS E 260 37.80 66.49 8.02
C LYS E 260 37.19 65.09 8.00
N SER E 261 37.17 64.45 9.16
CA SER E 261 36.61 63.11 9.30
C SER E 261 35.15 63.13 8.88
N VAL E 262 34.41 64.13 9.38
CA VAL E 262 33.01 64.27 9.03
C VAL E 262 32.85 64.50 7.53
N ALA E 263 33.87 65.11 6.91
CA ALA E 263 33.85 65.39 5.48
C ALA E 263 33.98 64.09 4.68
N GLU E 264 34.91 63.24 5.10
CA GLU E 264 35.15 61.95 4.44
C GLU E 264 33.94 61.06 4.66
N ALA E 265 33.39 61.14 5.87
CA ALA E 265 32.23 60.35 6.23
C ALA E 265 31.09 60.66 5.28
N LYS E 266 30.72 61.93 5.21
CA LYS E 266 29.64 62.37 4.33
C LYS E 266 29.91 61.94 2.90
N ALA E 267 31.20 61.90 2.55
CA ALA E 267 31.61 61.49 1.22
C ALA E 267 31.14 60.08 0.88
N GLN E 268 31.25 59.15 1.83
CA GLN E 268 30.83 57.80 1.54
C GLN E 268 29.38 57.45 1.84
N LEU E 269 28.58 58.45 2.22
CA LEU E 269 27.18 58.19 2.50
C LEU E 269 26.36 58.15 1.20
N PRO E 270 25.72 57.01 0.92
CA PRO E 270 24.90 56.85 -0.28
C PRO E 270 23.67 57.75 -0.26
N ALA E 271 23.09 57.98 -1.44
CA ALA E 271 21.90 58.82 -1.54
C ALA E 271 20.84 58.27 -0.58
N GLY E 272 20.15 59.17 0.10
CA GLY E 272 19.10 58.74 1.01
C GLY E 272 19.57 58.52 2.44
N SER E 273 20.89 58.46 2.63
CA SER E 273 21.46 58.26 3.96
C SER E 273 20.88 59.20 5.00
N ASN E 274 20.79 58.72 6.23
CA ASN E 274 20.29 59.53 7.31
C ASN E 274 21.47 60.33 7.86
N GLY E 275 21.22 61.26 8.77
CA GLY E 275 22.29 62.07 9.33
C GLY E 275 23.21 61.23 10.21
N LEU E 276 24.50 61.55 10.25
CA LEU E 276 25.38 60.75 11.08
C LEU E 276 25.45 61.25 12.51
N MET E 277 25.85 60.36 13.41
CA MET E 277 25.96 60.66 14.83
C MET E 277 27.42 60.52 15.27
N ILE E 278 27.82 61.37 16.21
CA ILE E 278 29.19 61.33 16.70
C ILE E 278 29.25 60.90 18.15
N ASP E 279 29.99 59.82 18.40
CA ASP E 279 30.14 59.28 19.74
C ASP E 279 31.32 60.03 20.36
N TYR E 280 31.08 60.70 21.49
CA TYR E 280 32.12 61.45 22.19
C TYR E 280 33.07 60.54 22.94
N SER E 281 32.61 59.34 23.28
CA SER E 281 33.44 58.40 24.01
C SER E 281 34.14 57.37 23.13
N HIS E 282 34.51 56.26 23.76
CA HIS E 282 35.19 55.15 23.11
C HIS E 282 36.41 55.51 22.27
N GLY E 283 36.38 55.15 21.00
CA GLY E 283 37.52 55.44 20.15
C GLY E 283 37.85 56.92 20.08
N ASN E 284 36.84 57.77 20.22
CA ASN E 284 37.05 59.22 20.15
C ASN E 284 37.38 59.82 21.51
N SER E 285 37.23 59.02 22.57
CA SER E 285 37.54 59.46 23.93
C SER E 285 39.04 59.28 24.11
N ASN E 286 39.62 58.49 23.22
CA ASN E 286 41.06 58.24 23.21
C ASN E 286 41.63 57.75 24.54
N LYS E 287 41.00 56.72 25.11
CA LYS E 287 41.45 56.13 26.37
C LYS E 287 41.27 57.01 27.61
N ASP E 288 40.73 58.22 27.43
CA ASP E 288 40.55 59.14 28.55
C ASP E 288 39.19 59.83 28.50
N PHE E 289 38.30 59.44 29.41
CA PHE E 289 36.94 59.99 29.44
C PHE E 289 36.86 61.50 29.60
N ARG E 290 37.88 62.12 30.20
CA ARG E 290 37.86 63.56 30.38
C ARG E 290 37.93 64.25 29.02
N ASN E 291 38.11 63.45 27.96
CA ASN E 291 38.19 64.00 26.62
C ASN E 291 36.84 64.23 25.95
N GLN E 292 35.76 63.72 26.54
CA GLN E 292 34.44 63.89 25.96
C GLN E 292 34.11 65.35 25.70
N PRO E 293 34.22 66.21 26.73
CA PRO E 293 33.92 67.63 26.50
C PRO E 293 34.77 68.28 25.42
N LYS E 294 36.00 67.78 25.24
CA LYS E 294 36.89 68.32 24.21
C LYS E 294 36.34 67.94 22.84
N VAL E 295 35.80 66.72 22.75
CA VAL E 295 35.21 66.24 21.50
C VAL E 295 33.98 67.11 21.25
N ASN E 296 33.32 67.50 22.33
CA ASN E 296 32.14 68.33 22.26
C ASN E 296 32.43 69.68 21.63
N ASP E 297 33.42 70.39 22.16
CA ASP E 297 33.77 71.70 21.63
C ASP E 297 33.85 71.60 20.11
N VAL E 298 34.74 70.74 19.64
CA VAL E 298 34.95 70.53 18.21
C VAL E 298 33.68 70.20 17.43
N VAL E 299 32.78 69.41 18.02
CA VAL E 299 31.56 69.09 17.32
C VAL E 299 30.67 70.34 17.28
N CYS E 300 30.55 71.00 18.44
CA CYS E 300 29.75 72.21 18.54
C CYS E 300 30.20 73.25 17.50
N GLU E 301 31.50 73.50 17.43
CA GLU E 301 31.97 74.48 16.46
C GLU E 301 31.48 74.11 15.07
N GLN E 302 31.50 72.82 14.74
CA GLN E 302 31.05 72.37 13.43
C GLN E 302 29.59 72.67 13.22
N ILE E 303 28.77 72.29 14.21
CA ILE E 303 27.33 72.51 14.15
C ILE E 303 27.01 74.00 14.08
N ALA E 304 27.46 74.76 15.10
CA ALA E 304 27.22 76.19 15.18
C ALA E 304 27.59 76.94 13.90
N ASN E 305 28.48 76.38 13.09
CA ASN E 305 28.87 77.04 11.85
C ASN E 305 28.06 76.55 10.66
N GLY E 306 27.05 75.73 10.93
CA GLY E 306 26.21 75.24 9.84
C GLY E 306 26.40 73.84 9.32
N GLU E 307 26.93 72.93 10.15
CA GLU E 307 27.10 71.55 9.73
C GLU E 307 25.80 70.86 10.06
N ASN E 308 25.01 70.58 9.02
CA ASN E 308 23.73 69.92 9.24
C ASN E 308 23.83 68.41 9.15
N ALA E 309 24.96 67.92 8.66
CA ALA E 309 25.20 66.48 8.53
C ALA E 309 25.28 65.78 9.88
N ILE E 310 25.70 66.51 10.91
CA ILE E 310 25.81 65.97 12.26
C ILE E 310 24.46 66.13 12.95
N THR E 311 23.67 65.06 12.98
CA THR E 311 22.35 65.14 13.59
C THR E 311 22.22 64.49 14.97
N GLY E 312 23.27 63.82 15.41
CA GLY E 312 23.23 63.18 16.72
C GLY E 312 24.60 63.04 17.35
N VAL E 313 24.61 62.81 18.65
CA VAL E 313 25.86 62.62 19.39
C VAL E 313 25.56 61.65 20.50
N MET E 314 26.60 60.97 21.00
CA MET E 314 26.42 60.02 22.09
C MET E 314 27.38 60.37 23.20
N ILE E 315 26.91 60.27 24.43
CA ILE E 315 27.69 60.63 25.61
C ILE E 315 27.58 59.62 26.74
N GLU E 316 28.71 59.24 27.32
CA GLU E 316 28.74 58.30 28.44
C GLU E 316 28.81 59.09 29.74
N SER E 317 27.63 59.45 30.24
CA SER E 317 27.50 60.24 31.46
C SER E 317 26.96 59.42 32.63
N ASN E 318 27.27 59.86 33.84
CA ASN E 318 26.81 59.19 35.05
C ASN E 318 26.79 60.22 36.17
N ILE E 319 26.00 60.00 37.21
CA ILE E 319 25.94 60.95 38.33
C ILE E 319 27.36 61.45 38.65
N ASN E 320 28.29 60.52 38.82
CA ASN E 320 29.66 60.86 39.14
C ASN E 320 30.64 60.27 38.12
N GLU E 321 31.62 61.07 37.71
CA GLU E 321 32.60 60.63 36.72
C GLU E 321 33.41 59.41 37.15
N GLY E 322 34.25 58.91 36.23
CA GLY E 322 35.08 57.75 36.50
C GLY E 322 34.38 56.39 36.51
N ASN E 323 35.04 55.38 37.09
CA ASN E 323 34.48 54.03 37.18
C ASN E 323 34.96 53.23 38.39
N LYS E 335 30.26 51.85 45.64
CA LYS E 335 30.30 53.31 45.46
C LYS E 335 29.15 53.75 44.56
N TYR E 336 28.10 54.27 45.18
CA TYR E 336 26.90 54.73 44.47
C TYR E 336 27.16 55.88 43.49
N GLY E 337 26.62 55.76 42.29
CA GLY E 337 26.78 56.81 41.28
C GLY E 337 27.99 56.73 40.38
N VAL E 338 28.79 55.68 40.51
CA VAL E 338 29.99 55.50 39.68
C VAL E 338 29.93 54.20 38.87
N SER E 339 30.36 54.30 37.62
CA SER E 339 30.35 53.18 36.68
C SER E 339 31.24 51.98 37.06
N ILE E 340 30.73 50.77 36.88
CA ILE E 340 31.51 49.58 37.19
C ILE E 340 32.09 48.99 35.90
N THR E 341 31.79 49.63 34.78
CA THR E 341 32.32 49.20 33.49
C THR E 341 33.25 50.33 33.04
N ASP E 342 32.97 50.98 31.91
CA ASP E 342 33.84 52.06 31.47
C ASP E 342 33.63 53.31 32.33
N ALA E 343 34.58 54.24 32.25
CA ALA E 343 34.49 55.48 33.03
C ALA E 343 33.67 56.54 32.29
N CYS E 344 32.72 57.13 33.00
CA CYS E 344 31.83 58.16 32.43
C CYS E 344 32.16 59.51 33.07
N ILE E 345 31.66 60.59 32.46
CA ILE E 345 31.90 61.92 33.02
C ILE E 345 30.83 62.18 34.09
N GLY E 346 31.08 63.17 34.95
CA GLY E 346 30.13 63.47 36.00
C GLY E 346 28.92 64.26 35.51
N TRP E 347 27.89 64.34 36.34
CA TRP E 347 26.68 65.06 35.95
C TRP E 347 26.91 66.50 35.57
N GLU E 348 27.58 67.23 36.46
CA GLU E 348 27.89 68.63 36.23
C GLU E 348 28.52 68.72 34.86
N THR E 349 29.60 67.97 34.69
CA THR E 349 30.35 67.92 33.44
C THR E 349 29.36 67.68 32.29
N THR E 350 28.50 66.70 32.49
CA THR E 350 27.51 66.33 31.50
C THR E 350 26.61 67.52 31.18
N GLU E 351 26.11 68.17 32.22
CA GLU E 351 25.24 69.33 32.04
C GLU E 351 25.91 70.44 31.23
N ASP E 352 27.11 70.82 31.64
CA ASP E 352 27.84 71.87 30.96
C ASP E 352 27.94 71.60 29.47
N VAL E 353 28.09 70.32 29.11
CA VAL E 353 28.23 69.92 27.72
C VAL E 353 26.95 70.06 26.91
N LEU E 354 25.86 69.47 27.39
CA LEU E 354 24.60 69.53 26.67
C LEU E 354 24.17 70.97 26.44
N ARG E 355 24.58 71.85 27.35
CA ARG E 355 24.23 73.25 27.26
C ARG E 355 24.99 73.93 26.13
N LYS E 356 26.28 73.61 26.00
CA LYS E 356 27.08 74.17 24.92
C LYS E 356 26.49 73.65 23.61
N LEU E 357 26.13 72.36 23.63
CA LEU E 357 25.56 71.70 22.47
C LEU E 357 24.25 72.36 22.07
N ALA E 358 23.31 72.40 23.02
CA ALA E 358 22.01 73.01 22.79
C ALA E 358 22.20 74.41 22.20
N ALA E 359 23.18 75.13 22.71
CA ALA E 359 23.49 76.46 22.25
C ALA E 359 24.06 76.47 20.83
N ALA E 360 24.84 75.45 20.50
CA ALA E 360 25.44 75.34 19.16
C ALA E 360 24.33 75.05 18.17
N VAL E 361 23.28 74.37 18.65
CA VAL E 361 22.14 74.01 17.83
C VAL E 361 21.40 75.29 17.40
N ARG E 362 21.25 76.22 18.34
CA ARG E 362 20.58 77.49 18.10
C ARG E 362 21.42 78.27 17.10
N GLN E 363 22.71 78.30 17.34
CA GLN E 363 23.63 79.01 16.48
C GLN E 363 23.50 78.50 15.05
N ARG E 364 23.62 77.18 14.90
CA ARG E 364 23.52 76.54 13.60
C ARG E 364 22.26 76.95 12.87
N ARG E 365 21.20 77.26 13.62
CA ARG E 365 19.94 77.69 13.00
C ARG E 365 20.08 79.06 12.39
N GLU E 366 20.89 79.91 13.02
CA GLU E 366 21.12 81.26 12.54
C GLU E 366 21.79 81.21 11.18
N VAL E 367 22.89 80.47 11.07
CA VAL E 367 23.61 80.38 9.81
C VAL E 367 22.65 79.94 8.69
N ASN E 368 21.55 79.30 9.08
CA ASN E 368 20.54 78.84 8.13
C ASN E 368 19.45 79.92 8.05
N VAL F 23 5.76 46.05 13.46
CA VAL F 23 5.89 47.15 12.45
C VAL F 23 6.90 46.84 11.36
N ARG F 24 8.11 46.41 11.74
CA ARG F 24 9.14 46.07 10.77
C ARG F 24 9.28 44.57 10.62
N ILE F 25 8.34 43.86 11.24
CA ILE F 25 8.30 42.41 11.14
C ILE F 25 7.09 42.05 10.28
N LEU F 26 7.36 41.49 9.11
CA LEU F 26 6.29 41.08 8.22
C LEU F 26 5.54 39.95 8.87
N GLY F 27 6.26 38.99 9.44
CA GLY F 27 5.60 37.88 10.10
C GLY F 27 6.54 36.76 10.51
N TYR F 28 5.94 35.69 11.03
CA TYR F 28 6.68 34.51 11.46
C TYR F 28 6.00 33.28 10.89
N ASP F 29 6.79 32.32 10.45
CA ASP F 29 6.26 31.08 9.88
C ASP F 29 6.74 29.97 10.79
N PRO F 30 5.97 28.87 10.88
CA PRO F 30 6.37 27.76 11.74
C PRO F 30 7.66 27.10 11.31
N LEU F 31 8.45 26.69 12.29
CA LEU F 31 9.73 26.06 12.05
C LEU F 31 9.83 24.71 12.77
N ALA F 32 10.17 23.66 12.03
CA ALA F 32 10.31 22.34 12.63
C ALA F 32 11.43 22.50 13.63
N SER F 33 11.42 21.69 14.70
CA SER F 33 12.46 21.81 15.71
C SER F 33 13.65 20.92 15.37
N PRO F 34 14.81 21.16 16.02
CA PRO F 34 16.02 20.36 15.78
C PRO F 34 15.76 18.88 16.04
N ALA F 35 14.97 18.60 17.06
CA ALA F 35 14.64 17.22 17.45
C ALA F 35 13.74 16.54 16.42
N LEU F 36 12.77 17.27 15.90
CA LEU F 36 11.88 16.73 14.90
C LEU F 36 12.67 16.44 13.62
N LEU F 37 13.52 17.38 13.22
CA LEU F 37 14.33 17.22 12.01
C LEU F 37 15.34 16.08 12.16
N GLN F 38 15.87 15.91 13.37
CA GLN F 38 16.84 14.85 13.62
C GLN F 38 16.21 13.46 13.58
N VAL F 39 14.92 13.38 13.86
CA VAL F 39 14.23 12.10 13.82
C VAL F 39 13.89 11.81 12.36
N GLN F 40 13.48 12.86 11.65
CA GLN F 40 13.13 12.76 10.23
C GLN F 40 14.33 12.38 9.37
N ILE F 41 15.48 12.98 9.67
CA ILE F 41 16.72 12.71 8.92
C ILE F 41 17.80 12.21 9.88
N PRO F 42 17.70 10.93 10.30
CA PRO F 42 18.66 10.33 11.22
C PRO F 42 20.06 10.19 10.64
N ALA F 43 21.05 10.26 11.53
CA ALA F 43 22.45 10.13 11.17
C ALA F 43 22.86 8.65 11.24
N THR F 44 23.45 8.13 10.17
CA THR F 44 23.87 6.74 10.18
C THR F 44 25.00 6.55 11.17
N PRO F 45 25.23 5.30 11.62
CA PRO F 45 26.31 5.10 12.56
C PRO F 45 27.65 5.53 11.94
N THR F 46 27.75 5.40 10.62
CA THR F 46 28.98 5.78 9.92
C THR F 46 29.16 7.28 9.92
N SER F 47 28.06 8.02 9.77
CA SER F 47 28.12 9.47 9.77
C SER F 47 28.64 9.91 11.14
N LEU F 48 28.06 9.33 12.19
CA LEU F 48 28.44 9.67 13.56
C LEU F 48 29.90 9.33 13.89
N GLU F 49 30.37 8.21 13.35
CA GLU F 49 31.74 7.82 13.60
C GLU F 49 32.70 8.71 12.81
N THR F 50 32.34 9.02 11.56
CA THR F 50 33.18 9.89 10.72
C THR F 50 33.35 11.27 11.37
N ALA F 51 32.25 11.81 11.90
CA ALA F 51 32.28 13.12 12.54
C ALA F 51 33.19 13.09 13.78
N LYS F 52 33.04 12.04 14.58
CA LYS F 52 33.85 11.89 15.77
C LYS F 52 35.32 11.72 15.40
N ARG F 53 35.58 10.90 14.40
CA ARG F 53 36.95 10.69 13.93
C ARG F 53 37.59 12.01 13.49
N GLY F 54 36.85 12.77 12.67
CA GLY F 54 37.37 14.04 12.19
C GLY F 54 37.79 14.98 13.30
N ARG F 55 37.02 15.03 14.38
CA ARG F 55 37.34 15.91 15.51
C ARG F 55 38.59 15.47 16.26
N ARG F 56 38.79 14.16 16.37
CA ARG F 56 39.96 13.63 17.08
C ARG F 56 41.22 13.98 16.30
N GLU F 57 41.20 13.67 15.01
CA GLU F 57 42.33 13.95 14.14
C GLU F 57 42.64 15.44 14.09
N ALA F 58 41.59 16.26 14.08
CA ALA F 58 41.75 17.71 14.05
C ALA F 58 42.50 18.16 15.30
N ILE F 59 42.01 17.73 16.45
CA ILE F 59 42.61 18.07 17.74
C ILE F 59 44.09 17.67 17.80
N ASP F 60 44.40 16.46 17.35
CA ASP F 60 45.77 15.98 17.37
C ASP F 60 46.70 16.87 16.56
N ILE F 61 46.19 17.38 15.44
CA ILE F 61 46.99 18.21 14.58
C ILE F 61 47.17 19.62 15.13
N ILE F 62 46.09 20.28 15.55
CA ILE F 62 46.22 21.65 16.07
C ILE F 62 46.92 21.73 17.42
N THR F 63 47.04 20.60 18.11
CA THR F 63 47.73 20.59 19.41
C THR F 63 49.12 19.99 19.22
N GLY F 64 49.48 19.73 17.97
CA GLY F 64 50.78 19.19 17.65
C GLY F 64 51.06 17.75 18.02
N LYS F 65 50.03 16.93 18.15
CA LYS F 65 50.23 15.53 18.48
C LYS F 65 50.54 14.77 17.20
N ASP F 66 50.02 15.27 16.09
CA ASP F 66 50.23 14.64 14.79
C ASP F 66 50.88 15.66 13.86
N ASP F 67 51.86 15.20 13.09
CA ASP F 67 52.59 16.06 12.16
C ASP F 67 51.95 16.19 10.79
N ARG F 68 50.72 15.70 10.66
CA ARG F 68 50.00 15.80 9.41
C ARG F 68 49.36 17.18 9.42
N VAL F 69 49.03 17.70 8.26
CA VAL F 69 48.42 19.01 8.17
C VAL F 69 46.91 18.87 8.04
N LEU F 70 46.17 19.71 8.76
CA LEU F 70 44.72 19.70 8.72
C LEU F 70 44.25 20.53 7.53
N VAL F 71 43.45 19.91 6.67
CA VAL F 71 42.96 20.57 5.46
C VAL F 71 41.44 20.67 5.42
N ILE F 72 40.94 21.91 5.38
CA ILE F 72 39.51 22.16 5.28
C ILE F 72 39.39 22.59 3.83
N VAL F 73 38.92 21.67 2.97
CA VAL F 73 38.83 21.98 1.55
C VAL F 73 37.49 21.60 0.92
N GLY F 74 37.00 22.48 0.05
CA GLY F 74 35.71 22.27 -0.61
C GLY F 74 35.15 23.57 -1.18
N PRO F 75 33.93 23.54 -1.73
CA PRO F 75 33.30 24.72 -2.31
C PRO F 75 33.17 25.91 -1.40
N CYS F 76 33.05 27.09 -1.99
CA CYS F 76 32.86 28.31 -1.21
C CYS F 76 31.52 28.14 -0.51
N SER F 77 30.59 27.49 -1.22
CA SER F 77 29.26 27.26 -0.71
C SER F 77 28.63 26.07 -1.44
N ILE F 78 27.78 25.31 -0.75
CA ILE F 78 27.10 24.20 -1.40
C ILE F 78 25.68 24.64 -1.74
N HIS F 79 25.31 24.54 -3.01
CA HIS F 79 23.97 24.90 -3.45
C HIS F 79 23.38 23.68 -4.16
N ASP F 80 24.19 22.62 -4.30
CA ASP F 80 23.76 21.41 -4.98
C ASP F 80 24.31 20.14 -4.33
N LEU F 81 23.41 19.32 -3.80
CA LEU F 81 23.81 18.08 -3.14
C LEU F 81 24.32 17.04 -4.14
N GLU F 82 23.90 17.21 -5.39
CA GLU F 82 24.30 16.29 -6.46
C GLU F 82 25.79 16.51 -6.73
N ALA F 83 26.14 17.75 -7.02
CA ALA F 83 27.51 18.13 -7.30
C ALA F 83 28.34 17.91 -6.06
N ALA F 84 27.72 18.21 -4.91
CA ALA F 84 28.40 18.05 -3.62
C ALA F 84 28.84 16.60 -3.39
N GLN F 85 28.00 15.64 -3.75
CA GLN F 85 28.34 14.24 -3.54
C GLN F 85 29.46 13.74 -4.45
N GLU F 86 29.51 14.25 -5.68
CA GLU F 86 30.57 13.84 -6.59
C GLU F 86 31.90 14.38 -6.07
N TYR F 87 31.90 15.64 -5.65
CA TYR F 87 33.09 16.28 -5.11
C TYR F 87 33.58 15.44 -3.91
N ALA F 88 32.68 15.20 -2.96
CA ALA F 88 32.99 14.44 -1.75
C ALA F 88 33.63 13.09 -2.09
N LEU F 89 33.06 12.45 -3.11
CA LEU F 89 33.56 11.17 -3.56
C LEU F 89 35.01 11.31 -4.00
N ARG F 90 35.27 12.28 -4.87
CA ARG F 90 36.63 12.52 -5.37
C ARG F 90 37.57 12.89 -4.22
N LEU F 91 37.09 13.74 -3.32
CA LEU F 91 37.91 14.18 -2.19
C LEU F 91 38.17 13.02 -1.24
N LYS F 92 37.20 12.11 -1.16
CA LYS F 92 37.36 10.98 -0.27
C LYS F 92 38.47 10.03 -0.72
N LYS F 93 38.45 9.60 -1.97
CA LYS F 93 39.48 8.68 -2.43
C LYS F 93 40.85 9.31 -2.38
N LEU F 94 40.94 10.58 -2.75
CA LEU F 94 42.21 11.29 -2.74
C LEU F 94 42.67 11.32 -1.29
N SER F 95 41.74 11.64 -0.41
CA SER F 95 42.00 11.71 1.01
C SER F 95 42.67 10.40 1.49
N ASP F 96 42.08 9.27 1.14
CA ASP F 96 42.62 7.98 1.55
C ASP F 96 44.06 7.79 1.09
N GLU F 97 44.35 8.23 -0.12
CA GLU F 97 45.70 8.11 -0.66
C GLU F 97 46.69 8.98 0.10
N LEU F 98 46.33 10.22 0.37
CA LEU F 98 47.21 11.16 1.06
C LEU F 98 47.02 11.20 2.58
N LYS F 99 46.24 10.27 3.12
CA LYS F 99 45.97 10.29 4.55
C LYS F 99 47.20 10.20 5.45
N GLY F 100 48.31 9.74 4.88
CA GLY F 100 49.51 9.62 5.69
C GLY F 100 50.10 10.98 6.01
N ASP F 101 49.80 11.96 5.16
CA ASP F 101 50.34 13.31 5.36
C ASP F 101 49.26 14.37 5.59
N LEU F 102 48.05 14.12 5.09
CA LEU F 102 46.98 15.08 5.24
C LEU F 102 45.72 14.54 5.91
N SER F 103 45.11 15.36 6.76
CA SER F 103 43.85 15.00 7.39
C SER F 103 42.83 15.96 6.78
N ILE F 104 42.05 15.44 5.84
CA ILE F 104 41.10 16.24 5.12
C ILE F 104 39.67 16.26 5.63
N ILE F 105 39.13 17.48 5.71
CA ILE F 105 37.77 17.74 6.14
C ILE F 105 37.17 18.55 5.00
N MET F 106 35.96 18.21 4.57
CA MET F 106 35.33 18.92 3.47
C MET F 106 34.61 20.20 3.87
N ARG F 107 34.78 21.23 3.05
CA ARG F 107 34.07 22.48 3.28
C ARG F 107 32.66 22.20 2.77
N ALA F 108 31.68 22.21 3.67
CA ALA F 108 30.29 22.00 3.29
C ALA F 108 29.53 23.17 3.90
N TYR F 109 29.83 24.37 3.39
CA TYR F 109 29.24 25.60 3.90
C TYR F 109 27.78 25.86 3.51
N LEU F 110 26.96 26.03 4.54
CA LEU F 110 25.52 26.25 4.45
C LEU F 110 25.11 27.70 4.61
N GLU F 111 25.97 28.51 5.20
CA GLU F 111 25.68 29.91 5.43
C GLU F 111 26.82 30.80 4.98
N LYS F 112 26.48 31.82 4.20
CA LYS F 112 27.46 32.75 3.67
C LYS F 112 27.18 34.20 4.12
N PRO F 113 28.19 34.86 4.72
CA PRO F 113 28.04 36.25 5.18
C PRO F 113 28.27 37.21 4.01
N ARG F 114 27.24 37.99 3.68
CA ARG F 114 27.30 38.93 2.57
C ARG F 114 27.85 40.29 3.00
N THR F 115 28.41 41.05 2.05
CA THR F 115 28.95 42.38 2.36
C THR F 115 27.79 43.29 2.68
N THR F 116 26.68 43.07 1.98
CA THR F 116 25.44 43.81 2.21
C THR F 116 24.30 42.79 2.08
N VAL F 117 23.87 42.51 0.85
CA VAL F 117 22.79 41.53 0.65
C VAL F 117 23.20 40.53 -0.43
N GLY F 118 22.59 39.34 -0.38
CA GLY F 118 22.89 38.30 -1.35
C GLY F 118 22.42 36.93 -0.88
N TRP F 119 22.48 35.93 -1.76
CA TRP F 119 22.08 34.57 -1.41
C TRP F 119 22.90 34.17 -0.17
N LYS F 120 22.22 33.88 0.93
CA LYS F 120 22.91 33.50 2.15
C LYS F 120 23.30 32.04 2.25
N GLY F 121 22.85 31.23 1.30
CA GLY F 121 23.21 29.82 1.33
C GLY F 121 22.06 28.84 1.25
N LEU F 122 22.40 27.55 1.36
CA LEU F 122 21.46 26.44 1.27
C LEU F 122 20.30 26.43 2.28
N ILE F 123 20.58 26.75 3.53
CA ILE F 123 19.53 26.74 4.54
C ILE F 123 18.54 27.88 4.30
N ASN F 124 19.09 29.08 4.18
CA ASN F 124 18.29 30.27 3.99
C ASN F 124 17.39 30.26 2.76
N ASP F 125 17.91 29.77 1.64
CA ASP F 125 17.14 29.76 0.41
C ASP F 125 17.63 28.63 -0.49
N PRO F 126 17.28 27.38 -0.15
CA PRO F 126 17.70 26.19 -0.90
C PRO F 126 17.32 26.13 -2.39
N ASP F 127 16.20 26.76 -2.74
CA ASP F 127 15.74 26.75 -4.13
C ASP F 127 16.36 27.90 -4.93
N VAL F 128 17.28 28.62 -4.30
CA VAL F 128 17.97 29.74 -4.91
C VAL F 128 17.08 30.58 -5.80
N ASN F 129 15.90 30.93 -5.32
CA ASN F 129 14.99 31.73 -6.12
C ASN F 129 14.23 32.74 -5.29
N ASN F 130 14.74 33.04 -4.09
CA ASN F 130 14.10 34.00 -3.21
C ASN F 130 12.81 33.50 -2.59
N THR F 131 12.71 32.19 -2.34
CA THR F 131 11.51 31.69 -1.72
C THR F 131 11.76 31.48 -0.22
N PHE F 132 13.04 31.40 0.14
CA PHE F 132 13.42 31.26 1.54
C PHE F 132 12.65 30.18 2.29
N ASN F 133 12.66 28.98 1.75
CA ASN F 133 12.00 27.87 2.41
C ASN F 133 13.04 27.34 3.39
N ILE F 134 13.13 27.98 4.55
CA ILE F 134 14.11 27.58 5.55
C ILE F 134 13.91 26.17 6.08
N ASN F 135 12.66 25.71 6.16
CA ASN F 135 12.40 24.36 6.63
C ASN F 135 13.00 23.35 5.67
N LYS F 136 12.82 23.60 4.38
CA LYS F 136 13.36 22.72 3.35
C LYS F 136 14.87 22.87 3.39
N GLY F 137 15.34 24.09 3.61
CA GLY F 137 16.76 24.35 3.65
C GLY F 137 17.42 23.51 4.72
N LEU F 138 16.79 23.47 5.88
CA LEU F 138 17.31 22.69 6.99
C LEU F 138 17.27 21.19 6.63
N GLN F 139 16.25 20.77 5.92
CA GLN F 139 16.18 19.36 5.53
C GLN F 139 17.32 19.06 4.58
N SER F 140 17.50 19.89 3.56
CA SER F 140 18.58 19.67 2.60
C SER F 140 19.91 19.65 3.33
N ALA F 141 20.12 20.66 4.16
CA ALA F 141 21.35 20.80 4.92
C ALA F 141 21.71 19.53 5.69
N ARG F 142 20.73 19.01 6.43
CA ARG F 142 20.99 17.81 7.22
C ARG F 142 21.18 16.59 6.34
N GLN F 143 20.35 16.45 5.31
CA GLN F 143 20.47 15.31 4.43
C GLN F 143 21.84 15.37 3.77
N LEU F 144 22.26 16.58 3.40
CA LEU F 144 23.56 16.79 2.79
C LEU F 144 24.65 16.29 3.74
N PHE F 145 24.58 16.78 4.98
CA PHE F 145 25.55 16.42 6.00
C PHE F 145 25.66 14.92 6.23
N VAL F 146 24.52 14.25 6.27
CA VAL F 146 24.52 12.81 6.45
C VAL F 146 25.12 12.13 5.22
N ASN F 147 24.73 12.59 4.03
CA ASN F 147 25.23 12.02 2.78
C ASN F 147 26.75 12.03 2.71
N LEU F 148 27.34 13.17 3.07
CA LEU F 148 28.78 13.37 3.04
C LEU F 148 29.52 12.52 4.07
N THR F 149 29.17 12.69 5.34
CA THR F 149 29.82 11.93 6.41
C THR F 149 29.54 10.43 6.30
N ASN F 150 28.40 10.07 5.72
CA ASN F 150 28.05 8.68 5.58
C ASN F 150 29.03 7.89 4.71
N ILE F 151 29.83 8.59 3.90
CA ILE F 151 30.80 7.89 3.07
C ILE F 151 32.17 7.97 3.71
N GLY F 152 32.22 8.45 4.95
CA GLY F 152 33.47 8.56 5.67
C GLY F 152 34.26 9.84 5.52
N LEU F 153 33.61 10.88 4.97
CA LEU F 153 34.28 12.16 4.77
C LEU F 153 33.82 13.18 5.82
N PRO F 154 34.72 13.58 6.75
CA PRO F 154 34.38 14.56 7.78
C PRO F 154 34.12 15.90 7.12
N ILE F 155 33.28 16.72 7.75
CA ILE F 155 32.92 18.01 7.18
C ILE F 155 33.07 19.18 8.14
N GLY F 156 33.15 20.37 7.56
CA GLY F 156 33.28 21.59 8.35
C GLY F 156 32.41 22.66 7.72
N SER F 157 32.01 23.65 8.51
CA SER F 157 31.16 24.73 7.98
C SER F 157 31.37 26.03 8.76
N GLU F 158 30.87 27.14 8.23
CA GLU F 158 30.99 28.38 8.97
C GLU F 158 29.76 28.46 9.85
N MET F 159 30.01 28.64 11.14
CA MET F 159 28.95 28.73 12.13
C MET F 159 28.54 30.18 12.18
N LEU F 160 27.71 30.61 11.24
CA LEU F 160 27.24 31.99 11.19
C LEU F 160 25.98 32.15 12.03
N ASP F 161 25.00 31.30 11.77
CA ASP F 161 23.74 31.32 12.48
C ASP F 161 23.98 30.64 13.83
N THR F 162 23.41 31.20 14.89
CA THR F 162 23.57 30.63 16.22
C THR F 162 22.50 29.57 16.54
N ILE F 163 21.49 29.47 15.68
CA ILE F 163 20.42 28.50 15.89
C ILE F 163 20.61 27.22 15.07
N SER F 164 20.98 27.35 13.81
CA SER F 164 21.17 26.20 12.94
C SER F 164 22.05 25.07 13.50
N PRO F 165 23.11 25.41 14.27
CA PRO F 165 23.97 24.36 14.81
C PRO F 165 23.21 23.26 15.55
N GLN F 166 22.11 23.63 16.22
CA GLN F 166 21.29 22.66 16.96
C GLN F 166 20.79 21.57 16.01
N TYR F 167 20.61 21.92 14.75
CA TYR F 167 20.11 20.97 13.77
C TYR F 167 21.17 20.09 13.10
N LEU F 168 22.43 20.48 13.20
CA LEU F 168 23.48 19.75 12.48
C LEU F 168 24.79 19.43 13.20
N ALA F 169 25.01 20.07 14.34
CA ALA F 169 26.23 19.91 15.12
C ALA F 169 26.73 18.47 15.27
N ASP F 170 25.82 17.52 15.38
CA ASP F 170 26.24 16.14 15.57
C ASP F 170 27.00 15.53 14.40
N LEU F 171 26.93 16.16 13.23
CA LEU F 171 27.59 15.67 12.03
C LEU F 171 28.85 16.46 11.63
N VAL F 172 29.13 17.53 12.36
CA VAL F 172 30.26 18.41 12.09
C VAL F 172 31.55 18.14 12.87
N SER F 173 32.68 18.13 12.17
CA SER F 173 33.99 17.88 12.77
C SER F 173 34.81 19.17 12.93
N PHE F 174 34.38 20.23 12.24
CA PHE F 174 35.07 21.52 12.29
C PHE F 174 34.09 22.66 12.08
N GLY F 175 34.30 23.73 12.84
CA GLY F 175 33.45 24.90 12.71
C GLY F 175 34.32 26.13 12.53
N ALA F 176 33.92 27.02 11.62
CA ALA F 176 34.67 28.24 11.40
C ALA F 176 33.84 29.47 11.76
N ILE F 177 34.48 30.45 12.37
CA ILE F 177 33.81 31.70 12.72
C ILE F 177 34.38 32.69 11.70
N GLY F 178 33.50 33.31 10.92
CA GLY F 178 33.94 34.25 9.91
C GLY F 178 34.66 35.49 10.40
N ALA F 179 35.39 36.11 9.49
CA ALA F 179 36.13 37.33 9.77
C ALA F 179 35.17 38.44 10.20
N ARG F 180 33.94 38.40 9.69
CA ARG F 180 32.97 39.41 10.02
C ARG F 180 32.23 39.18 11.33
N THR F 181 32.47 38.03 11.96
CA THR F 181 31.80 37.70 13.22
C THR F 181 32.74 37.25 14.34
N THR F 182 34.04 37.20 14.05
CA THR F 182 35.04 36.83 15.04
C THR F 182 34.99 37.72 16.28
N GLU F 183 34.71 39.00 16.06
CA GLU F 183 34.61 39.99 17.14
C GLU F 183 33.31 39.89 17.90
N SER F 184 32.34 39.20 17.30
CA SER F 184 31.03 39.06 17.90
C SER F 184 31.03 38.19 19.15
N GLN F 185 30.48 38.73 20.23
CA GLN F 185 30.43 37.99 21.47
C GLN F 185 29.51 36.78 21.36
N LEU F 186 28.46 36.88 20.52
CA LEU F 186 27.52 35.78 20.34
C LEU F 186 28.20 34.57 19.73
N HIS F 187 29.13 34.84 18.82
CA HIS F 187 29.86 33.78 18.15
C HIS F 187 30.98 33.22 19.01
N ARG F 188 31.46 34.00 19.96
CA ARG F 188 32.50 33.51 20.87
C ARG F 188 31.79 32.62 21.91
N GLU F 189 30.57 33.01 22.27
CA GLU F 189 29.77 32.24 23.22
C GLU F 189 29.35 30.95 22.54
N LEU F 190 28.99 31.05 21.27
CA LEU F 190 28.57 29.88 20.53
C LEU F 190 29.72 28.86 20.49
N ALA F 191 30.91 29.35 20.14
CA ALA F 191 32.10 28.50 20.05
C ALA F 191 32.39 27.78 21.36
N SER F 192 32.22 28.49 22.47
CA SER F 192 32.51 27.93 23.78
C SER F 192 31.68 26.70 24.13
N GLY F 193 30.63 26.46 23.36
CA GLY F 193 29.78 25.30 23.61
C GLY F 193 29.72 24.28 22.50
N LEU F 194 30.53 24.45 21.45
CA LEU F 194 30.53 23.50 20.34
C LEU F 194 31.49 22.33 20.64
N SER F 195 31.06 21.11 20.33
CA SER F 195 31.84 19.91 20.60
C SER F 195 32.91 19.51 19.57
N PHE F 196 33.54 20.51 18.96
CA PHE F 196 34.59 20.26 17.98
C PHE F 196 35.44 21.52 17.85
N PRO F 197 36.58 21.40 17.18
CA PRO F 197 37.49 22.53 16.98
C PRO F 197 36.82 23.68 16.22
N VAL F 198 37.18 24.91 16.60
CA VAL F 198 36.65 26.12 16.00
C VAL F 198 37.78 27.06 15.54
N GLY F 199 37.75 27.42 14.27
CA GLY F 199 38.79 28.32 13.78
C GLY F 199 38.22 29.71 13.61
N PHE F 200 38.83 30.70 14.25
CA PHE F 200 38.41 32.10 14.13
C PHE F 200 39.31 32.74 13.08
N LYS F 201 38.70 33.36 12.07
CA LYS F 201 39.43 34.04 11.01
C LYS F 201 39.85 35.40 11.59
N ASN F 202 40.96 35.97 11.10
CA ASN F 202 41.38 37.28 11.58
C ASN F 202 40.38 38.31 11.03
N GLY F 203 40.45 39.55 11.50
CA GLY F 203 39.52 40.56 11.02
C GLY F 203 39.66 40.86 9.54
N THR F 204 38.60 41.44 8.95
CA THR F 204 38.63 41.77 7.53
C THR F 204 39.59 42.93 7.30
N ASP F 205 40.11 43.48 8.39
CA ASP F 205 41.05 44.57 8.32
C ASP F 205 42.45 44.02 8.49
N GLY F 206 42.60 42.73 8.21
CA GLY F 206 43.90 42.08 8.31
C GLY F 206 44.45 41.88 9.71
N THR F 207 43.85 42.47 10.73
CA THR F 207 44.38 42.31 12.09
C THR F 207 44.06 40.93 12.64
N LEU F 208 44.99 40.41 13.40
CA LEU F 208 44.88 39.09 14.00
C LEU F 208 44.38 39.15 15.45
N ASN F 209 44.58 40.28 16.09
CA ASN F 209 44.21 40.47 17.49
C ASN F 209 42.84 39.94 17.88
N VAL F 210 41.82 40.31 17.11
CA VAL F 210 40.46 39.88 17.39
C VAL F 210 40.29 38.36 17.43
N ALA F 211 40.98 37.66 16.52
CA ALA F 211 40.91 36.21 16.45
C ALA F 211 41.56 35.58 17.69
N VAL F 212 42.63 36.21 18.16
CA VAL F 212 43.34 35.74 19.35
C VAL F 212 42.43 35.97 20.56
N ASP F 213 41.81 37.14 20.63
CA ASP F 213 40.90 37.45 21.73
C ASP F 213 39.76 36.46 21.75
N ALA F 214 39.23 36.14 20.57
CA ALA F 214 38.13 35.19 20.44
C ALA F 214 38.46 33.81 21.00
N CYS F 215 39.64 33.28 20.66
CA CYS F 215 40.05 31.97 21.15
C CYS F 215 40.05 31.99 22.68
N GLN F 216 40.63 33.02 23.25
CA GLN F 216 40.68 33.17 24.70
C GLN F 216 39.26 33.17 25.25
N ALA F 217 38.42 34.06 24.73
CA ALA F 217 37.04 34.14 25.19
C ALA F 217 36.37 32.78 25.06
N ALA F 218 36.43 32.23 23.85
CA ALA F 218 35.81 30.93 23.56
C ALA F 218 36.24 29.82 24.52
N ALA F 219 37.42 29.96 25.08
CA ALA F 219 37.95 28.96 26.01
C ALA F 219 37.24 29.02 27.36
N HIS F 220 36.52 30.10 27.63
CA HIS F 220 35.82 30.26 28.90
C HIS F 220 34.39 29.74 28.86
N SER F 221 33.80 29.53 30.03
CA SER F 221 32.43 29.05 30.16
C SER F 221 31.51 30.26 30.00
N HIS F 222 30.38 30.07 29.33
CA HIS F 222 29.47 31.20 29.13
C HIS F 222 28.04 30.85 29.48
N HIS F 223 27.28 31.89 29.82
CA HIS F 223 25.86 31.79 30.17
C HIS F 223 25.08 32.70 29.23
N PHE F 224 24.11 32.15 28.50
CA PHE F 224 23.34 32.96 27.56
C PHE F 224 22.12 32.23 27.05
N MET F 225 21.16 32.99 26.54
CA MET F 225 19.93 32.43 26.00
C MET F 225 20.18 31.83 24.62
N GLY F 226 19.65 30.63 24.40
CA GLY F 226 19.82 29.98 23.11
C GLY F 226 18.64 29.06 22.86
N VAL F 227 18.51 28.55 21.65
CA VAL F 227 17.42 27.65 21.33
C VAL F 227 17.84 26.20 21.56
N THR F 228 16.95 25.42 22.15
CA THR F 228 17.25 24.02 22.44
C THR F 228 16.78 23.08 21.32
N LYS F 229 17.05 21.80 21.48
CA LYS F 229 16.65 20.80 20.50
C LYS F 229 15.13 20.74 20.37
N HIS F 230 14.44 21.36 21.31
CA HIS F 230 12.99 21.37 21.27
C HIS F 230 12.41 22.57 20.54
N GLY F 231 13.28 23.47 20.10
CA GLY F 231 12.81 24.64 19.39
C GLY F 231 12.39 25.76 20.31
N VAL F 232 12.71 25.63 21.59
CA VAL F 232 12.39 26.67 22.56
C VAL F 232 13.66 27.31 23.11
N ALA F 233 13.55 28.58 23.48
CA ALA F 233 14.70 29.31 24.03
C ALA F 233 14.86 29.01 25.52
N ALA F 234 16.10 28.95 25.96
CA ALA F 234 16.40 28.68 27.35
C ALA F 234 17.77 29.26 27.68
N ILE F 235 18.18 29.10 28.93
CA ILE F 235 19.48 29.59 29.37
C ILE F 235 20.49 28.46 29.21
N THR F 236 21.54 28.72 28.44
CA THR F 236 22.57 27.73 28.18
C THR F 236 23.83 28.02 28.98
N THR F 237 24.44 26.97 29.52
CA THR F 237 25.69 27.13 30.24
C THR F 237 26.68 26.26 29.47
N THR F 238 27.74 26.88 28.97
CA THR F 238 28.75 26.15 28.20
C THR F 238 29.97 25.95 29.08
N LYS F 239 30.85 25.02 28.71
CA LYS F 239 32.05 24.80 29.51
C LYS F 239 33.32 25.44 28.97
N GLY F 240 33.29 25.95 27.74
CA GLY F 240 34.48 26.56 27.17
C GLY F 240 35.10 25.59 26.18
N ASN F 241 35.74 26.13 25.14
CA ASN F 241 36.36 25.30 24.11
C ASN F 241 37.87 25.55 24.04
N GLU F 242 38.67 24.54 24.36
CA GLU F 242 40.12 24.71 24.33
C GLU F 242 40.73 24.37 22.98
N HIS F 243 39.90 23.97 22.03
CA HIS F 243 40.43 23.63 20.72
C HIS F 243 40.14 24.69 19.67
N CYS F 244 40.24 25.95 20.07
CA CYS F 244 40.03 27.07 19.17
C CYS F 244 41.37 27.55 18.63
N PHE F 245 41.40 27.92 17.36
CA PHE F 245 42.64 28.38 16.74
C PHE F 245 42.39 29.52 15.75
N VAL F 246 43.48 30.11 15.28
CA VAL F 246 43.43 31.22 14.35
C VAL F 246 43.66 30.83 12.91
N ILE F 247 42.94 31.49 12.01
CA ILE F 247 43.04 31.25 10.58
C ILE F 247 43.46 32.55 9.89
N LEU F 248 44.58 32.51 9.19
CA LEU F 248 45.08 33.69 8.49
C LEU F 248 44.41 33.73 7.13
N ARG F 249 43.62 34.79 6.91
CA ARG F 249 42.88 34.96 5.66
C ARG F 249 43.01 36.31 4.98
N GLY F 250 44.07 37.06 5.30
CA GLY F 250 44.26 38.35 4.68
C GLY F 250 43.28 39.43 5.11
N GLY F 251 43.24 40.51 4.35
CA GLY F 251 42.35 41.62 4.67
C GLY F 251 42.93 42.95 4.22
N LYS F 252 42.49 44.04 4.86
CA LYS F 252 42.95 45.38 4.51
C LYS F 252 44.46 45.57 4.49
N LYS F 253 45.13 45.19 5.57
CA LYS F 253 46.57 45.37 5.61
C LYS F 253 47.37 44.40 4.73
N GLY F 254 46.69 43.69 3.83
CA GLY F 254 47.41 42.79 2.94
C GLY F 254 47.29 41.31 3.24
N THR F 255 47.81 40.50 2.33
CA THR F 255 47.78 39.06 2.51
C THR F 255 48.68 38.72 3.70
N ASN F 256 48.49 37.54 4.32
CA ASN F 256 49.29 37.20 5.48
C ASN F 256 49.73 35.74 5.60
N TYR F 257 50.04 35.12 4.47
CA TYR F 257 50.47 33.72 4.48
C TYR F 257 51.99 33.61 4.36
N ASP F 258 52.65 34.72 4.06
CA ASP F 258 54.10 34.78 3.93
C ASP F 258 54.80 34.51 5.27
N ALA F 259 56.10 34.22 5.23
CA ALA F 259 56.85 33.93 6.44
C ALA F 259 56.86 35.05 7.47
N LYS F 260 56.97 36.29 6.98
CA LYS F 260 56.97 37.46 7.87
C LYS F 260 55.65 37.47 8.65
N SER F 261 54.55 37.41 7.92
CA SER F 261 53.21 37.41 8.50
C SER F 261 53.05 36.30 9.53
N VAL F 262 53.42 35.08 9.14
CA VAL F 262 53.32 33.94 10.04
C VAL F 262 54.20 34.16 11.28
N ALA F 263 55.39 34.72 11.07
CA ALA F 263 56.31 35.01 12.17
C ALA F 263 55.65 35.96 13.15
N GLU F 264 55.09 37.04 12.61
CA GLU F 264 54.39 38.04 13.42
C GLU F 264 53.27 37.41 14.24
N ALA F 265 52.44 36.63 13.55
CA ALA F 265 51.30 35.95 14.14
C ALA F 265 51.66 35.04 15.32
N LYS F 266 52.73 34.27 15.18
CA LYS F 266 53.15 33.39 16.26
C LYS F 266 53.55 34.22 17.46
N ALA F 267 54.03 35.43 17.19
CA ALA F 267 54.46 36.34 18.25
C ALA F 267 53.28 36.84 19.07
N GLN F 268 52.14 37.04 18.42
CA GLN F 268 50.94 37.54 19.11
C GLN F 268 50.15 36.42 19.80
N LEU F 269 50.55 35.18 19.55
CA LEU F 269 49.86 34.03 20.15
C LEU F 269 50.37 33.70 21.54
N PRO F 270 49.46 33.61 22.51
CA PRO F 270 49.84 33.29 23.89
C PRO F 270 50.43 31.89 23.99
N ALA F 271 51.25 31.66 25.01
CA ALA F 271 51.87 30.35 25.21
C ALA F 271 50.79 29.27 25.29
N GLY F 272 51.08 28.10 24.73
CA GLY F 272 50.11 27.01 24.75
C GLY F 272 48.99 27.19 23.75
N SER F 273 49.26 27.93 22.69
CA SER F 273 48.26 28.16 21.64
C SER F 273 48.18 26.95 20.71
N ASN F 274 47.05 26.82 20.04
CA ASN F 274 46.86 25.74 19.08
C ASN F 274 47.44 26.19 17.76
N GLY F 275 47.70 25.22 16.88
CA GLY F 275 48.26 25.54 15.59
C GLY F 275 47.55 26.63 14.82
N LEU F 276 48.26 27.19 13.85
CA LEU F 276 47.76 28.25 13.00
C LEU F 276 47.26 27.65 11.69
N MET F 277 46.16 28.16 11.17
CA MET F 277 45.65 27.68 9.90
C MET F 277 45.74 28.80 8.88
N ILE F 278 46.16 28.46 7.67
CA ILE F 278 46.28 29.45 6.60
C ILE F 278 45.22 29.25 5.53
N ASP F 279 44.44 30.30 5.28
CA ASP F 279 43.39 30.27 4.26
C ASP F 279 44.02 30.78 2.97
N TYR F 280 44.01 29.93 1.94
CA TYR F 280 44.58 30.26 0.64
C TYR F 280 43.66 31.20 -0.14
N SER F 281 42.43 31.31 0.33
CA SER F 281 41.44 32.13 -0.37
C SER F 281 41.09 33.45 0.33
N HIS F 282 39.94 33.99 -0.05
CA HIS F 282 39.44 35.25 0.50
C HIS F 282 40.52 36.33 0.50
N GLY F 283 40.84 36.88 1.66
CA GLY F 283 41.85 37.91 1.71
C GLY F 283 43.17 37.57 1.04
N ASN F 284 43.63 36.33 1.22
CA ASN F 284 44.92 35.92 0.66
C ASN F 284 44.93 35.58 -0.82
N SER F 285 43.75 35.57 -1.43
CA SER F 285 43.63 35.26 -2.85
C SER F 285 43.93 36.52 -3.66
N ASN F 286 43.86 37.66 -2.98
CA ASN F 286 44.15 38.94 -3.59
C ASN F 286 43.24 39.25 -4.79
N LYS F 287 41.96 38.92 -4.66
CA LYS F 287 40.97 39.16 -5.70
C LYS F 287 41.04 38.21 -6.90
N ASP F 288 41.90 37.20 -6.84
CA ASP F 288 42.03 36.25 -7.94
C ASP F 288 42.09 34.83 -7.38
N PHE F 289 41.04 34.05 -7.62
CA PHE F 289 40.96 32.69 -7.12
C PHE F 289 42.08 31.81 -7.66
N ARG F 290 42.65 32.23 -8.78
CA ARG F 290 43.73 31.47 -9.39
C ARG F 290 45.02 31.64 -8.60
N ASN F 291 44.97 32.45 -7.54
CA ASN F 291 46.15 32.66 -6.71
C ASN F 291 46.32 31.60 -5.65
N GLN F 292 45.26 30.86 -5.36
CA GLN F 292 45.34 29.84 -4.33
C GLN F 292 46.53 28.90 -4.49
N PRO F 293 46.80 28.45 -5.72
CA PRO F 293 47.95 27.55 -5.84
C PRO F 293 49.29 28.23 -5.53
N LYS F 294 49.35 29.54 -5.74
CA LYS F 294 50.57 30.31 -5.45
C LYS F 294 50.75 30.45 -3.95
N VAL F 295 49.65 30.62 -3.25
CA VAL F 295 49.69 30.74 -1.80
C VAL F 295 50.20 29.41 -1.27
N ASN F 296 49.76 28.34 -1.91
CA ASN F 296 50.15 26.98 -1.54
C ASN F 296 51.67 26.87 -1.57
N ASP F 297 52.25 27.26 -2.69
CA ASP F 297 53.70 27.19 -2.85
C ASP F 297 54.40 27.87 -1.70
N VAL F 298 54.00 29.11 -1.44
CA VAL F 298 54.59 29.90 -0.37
C VAL F 298 54.41 29.22 0.98
N VAL F 299 53.31 28.51 1.15
CA VAL F 299 53.06 27.82 2.41
C VAL F 299 53.84 26.51 2.47
N CYS F 300 53.77 25.70 1.41
CA CYS F 300 54.51 24.45 1.38
C CYS F 300 55.98 24.78 1.61
N GLU F 301 56.39 25.91 1.04
CA GLU F 301 57.76 26.38 1.15
C GLU F 301 58.14 26.48 2.61
N GLN F 302 57.31 27.15 3.40
CA GLN F 302 57.58 27.29 4.83
C GLN F 302 57.47 25.96 5.58
N ILE F 303 56.49 25.15 5.23
CA ILE F 303 56.28 23.86 5.88
C ILE F 303 57.42 22.89 5.61
N ALA F 304 57.73 22.70 4.33
CA ALA F 304 58.81 21.80 3.93
C ALA F 304 60.13 22.17 4.60
N ASN F 305 60.30 23.45 4.92
CA ASN F 305 61.52 23.91 5.56
C ASN F 305 61.48 23.90 7.07
N GLY F 306 60.49 23.21 7.65
CA GLY F 306 60.44 23.13 9.10
C GLY F 306 59.44 23.95 9.90
N GLU F 307 58.48 24.61 9.25
CA GLU F 307 57.49 25.39 9.99
C GLU F 307 56.44 24.46 10.59
N ASN F 308 56.41 24.39 11.92
CA ASN F 308 55.48 23.52 12.62
C ASN F 308 54.27 24.22 13.21
N ALA F 309 54.27 25.55 13.15
CA ALA F 309 53.16 26.33 13.69
C ALA F 309 52.01 26.28 12.71
N ILE F 310 52.33 26.12 11.43
CA ILE F 310 51.31 26.04 10.40
C ILE F 310 50.80 24.61 10.46
N THR F 311 49.68 24.42 11.15
CA THR F 311 49.08 23.09 11.32
C THR F 311 47.84 22.88 10.45
N GLY F 312 47.34 23.94 9.82
CA GLY F 312 46.17 23.78 8.99
C GLY F 312 46.15 24.66 7.77
N VAL F 313 45.28 24.30 6.83
CA VAL F 313 45.14 25.05 5.59
C VAL F 313 43.67 25.04 5.15
N MET F 314 43.22 26.13 4.53
CA MET F 314 41.85 26.21 4.05
C MET F 314 41.86 26.51 2.55
N ILE F 315 41.10 25.73 1.78
CA ILE F 315 41.06 25.88 0.33
C ILE F 315 39.65 25.89 -0.27
N GLU F 316 39.34 26.90 -1.09
CA GLU F 316 38.05 26.98 -1.74
C GLU F 316 38.16 26.31 -3.10
N SER F 317 37.64 25.09 -3.18
CA SER F 317 37.70 24.28 -4.38
C SER F 317 36.36 23.68 -4.76
N ASN F 318 36.17 23.41 -6.05
CA ASN F 318 34.93 22.81 -6.53
C ASN F 318 35.28 21.84 -7.66
N ILE F 319 34.28 21.17 -8.24
CA ILE F 319 34.53 20.24 -9.34
C ILE F 319 35.18 21.04 -10.44
N ASN F 320 34.48 22.10 -10.85
CA ASN F 320 34.96 23.00 -11.89
C ASN F 320 35.35 24.33 -11.24
N GLU F 321 36.23 25.08 -11.91
CA GLU F 321 36.69 26.37 -11.40
C GLU F 321 35.76 27.54 -11.67
N GLY F 322 36.06 28.67 -11.04
CA GLY F 322 35.29 29.88 -11.22
C GLY F 322 33.98 29.95 -10.45
N ASN F 323 33.05 30.73 -10.97
CA ASN F 323 31.72 30.87 -10.39
C ASN F 323 30.74 31.35 -11.47
N GLN F 324 29.48 31.42 -11.12
CA GLN F 324 28.48 31.82 -12.10
C GLN F 324 27.33 32.57 -11.46
N GLY F 325 26.69 33.44 -12.25
CA GLY F 325 25.57 34.19 -11.73
C GLY F 325 24.43 33.24 -11.41
N ILE F 326 23.32 33.79 -10.93
CA ILE F 326 22.15 32.99 -10.60
C ILE F 326 21.00 33.38 -11.51
N PRO F 327 20.58 32.48 -12.40
CA PRO F 327 19.47 32.81 -13.30
C PRO F 327 18.16 33.07 -12.54
N ALA F 328 17.33 33.94 -13.12
CA ALA F 328 16.05 34.30 -12.50
C ALA F 328 15.23 33.05 -12.18
N GLU F 329 15.22 32.10 -13.12
CA GLU F 329 14.49 30.85 -12.98
C GLU F 329 14.94 30.03 -11.76
N GLY F 330 16.26 29.87 -11.63
CA GLY F 330 16.78 29.12 -10.50
C GLY F 330 17.80 28.08 -10.91
N LYS F 331 17.96 27.08 -10.03
CA LYS F 331 18.90 25.99 -10.21
C LYS F 331 18.93 25.26 -11.56
N ALA F 332 17.78 25.15 -12.21
CA ALA F 332 17.68 24.45 -13.50
C ALA F 332 18.59 25.08 -14.57
N GLY F 333 18.83 26.38 -14.45
CA GLY F 333 19.66 27.06 -15.43
C GLY F 333 21.14 27.10 -15.08
N LEU F 334 21.48 26.71 -13.86
CA LEU F 334 22.86 26.73 -13.39
C LEU F 334 23.76 25.68 -14.05
N LYS F 335 25.06 25.99 -14.12
CA LYS F 335 26.04 25.09 -14.70
C LYS F 335 26.54 24.16 -13.57
N TYR F 336 26.66 22.88 -13.88
CA TYR F 336 27.09 21.86 -12.92
C TYR F 336 28.48 22.06 -12.36
N GLY F 337 28.62 21.85 -11.05
CA GLY F 337 29.89 21.98 -10.38
C GLY F 337 30.55 23.34 -10.42
N VAL F 338 29.76 24.41 -10.53
CA VAL F 338 30.32 25.76 -10.56
C VAL F 338 29.69 26.60 -9.44
N SER F 339 30.54 27.24 -8.66
CA SER F 339 30.11 28.08 -7.54
C SER F 339 29.18 29.22 -7.94
N ILE F 340 28.14 29.44 -7.14
CA ILE F 340 27.25 30.55 -7.44
C ILE F 340 27.57 31.68 -6.47
N THR F 341 28.66 31.49 -5.72
CA THR F 341 29.11 32.51 -4.79
C THR F 341 30.54 32.86 -5.19
N ASP F 342 31.50 32.81 -4.27
CA ASP F 342 32.87 33.15 -4.63
C ASP F 342 33.48 32.08 -5.55
N ALA F 343 34.36 32.52 -6.44
CA ALA F 343 35.05 31.64 -7.39
C ALA F 343 36.01 30.67 -6.70
N CYS F 344 36.04 29.43 -7.20
CA CYS F 344 36.92 28.39 -6.64
C CYS F 344 37.83 27.81 -7.71
N ILE F 345 38.89 27.11 -7.28
CA ILE F 345 39.77 26.47 -8.25
C ILE F 345 39.11 25.12 -8.55
N GLY F 346 39.20 24.67 -9.79
CA GLY F 346 38.59 23.41 -10.18
C GLY F 346 39.22 22.22 -9.48
N TRP F 347 38.69 21.03 -9.77
CA TRP F 347 39.19 19.81 -9.15
C TRP F 347 40.63 19.44 -9.51
N GLU F 348 40.98 19.50 -10.80
CA GLU F 348 42.34 19.15 -11.20
C GLU F 348 43.35 20.00 -10.44
N THR F 349 43.15 21.31 -10.43
CA THR F 349 44.08 22.19 -9.71
C THR F 349 44.15 21.75 -8.25
N THR F 350 42.98 21.51 -7.66
CA THR F 350 42.86 21.10 -6.26
C THR F 350 43.68 19.86 -5.90
N GLU F 351 43.67 18.86 -6.78
CA GLU F 351 44.42 17.64 -6.53
C GLU F 351 45.90 17.98 -6.55
N ASP F 352 46.27 18.82 -7.52
CA ASP F 352 47.64 19.24 -7.68
C ASP F 352 48.13 19.91 -6.38
N VAL F 353 47.34 20.85 -5.89
CA VAL F 353 47.67 21.55 -4.65
C VAL F 353 47.88 20.62 -3.47
N LEU F 354 46.97 19.66 -3.30
CA LEU F 354 47.06 18.74 -2.17
C LEU F 354 48.29 17.84 -2.25
N ARG F 355 48.59 17.33 -3.43
CA ARG F 355 49.78 16.49 -3.61
C ARG F 355 50.99 17.28 -3.12
N LYS F 356 51.14 18.49 -3.65
CA LYS F 356 52.24 19.37 -3.28
C LYS F 356 52.26 19.52 -1.77
N LEU F 357 51.10 19.81 -1.19
CA LEU F 357 51.03 20.00 0.25
C LEU F 357 51.46 18.73 1.00
N ALA F 358 50.97 17.58 0.56
CA ALA F 358 51.32 16.32 1.21
C ALA F 358 52.83 16.12 1.21
N ALA F 359 53.47 16.36 0.08
CA ALA F 359 54.92 16.20 -0.03
C ALA F 359 55.61 17.13 0.96
N ALA F 360 55.14 18.38 1.01
CA ALA F 360 55.70 19.38 1.92
C ALA F 360 55.63 18.85 3.36
N VAL F 361 54.51 18.24 3.71
CA VAL F 361 54.34 17.69 5.05
C VAL F 361 55.39 16.62 5.27
N ARG F 362 55.67 15.87 4.21
CA ARG F 362 56.65 14.80 4.26
C ARG F 362 58.03 15.38 4.48
N GLN F 363 58.40 16.38 3.68
CA GLN F 363 59.70 17.02 3.84
C GLN F 363 59.83 17.68 5.20
N ARG F 364 58.70 18.05 5.80
CA ARG F 364 58.76 18.68 7.11
C ARG F 364 59.14 17.61 8.13
N ARG F 365 58.63 16.40 7.95
CA ARG F 365 58.97 15.33 8.87
C ARG F 365 60.47 15.16 8.78
N GLU F 366 60.98 15.24 7.56
CA GLU F 366 62.40 15.09 7.31
C GLU F 366 63.22 16.09 8.15
N VAL F 367 63.01 17.39 7.92
CA VAL F 367 63.74 18.42 8.66
C VAL F 367 63.66 18.22 10.18
N ASN F 368 62.67 17.45 10.63
CA ASN F 368 62.51 17.18 12.06
C ASN F 368 63.29 15.92 12.45
N VAL G 23 -13.02 31.89 16.46
CA VAL G 23 -14.43 32.36 16.50
C VAL G 23 -15.03 32.26 17.89
N ARG G 24 -14.78 31.14 18.57
CA ARG G 24 -15.29 30.93 19.93
C ARG G 24 -14.15 30.91 20.94
N ILE G 25 -12.97 31.32 20.48
CA ILE G 25 -11.79 31.38 21.32
C ILE G 25 -11.46 32.86 21.55
N LEU G 26 -11.86 33.37 22.72
CA LEU G 26 -11.61 34.76 23.10
C LEU G 26 -10.12 35.13 23.04
N GLY G 27 -9.27 34.19 23.43
CA GLY G 27 -7.85 34.46 23.41
C GLY G 27 -7.04 33.53 24.27
N TYR G 28 -5.72 33.75 24.26
CA TYR G 28 -4.79 32.94 25.04
C TYR G 28 -3.92 33.88 25.87
N ASP G 29 -3.35 33.36 26.95
CA ASP G 29 -2.48 34.13 27.81
C ASP G 29 -1.24 33.30 28.12
N PRO G 30 -0.07 33.96 28.24
CA PRO G 30 1.17 33.25 28.53
C PRO G 30 1.10 32.35 29.74
N LEU G 31 1.71 31.19 29.62
CA LEU G 31 1.73 30.20 30.69
C LEU G 31 3.14 29.74 31.01
N ALA G 32 3.54 29.87 32.27
CA ALA G 32 4.88 29.43 32.67
C ALA G 32 4.93 27.93 32.64
N SER G 33 6.01 27.36 32.10
CA SER G 33 6.13 25.91 32.01
C SER G 33 6.30 25.25 33.38
N PRO G 34 6.07 23.94 33.45
CA PRO G 34 6.23 23.25 34.73
C PRO G 34 7.67 23.46 35.22
N ALA G 35 8.63 23.14 34.35
CA ALA G 35 10.04 23.27 34.66
C ALA G 35 10.40 24.60 35.30
N LEU G 36 9.81 25.67 34.78
CA LEU G 36 10.09 27.02 35.29
C LEU G 36 9.56 27.20 36.71
N LEU G 37 8.36 26.68 36.99
CA LEU G 37 7.75 26.80 38.31
C LEU G 37 8.50 25.95 39.33
N GLN G 38 8.92 24.76 38.91
CA GLN G 38 9.65 23.87 39.80
C GLN G 38 10.96 24.50 40.24
N VAL G 39 11.40 25.50 39.50
CA VAL G 39 12.63 26.20 39.84
C VAL G 39 12.35 27.27 40.89
N GLN G 40 11.30 28.06 40.66
CA GLN G 40 10.96 29.13 41.59
C GLN G 40 10.31 28.58 42.88
N ILE G 41 9.50 27.53 42.75
CA ILE G 41 8.85 26.90 43.90
C ILE G 41 9.46 25.50 44.03
N PRO G 42 10.77 25.44 44.31
CA PRO G 42 11.44 24.14 44.45
C PRO G 42 10.95 23.30 45.62
N ALA G 43 11.08 21.99 45.48
CA ALA G 43 10.66 21.08 46.53
C ALA G 43 11.80 20.79 47.50
N THR G 44 11.53 20.92 48.80
CA THR G 44 12.54 20.66 49.81
C THR G 44 12.84 19.17 49.86
N PRO G 45 14.07 18.81 50.25
CA PRO G 45 14.46 17.40 50.34
C PRO G 45 13.50 16.51 51.12
N THR G 46 12.87 17.06 52.15
CA THR G 46 11.92 16.25 52.91
C THR G 46 10.61 16.17 52.14
N SER G 47 10.26 17.23 51.42
CA SER G 47 9.03 17.23 50.64
C SER G 47 9.10 16.07 49.65
N LEU G 48 10.25 15.95 48.96
CA LEU G 48 10.44 14.85 48.00
C LEU G 48 10.49 13.50 48.71
N GLU G 49 11.14 13.46 49.86
CA GLU G 49 11.26 12.25 50.64
C GLU G 49 9.86 11.79 51.06
N THR G 50 9.06 12.77 51.50
CA THR G 50 7.68 12.55 51.92
C THR G 50 6.86 11.93 50.79
N ALA G 51 6.91 12.55 49.61
CA ALA G 51 6.16 12.07 48.46
C ALA G 51 6.53 10.62 48.15
N LYS G 52 7.83 10.35 48.12
CA LYS G 52 8.34 9.01 47.83
C LYS G 52 7.84 7.98 48.82
N ARG G 53 7.93 8.32 50.10
CA ARG G 53 7.49 7.42 51.15
C ARG G 53 6.00 7.14 51.02
N GLY G 54 5.23 8.21 50.91
CA GLY G 54 3.78 8.07 50.77
C GLY G 54 3.40 7.04 49.71
N ARG G 55 4.06 7.10 48.56
CA ARG G 55 3.78 6.17 47.48
C ARG G 55 4.14 4.74 47.87
N ARG G 56 5.32 4.57 48.44
CA ARG G 56 5.80 3.25 48.85
C ARG G 56 4.77 2.58 49.76
N GLU G 57 4.27 3.33 50.73
CA GLU G 57 3.29 2.81 51.67
C GLU G 57 1.92 2.51 51.06
N ALA G 58 1.48 3.36 50.14
CA ALA G 58 0.20 3.18 49.49
C ALA G 58 0.25 1.92 48.63
N ILE G 59 1.39 1.71 47.99
CA ILE G 59 1.60 0.55 47.13
C ILE G 59 1.57 -0.75 47.94
N ASP G 60 2.27 -0.76 49.08
CA ASP G 60 2.32 -1.96 49.93
C ASP G 60 0.94 -2.38 50.42
N ILE G 61 0.17 -1.41 50.87
CA ILE G 61 -1.17 -1.66 51.37
C ILE G 61 -2.15 -2.16 50.33
N ILE G 62 -2.22 -1.49 49.18
CA ILE G 62 -3.16 -1.91 48.15
C ILE G 62 -2.82 -3.19 47.43
N THR G 63 -1.55 -3.57 47.42
CA THR G 63 -1.14 -4.80 46.74
C THR G 63 -1.17 -6.02 47.67
N GLY G 64 -1.36 -5.76 48.97
CA GLY G 64 -1.43 -6.86 49.91
C GLY G 64 -0.18 -7.08 50.75
N LYS G 65 0.85 -6.28 50.54
CA LYS G 65 2.07 -6.43 51.32
C LYS G 65 1.83 -6.02 52.76
N ASP G 66 1.43 -4.77 52.96
CA ASP G 66 1.18 -4.23 54.31
C ASP G 66 -0.28 -4.46 54.69
N ASP G 67 -0.52 -4.77 55.95
CA ASP G 67 -1.87 -5.05 56.44
C ASP G 67 -2.58 -3.84 57.03
N ARG G 68 -1.97 -2.67 56.92
CA ARG G 68 -2.58 -1.45 57.41
C ARG G 68 -3.61 -0.97 56.39
N VAL G 69 -4.24 0.17 56.68
CA VAL G 69 -5.23 0.75 55.79
C VAL G 69 -4.77 2.12 55.32
N LEU G 70 -4.89 2.35 54.02
CA LEU G 70 -4.50 3.63 53.43
C LEU G 70 -5.67 4.59 53.55
N VAL G 71 -5.41 5.74 54.15
CA VAL G 71 -6.44 6.73 54.36
C VAL G 71 -6.16 8.05 53.66
N ILE G 72 -7.06 8.41 52.75
CA ILE G 72 -6.95 9.68 52.03
C ILE G 72 -8.02 10.51 52.71
N VAL G 73 -7.60 11.52 53.47
CA VAL G 73 -8.53 12.34 54.22
C VAL G 73 -8.15 13.83 54.26
N GLY G 74 -9.13 14.69 54.00
CA GLY G 74 -8.87 16.11 54.01
C GLY G 74 -10.06 16.86 53.43
N PRO G 75 -9.96 18.19 53.30
CA PRO G 75 -11.02 19.05 52.75
C PRO G 75 -11.58 18.61 51.40
N CYS G 76 -12.77 19.12 51.08
CA CYS G 76 -13.37 18.80 49.80
C CYS G 76 -12.43 19.46 48.80
N SER G 77 -12.05 20.69 49.11
CA SER G 77 -11.15 21.46 48.27
C SER G 77 -10.39 22.41 49.17
N ILE G 78 -9.18 22.76 48.77
CA ILE G 78 -8.38 23.69 49.54
C ILE G 78 -8.51 25.04 48.85
N HIS G 79 -8.60 26.09 49.64
CA HIS G 79 -8.70 27.45 49.12
C HIS G 79 -8.03 28.38 50.13
N ASP G 80 -7.62 27.81 51.25
CA ASP G 80 -6.93 28.55 52.29
C ASP G 80 -5.66 27.77 52.62
N LEU G 81 -4.50 28.35 52.34
CA LEU G 81 -3.25 27.67 52.62
C LEU G 81 -2.90 27.70 54.11
N GLU G 82 -3.25 28.78 54.79
CA GLU G 82 -2.97 28.89 56.22
C GLU G 82 -3.80 27.84 56.93
N ALA G 83 -5.09 27.81 56.61
CA ALA G 83 -5.99 26.85 57.22
C ALA G 83 -5.51 25.44 56.88
N ALA G 84 -5.06 25.27 55.65
CA ALA G 84 -4.59 23.98 55.18
C ALA G 84 -3.41 23.52 56.02
N GLN G 85 -2.49 24.44 56.31
CA GLN G 85 -1.32 24.09 57.10
C GLN G 85 -1.68 23.77 58.55
N GLU G 86 -2.68 24.45 59.10
CA GLU G 86 -3.07 24.19 60.48
C GLU G 86 -3.69 22.80 60.57
N TYR G 87 -4.53 22.49 59.58
CA TYR G 87 -5.18 21.20 59.51
C TYR G 87 -4.15 20.10 59.29
N ALA G 88 -3.16 20.38 58.44
CA ALA G 88 -2.10 19.41 58.18
C ALA G 88 -1.37 19.14 59.49
N LEU G 89 -1.25 20.18 60.31
CA LEU G 89 -0.58 20.07 61.60
C LEU G 89 -1.26 19.00 62.44
N ARG G 90 -2.57 19.14 62.59
CA ARG G 90 -3.35 18.20 63.38
C ARG G 90 -3.30 16.80 62.80
N LEU G 91 -3.53 16.69 61.50
CA LEU G 91 -3.52 15.39 60.82
C LEU G 91 -2.15 14.72 60.87
N LYS G 92 -1.10 15.54 60.83
CA LYS G 92 0.27 15.03 60.88
C LYS G 92 0.60 14.40 62.23
N LYS G 93 0.18 15.04 63.33
CA LYS G 93 0.45 14.48 64.65
C LYS G 93 -0.40 13.24 64.89
N LEU G 94 -1.69 13.35 64.55
CA LEU G 94 -2.59 12.23 64.72
C LEU G 94 -2.04 11.07 63.92
N SER G 95 -1.40 11.41 62.80
CA SER G 95 -0.82 10.41 61.93
C SER G 95 0.22 9.58 62.66
N ASP G 96 1.18 10.25 63.29
CA ASP G 96 2.22 9.55 64.04
C ASP G 96 1.60 8.53 64.97
N GLU G 97 0.66 8.99 65.79
CA GLU G 97 -0.01 8.11 66.75
C GLU G 97 -0.53 6.81 66.15
N LEU G 98 -1.47 6.93 65.22
CA LEU G 98 -2.07 5.75 64.60
C LEU G 98 -1.24 5.19 63.43
N LYS G 99 -0.05 5.76 63.24
CA LYS G 99 0.83 5.35 62.15
C LYS G 99 1.09 3.86 62.04
N GLY G 100 0.80 3.13 63.12
CA GLY G 100 1.02 1.69 63.11
C GLY G 100 -0.15 0.90 62.56
N ASP G 101 -1.28 1.58 62.37
CA ASP G 101 -2.48 0.92 61.86
C ASP G 101 -2.96 1.52 60.54
N LEU G 102 -2.76 2.81 60.36
CA LEU G 102 -3.21 3.49 59.15
C LEU G 102 -2.13 4.32 58.47
N SER G 103 -2.18 4.36 57.15
CA SER G 103 -1.25 5.17 56.39
C SER G 103 -2.10 6.35 55.92
N ILE G 104 -1.74 7.55 56.36
CA ILE G 104 -2.50 8.74 56.04
C ILE G 104 -1.91 9.67 54.99
N ILE G 105 -2.75 10.00 54.01
CA ILE G 105 -2.41 10.91 52.92
C ILE G 105 -3.47 12.00 52.98
N MET G 106 -3.04 13.26 53.03
CA MET G 106 -4.01 14.34 53.11
C MET G 106 -4.64 14.66 51.76
N ARG G 107 -5.94 14.95 51.79
CA ARG G 107 -6.64 15.35 50.58
C ARG G 107 -6.27 16.82 50.40
N ALA G 108 -5.68 17.13 49.26
CA ALA G 108 -5.28 18.50 48.95
C ALA G 108 -5.78 18.76 47.54
N TYR G 109 -7.10 18.84 47.38
CA TYR G 109 -7.72 19.04 46.09
C TYR G 109 -7.70 20.46 45.54
N LEU G 110 -7.16 20.58 44.33
CA LEU G 110 -7.03 21.87 43.63
C LEU G 110 -8.04 22.02 42.51
N GLU G 111 -8.42 20.89 41.90
CA GLU G 111 -9.39 20.88 40.80
C GLU G 111 -10.69 20.20 41.23
N LYS G 112 -11.79 20.92 41.10
CA LYS G 112 -13.09 20.39 41.49
C LYS G 112 -14.08 20.36 40.32
N PRO G 113 -14.62 19.17 40.00
CA PRO G 113 -15.59 18.99 38.90
C PRO G 113 -17.04 19.36 39.26
N ARG G 114 -17.65 20.21 38.43
CA ARG G 114 -19.02 20.68 38.66
C ARG G 114 -20.04 19.97 37.76
N THR G 115 -21.24 19.75 38.29
CA THR G 115 -22.31 19.10 37.53
C THR G 115 -22.58 19.91 36.24
N THR G 116 -22.38 21.23 36.33
CA THR G 116 -22.55 22.14 35.19
C THR G 116 -21.55 23.30 35.27
N VAL G 117 -21.68 24.14 36.29
CA VAL G 117 -20.78 25.30 36.48
C VAL G 117 -20.46 25.60 37.94
N GLY G 118 -19.39 26.36 38.16
CA GLY G 118 -18.97 26.74 39.50
C GLY G 118 -17.46 26.94 39.62
N TRP G 119 -16.99 27.23 40.84
CA TRP G 119 -15.56 27.43 41.10
C TRP G 119 -14.82 26.13 40.79
N LYS G 120 -13.84 26.21 39.90
CA LYS G 120 -13.09 25.01 39.53
C LYS G 120 -12.01 24.64 40.54
N GLY G 121 -11.62 25.60 41.39
CA GLY G 121 -10.60 25.30 42.39
C GLY G 121 -9.51 26.33 42.59
N LEU G 122 -8.49 25.94 43.34
CA LEU G 122 -7.35 26.80 43.66
C LEU G 122 -6.55 27.22 42.43
N ILE G 123 -6.27 26.27 41.54
CA ILE G 123 -5.50 26.54 40.34
C ILE G 123 -6.24 27.45 39.37
N ASN G 124 -7.46 27.06 39.02
CA ASN G 124 -8.28 27.78 38.06
C ASN G 124 -8.69 29.19 38.46
N ASP G 125 -8.79 29.44 39.75
CA ASP G 125 -9.20 30.76 40.21
C ASP G 125 -8.77 30.94 41.66
N PRO G 126 -7.45 31.09 41.88
CA PRO G 126 -6.88 31.28 43.22
C PRO G 126 -7.51 32.40 44.04
N ASP G 127 -7.80 33.53 43.41
CA ASP G 127 -8.40 34.65 44.12
C ASP G 127 -9.90 34.43 44.30
N VAL G 128 -10.35 33.27 43.83
CA VAL G 128 -11.75 32.85 43.93
C VAL G 128 -12.79 33.91 43.60
N ASN G 129 -12.36 34.99 42.95
CA ASN G 129 -13.30 36.05 42.57
C ASN G 129 -13.84 35.69 41.19
N ASN G 130 -12.96 35.78 40.20
CA ASN G 130 -13.28 35.47 38.81
C ASN G 130 -12.16 35.99 37.92
N THR G 131 -10.96 36.07 38.48
CA THR G 131 -9.80 36.54 37.74
C THR G 131 -9.16 35.38 36.96
N PHE G 132 -9.48 34.16 37.39
CA PHE G 132 -8.96 32.95 36.77
C PHE G 132 -7.45 33.04 36.50
N ASN G 133 -6.73 33.65 37.43
CA ASN G 133 -5.28 33.78 37.28
C ASN G 133 -4.69 32.38 37.47
N ILE G 134 -4.63 31.61 36.39
CA ILE G 134 -4.12 30.24 36.48
C ILE G 134 -2.64 30.16 36.83
N ASN G 135 -1.85 31.12 36.35
CA ASN G 135 -0.42 31.12 36.66
C ASN G 135 -0.22 31.27 38.17
N LYS G 136 -0.99 32.16 38.80
CA LYS G 136 -0.90 32.37 40.25
C LYS G 136 -1.50 31.16 40.95
N GLY G 137 -2.61 30.66 40.41
CA GLY G 137 -3.24 29.49 41.00
C GLY G 137 -2.26 28.34 41.04
N LEU G 138 -1.43 28.25 40.01
CA LEU G 138 -0.44 27.19 39.93
C LEU G 138 0.68 27.44 40.94
N GLN G 139 0.99 28.71 41.22
CA GLN G 139 2.03 29.00 42.20
C GLN G 139 1.54 28.53 43.56
N SER G 140 0.35 28.99 43.94
CA SER G 140 -0.25 28.63 45.22
C SER G 140 -0.30 27.12 45.36
N ALA G 141 -0.90 26.47 44.38
CA ALA G 141 -1.03 25.03 44.37
C ALA G 141 0.31 24.34 44.66
N ARG G 142 1.37 24.77 43.99
CA ARG G 142 2.66 24.13 44.21
C ARG G 142 3.26 24.57 45.54
N GLN G 143 2.97 25.80 45.94
CA GLN G 143 3.47 26.28 47.22
C GLN G 143 2.77 25.47 48.31
N LEU G 144 1.48 25.23 48.12
CA LEU G 144 0.70 24.46 49.06
C LEU G 144 1.32 23.08 49.20
N PHE G 145 1.40 22.39 48.08
CA PHE G 145 1.96 21.05 48.05
C PHE G 145 3.33 20.95 48.74
N VAL G 146 4.17 21.96 48.58
CA VAL G 146 5.47 21.92 49.24
C VAL G 146 5.26 22.13 50.73
N ASN G 147 4.42 23.11 51.08
CA ASN G 147 4.11 23.41 52.47
C ASN G 147 3.65 22.15 53.22
N LEU G 148 2.72 21.42 52.60
CA LEU G 148 2.19 20.23 53.21
C LEU G 148 3.22 19.11 53.35
N THR G 149 3.76 18.64 52.23
CA THR G 149 4.74 17.56 52.21
C THR G 149 5.98 17.89 53.04
N ASN G 150 6.31 19.18 53.11
CA ASN G 150 7.47 19.66 53.85
C ASN G 150 7.41 19.34 55.34
N ILE G 151 6.22 19.13 55.90
CA ILE G 151 6.10 18.80 57.31
C ILE G 151 5.94 17.31 57.52
N GLY G 152 6.29 16.54 56.49
CA GLY G 152 6.21 15.08 56.59
C GLY G 152 4.87 14.44 56.34
N LEU G 153 3.93 15.21 55.78
CA LEU G 153 2.60 14.67 55.49
C LEU G 153 2.37 14.47 53.98
N PRO G 154 2.23 13.20 53.55
CA PRO G 154 1.99 12.89 52.14
C PRO G 154 0.65 13.45 51.71
N ILE G 155 0.55 13.88 50.45
CA ILE G 155 -0.69 14.44 49.93
C ILE G 155 -1.22 13.71 48.70
N GLY G 156 -2.50 13.91 48.42
CA GLY G 156 -3.13 13.29 47.27
C GLY G 156 -4.11 14.28 46.67
N SER G 157 -4.36 14.17 45.37
CA SER G 157 -5.28 15.10 44.71
C SER G 157 -6.00 14.40 43.57
N GLU G 158 -7.04 15.06 43.04
CA GLU G 158 -7.77 14.47 41.93
C GLU G 158 -7.10 14.96 40.67
N MET G 159 -6.76 14.03 39.79
CA MET G 159 -6.12 14.40 38.53
C MET G 159 -7.24 14.64 37.53
N LEU G 160 -7.73 15.87 37.43
CA LEU G 160 -8.81 16.18 36.50
C LEU G 160 -8.26 16.81 35.21
N ASP G 161 -7.25 17.64 35.38
CA ASP G 161 -6.61 18.30 34.24
C ASP G 161 -5.47 17.39 33.80
N THR G 162 -5.25 17.27 32.50
CA THR G 162 -4.17 16.43 32.00
C THR G 162 -2.85 17.20 31.89
N ILE G 163 -2.92 18.50 32.18
CA ILE G 163 -1.75 19.36 32.12
C ILE G 163 -1.23 19.73 33.52
N SER G 164 -2.14 19.89 34.46
CA SER G 164 -1.80 20.24 35.85
C SER G 164 -0.74 19.33 36.48
N PRO G 165 -0.92 18.01 36.41
CA PRO G 165 0.02 17.03 36.98
C PRO G 165 1.49 17.35 36.72
N GLN G 166 1.80 17.78 35.51
CA GLN G 166 3.17 18.13 35.13
C GLN G 166 3.77 19.15 36.09
N TYR G 167 2.92 20.00 36.65
CA TYR G 167 3.36 21.04 37.57
C TYR G 167 3.46 20.56 39.02
N LEU G 168 2.75 19.48 39.34
CA LEU G 168 2.68 19.02 40.71
C LEU G 168 3.02 17.56 41.03
N ALA G 169 2.88 16.68 40.04
CA ALA G 169 3.13 15.26 40.21
C ALA G 169 4.31 14.88 41.12
N ASP G 170 5.39 15.64 41.07
CA ASP G 170 6.58 15.33 41.87
C ASP G 170 6.37 15.41 43.38
N LEU G 171 5.25 15.99 43.81
CA LEU G 171 4.96 16.13 45.23
C LEU G 171 3.79 15.26 45.69
N VAL G 172 3.11 14.64 44.74
CA VAL G 172 1.94 13.82 45.03
C VAL G 172 2.25 12.34 45.24
N SER G 173 1.57 11.72 46.21
CA SER G 173 1.77 10.30 46.52
C SER G 173 0.57 9.45 46.10
N PHE G 174 -0.54 10.12 45.81
CA PHE G 174 -1.77 9.46 45.39
C PHE G 174 -2.60 10.38 44.50
N GLY G 175 -3.20 9.80 43.47
CA GLY G 175 -4.03 10.57 42.57
C GLY G 175 -5.34 9.87 42.30
N ALA G 176 -6.42 10.64 42.26
CA ALA G 176 -7.72 10.08 42.01
C ALA G 176 -8.31 10.56 40.70
N ILE G 177 -9.03 9.67 40.02
CA ILE G 177 -9.68 10.02 38.76
C ILE G 177 -11.16 10.13 39.11
N GLY G 178 -11.74 11.31 38.90
CA GLY G 178 -13.13 11.54 39.22
C GLY G 178 -14.10 10.61 38.53
N ALA G 179 -15.29 10.46 39.13
CA ALA G 179 -16.33 9.59 38.59
C ALA G 179 -16.84 10.11 37.25
N ARG G 180 -16.68 11.41 37.04
CA ARG G 180 -17.13 12.02 35.79
C ARG G 180 -16.08 11.85 34.68
N THR G 181 -14.91 11.35 35.06
CA THR G 181 -13.82 11.15 34.10
C THR G 181 -13.22 9.75 34.10
N THR G 182 -13.79 8.81 34.86
CA THR G 182 -13.29 7.44 34.91
C THR G 182 -13.42 6.72 33.56
N GLU G 183 -14.39 7.14 32.76
CA GLU G 183 -14.62 6.53 31.43
C GLU G 183 -13.80 7.21 30.33
N SER G 184 -13.22 8.37 30.66
CA SER G 184 -12.42 9.14 29.71
C SER G 184 -11.13 8.44 29.32
N GLN G 185 -10.99 8.14 28.03
CA GLN G 185 -9.77 7.47 27.57
C GLN G 185 -8.57 8.39 27.77
N LEU G 186 -8.80 9.68 27.95
CA LEU G 186 -7.69 10.61 28.15
C LEU G 186 -7.16 10.52 29.57
N HIS G 187 -8.04 10.26 30.53
CA HIS G 187 -7.61 10.14 31.92
C HIS G 187 -7.02 8.76 32.18
N ARG G 188 -7.42 7.78 31.36
CA ARG G 188 -6.89 6.44 31.49
C ARG G 188 -5.47 6.44 30.91
N GLU G 189 -5.23 7.32 29.96
CA GLU G 189 -3.91 7.45 29.35
C GLU G 189 -3.02 8.16 30.37
N LEU G 190 -3.56 9.23 30.95
CA LEU G 190 -2.85 10.00 31.98
C LEU G 190 -2.42 9.07 33.12
N ALA G 191 -3.38 8.35 33.68
CA ALA G 191 -3.11 7.43 34.77
C ALA G 191 -1.96 6.47 34.46
N SER G 192 -1.94 5.96 33.23
CA SER G 192 -0.94 5.00 32.79
C SER G 192 0.48 5.56 32.84
N GLY G 193 0.62 6.86 33.05
CA GLY G 193 1.95 7.46 33.10
C GLY G 193 2.28 8.18 34.39
N LEU G 194 1.36 8.11 35.36
CA LEU G 194 1.54 8.75 36.66
C LEU G 194 2.38 7.83 37.55
N SER G 195 3.38 8.43 38.20
CA SER G 195 4.30 7.68 39.05
C SER G 195 3.86 7.44 40.49
N PHE G 196 2.58 7.19 40.68
CA PHE G 196 1.99 6.91 41.98
C PHE G 196 0.69 6.13 41.78
N PRO G 197 0.15 5.54 42.84
CA PRO G 197 -1.10 4.78 42.68
C PRO G 197 -2.29 5.68 42.31
N VAL G 198 -3.23 5.14 41.55
CA VAL G 198 -4.38 5.91 41.11
C VAL G 198 -5.71 5.22 41.42
N GLY G 199 -6.66 5.99 41.94
CA GLY G 199 -7.95 5.43 42.24
C GLY G 199 -9.01 5.89 41.26
N PHE G 200 -9.74 4.93 40.70
CA PHE G 200 -10.81 5.21 39.75
C PHE G 200 -12.16 5.08 40.43
N LYS G 201 -12.89 6.18 40.52
CA LYS G 201 -14.21 6.15 41.13
C LYS G 201 -15.12 5.32 40.26
N ASN G 202 -16.11 4.66 40.87
CA ASN G 202 -17.04 3.85 40.11
C ASN G 202 -17.96 4.78 39.32
N GLY G 203 -18.64 4.24 38.31
CA GLY G 203 -19.52 5.06 37.50
C GLY G 203 -20.37 6.02 38.30
N THR G 204 -20.78 7.11 37.67
CA THR G 204 -21.60 8.10 38.35
C THR G 204 -22.97 7.46 38.55
N ASP G 205 -23.27 6.45 37.74
CA ASP G 205 -24.52 5.74 37.82
C ASP G 205 -24.43 4.67 38.91
N GLY G 206 -23.30 4.63 39.59
CA GLY G 206 -23.08 3.66 40.65
C GLY G 206 -22.61 2.27 40.23
N THR G 207 -22.11 2.14 39.00
CA THR G 207 -21.64 0.84 38.51
C THR G 207 -20.13 0.72 38.76
N LEU G 208 -19.62 -0.50 38.60
CA LEU G 208 -18.20 -0.77 38.84
C LEU G 208 -17.40 -1.04 37.55
N ASN G 209 -18.09 -1.42 36.50
CA ASN G 209 -17.45 -1.73 35.22
C ASN G 209 -16.46 -0.68 34.72
N VAL G 210 -16.94 0.53 34.53
CA VAL G 210 -16.08 1.59 34.05
C VAL G 210 -14.80 1.68 34.88
N ALA G 211 -14.93 1.65 36.19
CA ALA G 211 -13.76 1.72 37.06
C ALA G 211 -12.83 0.54 36.78
N VAL G 212 -13.39 -0.66 36.71
CA VAL G 212 -12.60 -1.87 36.44
C VAL G 212 -11.91 -1.75 35.09
N ASP G 213 -12.67 -1.38 34.05
CA ASP G 213 -12.10 -1.23 32.72
C ASP G 213 -11.01 -0.17 32.76
N ALA G 214 -11.21 0.86 33.57
CA ALA G 214 -10.26 1.95 33.69
C ALA G 214 -8.91 1.43 34.20
N CYS G 215 -8.96 0.64 35.27
CA CYS G 215 -7.73 0.08 35.84
C CYS G 215 -7.01 -0.80 34.83
N GLN G 216 -7.77 -1.62 34.12
CA GLN G 216 -7.19 -2.51 33.13
C GLN G 216 -6.61 -1.70 31.99
N ALA G 217 -7.29 -0.61 31.63
CA ALA G 217 -6.83 0.25 30.54
C ALA G 217 -5.52 0.96 30.91
N ALA G 218 -5.51 1.56 32.09
CA ALA G 218 -4.36 2.30 32.60
C ALA G 218 -3.13 1.41 32.86
N ALA G 219 -3.35 0.11 32.95
CA ALA G 219 -2.29 -0.85 33.21
C ALA G 219 -1.43 -1.07 31.97
N HIS G 220 -1.97 -0.65 30.83
CA HIS G 220 -1.28 -0.81 29.56
C HIS G 220 -0.44 0.42 29.20
N SER G 221 0.44 0.23 28.23
CA SER G 221 1.28 1.30 27.73
C SER G 221 0.44 2.12 26.76
N HIS G 222 0.54 3.44 26.82
CA HIS G 222 -0.23 4.29 25.92
C HIS G 222 0.63 5.30 25.18
N HIS G 223 0.20 5.65 23.97
CA HIS G 223 0.89 6.62 23.13
C HIS G 223 -0.10 7.73 22.88
N PHE G 224 0.25 8.95 23.24
CA PHE G 224 -0.66 10.06 23.03
C PHE G 224 0.07 11.37 23.11
N MET G 225 -0.57 12.43 22.62
CA MET G 225 0.02 13.75 22.65
C MET G 225 -0.20 14.36 24.02
N GLY G 226 0.78 15.13 24.50
CA GLY G 226 0.67 15.76 25.80
C GLY G 226 1.70 16.85 26.02
N VAL G 227 1.54 17.61 27.09
CA VAL G 227 2.46 18.70 27.42
C VAL G 227 3.68 18.25 28.26
N THR G 228 4.88 18.66 27.86
CA THR G 228 6.08 18.30 28.60
C THR G 228 6.35 19.38 29.65
N LYS G 229 7.34 19.14 30.52
CA LYS G 229 7.66 20.11 31.55
C LYS G 229 8.23 21.39 30.97
N HIS G 230 8.45 21.37 29.65
CA HIS G 230 8.98 22.53 28.95
C HIS G 230 7.83 23.36 28.37
N GLY G 231 6.60 22.92 28.60
CA GLY G 231 5.44 23.65 28.10
C GLY G 231 5.23 23.40 26.62
N VAL G 232 5.82 22.32 26.13
CA VAL G 232 5.72 21.95 24.74
C VAL G 232 4.96 20.64 24.56
N ALA G 233 4.11 20.57 23.53
CA ALA G 233 3.36 19.36 23.25
C ALA G 233 4.25 18.39 22.50
N ALA G 234 4.23 17.14 22.92
CA ALA G 234 5.03 16.10 22.29
C ALA G 234 4.27 14.79 22.38
N ILE G 235 4.87 13.74 21.82
CA ILE G 235 4.27 12.43 21.82
C ILE G 235 4.77 11.66 23.03
N THR G 236 3.87 11.39 23.98
CA THR G 236 4.23 10.65 25.18
C THR G 236 3.99 9.15 25.07
N THR G 237 4.88 8.37 25.66
CA THR G 237 4.73 6.93 25.68
C THR G 237 4.86 6.53 27.14
N THR G 238 3.79 5.97 27.70
CA THR G 238 3.77 5.55 29.10
C THR G 238 4.04 4.06 29.17
N LYS G 239 4.31 3.53 30.36
CA LYS G 239 4.56 2.11 30.47
C LYS G 239 3.43 1.31 31.11
N GLY G 240 2.42 2.02 31.61
CA GLY G 240 1.30 1.35 32.25
C GLY G 240 1.41 1.44 33.76
N ASN G 241 0.26 1.65 34.41
CA ASN G 241 0.24 1.74 35.86
C ASN G 241 -0.43 0.48 36.41
N GLU G 242 0.31 -0.30 37.17
CA GLU G 242 -0.25 -1.52 37.73
C GLU G 242 -0.76 -1.25 39.13
N HIS G 243 -0.69 0.00 39.55
CA HIS G 243 -1.14 0.40 40.89
C HIS G 243 -2.42 1.20 40.88
N CYS G 244 -3.37 0.76 40.08
CA CYS G 244 -4.67 1.41 39.98
C CYS G 244 -5.66 0.51 40.71
N PHE G 245 -6.60 1.15 41.42
CA PHE G 245 -7.62 0.42 42.17
C PHE G 245 -8.97 1.12 42.07
N VAL G 246 -10.02 0.37 42.40
CA VAL G 246 -11.39 0.88 42.35
C VAL G 246 -11.81 1.58 43.63
N ILE G 247 -12.44 2.74 43.49
CA ILE G 247 -12.92 3.48 44.64
C ILE G 247 -14.44 3.44 44.64
N LEU G 248 -15.03 2.93 45.72
CA LEU G 248 -16.48 2.83 45.84
C LEU G 248 -17.00 4.11 46.44
N ARG G 249 -17.78 4.86 45.66
CA ARG G 249 -18.32 6.12 46.15
C ARG G 249 -19.81 6.35 45.87
N GLY G 250 -20.56 5.27 45.71
CA GLY G 250 -21.99 5.39 45.47
C GLY G 250 -22.40 5.70 44.05
N GLY G 251 -23.49 6.43 43.90
CA GLY G 251 -23.98 6.80 42.58
C GLY G 251 -25.50 6.69 42.51
N LYS G 252 -26.04 6.70 41.31
CA LYS G 252 -27.49 6.60 41.12
C LYS G 252 -28.06 5.26 41.60
N LYS G 253 -27.30 4.19 41.40
CA LYS G 253 -27.72 2.85 41.80
C LYS G 253 -27.84 2.71 43.32
N GLY G 254 -27.35 3.70 44.06
CA GLY G 254 -27.42 3.64 45.51
C GLY G 254 -26.06 3.59 46.20
N THR G 255 -26.09 3.48 47.52
CA THR G 255 -24.87 3.42 48.32
C THR G 255 -24.16 2.11 48.04
N ASN G 256 -22.86 2.03 48.34
CA ASN G 256 -22.11 0.79 48.12
C ASN G 256 -20.87 0.62 49.00
N TYR G 257 -21.01 0.85 50.30
CA TYR G 257 -19.87 0.70 51.21
C TYR G 257 -20.16 -0.41 52.22
N ASP G 258 -21.23 -1.14 51.97
CA ASP G 258 -21.68 -2.24 52.83
C ASP G 258 -21.05 -3.56 52.42
N ALA G 259 -21.10 -4.53 53.33
CA ALA G 259 -20.54 -5.84 53.08
C ALA G 259 -21.12 -6.52 51.85
N LYS G 260 -22.40 -6.32 51.60
CA LYS G 260 -23.03 -6.95 50.44
C LYS G 260 -22.51 -6.30 49.16
N SER G 261 -22.44 -4.96 49.15
CA SER G 261 -21.93 -4.26 47.97
C SER G 261 -20.48 -4.73 47.77
N VAL G 262 -19.69 -4.60 48.84
CA VAL G 262 -18.29 -5.00 48.82
C VAL G 262 -18.14 -6.42 48.28
N ALA G 263 -18.97 -7.32 48.76
CA ALA G 263 -18.93 -8.70 48.29
C ALA G 263 -19.20 -8.73 46.79
N GLU G 264 -20.06 -7.83 46.32
CA GLU G 264 -20.41 -7.74 44.92
C GLU G 264 -19.27 -7.15 44.09
N ALA G 265 -18.55 -6.20 44.67
CA ALA G 265 -17.44 -5.56 43.99
C ALA G 265 -16.29 -6.55 43.79
N LYS G 266 -15.88 -7.21 44.87
CA LYS G 266 -14.77 -8.17 44.82
C LYS G 266 -15.02 -9.22 43.75
N ALA G 267 -16.29 -9.57 43.56
CA ALA G 267 -16.67 -10.56 42.58
C ALA G 267 -16.41 -10.07 41.15
N GLN G 268 -16.30 -8.75 40.99
CA GLN G 268 -16.07 -8.16 39.67
C GLN G 268 -14.59 -7.86 39.39
N LEU G 269 -13.76 -7.97 40.41
CA LEU G 269 -12.34 -7.70 40.22
C LEU G 269 -11.62 -8.85 39.54
N PRO G 270 -10.96 -8.58 38.39
CA PRO G 270 -10.22 -9.61 37.65
C PRO G 270 -8.91 -10.01 38.32
N ALA G 271 -8.32 -11.13 37.88
CA ALA G 271 -7.07 -11.63 38.45
C ALA G 271 -5.92 -10.63 38.34
N GLY G 272 -5.35 -10.27 39.49
CA GLY G 272 -4.27 -9.31 39.48
C GLY G 272 -4.77 -7.91 39.80
N SER G 273 -5.87 -7.86 40.56
CA SER G 273 -6.47 -6.59 40.96
C SER G 273 -5.88 -6.15 42.29
N ASN G 274 -6.01 -4.87 42.60
CA ASN G 274 -5.49 -4.38 43.87
C ASN G 274 -6.64 -4.28 44.86
N GLY G 275 -6.32 -3.90 46.09
CA GLY G 275 -7.34 -3.75 47.11
C GLY G 275 -8.20 -2.55 46.82
N LEU G 276 -9.50 -2.67 47.07
CA LEU G 276 -10.40 -1.56 46.80
C LEU G 276 -10.46 -0.55 47.95
N MET G 277 -10.83 0.68 47.58
CA MET G 277 -10.94 1.77 48.54
C MET G 277 -12.39 2.20 48.63
N ILE G 278 -12.81 2.61 49.83
CA ILE G 278 -14.18 3.05 50.03
C ILE G 278 -14.27 4.51 50.40
N ASP G 279 -15.09 5.22 49.63
CA ASP G 279 -15.31 6.65 49.83
C ASP G 279 -16.51 6.82 50.75
N TYR G 280 -16.32 7.54 51.85
CA TYR G 280 -17.39 7.75 52.82
C TYR G 280 -18.32 8.88 52.42
N SER G 281 -17.82 9.82 51.61
CA SER G 281 -18.60 10.95 51.18
C SER G 281 -19.23 10.72 49.82
N HIS G 282 -19.68 11.82 49.23
CA HIS G 282 -20.30 11.83 47.91
C HIS G 282 -21.52 10.93 47.83
N GLY G 283 -21.47 9.92 46.98
CA GLY G 283 -22.61 9.02 46.84
C GLY G 283 -22.92 8.18 48.06
N ASN G 284 -21.92 7.94 48.91
CA ASN G 284 -22.12 7.15 50.12
C ASN G 284 -22.47 8.07 51.29
N SER G 285 -22.28 9.36 51.06
CA SER G 285 -22.58 10.40 52.05
C SER G 285 -24.11 10.54 52.02
N ASN G 286 -24.68 10.13 50.90
CA ASN G 286 -26.12 10.18 50.68
C ASN G 286 -26.67 11.60 50.87
N LYS G 287 -25.94 12.57 50.32
CA LYS G 287 -26.34 13.97 50.39
C LYS G 287 -26.13 14.64 51.76
N ASP G 288 -25.74 13.86 52.78
CA ASP G 288 -25.52 14.42 54.12
C ASP G 288 -24.11 14.06 54.60
N PHE G 289 -23.31 15.07 54.94
CA PHE G 289 -21.94 14.82 55.39
C PHE G 289 -21.87 14.24 56.80
N ARG G 290 -23.02 14.19 57.47
CA ARG G 290 -23.09 13.66 58.82
C ARG G 290 -23.08 12.13 58.79
N ASN G 291 -23.25 11.56 57.60
CA ASN G 291 -23.27 10.11 57.48
C ASN G 291 -21.91 9.51 57.22
N GLN G 292 -20.90 10.36 57.02
CA GLN G 292 -19.57 9.83 56.78
C GLN G 292 -19.18 8.86 57.89
N PRO G 293 -19.30 9.29 59.16
CA PRO G 293 -18.95 8.42 60.30
C PRO G 293 -19.84 7.18 60.39
N LYS G 294 -21.06 7.31 59.87
CA LYS G 294 -22.01 6.22 59.87
C LYS G 294 -21.58 5.22 58.80
N VAL G 295 -20.73 5.68 57.89
CA VAL G 295 -20.20 4.83 56.83
C VAL G 295 -19.00 4.14 57.47
N ASN G 296 -18.27 4.92 58.25
CA ASN G 296 -17.08 4.45 58.95
C ASN G 296 -17.41 3.27 59.84
N ASP G 297 -18.51 3.36 60.59
CA ASP G 297 -18.88 2.28 61.50
C ASP G 297 -19.18 1.02 60.72
N VAL G 298 -19.78 1.17 59.55
CA VAL G 298 -20.13 0.01 58.73
C VAL G 298 -18.90 -0.58 58.04
N VAL G 299 -17.92 0.27 57.73
CA VAL G 299 -16.72 -0.21 57.08
C VAL G 299 -15.78 -0.85 58.10
N CYS G 300 -15.54 -0.16 59.21
CA CYS G 300 -14.68 -0.68 60.26
C CYS G 300 -15.16 -2.07 60.64
N GLU G 301 -16.48 -2.23 60.65
CA GLU G 301 -17.12 -3.49 60.99
C GLU G 301 -16.59 -4.61 60.12
N GLN G 302 -16.66 -4.40 58.80
CA GLN G 302 -16.19 -5.39 57.84
C GLN G 302 -14.71 -5.69 58.03
N ILE G 303 -13.95 -4.62 58.26
CA ILE G 303 -12.51 -4.74 58.47
C ILE G 303 -12.18 -5.57 59.71
N ALA G 304 -12.61 -5.08 60.88
CA ALA G 304 -12.37 -5.75 62.14
C ALA G 304 -12.79 -7.22 62.12
N ASN G 305 -13.71 -7.56 61.23
CA ASN G 305 -14.21 -8.92 61.12
C ASN G 305 -13.49 -9.77 60.06
N GLY G 306 -12.36 -9.27 59.57
CA GLY G 306 -11.60 -10.03 58.61
C GLY G 306 -11.75 -9.73 57.13
N GLU G 307 -12.20 -8.52 56.78
CA GLU G 307 -12.33 -8.18 55.36
C GLU G 307 -11.01 -7.57 54.95
N ASN G 308 -10.23 -8.34 54.20
CA ASN G 308 -8.91 -7.93 53.75
C ASN G 308 -8.92 -7.25 52.39
N ALA G 309 -10.09 -7.18 51.74
CA ALA G 309 -10.21 -6.54 50.43
C ALA G 309 -10.33 -5.02 50.56
N ILE G 310 -10.77 -4.54 51.71
CA ILE G 310 -10.91 -3.11 51.95
C ILE G 310 -9.53 -2.59 52.39
N THR G 311 -8.74 -2.10 51.42
CA THR G 311 -7.40 -1.62 51.73
C THR G 311 -7.29 -0.11 51.96
N GLY G 312 -8.35 0.62 51.65
CA GLY G 312 -8.30 2.06 51.85
C GLY G 312 -9.66 2.69 51.96
N VAL G 313 -9.70 3.92 52.46
CA VAL G 313 -10.94 4.67 52.60
C VAL G 313 -10.67 6.15 52.30
N MET G 314 -11.71 6.87 51.91
CA MET G 314 -11.57 8.30 51.60
C MET G 314 -12.46 9.12 52.54
N ILE G 315 -11.93 10.22 53.05
CA ILE G 315 -12.67 11.07 53.98
C ILE G 315 -12.57 12.57 53.69
N GLU G 316 -13.74 13.20 53.53
CA GLU G 316 -13.80 14.63 53.28
C GLU G 316 -14.00 15.33 54.62
N SER G 317 -12.91 15.82 55.20
CA SER G 317 -12.95 16.50 56.48
C SER G 317 -12.21 17.84 56.42
N ASN G 318 -12.43 18.68 57.41
CA ASN G 318 -11.80 19.98 57.46
C ASN G 318 -11.48 20.26 58.92
N ILE G 319 -11.44 21.54 59.31
CA ILE G 319 -11.19 21.91 60.70
C ILE G 319 -12.55 21.95 61.37
N ASN G 320 -13.55 22.39 60.60
CA ASN G 320 -14.93 22.50 61.08
C ASN G 320 -15.84 21.83 60.05
N GLU G 321 -17.07 21.56 60.44
CA GLU G 321 -18.01 20.90 59.55
C GLU G 321 -18.83 21.82 58.65
N GLY G 322 -19.55 21.20 57.73
CA GLY G 322 -20.38 21.93 56.80
C GLY G 322 -19.59 22.62 55.72
N ASN G 323 -20.09 23.76 55.27
CA ASN G 323 -19.45 24.55 54.24
C ASN G 323 -20.01 25.97 54.30
N GLN G 324 -19.91 26.69 53.20
CA GLN G 324 -20.42 28.05 53.17
C GLN G 324 -20.45 28.63 51.76
N GLY G 325 -21.26 29.66 51.58
CA GLY G 325 -21.41 30.32 50.29
C GLY G 325 -20.16 31.15 49.99
N ILE G 326 -20.12 31.83 48.86
CA ILE G 326 -18.93 32.60 48.53
C ILE G 326 -19.08 34.16 48.49
N PRO G 327 -18.51 34.87 49.50
CA PRO G 327 -18.48 36.32 49.69
C PRO G 327 -17.07 36.84 49.47
N ALA G 332 -16.31 36.85 50.54
CA ALA G 332 -14.93 37.29 50.43
C ALA G 332 -14.37 37.18 51.84
N GLY G 333 -15.21 37.46 52.85
CA GLY G 333 -14.83 37.31 54.27
C GLY G 333 -15.58 36.04 54.62
N LEU G 334 -14.83 34.94 54.51
CA LEU G 334 -15.32 33.60 54.76
C LEU G 334 -15.13 33.19 56.21
N LYS G 335 -15.71 32.03 56.54
CA LYS G 335 -15.60 31.50 57.88
C LYS G 335 -14.39 30.56 57.86
N TYR G 336 -13.40 30.85 58.71
CA TYR G 336 -12.17 30.08 58.78
C TYR G 336 -12.39 28.61 59.12
N GLY G 337 -11.71 27.74 58.38
CA GLY G 337 -11.80 26.31 58.61
C GLY G 337 -13.05 25.62 58.09
N VAL G 338 -13.82 26.29 57.23
CA VAL G 338 -15.03 25.69 56.68
C VAL G 338 -14.99 25.64 55.16
N SER G 339 -15.29 24.47 54.62
CA SER G 339 -15.29 24.25 53.17
C SER G 339 -16.08 25.32 52.41
N ILE G 340 -15.66 25.59 51.18
CA ILE G 340 -16.34 26.58 50.36
C ILE G 340 -17.01 25.86 49.20
N THR G 341 -16.92 24.53 49.25
CA THR G 341 -17.54 23.65 48.27
C THR G 341 -18.31 22.62 49.11
N ASP G 342 -18.24 21.34 48.76
CA ASP G 342 -18.95 20.31 49.53
C ASP G 342 -18.70 20.43 51.02
N ALA G 343 -19.65 19.91 51.81
CA ALA G 343 -19.56 19.95 53.26
C ALA G 343 -18.70 18.82 53.82
N CYS G 344 -17.83 19.15 54.76
CA CYS G 344 -16.93 18.16 55.36
C CYS G 344 -17.23 17.99 56.84
N ILE G 345 -16.75 16.90 57.43
CA ILE G 345 -16.95 16.67 58.86
C ILE G 345 -15.88 17.46 59.61
N GLY G 346 -16.14 17.80 60.86
CA GLY G 346 -15.19 18.57 61.64
C GLY G 346 -13.95 17.79 62.02
N TRP G 347 -12.96 18.46 62.61
CA TRP G 347 -11.71 17.82 63.01
C TRP G 347 -11.93 16.83 64.13
N GLU G 348 -12.78 17.18 65.10
CA GLU G 348 -13.07 16.28 66.20
C GLU G 348 -13.68 15.01 65.63
N THR G 349 -14.77 15.19 64.89
CA THR G 349 -15.47 14.10 64.26
C THR G 349 -14.43 13.22 63.55
N THR G 350 -13.53 13.86 62.82
CA THR G 350 -12.48 13.16 62.09
C THR G 350 -11.57 12.35 62.99
N GLU G 351 -11.11 12.99 64.07
CA GLU G 351 -10.23 12.33 65.02
C GLU G 351 -10.82 11.04 65.57
N ASP G 352 -12.14 11.04 65.83
CA ASP G 352 -12.81 9.86 66.33
C ASP G 352 -13.02 8.85 65.22
N VAL G 353 -13.32 9.36 64.03
CA VAL G 353 -13.55 8.51 62.86
C VAL G 353 -12.31 7.68 62.58
N LEU G 354 -11.16 8.33 62.59
CA LEU G 354 -9.89 7.67 62.34
C LEU G 354 -9.52 6.69 63.46
N ARG G 355 -9.76 7.10 64.70
CA ARG G 355 -9.46 6.26 65.86
C ARG G 355 -10.21 4.93 65.79
N LYS G 356 -11.46 4.99 65.36
CA LYS G 356 -12.30 3.80 65.24
C LYS G 356 -11.81 2.93 64.11
N LEU G 357 -11.20 3.56 63.11
CA LEU G 357 -10.68 2.83 61.95
C LEU G 357 -9.45 2.03 62.32
N ALA G 358 -8.49 2.71 62.96
CA ALA G 358 -7.26 2.06 63.39
C ALA G 358 -7.61 0.80 64.18
N ALA G 359 -8.57 0.95 65.10
CA ALA G 359 -9.03 -0.14 65.93
C ALA G 359 -9.48 -1.30 65.05
N ALA G 360 -10.24 -0.96 64.00
CA ALA G 360 -10.74 -1.96 63.07
C ALA G 360 -9.58 -2.71 62.41
N VAL G 361 -8.47 -2.03 62.21
CA VAL G 361 -7.28 -2.64 61.60
C VAL G 361 -6.60 -3.55 62.62
N ARG G 362 -6.60 -3.11 63.87
CA ARG G 362 -6.01 -3.87 64.97
C ARG G 362 -6.71 -5.21 65.17
N GLN G 363 -8.04 -5.19 65.16
CA GLN G 363 -8.79 -6.42 65.33
C GLN G 363 -8.73 -7.29 64.09
N ARG G 364 -8.62 -6.66 62.93
CA ARG G 364 -8.54 -7.41 61.68
C ARG G 364 -7.24 -8.22 61.72
N ARG G 365 -6.16 -7.61 62.19
CA ARG G 365 -4.89 -8.32 62.29
C ARG G 365 -5.09 -9.54 63.17
N GLU G 366 -5.76 -9.34 64.29
CA GLU G 366 -6.02 -10.41 65.22
C GLU G 366 -6.77 -11.54 64.53
N VAL G 367 -7.91 -11.22 63.92
CA VAL G 367 -8.72 -12.21 63.23
C VAL G 367 -7.93 -13.00 62.19
N ASN G 368 -6.63 -12.74 62.09
CA ASN G 368 -5.77 -13.44 61.15
C ASN G 368 -4.71 -14.27 61.91
N VAL H 23 8.90 8.17 35.81
CA VAL H 23 9.01 6.72 36.15
C VAL H 23 8.15 5.85 35.23
N ARG H 24 6.89 6.22 35.04
CA ARG H 24 6.01 5.44 34.17
C ARG H 24 6.00 6.04 32.77
N ILE H 25 6.76 7.12 32.59
CA ILE H 25 6.86 7.78 31.30
C ILE H 25 8.03 7.22 30.51
N LEU H 26 7.73 6.28 29.64
CA LEU H 26 8.74 5.64 28.81
C LEU H 26 9.61 6.64 28.05
N GLY H 27 8.98 7.65 27.44
CA GLY H 27 9.74 8.64 26.70
C GLY H 27 8.87 9.67 25.99
N TYR H 28 9.52 10.62 25.33
CA TYR H 28 8.82 11.67 24.59
C TYR H 28 9.42 11.82 23.21
N ASP H 29 8.58 11.98 22.18
CA ASP H 29 9.06 12.16 20.82
C ASP H 29 8.61 13.51 20.25
N PRO H 30 9.47 14.15 19.43
CA PRO H 30 9.10 15.44 18.85
C PRO H 30 7.77 15.39 18.10
N LEU H 31 7.00 16.45 18.21
CA LEU H 31 5.71 16.53 17.56
C LEU H 31 5.60 17.82 16.77
N ALA H 32 5.27 17.72 15.49
CA ALA H 32 5.12 18.93 14.67
C ALA H 32 3.90 19.71 15.14
N SER H 33 4.04 21.03 15.19
CA SER H 33 2.96 21.90 15.64
C SER H 33 1.80 21.99 14.65
N PRO H 34 0.61 22.36 15.13
CA PRO H 34 -0.54 22.48 14.23
C PRO H 34 -0.20 23.48 13.14
N ALA H 35 0.43 24.59 13.54
CA ALA H 35 0.82 25.64 12.60
C ALA H 35 1.69 25.08 11.48
N LEU H 36 2.69 24.30 11.88
CA LEU H 36 3.60 23.68 10.93
C LEU H 36 2.84 22.75 10.00
N LEU H 37 1.95 21.96 10.59
CA LEU H 37 1.16 21.01 9.84
C LEU H 37 0.23 21.74 8.87
N GLN H 38 -0.35 22.85 9.32
CA GLN H 38 -1.27 23.62 8.49
C GLN H 38 -0.61 24.22 7.26
N VAL H 39 0.66 24.57 7.40
CA VAL H 39 1.43 25.12 6.29
C VAL H 39 1.75 24.00 5.31
N GLN H 40 2.07 22.84 5.87
CA GLN H 40 2.43 21.67 5.08
C GLN H 40 1.28 21.07 4.29
N ILE H 41 0.09 21.01 4.90
CA ILE H 41 -1.09 20.48 4.23
C ILE H 41 -2.17 21.54 4.27
N PRO H 42 -2.07 22.54 3.38
CA PRO H 42 -3.06 23.61 3.37
C PRO H 42 -4.44 23.25 2.84
N ALA H 43 -5.43 23.93 3.39
CA ALA H 43 -6.82 23.74 3.00
C ALA H 43 -7.10 24.61 1.77
N THR H 44 -7.67 24.00 0.74
CA THR H 44 -7.99 24.72 -0.49
C THR H 44 -9.17 25.63 -0.20
N PRO H 45 -9.35 26.71 -1.00
CA PRO H 45 -10.47 27.63 -0.77
C PRO H 45 -11.83 26.92 -0.81
N THR H 46 -11.90 25.81 -1.55
CA THR H 46 -13.13 25.04 -1.62
C THR H 46 -13.32 24.33 -0.29
N SER H 47 -12.26 23.70 0.21
CA SER H 47 -12.31 23.00 1.49
C SER H 47 -12.84 23.95 2.56
N LEU H 48 -12.30 25.17 2.60
CA LEU H 48 -12.72 26.15 3.59
C LEU H 48 -14.19 26.53 3.44
N GLU H 49 -14.64 26.61 2.20
CA GLU H 49 -16.02 26.97 1.92
C GLU H 49 -17.01 25.88 2.31
N THR H 50 -16.64 24.62 2.04
CA THR H 50 -17.49 23.48 2.38
C THR H 50 -17.75 23.44 3.88
N ALA H 51 -16.69 23.63 4.68
CA ALA H 51 -16.81 23.62 6.14
C ALA H 51 -17.70 24.75 6.63
N LYS H 52 -17.52 25.94 6.06
CA LYS H 52 -18.31 27.12 6.43
C LYS H 52 -19.78 26.81 6.18
N ARG H 53 -20.06 26.26 5.00
CA ARG H 53 -21.41 25.90 4.60
C ARG H 53 -22.04 24.81 5.47
N GLY H 54 -21.26 23.76 5.77
CA GLY H 54 -21.76 22.67 6.60
C GLY H 54 -22.21 23.16 7.97
N ARG H 55 -21.44 24.10 8.53
CA ARG H 55 -21.76 24.66 9.83
C ARG H 55 -23.05 25.46 9.87
N ARG H 56 -23.27 26.36 8.93
CA ARG H 56 -24.50 27.15 8.94
C ARG H 56 -25.71 26.29 8.60
N GLU H 57 -25.54 25.36 7.67
CA GLU H 57 -26.63 24.47 7.33
C GLU H 57 -27.01 23.68 8.58
N ALA H 58 -25.99 23.23 9.31
CA ALA H 58 -26.21 22.46 10.53
C ALA H 58 -26.88 23.33 11.61
N ILE H 59 -26.45 24.58 11.72
CA ILE H 59 -27.00 25.52 12.68
C ILE H 59 -28.47 25.84 12.42
N ASP H 60 -28.81 26.11 11.17
CA ASP H 60 -30.19 26.41 10.82
C ASP H 60 -31.11 25.26 11.19
N ILE H 61 -30.65 24.05 10.92
CA ILE H 61 -31.44 22.86 11.21
C ILE H 61 -31.66 22.64 12.70
N ILE H 62 -30.60 22.65 13.51
CA ILE H 62 -30.76 22.39 14.94
C ILE H 62 -31.47 23.50 15.70
N THR H 63 -31.46 24.71 15.15
CA THR H 63 -32.13 25.82 15.80
C THR H 63 -33.57 25.98 15.28
N GLY H 64 -33.95 25.11 14.37
CA GLY H 64 -35.30 25.15 13.83
C GLY H 64 -35.57 26.10 12.67
N LYS H 65 -34.55 26.77 12.14
CA LYS H 65 -34.73 27.70 11.02
C LYS H 65 -34.81 26.98 9.67
N ASP H 66 -34.55 25.67 9.67
CA ASP H 66 -34.62 24.87 8.45
C ASP H 66 -35.26 23.54 8.79
N ASP H 67 -36.27 23.14 8.01
CA ASP H 67 -36.99 21.89 8.25
C ASP H 67 -36.38 20.61 7.69
N ARG H 68 -35.12 20.68 7.27
CA ARG H 68 -34.43 19.52 6.75
C ARG H 68 -33.84 18.79 7.96
N VAL H 69 -33.39 17.56 7.75
CA VAL H 69 -32.78 16.82 8.84
C VAL H 69 -31.27 16.72 8.61
N LEU H 70 -30.51 17.09 9.64
CA LEU H 70 -29.07 17.02 9.58
C LEU H 70 -28.66 15.56 9.72
N VAL H 71 -27.85 15.09 8.78
CA VAL H 71 -27.40 13.70 8.76
C VAL H 71 -25.88 13.61 8.86
N ILE H 72 -25.40 12.85 9.85
CA ILE H 72 -23.96 12.63 10.00
C ILE H 72 -23.83 11.15 9.66
N VAL H 73 -23.42 10.85 8.44
CA VAL H 73 -23.29 9.46 8.00
C VAL H 73 -21.92 9.18 7.40
N GLY H 74 -21.38 8.01 7.76
CA GLY H 74 -20.08 7.60 7.27
C GLY H 74 -19.57 6.45 8.12
N PRO H 75 -18.37 5.93 7.80
CA PRO H 75 -17.75 4.82 8.52
C PRO H 75 -17.61 5.02 10.02
N CYS H 76 -17.56 3.91 10.76
CA CYS H 76 -17.38 3.97 12.20
C CYS H 76 -16.03 4.67 12.44
N SER H 77 -15.10 4.43 11.52
CA SER H 77 -13.75 5.02 11.56
C SER H 77 -13.11 4.91 10.18
N ILE H 78 -12.26 5.87 9.84
CA ILE H 78 -11.57 5.84 8.55
C ILE H 78 -10.14 5.31 8.77
N HIS H 79 -9.75 4.34 7.96
CA HIS H 79 -8.42 3.76 8.05
C HIS H 79 -7.78 3.70 6.66
N ASP H 80 -8.60 3.96 5.65
CA ASP H 80 -8.18 3.94 4.26
C ASP H 80 -8.61 5.25 3.60
N LEU H 81 -7.66 6.10 3.25
CA LEU H 81 -7.97 7.39 2.61
C LEU H 81 -8.63 7.22 1.24
N GLU H 82 -8.21 6.17 0.53
CA GLU H 82 -8.74 5.89 -0.81
C GLU H 82 -10.18 5.40 -0.72
N ALA H 83 -10.42 4.40 0.12
CA ALA H 83 -11.76 3.86 0.30
C ALA H 83 -12.66 4.98 0.81
N ALA H 84 -12.09 5.84 1.64
CA ALA H 84 -12.82 6.97 2.20
C ALA H 84 -13.21 7.96 1.11
N GLN H 85 -12.30 8.19 0.16
CA GLN H 85 -12.59 9.14 -0.92
C GLN H 85 -13.65 8.60 -1.86
N GLU H 86 -13.66 7.28 -2.05
CA GLU H 86 -14.64 6.64 -2.93
C GLU H 86 -16.03 6.78 -2.30
N TYR H 87 -16.12 6.44 -1.02
CA TYR H 87 -17.37 6.54 -0.28
C TYR H 87 -17.87 7.98 -0.33
N ALA H 88 -16.95 8.93 -0.24
CA ALA H 88 -17.32 10.33 -0.26
C ALA H 88 -17.89 10.76 -1.61
N LEU H 89 -17.34 10.22 -2.69
CA LEU H 89 -17.82 10.55 -4.02
C LEU H 89 -19.29 10.18 -4.07
N ARG H 90 -19.59 8.96 -3.61
CA ARG H 90 -20.95 8.44 -3.59
C ARG H 90 -21.87 9.29 -2.72
N LEU H 91 -21.42 9.55 -1.49
CA LEU H 91 -22.23 10.36 -0.57
C LEU H 91 -22.45 11.78 -1.10
N LYS H 92 -21.46 12.33 -1.79
CA LYS H 92 -21.57 13.68 -2.33
C LYS H 92 -22.65 13.78 -3.42
N LYS H 93 -22.76 12.76 -4.27
CA LYS H 93 -23.77 12.79 -5.32
C LYS H 93 -25.18 12.50 -4.76
N LEU H 94 -25.27 11.52 -3.87
CA LEU H 94 -26.56 11.18 -3.27
C LEU H 94 -27.03 12.45 -2.56
N SER H 95 -26.07 13.15 -1.95
CA SER H 95 -26.34 14.38 -1.23
C SER H 95 -26.90 15.47 -2.17
N ASP H 96 -26.28 15.65 -3.33
CA ASP H 96 -26.76 16.66 -4.27
C ASP H 96 -28.22 16.38 -4.59
N GLU H 97 -28.52 15.11 -4.81
CA GLU H 97 -29.85 14.65 -5.15
C GLU H 97 -30.86 14.92 -4.06
N LEU H 98 -30.49 14.58 -2.83
CA LEU H 98 -31.39 14.74 -1.70
C LEU H 98 -31.22 16.02 -0.90
N LYS H 99 -30.38 16.93 -1.35
CA LYS H 99 -30.15 18.15 -0.57
C LYS H 99 -31.38 18.99 -0.23
N GLY H 100 -32.53 18.60 -0.74
CA GLY H 100 -33.75 19.35 -0.44
C GLY H 100 -34.44 18.90 0.83
N ASP H 101 -34.11 17.70 1.29
CA ASP H 101 -34.70 17.13 2.48
C ASP H 101 -33.66 16.83 3.56
N LEU H 102 -32.40 16.72 3.15
CA LEU H 102 -31.33 16.40 4.08
C LEU H 102 -30.08 17.25 3.92
N SER H 103 -29.40 17.50 5.03
CA SER H 103 -28.14 18.23 5.04
C SER H 103 -27.17 17.16 5.51
N ILE H 104 -26.37 16.66 4.58
CA ILE H 104 -25.43 15.59 4.86
C ILE H 104 -24.01 16.04 5.21
N ILE H 105 -23.47 15.41 6.25
CA ILE H 105 -22.11 15.64 6.76
C ILE H 105 -21.51 14.25 6.85
N MET H 106 -20.28 14.07 6.38
CA MET H 106 -19.70 12.74 6.43
C MET H 106 -18.93 12.44 7.70
N ARG H 107 -19.11 11.23 8.19
CA ARG H 107 -18.40 10.80 9.36
C ARG H 107 -16.97 10.50 8.90
N ALA H 108 -16.01 11.27 9.42
CA ALA H 108 -14.60 11.06 9.11
C ALA H 108 -13.90 10.94 10.46
N TYR H 109 -14.18 9.84 11.16
CA TYR H 109 -13.65 9.60 12.49
C TYR H 109 -12.22 9.10 12.57
N LEU H 110 -11.38 9.93 13.20
CA LEU H 110 -9.96 9.69 13.37
C LEU H 110 -9.59 9.14 14.75
N GLU H 111 -10.48 9.32 15.72
CA GLU H 111 -10.21 8.88 17.08
C GLU H 111 -11.34 8.00 17.62
N LYS H 112 -10.97 6.85 18.17
CA LYS H 112 -11.94 5.91 18.70
C LYS H 112 -11.76 5.57 20.19
N PRO H 113 -12.80 5.85 21.01
CA PRO H 113 -12.73 5.56 22.45
C PRO H 113 -12.88 4.05 22.65
N ARG H 114 -12.04 3.49 23.52
CA ARG H 114 -12.07 2.06 23.78
C ARG H 114 -12.66 1.73 25.14
N THR H 115 -13.34 0.57 25.21
CA THR H 115 -13.93 0.12 26.47
C THR H 115 -12.76 -0.08 27.43
N THR H 116 -11.63 -0.54 26.88
CA THR H 116 -10.38 -0.76 27.61
C THR H 116 -9.18 -0.38 26.71
N VAL H 117 -8.84 -1.26 25.78
CA VAL H 117 -7.72 -1.00 24.88
C VAL H 117 -7.97 -1.56 23.47
N GLY H 118 -7.35 -0.92 22.48
CA GLY H 118 -7.49 -1.33 21.10
C GLY H 118 -7.04 -0.20 20.17
N TRP H 119 -7.15 -0.39 18.86
CA TRP H 119 -6.75 0.63 17.89
C TRP H 119 -7.55 1.91 18.13
N LYS H 120 -6.84 3.00 18.45
CA LYS H 120 -7.47 4.29 18.75
C LYS H 120 -7.74 5.18 17.53
N GLY H 121 -7.45 4.69 16.32
CA GLY H 121 -7.72 5.51 15.16
C GLY H 121 -6.54 5.81 14.25
N LEU H 122 -6.84 6.55 13.18
CA LEU H 122 -5.87 6.94 12.17
C LEU H 122 -4.76 7.82 12.73
N ILE H 123 -5.10 8.72 13.63
CA ILE H 123 -4.09 9.60 14.19
C ILE H 123 -3.11 8.87 15.08
N ASN H 124 -3.65 8.12 16.03
CA ASN H 124 -2.82 7.41 16.99
C ASN H 124 -1.91 6.35 16.39
N ASP H 125 -2.36 5.68 15.35
CA ASP H 125 -1.55 4.66 14.72
C ASP H 125 -2.03 4.46 13.31
N PRO H 126 -1.68 5.40 12.41
CA PRO H 126 -2.08 5.31 11.00
C PRO H 126 -1.73 4.00 10.30
N ASP H 127 -0.60 3.40 10.68
CA ASP H 127 -0.16 2.16 10.06
C ASP H 127 -0.88 0.94 10.64
N VAL H 128 -1.73 1.19 11.64
CA VAL H 128 -2.51 0.16 12.32
C VAL H 128 -1.68 -1.06 12.70
N ASN H 129 -0.40 -0.84 12.99
CA ASN H 129 0.51 -1.92 13.33
C ASN H 129 1.29 -1.68 14.62
N ASN H 130 0.67 -0.96 15.56
CA ASN H 130 1.30 -0.66 16.84
C ASN H 130 2.67 -0.01 16.71
N THR H 131 2.76 1.02 15.86
CA THR H 131 4.00 1.77 15.67
C THR H 131 3.77 3.21 16.12
N PHE H 132 2.49 3.53 16.28
CA PHE H 132 2.07 4.84 16.75
C PHE H 132 2.82 6.01 16.18
N ASN H 133 2.78 6.13 14.86
CA ASN H 133 3.43 7.23 14.19
C ASN H 133 2.41 8.36 14.19
N ILE H 134 2.30 9.04 15.32
CA ILE H 134 1.33 10.12 15.44
C ILE H 134 1.59 11.28 14.49
N ASN H 135 2.85 11.60 14.23
CA ASN H 135 3.16 12.69 13.29
C ASN H 135 2.56 12.34 11.92
N LYS H 136 2.72 11.09 11.51
CA LYS H 136 2.19 10.63 10.24
C LYS H 136 0.68 10.54 10.30
N GLY H 137 0.16 10.16 11.46
CA GLY H 137 -1.28 10.04 11.65
C GLY H 137 -1.94 11.40 11.49
N LEU H 138 -1.25 12.42 11.95
CA LEU H 138 -1.75 13.79 11.86
C LEU H 138 -1.69 14.33 10.44
N GLN H 139 -0.62 14.01 9.70
CA GLN H 139 -0.49 14.47 8.31
C GLN H 139 -1.57 13.73 7.53
N SER H 140 -1.60 12.44 7.76
CA SER H 140 -2.55 11.55 7.11
C SER H 140 -4.00 11.96 7.38
N ALA H 141 -4.26 12.49 8.58
CA ALA H 141 -5.61 12.90 8.93
C ALA H 141 -6.00 14.22 8.29
N ARG H 142 -5.09 15.18 8.32
CA ARG H 142 -5.38 16.49 7.74
C ARG H 142 -5.54 16.41 6.23
N GLN H 143 -4.78 15.51 5.61
CA GLN H 143 -4.84 15.33 4.17
C GLN H 143 -6.22 14.79 3.83
N LEU H 144 -6.65 13.81 4.61
CA LEU H 144 -7.94 13.18 4.45
C LEU H 144 -9.03 14.25 4.51
N PHE H 145 -9.00 15.03 5.58
CA PHE H 145 -9.96 16.09 5.76
C PHE H 145 -9.95 17.09 4.60
N VAL H 146 -8.76 17.37 4.06
CA VAL H 146 -8.70 18.30 2.94
C VAL H 146 -9.30 17.63 1.70
N ASN H 147 -8.97 16.37 1.47
CA ASN H 147 -9.51 15.66 0.31
C ASN H 147 -11.03 15.65 0.34
N LEU H 148 -11.58 15.17 1.46
CA LEU H 148 -13.01 15.08 1.63
C LEU H 148 -13.75 16.39 1.38
N THR H 149 -13.39 17.43 2.12
CA THR H 149 -14.05 18.73 2.00
C THR H 149 -13.83 19.42 0.66
N ASN H 150 -12.70 19.11 0.03
CA ASN H 150 -12.35 19.70 -1.26
C ASN H 150 -13.35 19.34 -2.36
N ILE H 151 -13.97 18.17 -2.27
CA ILE H 151 -14.96 17.81 -3.28
C ILE H 151 -16.32 18.35 -2.86
N GLY H 152 -16.31 19.23 -1.86
CA GLY H 152 -17.54 19.85 -1.39
C GLY H 152 -18.39 19.11 -0.38
N LEU H 153 -17.84 18.08 0.25
CA LEU H 153 -18.60 17.31 1.24
C LEU H 153 -18.21 17.64 2.69
N PRO H 154 -19.09 18.30 3.46
CA PRO H 154 -18.76 18.64 4.85
C PRO H 154 -18.45 17.38 5.65
N ILE H 155 -17.61 17.53 6.67
CA ILE H 155 -17.22 16.39 7.49
C ILE H 155 -17.37 16.60 9.01
N GLY H 156 -17.44 15.50 9.74
CA GLY H 156 -17.55 15.56 11.18
C GLY H 156 -16.72 14.44 11.81
N SER H 157 -16.29 14.64 13.05
CA SER H 157 -15.50 13.63 13.75
C SER H 157 -15.75 13.76 15.24
N GLU H 158 -15.33 12.75 16.01
CA GLU H 158 -15.51 12.84 17.46
C GLU H 158 -14.32 13.59 18.07
N MET H 159 -14.61 14.64 18.84
CA MET H 159 -13.56 15.40 19.47
C MET H 159 -13.18 14.62 20.73
N LEU H 160 -12.32 13.63 20.58
CA LEU H 160 -11.89 12.82 21.73
C LEU H 160 -10.66 13.43 22.37
N ASP H 161 -9.64 13.68 21.55
CA ASP H 161 -8.39 14.28 22.00
C ASP H 161 -8.63 15.79 22.13
N THR H 162 -8.04 16.42 23.14
CA THR H 162 -8.20 17.85 23.33
C THR H 162 -7.11 18.63 22.58
N ILE H 163 -6.14 17.92 22.03
CA ILE H 163 -5.04 18.55 21.29
C ILE H 163 -5.19 18.49 19.77
N SER H 164 -5.58 17.33 19.24
CA SER H 164 -5.73 17.15 17.79
C SER H 164 -6.62 18.17 17.09
N PRO H 165 -7.71 18.63 17.74
CA PRO H 165 -8.58 19.63 17.08
C PRO H 165 -7.79 20.84 16.54
N GLN H 166 -6.71 21.18 17.23
CA GLN H 166 -5.86 22.30 16.84
C GLN H 166 -5.28 22.11 15.44
N TYR H 167 -5.24 20.87 14.99
CA TYR H 167 -4.69 20.54 13.68
C TYR H 167 -5.75 20.40 12.60
N LEU H 168 -6.99 20.10 12.98
CA LEU H 168 -8.05 19.85 12.00
C LEU H 168 -9.33 20.67 12.05
N ALA H 169 -9.49 21.48 13.09
CA ALA H 169 -10.70 22.28 13.30
C ALA H 169 -11.20 23.13 12.14
N ASP H 170 -10.28 23.72 11.38
CA ASP H 170 -10.64 24.57 10.25
C ASP H 170 -11.41 23.84 9.15
N LEU H 171 -11.29 22.51 9.12
CA LEU H 171 -11.94 21.71 8.10
C LEU H 171 -13.19 20.97 8.58
N VAL H 172 -13.54 21.13 9.86
CA VAL H 172 -14.69 20.43 10.46
C VAL H 172 -15.97 21.25 10.55
N SER H 173 -17.11 20.59 10.28
CA SER H 173 -18.42 21.25 10.35
C SER H 173 -19.27 20.74 11.52
N PHE H 174 -18.91 19.59 12.07
CA PHE H 174 -19.63 18.99 13.18
C PHE H 174 -18.69 18.30 14.13
N GLY H 175 -18.95 18.46 15.42
CA GLY H 175 -18.14 17.80 16.43
C GLY H 175 -19.01 16.99 17.36
N ALA H 176 -18.58 15.77 17.65
CA ALA H 176 -19.33 14.92 18.56
C ALA H 176 -18.47 14.59 19.78
N ILE H 177 -19.09 14.55 20.96
CA ILE H 177 -18.40 14.20 22.19
C ILE H 177 -18.96 12.84 22.57
N GLY H 178 -18.10 11.84 22.65
CA GLY H 178 -18.54 10.50 22.98
C GLY H 178 -19.24 10.29 24.32
N ALA H 179 -20.09 9.27 24.36
CA ALA H 179 -20.84 8.94 25.57
C ALA H 179 -19.91 8.79 26.78
N ARG H 180 -18.66 8.41 26.54
CA ARG H 180 -17.69 8.19 27.60
C ARG H 180 -16.95 9.45 28.02
N THR H 181 -17.21 10.55 27.32
CA THR H 181 -16.55 11.80 27.64
C THR H 181 -17.50 12.99 27.77
N THR H 182 -18.79 12.72 27.61
CA THR H 182 -19.81 13.75 27.73
C THR H 182 -19.79 14.36 29.12
N GLU H 183 -19.48 13.55 30.12
CA GLU H 183 -19.39 14.01 31.52
C GLU H 183 -18.08 14.75 31.81
N SER H 184 -17.07 14.47 30.99
CA SER H 184 -15.74 15.06 31.13
C SER H 184 -15.70 16.58 31.02
N GLN H 185 -15.31 17.22 32.12
CA GLN H 185 -15.21 18.68 32.16
C GLN H 185 -14.25 19.20 31.10
N LEU H 186 -13.25 18.41 30.76
CA LEU H 186 -12.26 18.80 29.76
C LEU H 186 -12.89 18.90 28.37
N HIS H 187 -13.88 18.06 28.11
CA HIS H 187 -14.55 18.07 26.82
C HIS H 187 -15.64 19.11 26.76
N ARG H 188 -16.20 19.47 27.91
CA ARG H 188 -17.23 20.50 27.92
C ARG H 188 -16.48 21.82 27.75
N GLU H 189 -15.25 21.88 28.26
CA GLU H 189 -14.44 23.09 28.12
C GLU H 189 -14.03 23.20 26.65
N LEU H 190 -13.60 22.08 26.07
CA LEU H 190 -13.17 22.05 24.68
C LEU H 190 -14.32 22.55 23.78
N ALA H 191 -15.49 21.94 23.97
CA ALA H 191 -16.67 22.27 23.18
C ALA H 191 -17.00 23.76 23.22
N SER H 192 -16.81 24.38 24.37
CA SER H 192 -17.11 25.79 24.50
C SER H 192 -16.29 26.69 23.57
N GLY H 193 -15.21 26.14 23.00
CA GLY H 193 -14.38 26.94 22.11
C GLY H 193 -14.30 26.48 20.67
N LEU H 194 -15.12 25.49 20.30
CA LEU H 194 -15.12 24.99 18.93
C LEU H 194 -16.04 25.85 18.07
N SER H 195 -15.57 26.20 16.89
CA SER H 195 -16.31 27.06 15.97
C SER H 195 -17.38 26.34 15.16
N PHE H 196 -17.99 25.32 15.74
CA PHE H 196 -19.00 24.56 15.04
C PHE H 196 -19.92 23.82 15.99
N PRO H 197 -21.11 23.42 15.51
CA PRO H 197 -22.06 22.69 16.35
C PRO H 197 -21.45 21.43 16.94
N VAL H 198 -21.77 21.15 18.20
CA VAL H 198 -21.26 19.98 18.88
C VAL H 198 -22.40 19.15 19.45
N GLY H 199 -22.32 17.83 19.24
CA GLY H 199 -23.34 16.94 19.75
C GLY H 199 -22.79 16.12 20.89
N PHE H 200 -23.53 16.10 22.00
CA PHE H 200 -23.16 15.37 23.20
C PHE H 200 -24.01 14.09 23.26
N LYS H 201 -23.36 12.93 23.23
CA LYS H 201 -24.09 11.68 23.30
C LYS H 201 -24.54 11.45 24.74
N ASN H 202 -25.69 10.83 24.94
CA ASN H 202 -26.14 10.54 26.30
C ASN H 202 -25.17 9.52 26.91
N GLY H 203 -25.17 9.42 28.23
CA GLY H 203 -24.29 8.48 28.91
C GLY H 203 -24.40 7.05 28.46
N THR H 204 -23.35 6.26 28.72
CA THR H 204 -23.35 4.86 28.34
C THR H 204 -24.38 4.05 29.12
N ASP H 205 -24.83 4.59 30.26
CA ASP H 205 -25.85 3.90 31.04
C ASP H 205 -27.21 4.17 30.42
N GLY H 206 -27.25 5.06 29.43
CA GLY H 206 -28.49 5.37 28.74
C GLY H 206 -29.24 6.60 29.18
N THR H 207 -28.68 7.38 30.10
CA THR H 207 -29.35 8.59 30.57
C THR H 207 -28.92 9.85 29.81
N LEU H 208 -29.85 10.80 29.67
CA LEU H 208 -29.62 12.04 28.95
C LEU H 208 -29.08 13.17 29.81
N ASN H 209 -29.31 13.05 31.11
CA ASN H 209 -28.90 14.07 32.05
C ASN H 209 -27.49 14.61 31.86
N VAL H 210 -26.52 13.73 31.62
CA VAL H 210 -25.15 14.18 31.44
C VAL H 210 -24.97 14.99 30.17
N ALA H 211 -25.69 14.59 29.12
CA ALA H 211 -25.62 15.31 27.85
C ALA H 211 -26.30 16.66 27.99
N VAL H 212 -27.44 16.67 28.66
CA VAL H 212 -28.17 17.91 28.88
C VAL H 212 -27.27 18.88 29.64
N ASP H 213 -26.73 18.45 30.78
CA ASP H 213 -25.85 19.31 31.57
C ASP H 213 -24.64 19.75 30.74
N ALA H 214 -24.17 18.87 29.86
CA ALA H 214 -23.02 19.16 29.02
C ALA H 214 -23.29 20.35 28.12
N CYS H 215 -24.45 20.35 27.46
CA CYS H 215 -24.82 21.44 26.57
C CYS H 215 -24.83 22.76 27.33
N GLN H 216 -25.43 22.74 28.52
CA GLN H 216 -25.52 23.92 29.37
C GLN H 216 -24.12 24.44 29.72
N ALA H 217 -23.24 23.52 30.14
CA ALA H 217 -21.87 23.88 30.51
C ALA H 217 -21.08 24.46 29.34
N ALA H 218 -21.14 23.80 28.19
CA ALA H 218 -20.43 24.23 26.98
C ALA H 218 -20.90 25.58 26.48
N ALA H 219 -22.14 25.94 26.80
CA ALA H 219 -22.69 27.22 26.38
C ALA H 219 -22.01 28.37 27.14
N HIS H 220 -21.28 28.03 28.20
CA HIS H 220 -20.61 29.03 29.02
C HIS H 220 -19.19 29.26 28.59
N SER H 221 -18.63 30.36 29.06
CA SER H 221 -17.25 30.72 28.79
C SER H 221 -16.41 29.90 29.75
N HIS H 222 -15.22 29.49 29.33
CA HIS H 222 -14.35 28.70 30.19
C HIS H 222 -12.89 29.16 30.08
N HIS H 223 -12.16 28.97 31.17
CA HIS H 223 -10.74 29.33 31.26
C HIS H 223 -10.01 28.04 31.60
N PHE H 224 -9.00 27.71 30.82
CA PHE H 224 -8.25 26.48 31.05
C PHE H 224 -6.98 26.44 30.20
N MET H 225 -6.08 25.54 30.58
CA MET H 225 -4.83 25.41 29.86
C MET H 225 -5.00 24.48 28.65
N GLY H 226 -4.40 24.88 27.54
CA GLY H 226 -4.48 24.08 26.33
C GLY H 226 -3.31 24.37 25.41
N VAL H 227 -3.18 23.56 24.36
CA VAL H 227 -2.10 23.73 23.40
C VAL H 227 -2.55 24.64 22.25
N THR H 228 -1.69 25.58 21.88
CA THR H 228 -1.98 26.52 20.82
C THR H 228 -1.46 26.02 19.47
N LYS H 229 -1.78 26.76 18.41
CA LYS H 229 -1.36 26.41 17.06
C LYS H 229 0.16 26.25 17.04
N HIS H 230 0.82 26.93 17.96
CA HIS H 230 2.27 26.90 18.04
C HIS H 230 2.87 25.68 18.74
N GLY H 231 2.01 24.80 19.23
CA GLY H 231 2.51 23.61 19.90
C GLY H 231 2.97 23.88 21.31
N VAL H 232 2.49 24.98 21.89
CA VAL H 232 2.85 25.36 23.26
C VAL H 232 1.58 25.50 24.11
N ALA H 233 1.70 25.18 25.39
CA ALA H 233 0.57 25.30 26.30
C ALA H 233 0.41 26.75 26.75
N ALA H 234 -0.84 27.20 26.80
CA ALA H 234 -1.16 28.55 27.22
C ALA H 234 -2.52 28.52 27.86
N ILE H 235 -2.94 29.65 28.40
CA ILE H 235 -4.24 29.73 29.04
C ILE H 235 -5.28 30.19 28.03
N THR H 236 -6.29 29.35 27.82
CA THR H 236 -7.35 29.66 26.87
C THR H 236 -8.60 30.24 27.54
N THR H 237 -9.30 31.10 26.81
CA THR H 237 -10.56 31.68 27.28
C THR H 237 -11.55 31.51 26.14
N THR H 238 -12.55 30.67 26.38
CA THR H 238 -13.57 30.38 25.36
C THR H 238 -14.80 31.29 25.49
N LYS H 239 -15.52 31.43 24.39
CA LYS H 239 -16.71 32.27 24.32
C LYS H 239 -17.98 31.58 24.77
N GLY H 240 -18.05 30.27 24.55
CA GLY H 240 -19.23 29.51 24.90
C GLY H 240 -19.83 29.03 23.60
N ASN H 241 -20.42 27.85 23.59
CA ASN H 241 -21.01 27.30 22.36
C ASN H 241 -22.53 27.13 22.50
N GLU H 242 -23.31 27.99 21.85
CA GLU H 242 -24.77 27.89 21.92
C GLU H 242 -25.36 26.87 20.97
N HIS H 243 -24.51 26.20 20.20
CA HIS H 243 -24.97 25.22 19.22
C HIS H 243 -24.65 23.78 19.58
N CYS H 244 -24.88 23.43 20.85
CA CYS H 244 -24.65 22.07 21.32
C CYS H 244 -26.01 21.40 21.48
N PHE H 245 -26.09 20.15 21.07
CA PHE H 245 -27.34 19.41 21.18
C PHE H 245 -27.07 18.01 21.72
N VAL H 246 -28.13 17.31 22.08
CA VAL H 246 -28.01 15.96 22.63
C VAL H 246 -28.17 14.91 21.55
N ILE H 247 -27.38 13.84 21.65
CA ILE H 247 -27.47 12.75 20.70
C ILE H 247 -27.92 11.50 21.45
N LEU H 248 -29.04 10.94 21.05
CA LEU H 248 -29.57 9.74 21.68
C LEU H 248 -28.90 8.53 21.05
N ARG H 249 -28.10 7.82 21.83
CA ARG H 249 -27.40 6.65 21.33
C ARG H 249 -27.58 5.38 22.16
N GLY H 250 -28.72 5.24 22.82
CA GLY H 250 -28.96 4.06 23.63
C GLY H 250 -28.04 3.94 24.83
N GLY H 251 -28.04 2.76 25.46
CA GLY H 251 -27.19 2.55 26.61
C GLY H 251 -27.68 1.38 27.46
N LYS H 252 -27.24 1.33 28.71
CA LYS H 252 -27.63 0.25 29.61
C LYS H 252 -29.13 0.16 29.79
N LYS H 253 -29.80 1.31 29.90
CA LYS H 253 -31.24 1.35 30.08
C LYS H 253 -32.02 0.91 28.84
N GLY H 254 -31.30 0.57 27.77
CA GLY H 254 -31.94 0.14 26.55
C GLY H 254 -31.84 1.20 25.46
N THR H 255 -32.47 0.94 24.32
CA THR H 255 -32.45 1.87 23.21
C THR H 255 -33.34 3.09 23.50
N ASN H 256 -33.12 4.19 22.80
CA ASN H 256 -33.92 5.39 23.05
C ASN H 256 -34.31 6.17 21.81
N TYR H 257 -34.66 5.45 20.74
CA TYR H 257 -35.05 6.13 19.52
C TYR H 257 -36.56 6.06 19.27
N ASP H 258 -37.28 5.33 20.13
CA ASP H 258 -38.73 5.19 20.00
C ASP H 258 -39.46 6.45 20.46
N ALA H 259 -40.69 6.60 20.01
CA ALA H 259 -41.51 7.77 20.34
C ALA H 259 -41.59 8.11 21.82
N LYS H 260 -41.72 7.09 22.68
CA LYS H 260 -41.80 7.33 24.11
C LYS H 260 -40.50 7.93 24.65
N SER H 261 -39.38 7.37 24.23
CA SER H 261 -38.06 7.84 24.66
C SER H 261 -37.86 9.27 24.21
N VAL H 262 -38.22 9.55 22.96
CA VAL H 262 -38.11 10.88 22.41
C VAL H 262 -38.85 11.88 23.29
N ALA H 263 -40.10 11.56 23.63
CA ALA H 263 -40.89 12.44 24.47
C ALA H 263 -40.20 12.67 25.81
N GLU H 264 -39.67 11.61 26.40
CA GLU H 264 -38.99 11.74 27.68
C GLU H 264 -37.82 12.70 27.52
N ALA H 265 -37.11 12.56 26.40
CA ALA H 265 -35.96 13.41 26.10
C ALA H 265 -36.38 14.87 25.99
N LYS H 266 -37.44 15.11 25.22
CA LYS H 266 -37.93 16.47 25.02
C LYS H 266 -38.33 17.11 26.33
N ALA H 267 -38.99 16.34 27.19
CA ALA H 267 -39.44 16.82 28.49
C ALA H 267 -38.26 17.17 29.37
N GLN H 268 -37.10 16.58 29.05
CA GLN H 268 -35.88 16.81 29.80
C GLN H 268 -35.07 17.98 29.27
N LEU H 269 -35.29 18.35 28.01
CA LEU H 269 -34.56 19.46 27.42
C LEU H 269 -35.11 20.78 27.94
N PRO H 270 -34.21 21.68 28.37
CA PRO H 270 -34.62 22.99 28.88
C PRO H 270 -35.12 23.90 27.77
N ALA H 271 -35.77 24.99 28.13
CA ALA H 271 -36.28 25.93 27.14
C ALA H 271 -35.12 26.49 26.31
N GLY H 272 -35.37 26.69 25.02
CA GLY H 272 -34.33 27.24 24.17
C GLY H 272 -33.29 26.21 23.74
N SER H 273 -33.59 24.93 23.94
CA SER H 273 -32.67 23.87 23.55
C SER H 273 -32.69 23.72 22.04
N ASN H 274 -31.68 23.05 21.51
CA ASN H 274 -31.58 22.81 20.09
C ASN H 274 -32.20 21.45 19.83
N GLY H 275 -32.42 21.13 18.57
CA GLY H 275 -33.02 19.88 18.21
C GLY H 275 -32.23 18.66 18.61
N LEU H 276 -32.93 17.54 18.77
CA LEU H 276 -32.32 16.27 19.16
C LEU H 276 -31.79 15.51 17.95
N MET H 277 -30.78 14.68 18.19
CA MET H 277 -30.22 13.85 17.15
C MET H 277 -30.30 12.41 17.62
N ILE H 278 -30.79 11.55 16.74
CA ILE H 278 -30.91 10.15 17.07
C ILE H 278 -29.85 9.35 16.32
N ASP H 279 -29.00 8.70 17.10
CA ASP H 279 -27.95 7.87 16.55
C ASP H 279 -28.56 6.50 16.31
N TYR H 280 -28.45 5.99 15.09
CA TYR H 280 -29.03 4.69 14.74
C TYR H 280 -28.20 3.50 15.21
N SER H 281 -26.93 3.73 15.55
CA SER H 281 -26.07 2.63 15.96
C SER H 281 -25.73 2.63 17.44
N HIS H 282 -24.59 2.01 17.76
CA HIS H 282 -24.12 1.91 19.13
C HIS H 282 -25.21 1.33 20.01
N GLY H 283 -25.56 1.99 21.09
CA GLY H 283 -26.60 1.46 21.95
C GLY H 283 -27.93 1.20 21.25
N ASN H 284 -28.28 2.06 20.28
CA ASN H 284 -29.56 1.93 19.58
C ASN H 284 -29.70 0.81 18.56
N SER H 285 -28.61 0.09 18.30
CA SER H 285 -28.68 -1.00 17.34
C SER H 285 -28.22 -2.29 18.02
N ASN H 286 -28.06 -2.24 19.33
CA ASN H 286 -27.58 -3.39 20.08
C ASN H 286 -26.22 -3.71 19.50
N LYS H 287 -25.91 -4.99 19.38
CA LYS H 287 -24.63 -5.37 18.80
C LYS H 287 -24.87 -5.88 17.38
N ASP H 288 -25.87 -5.31 16.72
CA ASP H 288 -26.19 -5.72 15.37
C ASP H 288 -26.40 -4.52 14.44
N PHE H 289 -25.43 -4.29 13.56
CA PHE H 289 -25.49 -3.17 12.63
C PHE H 289 -26.71 -3.23 11.72
N ARG H 290 -27.24 -4.44 11.52
CA ARG H 290 -28.40 -4.63 10.67
C ARG H 290 -29.65 -4.00 11.27
N ASN H 291 -29.58 -3.60 12.54
CA ASN H 291 -30.73 -2.98 13.17
C ASN H 291 -30.88 -1.52 12.77
N GLN H 292 -29.79 -0.90 12.31
CA GLN H 292 -29.83 0.50 11.93
C GLN H 292 -30.99 0.87 11.02
N PRO H 293 -31.19 0.12 9.93
CA PRO H 293 -32.31 0.46 9.04
C PRO H 293 -33.66 0.32 9.74
N LYS H 294 -33.72 -0.53 10.76
CA LYS H 294 -34.94 -0.72 11.53
C LYS H 294 -35.19 0.53 12.37
N VAL H 295 -34.13 1.06 12.97
CA VAL H 295 -34.22 2.27 13.78
C VAL H 295 -34.73 3.37 12.86
N ASN H 296 -34.22 3.34 11.63
CA ASN H 296 -34.59 4.33 10.63
C ASN H 296 -36.09 4.38 10.41
N ASP H 297 -36.72 3.21 10.34
CA ASP H 297 -38.17 3.16 10.13
C ASP H 297 -38.91 3.77 11.31
N VAL H 298 -38.48 3.42 12.51
CA VAL H 298 -39.10 3.95 13.70
C VAL H 298 -38.89 5.46 13.81
N VAL H 299 -37.77 5.94 13.27
CA VAL H 299 -37.45 7.37 13.30
C VAL H 299 -38.20 8.12 12.18
N CYS H 300 -38.28 7.49 11.01
CA CYS H 300 -38.97 8.08 9.89
C CYS H 300 -40.46 8.20 10.21
N GLU H 301 -40.97 7.21 10.93
CA GLU H 301 -42.37 7.18 11.34
C GLU H 301 -42.70 8.48 12.09
N GLN H 302 -41.98 8.73 13.16
CA GLN H 302 -42.17 9.94 13.98
C GLN H 302 -42.00 11.24 13.22
N ILE H 303 -41.01 11.30 12.33
CA ILE H 303 -40.77 12.51 11.55
C ILE H 303 -41.86 12.75 10.51
N ALA H 304 -42.28 11.66 9.85
CA ALA H 304 -43.32 11.75 8.82
C ALA H 304 -44.65 12.14 9.45
N ASN H 305 -44.80 11.83 10.73
CA ASN H 305 -46.03 12.16 11.43
C ASN H 305 -45.96 13.45 12.22
N GLY H 306 -44.96 14.28 11.95
CA GLY H 306 -44.87 15.56 12.61
C GLY H 306 -43.86 15.80 13.73
N GLU H 307 -43.00 14.83 14.03
CA GLU H 307 -42.02 15.05 15.10
C GLU H 307 -40.99 16.07 14.65
N ASN H 308 -41.08 17.29 15.17
CA ASN H 308 -40.15 18.33 14.78
C ASN H 308 -38.96 18.47 15.71
N ALA H 309 -38.96 17.72 16.81
CA ALA H 309 -37.87 17.79 17.75
C ALA H 309 -36.68 16.97 17.25
N ILE H 310 -36.94 16.06 16.32
CA ILE H 310 -35.89 15.22 15.74
C ILE H 310 -35.31 15.97 14.54
N THR H 311 -34.20 16.64 14.76
CA THR H 311 -33.57 17.43 13.71
C THR H 311 -32.31 16.81 13.13
N GLY H 312 -31.91 15.64 13.63
CA GLY H 312 -30.72 15.04 13.08
C GLY H 312 -30.60 13.57 13.40
N VAL H 313 -29.87 12.84 12.57
CA VAL H 313 -29.66 11.41 12.79
C VAL H 313 -28.22 11.08 12.45
N MET H 314 -27.68 10.07 13.13
CA MET H 314 -26.32 9.63 12.90
C MET H 314 -26.37 8.21 12.39
N ILE H 315 -25.49 7.89 11.45
CA ILE H 315 -25.44 6.57 10.84
C ILE H 315 -24.02 6.09 10.58
N GLU H 316 -23.73 4.85 10.97
CA GLU H 316 -22.41 4.28 10.72
C GLU H 316 -22.53 3.42 9.47
N SER H 317 -22.04 3.97 8.37
CA SER H 317 -22.10 3.31 7.07
C SER H 317 -20.76 3.26 6.36
N ASN H 318 -20.52 2.18 5.63
CA ASN H 318 -19.29 2.05 4.89
C ASN H 318 -19.64 1.54 3.50
N ILE H 319 -18.65 1.46 2.62
CA ILE H 319 -18.86 0.97 1.27
C ILE H 319 -19.46 -0.44 1.33
N ASN H 320 -19.00 -1.21 2.31
CA ASN H 320 -19.48 -2.58 2.49
C ASN H 320 -19.70 -2.85 3.97
N GLU H 321 -20.81 -3.51 4.29
CA GLU H 321 -21.16 -3.84 5.66
C GLU H 321 -20.10 -4.70 6.34
N GLY H 322 -20.17 -4.78 7.67
CA GLY H 322 -19.23 -5.61 8.43
C GLY H 322 -18.02 -4.95 9.05
N ASN H 323 -17.04 -5.80 9.42
CA ASN H 323 -15.74 -5.40 10.01
C ASN H 323 -14.66 -6.49 9.81
N GLN H 324 -13.38 -6.20 10.10
CA GLN H 324 -12.28 -7.18 9.89
C GLN H 324 -10.90 -6.93 10.60
N GLY H 325 -9.81 -7.07 9.82
CA GLY H 325 -8.47 -6.85 10.34
C GLY H 325 -7.34 -7.55 9.65
N GLY H 333 -7.04 -7.11 8.41
CA GLY H 333 -6.03 -7.67 7.50
C GLY H 333 -6.78 -7.65 6.16
N LEU H 334 -7.33 -6.47 5.92
CA LEU H 334 -8.22 -6.05 4.87
C LEU H 334 -8.55 -6.33 3.44
N LYS H 335 -9.88 -6.23 3.43
CA LYS H 335 -10.89 -6.34 2.41
C LYS H 335 -11.14 -4.84 2.20
N TYR H 336 -11.29 -4.42 0.96
CA TYR H 336 -11.51 -3.01 0.69
C TYR H 336 -12.93 -2.58 1.03
N GLY H 337 -13.06 -1.49 1.79
CA GLY H 337 -14.38 -0.98 2.10
C GLY H 337 -15.14 -1.51 3.30
N VAL H 338 -14.49 -2.24 4.20
CA VAL H 338 -15.19 -2.72 5.38
C VAL H 338 -14.42 -2.35 6.65
N SER H 339 -15.14 -1.79 7.61
CA SER H 339 -14.60 -1.33 8.89
C SER H 339 -13.66 -2.29 9.60
N ILE H 340 -12.66 -1.74 10.30
CA ILE H 340 -11.73 -2.54 11.09
C ILE H 340 -12.03 -2.26 12.55
N THR H 341 -13.20 -1.65 12.77
CA THR H 341 -13.69 -1.32 14.11
C THR H 341 -15.12 -1.89 14.23
N ASP H 342 -16.10 -1.04 14.50
CA ASP H 342 -17.48 -1.53 14.60
C ASP H 342 -18.09 -1.80 13.22
N ALA H 343 -19.11 -2.66 13.18
CA ALA H 343 -19.77 -3.02 11.93
C ALA H 343 -20.65 -1.90 11.42
N CYS H 344 -20.58 -1.64 10.12
CA CYS H 344 -21.37 -0.57 9.50
C CYS H 344 -22.25 -1.18 8.43
N ILE H 345 -23.30 -0.48 8.03
CA ILE H 345 -24.19 -0.98 6.99
C ILE H 345 -23.54 -0.69 5.62
N GLY H 346 -23.81 -1.54 4.64
CA GLY H 346 -23.23 -1.36 3.32
C GLY H 346 -23.72 -0.08 2.68
N TRP H 347 -23.17 0.27 1.53
CA TRP H 347 -23.57 1.49 0.84
C TRP H 347 -24.97 1.39 0.25
N GLU H 348 -25.27 0.27 -0.40
CA GLU H 348 -26.58 0.07 -0.99
C GLU H 348 -27.64 0.34 0.08
N THR H 349 -27.44 -0.27 1.24
CA THR H 349 -28.34 -0.13 2.38
C THR H 349 -28.49 1.33 2.76
N THR H 350 -27.35 2.01 2.79
CA THR H 350 -27.30 3.42 3.14
C THR H 350 -28.18 4.27 2.23
N GLU H 351 -28.05 4.08 0.92
CA GLU H 351 -28.85 4.89 -0.01
C GLU H 351 -30.33 4.70 0.23
N ASP H 352 -30.73 3.45 0.49
CA ASP H 352 -32.12 3.13 0.73
C ASP H 352 -32.62 3.85 1.99
N VAL H 353 -31.80 3.81 3.04
CA VAL H 353 -32.13 4.48 4.31
C VAL H 353 -32.30 5.98 4.11
N LEU H 354 -31.28 6.62 3.54
CA LEU H 354 -31.30 8.06 3.32
C LEU H 354 -32.47 8.50 2.45
N ARG H 355 -32.84 7.64 1.50
CA ARG H 355 -33.96 7.93 0.61
C ARG H 355 -35.23 8.00 1.44
N LYS H 356 -35.42 6.97 2.27
CA LYS H 356 -36.58 6.87 3.12
C LYS H 356 -36.61 8.01 4.13
N LEU H 357 -35.46 8.32 4.71
CA LEU H 357 -35.40 9.40 5.67
C LEU H 357 -35.73 10.71 4.95
N ALA H 358 -35.43 10.75 3.66
CA ALA H 358 -35.70 11.93 2.83
C ALA H 358 -37.20 12.06 2.63
N ALA H 359 -37.84 10.96 2.24
CA ALA H 359 -39.29 10.94 2.02
C ALA H 359 -40.00 11.43 3.28
N ALA H 360 -39.59 10.88 4.43
CA ALA H 360 -40.16 11.22 5.73
C ALA H 360 -40.09 12.73 6.01
N VAL H 361 -38.96 13.36 5.71
CA VAL H 361 -38.80 14.80 5.92
C VAL H 361 -39.76 15.51 4.99
N ARG H 362 -39.99 14.92 3.82
CA ARG H 362 -40.92 15.50 2.86
C ARG H 362 -42.31 15.43 3.47
N GLN H 363 -42.66 14.26 4.01
CA GLN H 363 -43.95 14.04 4.63
C GLN H 363 -44.17 15.03 5.77
N ARG H 364 -43.18 15.17 6.64
CA ARG H 364 -43.30 16.09 7.77
C ARG H 364 -43.69 17.50 7.33
N ARG H 365 -43.02 18.03 6.31
CA ARG H 365 -43.34 19.37 5.82
C ARG H 365 -44.83 19.44 5.54
N GLU H 366 -45.36 18.34 5.03
CA GLU H 366 -46.77 18.27 4.72
C GLU H 366 -47.61 18.44 5.98
N VAL H 367 -47.37 17.58 6.97
CA VAL H 367 -48.12 17.64 8.22
C VAL H 367 -48.03 19.01 8.90
N ASN H 368 -46.88 19.68 8.75
CA ASN H 368 -46.68 20.99 9.35
C ASN H 368 -47.41 22.12 8.63
C1 PEP I . 21.43 -21.73 -38.77
O1 PEP I . 20.39 -22.14 -39.32
O2' PEP I . 22.38 -22.49 -38.47
C2 PEP I . 21.58 -20.27 -38.48
C3 PEP I . 20.47 -19.54 -38.86
O2 PEP I . 22.89 -19.66 -37.83
P PEP I . 22.92 -18.36 -36.95
O1P PEP I . 21.95 -18.56 -35.85
O2P PEP I . 22.54 -17.22 -37.85
O3P PEP I . 24.32 -18.25 -36.46
C1 PEP J . 15.59 -2.00 -18.54
O1 PEP J . 14.93 -2.47 -17.58
O2' PEP J . 15.35 -0.87 -19.04
C2 PEP J . 16.74 -2.81 -19.11
C3 PEP J . 16.90 -4.02 -18.47
O2 PEP J . 17.67 -2.28 -20.29
P PEP J . 18.43 -3.21 -21.33
O1P PEP J . 17.43 -4.18 -21.85
O2P PEP J . 19.54 -3.86 -20.59
O3P PEP J . 18.92 -2.28 -22.39
C1 PEP K . -35.19 -42.49 -30.07
O1 PEP K . -34.14 -42.78 -30.67
O2' PEP K . -36.12 -41.85 -30.59
C2 PEP K . -35.34 -42.96 -28.65
C3 PEP K . -34.25 -43.66 -28.20
O2 PEP K . -36.67 -42.68 -27.80
P PEP K . -36.81 -42.96 -26.25
O1P PEP K . -35.83 -42.08 -25.56
O2P PEP K . -36.51 -44.41 -26.05
O3P PEP K . -38.21 -42.63 -25.91
C1 PEP L . -31.12 -36.60 -1.98
O1 PEP L . -30.57 -35.49 -1.80
O2' PEP L . -30.79 -37.61 -1.31
C2 PEP L . -32.22 -36.73 -2.99
C3 PEP L . -32.48 -35.54 -3.64
O2 PEP L . -33.01 -38.10 -3.25
P PEP L . -33.74 -38.48 -4.61
O1P PEP L . -32.74 -38.33 -5.70
O2P PEP L . -34.88 -37.53 -4.76
O3P PEP L . -34.19 -39.88 -4.45
C1 PEP M . 28.84 51.56 23.92
O1 PEP M . 28.22 51.05 24.89
O2' PEP M . 28.53 52.68 23.45
C2 PEP M . 30.00 50.82 23.32
C3 PEP M . 30.22 49.60 23.96
O2 PEP M . 30.88 51.39 22.10
P PEP M . 31.42 50.53 20.87
O1P PEP M . 32.74 49.99 21.27
O2P PEP M . 31.50 51.47 19.73
O3P PEP M . 30.42 49.45 20.64
C1 PEP N . 34.55 31.38 3.98
O1 PEP N . 33.49 30.91 3.54
O2' PEP N . 35.59 30.71 4.13
C2 PEP N . 34.59 32.83 4.32
C3 PEP N . 33.38 33.46 4.10
O2 PEP N . 35.92 33.55 4.83
P PEP N . 35.96 34.88 5.67
O1P PEP N . 35.01 34.71 6.80
O2P PEP N . 35.56 35.98 4.75
O3P PEP N . 37.37 35.00 6.12
C1 PEP O . -13.86 13.98 45.34
O1 PEP O . -13.42 15.15 45.50
O2' PEP O . -13.51 13.02 46.07
C2 PEP O . -14.85 13.72 44.23
C3 PEP O . -15.13 14.88 43.51
O2 PEP O . -15.50 12.28 43.91
P PEP O . -16.52 11.97 42.72
O1P PEP O . -15.84 12.39 41.47
O2P PEP O . -17.76 12.75 42.99
O3P PEP O . -16.77 10.50 42.76
C1 PEP P . -19.05 6.83 17.63
O1 PEP P . -18.05 6.46 16.99
O2' PEP P . -20.00 7.44 17.10
C2 PEP P . -19.14 6.55 19.10
C3 PEP P . -18.02 5.87 19.56
O2 PEP P . -20.40 6.95 19.99
P PEP P . -20.61 6.54 21.51
O1P PEP P . -20.23 5.11 21.63
O2P PEP P . -22.05 6.77 21.81
O3P PEP P . -19.72 7.43 22.31
#